data_9W76
#
_entry.id   9W76
#
_cell.length_a   1.00
_cell.length_b   1.00
_cell.length_c   1.00
_cell.angle_alpha   90.00
_cell.angle_beta   90.00
_cell.angle_gamma   90.00
#
_symmetry.space_group_name_H-M   'P 1'
#
loop_
_entity.id
_entity.type
_entity.pdbx_description
1 polymer 'Spike protein S1'
2 branched alpha-D-mannopyranose-(1-3)-beta-D-mannopyranose-(1-4)-2-acetamido-2-deoxy-beta-D-glucopyranose-(1-4)-2-acetamido-2-deoxy-beta-D-glucopyranose
3 branched 2-acetamido-2-deoxy-beta-D-glucopyranose-(1-4)-2-acetamido-2-deoxy-beta-D-glucopyranose
4 non-polymer 2-acetamido-2-deoxy-beta-D-glucopyranose
5 non-polymer 'BILIVERDINE IX ALPHA'
#
_entity_poly.entity_id   1
_entity_poly.type   'polypeptide(L)'
_entity_poly.pdbx_seq_one_letter_code
;MFILVLLNVLSVYGCVNITYGSHHLYVSSRTRGVYYPDDAFRSSTNVLHEGFFLPFDSNVTWYSFWNQKYSVATSPFGDG
VYFSTIDKSNVVRGWVFGTTLDNDTQSVLLYNDGTHVRVEVCTFHFCPTPVFSASSPHLYSSAFNCTLNYTLASVRADFT
EVDGSFKTIREFVFKLQDGSLNVYYASTSYVLAIGATSQLPSGVTPLVPLWKIPIGLNITNFKTLVYLRSDNTPLQAAYV
VGHLKRRTMMFKYDENGTIVDAIDCALDPLSETKCTLRSFIVEKGIYQTSNFRVQPQDTVVRFPNITNLCPFSEVFNATT
FASVYAWNRKRISNCVADYSVLYNSTSFSTFQCYGVSSTKLNDLCFTNVYADSFVVRGDEVRQIAPGQTGVIADYNYKLP
DDFTGCVLAWNSRNQDASTSGNFNYYYRIWRSEKLRPFERDIAHYDYQVGTQFKSSLKNYGFYSSAGDSHQPYRVVVLSF
ELLNAPATVCGPKQSTELIKNKCVNFNFNGLTGTGVLTDSNKKFQSFQQFGRDVSDFTDSVKDPKTLEVLDITPCSYGGV
SVITPGTNASTQVAVLYQDVNCTDVPTAIHAEQLTPSWRVYSTGTNMFQTQAGCLIGAEHVNNSYDCDIPIGAGICATYH
TPSMLRSANNNKRIVAYVMSLGAENSVAYSNNTIAIPTNFTISVTTEVMPVSMTKTSVDCTMYICGDSVECSTLLLQYGS
FCTQLNRALTGIAVEQDKNTQEVFAQVKQIYKTPDIKDFGGFNFSQILPDPSKPSKRSFIEDLLFNKVTLADAGFVKQYG
DCLGDIQARDLICAQKFNGLTVLPPLLTDEMIAAYTAALISGTATAGWTFGAGAALQIPFAMQMAYRFNGIGVTQNVLYE
NQKLIANQFNSAIGKIQESLTSTASALGKLQDVVNQNAQALNTLVKQLSSNFGAISSVLNDIISRLDKVEAEVQIDRLIT
GRLQSLQTYVTQQLIRAAEIRASANLAATKMSECVLGQSKRVDFCGKGYHLMSFPQAAPHGVVFLHVTYIPSQERNFTTA
PAICHEGKAHFPREGVFVSNGTHWFITQRNFYEPQIITTDNTFVSGTCDVVIGIVNNTVYDPLQPELESFKDELDKYFKN
HTSPDIDLGDISGINASVVDIQKEIDILKDVAKNLNESLINLQELGKYEQYIKWPGSGYIPEAPRDGQAYVRKDGEWVLL
STFLLEVLFQGPGHHHHHHHHSAWSHPQFEKGGGSGGGGSGGSAWSHPQFEKSA
;
_entity_poly.pdbx_strand_id   A,B,C
#
loop_
_chem_comp.id
_chem_comp.type
_chem_comp.name
_chem_comp.formula
BLA non-polymer 'BILIVERDINE IX ALPHA' 'C33 H34 N4 O6'
BMA D-saccharide, beta linking beta-D-mannopyranose 'C6 H12 O6'
MAN D-saccharide, alpha linking alpha-D-mannopyranose 'C6 H12 O6'
NAG D-saccharide, beta linking 2-acetamido-2-deoxy-beta-D-glucopyranose 'C8 H15 N O6'
#
# COMPACT_ATOMS: atom_id res chain seq x y z
N ASN A 17 -48.14 42.86 -32.18
CA ASN A 17 -47.71 42.19 -33.40
C ASN A 17 -48.43 40.86 -33.56
N ILE A 18 -48.11 39.91 -32.68
CA ILE A 18 -48.75 38.61 -32.62
C ILE A 18 -49.61 38.61 -31.38
N THR A 19 -50.91 38.79 -31.55
CA THR A 19 -51.86 38.87 -30.44
C THR A 19 -52.43 37.52 -30.03
N TYR A 20 -52.00 36.44 -30.68
CA TYR A 20 -52.50 35.12 -30.38
C TYR A 20 -52.01 34.65 -29.01
N GLY A 21 -52.81 33.81 -28.36
CA GLY A 21 -52.48 33.31 -27.05
C GLY A 21 -51.44 32.22 -27.09
N SER A 22 -51.13 31.71 -25.90
CA SER A 22 -50.12 30.67 -25.72
C SER A 22 -50.75 29.41 -25.14
N HIS A 23 -49.99 28.31 -25.20
CA HIS A 23 -50.49 27.03 -24.71
C HIS A 23 -49.28 26.22 -24.26
N HIS A 24 -49.09 26.12 -22.95
CA HIS A 24 -47.98 25.37 -22.38
C HIS A 24 -48.51 24.17 -21.60
N LEU A 25 -47.82 23.04 -21.75
CA LEU A 25 -48.17 21.80 -21.08
C LEU A 25 -47.09 21.46 -20.06
N TYR A 26 -47.21 20.28 -19.46
CA TYR A 26 -46.24 19.82 -18.46
C TYR A 26 -46.12 18.30 -18.61
N VAL A 27 -45.14 17.85 -19.38
CA VAL A 27 -44.95 16.43 -19.65
C VAL A 27 -43.67 15.96 -18.95
N SER A 28 -43.44 14.65 -19.02
CA SER A 28 -42.25 14.04 -18.42
C SER A 28 -41.13 13.94 -19.45
N SER A 29 -39.90 14.16 -18.99
CA SER A 29 -38.74 14.12 -19.86
C SER A 29 -38.33 12.71 -20.25
N ARG A 30 -38.82 11.70 -19.52
CA ARG A 30 -38.51 10.29 -19.74
C ARG A 30 -37.01 10.03 -19.74
N THR A 31 -36.47 9.51 -20.84
CA THR A 31 -35.05 9.18 -20.90
C THR A 31 -34.46 9.94 -22.10
N ARG A 32 -34.60 11.26 -22.06
CA ARG A 32 -34.06 12.13 -23.09
C ARG A 32 -33.00 13.05 -22.51
N GLY A 33 -32.30 13.74 -23.41
CA GLY A 33 -31.28 14.70 -23.00
C GLY A 33 -29.91 14.13 -22.74
N VAL A 34 -29.60 12.95 -23.27
CA VAL A 34 -28.29 12.34 -23.08
C VAL A 34 -27.35 12.83 -24.16
N TYR A 35 -26.18 13.32 -23.77
CA TYR A 35 -25.18 13.80 -24.71
C TYR A 35 -23.82 13.22 -24.36
N TYR A 36 -22.89 13.32 -25.30
CA TYR A 36 -21.53 12.86 -25.07
C TYR A 36 -20.80 13.87 -24.18
N PRO A 37 -20.28 13.46 -23.03
CA PRO A 37 -19.63 14.42 -22.13
C PRO A 37 -18.19 14.75 -22.51
N ASP A 38 -17.58 14.02 -23.44
CA ASP A 38 -16.19 14.27 -23.81
C ASP A 38 -16.00 13.92 -25.28
N ASP A 39 -14.75 13.83 -25.71
CA ASP A 39 -14.40 13.64 -27.10
C ASP A 39 -13.74 12.30 -27.39
N ALA A 40 -13.35 11.55 -26.36
CA ALA A 40 -12.60 10.32 -26.55
C ALA A 40 -13.47 9.23 -27.18
N PHE A 41 -12.85 8.40 -28.02
CA PHE A 41 -13.51 7.27 -28.67
C PHE A 41 -13.38 6.10 -27.71
N ARG A 42 -14.42 5.89 -26.91
CA ARG A 42 -14.47 4.77 -25.99
C ARG A 42 -15.32 3.64 -26.58
N SER A 43 -15.14 2.45 -26.03
CA SER A 43 -15.82 1.28 -26.59
C SER A 43 -16.00 0.22 -25.51
N SER A 44 -17.23 -0.32 -25.46
CA SER A 44 -17.61 -1.45 -24.60
C SER A 44 -17.30 -1.19 -23.13
N THR A 45 -17.68 -0.01 -22.66
CA THR A 45 -17.38 0.40 -21.30
C THR A 45 -18.60 1.09 -20.68
N ASN A 46 -18.76 0.91 -19.37
CA ASN A 46 -19.75 1.64 -18.59
C ASN A 46 -19.00 2.70 -17.79
N VAL A 47 -19.19 3.96 -18.16
CA VAL A 47 -18.42 5.07 -17.60
C VAL A 47 -19.35 5.95 -16.78
N LEU A 48 -18.95 6.23 -15.54
CA LEU A 48 -19.68 7.17 -14.70
C LEU A 48 -19.29 8.59 -15.07
N HIS A 49 -20.30 9.43 -15.33
CA HIS A 49 -20.07 10.83 -15.68
C HIS A 49 -20.83 11.71 -14.69
N GLU A 50 -20.14 12.72 -14.18
CA GLU A 50 -20.74 13.71 -13.29
C GLU A 50 -20.74 15.07 -13.98
N GLY A 51 -21.82 15.81 -13.79
CA GLY A 51 -21.93 17.12 -14.44
C GLY A 51 -23.38 17.55 -14.48
N PHE A 52 -23.70 18.34 -15.50
CA PHE A 52 -25.03 18.90 -15.68
C PHE A 52 -25.77 18.09 -16.75
N PHE A 53 -26.82 17.40 -16.33
CA PHE A 53 -27.62 16.56 -17.21
C PHE A 53 -29.09 16.79 -16.92
N LEU A 54 -29.92 16.50 -17.90
CA LEU A 54 -31.36 16.53 -17.69
C LEU A 54 -31.77 15.31 -16.89
N PRO A 55 -32.39 15.47 -15.73
CA PRO A 55 -32.78 14.29 -14.93
C PRO A 55 -33.87 13.48 -15.60
N PHE A 56 -33.85 12.18 -15.35
CA PHE A 56 -34.85 11.29 -15.94
C PHE A 56 -36.19 11.47 -15.24
N ASP A 57 -37.27 11.43 -16.04
CA ASP A 57 -38.66 11.52 -15.57
C ASP A 57 -38.92 12.80 -14.79
N SER A 58 -38.31 13.90 -15.23
CA SER A 58 -38.47 15.20 -14.61
C SER A 58 -39.57 16.00 -15.31
N ASN A 59 -39.99 17.09 -14.66
CA ASN A 59 -40.82 18.09 -15.32
C ASN A 59 -40.08 18.67 -16.52
N VAL A 60 -40.76 18.72 -17.66
CA VAL A 60 -40.34 19.54 -18.80
C VAL A 60 -41.57 20.22 -19.37
N THR A 61 -41.41 21.47 -19.78
CA THR A 61 -42.53 22.26 -20.29
C THR A 61 -42.69 22.06 -21.79
N TRP A 62 -43.90 21.75 -22.22
CA TRP A 62 -44.21 21.53 -23.63
C TRP A 62 -44.95 22.76 -24.15
N TYR A 63 -44.41 23.39 -25.20
CA TYR A 63 -45.03 24.53 -25.85
C TYR A 63 -45.49 24.10 -27.23
N SER A 64 -46.78 24.29 -27.51
CA SER A 64 -47.40 23.83 -28.76
C SER A 64 -47.69 25.00 -29.67
N PHE A 65 -47.48 24.80 -30.97
CA PHE A 65 -47.74 25.82 -31.98
C PHE A 65 -48.88 25.49 -32.92
N TRP A 66 -49.36 24.25 -32.95
CA TRP A 66 -50.55 23.94 -33.73
C TRP A 66 -51.78 24.54 -33.06
N ASN A 67 -52.91 24.44 -33.78
CA ASN A 67 -54.18 25.12 -33.48
C ASN A 67 -54.04 26.65 -33.43
N GLN A 68 -53.00 27.17 -34.07
CA GLN A 68 -52.70 28.61 -34.20
C GLN A 68 -52.56 29.26 -32.82
N LYS A 69 -51.53 28.81 -32.10
CA LYS A 69 -51.25 29.29 -30.75
C LYS A 69 -49.77 29.60 -30.65
N TYR A 70 -49.43 30.87 -30.39
CA TYR A 70 -48.05 31.33 -30.33
C TYR A 70 -47.56 31.24 -28.89
N SER A 71 -46.56 30.40 -28.65
CA SER A 71 -46.15 30.01 -27.30
C SER A 71 -44.67 30.27 -27.07
N VAL A 72 -44.20 31.46 -27.43
CA VAL A 72 -42.82 31.85 -27.21
C VAL A 72 -42.72 32.68 -25.94
N ALA A 73 -41.83 32.28 -25.05
CA ALA A 73 -41.60 32.99 -23.80
C ALA A 73 -40.12 32.96 -23.46
N THR A 74 -39.70 33.92 -22.64
CA THR A 74 -38.30 34.02 -22.23
C THR A 74 -38.04 33.05 -21.09
N SER A 75 -37.59 31.85 -21.44
CA SER A 75 -37.30 30.85 -20.43
C SER A 75 -35.92 31.12 -19.82
N PRO A 76 -35.74 30.85 -18.52
CA PRO A 76 -34.42 30.99 -17.91
C PRO A 76 -33.44 29.96 -18.45
N PHE A 77 -32.16 30.33 -18.47
CA PHE A 77 -31.13 29.43 -18.94
C PHE A 77 -30.59 28.54 -17.82
N GLY A 78 -30.32 29.11 -16.66
CA GLY A 78 -29.84 28.31 -15.54
C GLY A 78 -28.44 27.80 -15.80
N ASP A 79 -28.22 26.51 -15.54
CA ASP A 79 -26.95 25.84 -15.77
C ASP A 79 -26.95 25.05 -17.08
N GLY A 80 -27.67 25.52 -18.07
CA GLY A 80 -27.81 24.80 -19.32
C GLY A 80 -29.24 24.34 -19.52
N VAL A 81 -29.65 24.25 -20.78
CA VAL A 81 -31.00 23.89 -21.13
C VAL A 81 -31.00 22.72 -22.09
N TYR A 82 -32.11 21.98 -22.09
CA TYR A 82 -32.38 20.96 -23.09
C TYR A 82 -33.52 21.46 -23.96
N PHE A 83 -33.29 21.51 -25.27
CA PHE A 83 -34.27 21.98 -26.23
C PHE A 83 -34.58 20.86 -27.21
N SER A 84 -35.86 20.56 -27.38
CA SER A 84 -36.27 19.57 -28.35
C SER A 84 -37.50 20.08 -29.08
N THR A 85 -37.42 20.11 -30.42
CA THR A 85 -38.55 20.52 -31.24
C THR A 85 -39.09 19.32 -32.02
N ILE A 86 -40.41 19.30 -32.18
CA ILE A 86 -41.09 18.25 -32.93
C ILE A 86 -41.94 18.96 -33.99
N ASP A 87 -41.50 18.87 -35.24
CA ASP A 87 -42.13 19.63 -36.31
C ASP A 87 -42.00 18.86 -37.62
N LYS A 88 -42.56 19.44 -38.67
CA LYS A 88 -42.52 18.83 -40.00
C LYS A 88 -42.17 19.81 -41.10
N SER A 89 -42.19 21.13 -40.84
CA SER A 89 -41.97 22.13 -41.88
C SER A 89 -40.89 23.14 -41.49
N ASN A 90 -39.97 22.75 -40.60
CA ASN A 90 -38.85 23.58 -40.15
C ASN A 90 -39.33 24.90 -39.55
N VAL A 91 -40.21 24.78 -38.56
CA VAL A 91 -40.86 25.96 -37.99
C VAL A 91 -39.90 26.73 -37.08
N VAL A 92 -39.22 26.02 -36.18
CA VAL A 92 -38.28 26.67 -35.27
C VAL A 92 -37.01 27.00 -36.04
N ARG A 93 -36.68 28.29 -36.13
CA ARG A 93 -35.54 28.73 -36.91
C ARG A 93 -34.27 28.88 -36.09
N GLY A 94 -34.38 29.33 -34.84
CA GLY A 94 -33.20 29.53 -34.03
C GLY A 94 -33.56 30.07 -32.66
N TRP A 95 -32.55 30.60 -31.98
CA TRP A 95 -32.70 31.04 -30.60
C TRP A 95 -31.99 32.37 -30.40
N VAL A 96 -32.36 33.04 -29.31
CA VAL A 96 -31.73 34.29 -28.88
C VAL A 96 -31.30 34.11 -27.43
N PHE A 97 -30.00 34.27 -27.17
CA PHE A 97 -29.45 34.11 -25.83
C PHE A 97 -28.98 35.45 -25.29
N GLY A 98 -29.10 35.63 -23.97
CA GLY A 98 -28.65 36.86 -23.35
C GLY A 98 -29.09 36.92 -21.90
N THR A 99 -29.12 38.14 -21.37
CA THR A 99 -29.61 38.41 -20.02
C THR A 99 -30.94 39.18 -20.03
N THR A 100 -30.97 40.35 -20.64
CA THR A 100 -32.17 41.16 -20.71
C THR A 100 -32.78 41.21 -22.11
N LEU A 101 -32.02 40.79 -23.13
CA LEU A 101 -32.44 40.78 -24.54
C LEU A 101 -32.86 42.17 -25.01
N ASP A 102 -32.23 43.20 -24.46
CA ASP A 102 -32.44 44.60 -24.81
C ASP A 102 -31.17 45.14 -25.47
N ASN A 103 -31.16 46.45 -25.72
CA ASN A 103 -30.00 47.08 -26.34
C ASN A 103 -29.00 47.61 -25.33
N ASP A 104 -29.25 47.45 -24.03
CA ASP A 104 -28.26 47.83 -23.03
C ASP A 104 -27.23 46.73 -22.79
N THR A 105 -27.48 45.52 -23.28
CA THR A 105 -26.57 44.39 -23.11
C THR A 105 -26.37 43.71 -24.45
N GLN A 106 -25.39 42.82 -24.50
CA GLN A 106 -25.04 42.08 -25.70
C GLN A 106 -25.74 40.73 -25.70
N SER A 107 -26.23 40.33 -26.88
CA SER A 107 -27.01 39.11 -27.01
C SER A 107 -26.50 38.27 -28.17
N VAL A 108 -26.76 36.97 -28.08
CA VAL A 108 -26.37 36.01 -29.12
C VAL A 108 -27.58 35.72 -29.99
N LEU A 109 -27.40 35.77 -31.30
CA LEU A 109 -28.46 35.48 -32.26
C LEU A 109 -28.02 34.29 -33.11
N LEU A 110 -28.50 33.10 -32.76
CA LEU A 110 -28.19 31.87 -33.49
C LEU A 110 -29.46 31.41 -34.19
N TYR A 111 -29.39 31.28 -35.52
CA TYR A 111 -30.57 30.99 -36.31
C TYR A 111 -30.16 30.42 -37.66
N ASN A 112 -31.16 30.03 -38.44
CA ASN A 112 -30.99 29.58 -39.81
C ASN A 112 -31.75 30.52 -40.73
N ASP A 113 -31.07 31.01 -41.77
CA ASP A 113 -31.69 31.92 -42.73
C ASP A 113 -32.24 31.20 -43.96
N GLY A 114 -32.22 29.86 -43.96
CA GLY A 114 -32.67 29.07 -45.08
C GLY A 114 -31.55 28.46 -45.89
N THR A 115 -30.34 29.00 -45.79
CA THR A 115 -29.18 28.46 -46.50
C THR A 115 -27.95 28.27 -45.63
N HIS A 116 -27.85 28.94 -44.48
CA HIS A 116 -26.72 28.82 -43.58
C HIS A 116 -27.21 28.90 -42.15
N VAL A 117 -26.35 28.48 -41.22
CA VAL A 117 -26.59 28.68 -39.80
C VAL A 117 -25.65 29.78 -39.34
N ARG A 118 -26.21 30.92 -38.96
CA ARG A 118 -25.44 32.10 -38.61
C ARG A 118 -25.54 32.37 -37.12
N VAL A 119 -24.41 32.71 -36.51
CA VAL A 119 -24.38 33.19 -35.13
C VAL A 119 -23.84 34.61 -35.13
N GLU A 120 -24.57 35.51 -34.46
CA GLU A 120 -24.20 36.93 -34.43
C GLU A 120 -24.24 37.40 -32.98
N VAL A 121 -23.10 37.38 -32.31
CA VAL A 121 -22.96 38.07 -31.03
C VAL A 121 -22.83 39.55 -31.34
N CYS A 122 -23.70 40.34 -30.74
CA CYS A 122 -24.09 41.58 -31.36
C CYS A 122 -24.99 42.28 -30.36
N THR A 123 -25.12 43.59 -30.47
CA THR A 123 -25.99 44.36 -29.57
C THR A 123 -27.24 44.71 -30.36
N PHE A 124 -28.35 44.07 -30.02
CA PHE A 124 -29.58 44.19 -30.78
C PHE A 124 -30.59 45.10 -30.10
N HIS A 125 -31.31 45.87 -30.90
CA HIS A 125 -32.58 46.46 -30.48
C HIS A 125 -33.67 45.54 -31.05
N PHE A 126 -34.02 44.52 -30.26
CA PHE A 126 -34.92 43.48 -30.74
C PHE A 126 -36.35 44.00 -30.87
N CYS A 127 -37.03 43.55 -31.93
CA CYS A 127 -38.45 43.81 -32.06
C CYS A 127 -39.22 43.04 -30.99
N PRO A 128 -40.35 43.56 -30.54
CA PRO A 128 -41.20 42.79 -29.62
C PRO A 128 -41.73 41.53 -30.30
N THR A 129 -41.57 40.39 -29.62
CA THR A 129 -41.81 39.04 -30.13
C THR A 129 -41.05 38.84 -31.44
N PRO A 130 -39.73 38.67 -31.40
CA PRO A 130 -38.96 38.51 -32.65
C PRO A 130 -39.34 37.21 -33.36
N VAL A 131 -39.57 37.32 -34.66
CA VAL A 131 -40.11 36.21 -35.44
C VAL A 131 -39.74 36.45 -36.90
N PHE A 132 -39.76 35.37 -37.68
CA PHE A 132 -39.58 35.46 -39.12
C PHE A 132 -40.94 35.55 -39.81
N SER A 133 -41.04 36.38 -40.83
CA SER A 133 -42.22 36.46 -41.68
C SER A 133 -41.86 35.79 -43.00
N ALA A 134 -42.23 34.52 -43.12
CA ALA A 134 -41.83 33.61 -44.22
C ALA A 134 -40.30 33.60 -44.25
N SER A 135 -39.65 33.78 -45.40
CA SER A 135 -38.20 33.83 -45.45
C SER A 135 -37.63 35.18 -45.04
N SER A 136 -38.47 36.21 -44.95
CA SER A 136 -37.99 37.54 -44.59
C SER A 136 -37.74 37.62 -43.08
N PRO A 137 -36.53 38.01 -42.65
CA PRO A 137 -36.27 38.12 -41.21
C PRO A 137 -36.70 39.46 -40.64
N HIS A 138 -37.35 39.41 -39.49
CA HIS A 138 -37.85 40.59 -38.78
C HIS A 138 -37.45 40.53 -37.32
N LEU A 139 -36.19 40.20 -37.06
CA LEU A 139 -35.72 40.01 -35.69
C LEU A 139 -35.39 41.33 -35.01
N TYR A 140 -34.46 42.09 -35.58
CA TYR A 140 -33.91 43.26 -34.92
C TYR A 140 -34.05 44.49 -35.81
N SER A 141 -34.29 45.64 -35.18
CA SER A 141 -34.30 46.91 -35.91
C SER A 141 -32.89 47.40 -36.19
N SER A 142 -31.94 47.18 -35.29
CA SER A 142 -30.58 47.69 -35.46
C SER A 142 -29.59 46.81 -34.72
N ALA A 143 -28.32 46.89 -35.13
CA ALA A 143 -27.25 46.13 -34.51
C ALA A 143 -25.94 46.92 -34.61
N PHE A 144 -25.15 46.87 -33.53
CA PHE A 144 -23.91 47.62 -33.41
C PHE A 144 -23.02 46.96 -32.36
N ASN A 145 -21.74 47.37 -32.33
CA ASN A 145 -20.72 46.88 -31.37
C ASN A 145 -20.67 45.35 -31.34
N CYS A 146 -20.54 44.75 -32.52
CA CYS A 146 -21.10 43.42 -32.72
C CYS A 146 -19.94 42.45 -32.97
N THR A 147 -19.56 41.70 -31.93
CA THR A 147 -18.24 41.10 -31.87
C THR A 147 -18.12 39.75 -32.58
N LEU A 148 -19.20 39.20 -33.11
CA LEU A 148 -19.09 37.91 -33.78
C LEU A 148 -20.11 37.84 -34.91
N ASN A 149 -19.67 37.42 -36.10
CA ASN A 149 -20.56 37.27 -37.23
C ASN A 149 -19.88 36.28 -38.18
N TYR A 150 -20.34 35.04 -38.14
CA TYR A 150 -19.86 34.01 -39.07
C TYR A 150 -20.89 32.90 -39.14
N THR A 151 -20.72 32.03 -40.13
CA THR A 151 -21.63 30.92 -40.37
C THR A 151 -21.00 29.62 -39.88
N LEU A 152 -21.79 28.82 -39.17
CA LEU A 152 -21.29 27.57 -38.61
C LEU A 152 -21.43 26.39 -39.56
N ALA A 153 -22.53 26.30 -40.29
CA ALA A 153 -22.75 25.20 -41.22
C ALA A 153 -23.61 25.67 -42.38
N SER A 154 -23.42 25.05 -43.53
CA SER A 154 -24.17 25.35 -44.74
C SER A 154 -25.19 24.24 -44.96
N VAL A 155 -26.34 24.37 -44.30
CA VAL A 155 -27.44 23.43 -44.47
C VAL A 155 -28.64 24.20 -45.03
N ARG A 156 -29.49 23.49 -45.76
CA ARG A 156 -30.65 24.06 -46.39
C ARG A 156 -31.91 23.70 -45.61
N ALA A 157 -32.79 24.68 -45.41
CA ALA A 157 -34.03 24.47 -44.69
C ALA A 157 -35.04 25.51 -45.20
N ASP A 158 -35.93 25.08 -46.07
CA ASP A 158 -36.89 25.99 -46.68
C ASP A 158 -38.01 26.32 -45.71
N PHE A 159 -38.81 27.32 -46.08
CA PHE A 159 -39.93 27.78 -45.27
C PHE A 159 -41.27 27.25 -45.77
N THR A 160 -41.25 26.26 -46.66
CA THR A 160 -42.49 25.69 -47.18
C THR A 160 -43.19 24.88 -46.10
N GLU A 161 -44.51 24.98 -46.07
CA GLU A 161 -45.32 24.24 -45.10
C GLU A 161 -45.58 22.83 -45.60
N VAL A 162 -45.35 21.85 -44.74
CA VAL A 162 -45.56 20.44 -45.06
C VAL A 162 -46.78 19.95 -44.28
N ASP A 163 -47.76 19.41 -44.99
CA ASP A 163 -48.96 18.91 -44.37
C ASP A 163 -48.77 17.48 -43.86
N GLY A 164 -49.67 17.06 -42.97
CA GLY A 164 -49.60 15.73 -42.40
C GLY A 164 -49.31 15.73 -40.92
N SER A 165 -48.66 14.67 -40.43
CA SER A 165 -48.30 14.55 -39.04
C SER A 165 -46.85 14.93 -38.82
N PHE A 166 -46.47 15.06 -37.55
CA PHE A 166 -45.09 15.37 -37.20
C PHE A 166 -44.18 14.21 -37.60
N LYS A 167 -43.00 14.54 -38.13
CA LYS A 167 -42.12 13.56 -38.74
C LYS A 167 -40.85 13.29 -37.94
N THR A 168 -40.16 14.33 -37.51
CA THR A 168 -38.86 14.17 -36.85
C THR A 168 -38.83 14.99 -35.56
N ILE A 169 -37.94 14.59 -34.66
CA ILE A 169 -37.65 15.34 -33.44
C ILE A 169 -36.18 15.74 -33.49
N ARG A 170 -35.90 17.02 -33.27
CA ARG A 170 -34.55 17.55 -33.21
C ARG A 170 -34.28 18.02 -31.79
N GLU A 171 -33.27 17.44 -31.15
CA GLU A 171 -32.97 17.69 -29.75
C GLU A 171 -31.67 18.45 -29.61
N PHE A 172 -31.64 19.38 -28.66
CA PHE A 172 -30.49 20.24 -28.42
C PHE A 172 -30.17 20.27 -26.95
N VAL A 173 -28.87 20.42 -26.65
CA VAL A 173 -28.40 20.74 -25.31
C VAL A 173 -27.45 21.91 -25.45
N PHE A 174 -27.79 23.03 -24.80
CA PHE A 174 -26.96 24.23 -24.81
C PHE A 174 -26.28 24.35 -23.45
N LYS A 175 -24.95 24.37 -23.45
CA LYS A 175 -24.19 24.52 -22.22
C LYS A 175 -23.21 25.68 -22.37
N LEU A 176 -22.88 26.29 -21.24
CA LEU A 176 -21.87 27.34 -21.17
C LEU A 176 -20.69 26.82 -20.37
N GLN A 177 -19.51 26.83 -20.98
CA GLN A 177 -18.28 26.55 -20.25
C GLN A 177 -17.17 27.39 -20.86
N ASP A 178 -16.39 28.04 -19.98
CA ASP A 178 -15.25 28.89 -20.35
C ASP A 178 -15.65 29.97 -21.37
N GLY A 179 -16.81 30.58 -21.15
CA GLY A 179 -17.29 31.62 -22.05
C GLY A 179 -17.68 31.15 -23.43
N SER A 180 -17.90 29.84 -23.60
CA SER A 180 -18.21 29.26 -24.90
C SER A 180 -19.53 28.53 -24.84
N LEU A 181 -20.37 28.73 -25.85
CA LEU A 181 -21.67 28.07 -25.94
C LEU A 181 -21.49 26.75 -26.68
N ASN A 182 -21.64 25.65 -25.96
CA ASN A 182 -21.52 24.32 -26.54
C ASN A 182 -22.90 23.82 -26.97
N VAL A 183 -23.01 23.38 -28.21
CA VAL A 183 -24.26 22.91 -28.78
C VAL A 183 -24.14 21.43 -29.08
N TYR A 184 -25.04 20.64 -28.53
CA TYR A 184 -25.12 19.20 -28.78
C TYR A 184 -26.40 18.91 -29.56
N TYR A 185 -26.29 18.07 -30.58
CA TYR A 185 -27.39 17.88 -31.52
C TYR A 185 -27.63 16.41 -31.79
N ALA A 186 -28.90 16.05 -31.98
CA ALA A 186 -29.30 14.73 -32.44
C ALA A 186 -30.68 14.84 -33.07
N SER A 187 -30.86 14.20 -34.23
CA SER A 187 -32.13 14.17 -34.93
C SER A 187 -32.62 12.73 -35.01
N THR A 188 -33.89 12.51 -34.69
CA THR A 188 -34.48 11.19 -34.68
C THR A 188 -35.82 11.22 -35.40
N SER A 189 -36.13 10.15 -36.12
CA SER A 189 -37.43 10.03 -36.79
C SER A 189 -38.48 9.66 -35.76
N TYR A 190 -39.53 10.47 -35.66
CA TYR A 190 -40.54 10.30 -34.63
C TYR A 190 -41.89 10.75 -35.19
N VAL A 191 -42.75 9.78 -35.50
CA VAL A 191 -44.05 10.05 -36.07
C VAL A 191 -45.04 10.29 -34.94
N LEU A 192 -45.59 11.50 -34.88
CA LEU A 192 -46.58 11.87 -33.88
C LEU A 192 -47.75 12.55 -34.57
N ALA A 193 -48.96 12.15 -34.21
CA ALA A 193 -50.15 12.73 -34.82
C ALA A 193 -50.38 14.14 -34.31
N ILE A 194 -51.22 14.88 -35.04
CA ILE A 194 -51.48 16.28 -34.71
C ILE A 194 -52.28 16.38 -33.41
N GLY A 195 -53.33 15.58 -33.27
CA GLY A 195 -54.18 15.59 -32.10
C GLY A 195 -53.86 14.55 -31.06
N ALA A 196 -52.73 13.86 -31.15
CA ALA A 196 -52.39 12.80 -30.21
C ALA A 196 -51.89 13.40 -28.90
N THR A 197 -51.58 12.51 -27.94
CA THR A 197 -51.05 12.95 -26.66
C THR A 197 -49.63 13.45 -26.82
N SER A 198 -49.33 14.61 -26.22
CA SER A 198 -48.02 15.21 -26.31
C SER A 198 -47.07 14.49 -25.36
N GLN A 199 -46.15 13.70 -25.91
CA GLN A 199 -45.20 12.97 -25.09
C GLN A 199 -43.89 12.79 -25.87
N LEU A 200 -42.80 12.67 -25.14
CA LEU A 200 -41.48 12.50 -25.71
C LEU A 200 -41.27 11.04 -26.12
N PRO A 201 -40.36 10.79 -27.07
CA PRO A 201 -40.05 9.41 -27.45
C PRO A 201 -39.33 8.65 -26.35
N SER A 202 -39.31 7.33 -26.49
CA SER A 202 -38.66 6.43 -25.55
C SER A 202 -37.26 6.06 -26.04
N GLY A 203 -36.47 5.48 -25.14
CA GLY A 203 -35.15 4.99 -25.47
C GLY A 203 -34.08 6.05 -25.28
N VAL A 204 -32.86 5.71 -25.69
CA VAL A 204 -31.70 6.56 -25.55
C VAL A 204 -31.25 7.02 -26.93
N THR A 205 -31.23 8.33 -27.15
CA THR A 205 -30.66 8.93 -28.36
C THR A 205 -29.55 9.88 -27.93
N PRO A 206 -28.28 9.48 -28.05
CA PRO A 206 -27.20 10.38 -27.59
C PRO A 206 -27.03 11.57 -28.52
N LEU A 207 -26.71 12.71 -27.93
CA LEU A 207 -26.54 13.96 -28.66
C LEU A 207 -25.05 14.19 -28.88
N VAL A 208 -24.64 14.28 -30.14
CA VAL A 208 -23.22 14.45 -30.47
C VAL A 208 -22.85 15.91 -30.32
N PRO A 209 -21.60 16.22 -29.95
CA PRO A 209 -21.19 17.64 -29.89
C PRO A 209 -21.08 18.23 -31.28
N LEU A 210 -21.78 19.34 -31.49
CA LEU A 210 -21.84 19.99 -32.80
C LEU A 210 -20.89 21.18 -32.90
N TRP A 211 -21.08 22.19 -32.06
CA TRP A 211 -20.34 23.44 -32.18
C TRP A 211 -19.85 23.89 -30.81
N LYS A 212 -18.78 24.69 -30.84
CA LYS A 212 -18.32 25.45 -29.68
C LYS A 212 -18.18 26.89 -30.14
N ILE A 213 -19.13 27.72 -29.75
CA ILE A 213 -19.19 29.12 -30.20
C ILE A 213 -18.59 29.99 -29.10
N PRO A 214 -17.47 30.66 -29.35
CA PRO A 214 -16.85 31.54 -28.33
C PRO A 214 -17.60 32.87 -28.19
N ILE A 215 -18.77 32.81 -27.57
CA ILE A 215 -19.60 34.00 -27.45
C ILE A 215 -19.00 34.98 -26.43
N GLY A 216 -18.37 34.46 -25.37
CA GLY A 216 -17.81 35.31 -24.34
C GLY A 216 -18.83 36.14 -23.59
N LEU A 217 -19.98 35.55 -23.28
CA LEU A 217 -21.10 36.30 -22.72
C LEU A 217 -21.62 35.61 -21.47
N ASN A 218 -22.44 36.36 -20.74
CA ASN A 218 -23.17 35.89 -19.56
C ASN A 218 -24.60 35.64 -20.01
N ILE A 219 -25.06 34.40 -19.88
CA ILE A 219 -26.38 33.99 -20.37
C ILE A 219 -27.23 33.56 -19.20
N THR A 220 -28.38 34.24 -19.02
CA THR A 220 -29.35 33.86 -18.00
C THR A 220 -30.73 33.58 -18.55
N ASN A 221 -31.07 34.09 -19.73
CA ASN A 221 -32.37 33.87 -20.33
C ASN A 221 -32.18 33.54 -21.82
N PHE A 222 -33.13 32.81 -22.38
CA PHE A 222 -33.10 32.52 -23.81
C PHE A 222 -34.50 32.50 -24.37
N LYS A 223 -34.61 32.85 -25.65
CA LYS A 223 -35.88 32.97 -26.34
C LYS A 223 -35.81 32.22 -27.67
N THR A 224 -36.91 31.57 -28.04
CA THR A 224 -36.97 30.78 -29.26
C THR A 224 -37.49 31.63 -30.41
N LEU A 225 -36.94 31.38 -31.60
CA LEU A 225 -37.38 32.05 -32.83
C LEU A 225 -38.06 31.04 -33.74
N VAL A 226 -39.28 31.35 -34.15
CA VAL A 226 -40.02 30.53 -35.10
C VAL A 226 -40.28 31.36 -36.35
N TYR A 227 -40.95 30.78 -37.34
CA TYR A 227 -41.36 31.52 -38.52
C TYR A 227 -42.85 31.32 -38.75
N LEU A 228 -43.53 32.39 -39.13
CA LEU A 228 -44.95 32.37 -39.43
C LEU A 228 -45.14 32.41 -40.95
N ARG A 229 -46.39 32.34 -41.37
CA ARG A 229 -46.72 32.47 -42.78
C ARG A 229 -46.74 33.95 -43.17
N SER A 230 -47.07 34.22 -44.44
CA SER A 230 -47.16 35.60 -44.91
C SER A 230 -48.32 36.35 -44.28
N ASP A 231 -49.33 35.64 -43.77
CA ASP A 231 -50.44 36.24 -43.05
C ASP A 231 -50.21 36.28 -41.54
N ASN A 232 -48.99 35.97 -41.10
CA ASN A 232 -48.57 36.00 -39.69
C ASN A 232 -49.42 35.07 -38.82
N THR A 233 -49.54 33.82 -39.26
CA THR A 233 -50.20 32.79 -38.48
C THR A 233 -49.22 31.65 -38.19
N PRO A 234 -49.22 31.13 -36.96
CA PRO A 234 -48.25 30.09 -36.60
C PRO A 234 -48.54 28.77 -37.31
N LEU A 235 -47.46 28.04 -37.59
CA LEU A 235 -47.54 26.72 -38.20
C LEU A 235 -47.67 25.66 -37.11
N GLN A 236 -47.83 24.41 -37.53
CA GLN A 236 -48.00 23.30 -36.60
C GLN A 236 -46.64 22.78 -36.17
N ALA A 237 -46.30 23.01 -34.90
CA ALA A 237 -45.03 22.56 -34.34
C ALA A 237 -45.15 22.50 -32.83
N ALA A 238 -44.08 22.05 -32.19
CA ALA A 238 -44.01 21.98 -30.74
C ALA A 238 -42.55 21.96 -30.32
N TYR A 239 -42.23 22.66 -29.23
CA TYR A 239 -40.89 22.62 -28.68
C TYR A 239 -40.96 22.42 -27.17
N VAL A 240 -39.97 21.71 -26.64
CA VAL A 240 -39.88 21.35 -25.23
C VAL A 240 -38.61 21.98 -24.65
N VAL A 241 -38.72 22.54 -23.45
CA VAL A 241 -37.59 23.16 -22.77
C VAL A 241 -37.41 22.47 -21.43
N GLY A 242 -36.23 21.91 -21.21
CA GLY A 242 -35.88 21.35 -19.92
C GLY A 242 -34.60 21.98 -19.40
N HIS A 243 -34.40 21.84 -18.08
CA HIS A 243 -33.27 22.46 -17.40
C HIS A 243 -32.34 21.39 -16.85
N LEU A 244 -31.06 21.51 -17.16
CA LEU A 244 -30.06 20.58 -16.66
C LEU A 244 -29.75 20.84 -15.19
N LYS A 245 -29.57 19.77 -14.43
CA LYS A 245 -29.21 19.84 -13.03
C LYS A 245 -27.93 19.05 -12.78
N ARG A 246 -27.31 19.31 -11.63
CA ARG A 246 -26.09 18.63 -11.25
C ARG A 246 -26.40 17.18 -10.92
N ARG A 247 -25.99 16.26 -11.79
CA ARG A 247 -26.35 14.86 -11.67
C ARG A 247 -25.14 13.98 -11.98
N THR A 248 -25.20 12.74 -11.50
CA THR A 248 -24.24 11.70 -11.85
C THR A 248 -24.94 10.67 -12.72
N MET A 249 -24.37 10.39 -13.89
CA MET A 249 -24.96 9.46 -14.84
C MET A 249 -23.93 8.43 -15.27
N MET A 250 -24.40 7.26 -15.67
CA MET A 250 -23.57 6.22 -16.23
C MET A 250 -24.06 5.91 -17.64
N PHE A 251 -23.13 5.91 -18.59
CA PHE A 251 -23.45 5.67 -19.99
C PHE A 251 -22.82 4.37 -20.46
N LYS A 252 -23.56 3.61 -21.25
CA LYS A 252 -23.06 2.38 -21.84
C LYS A 252 -22.59 2.67 -23.26
N TYR A 253 -21.32 2.40 -23.53
CA TYR A 253 -20.72 2.68 -24.83
C TYR A 253 -20.73 1.42 -25.68
N ASP A 254 -21.20 1.56 -26.91
CA ASP A 254 -21.25 0.44 -27.84
C ASP A 254 -19.84 0.09 -28.32
N GLU A 255 -19.72 -1.09 -28.93
CA GLU A 255 -18.44 -1.50 -29.50
C GLU A 255 -18.02 -0.60 -30.65
N ASN A 256 -18.99 -0.02 -31.36
CA ASN A 256 -18.70 0.95 -32.40
C ASN A 256 -18.38 2.34 -31.86
N GLY A 257 -18.59 2.57 -30.57
CA GLY A 257 -18.30 3.84 -29.94
C GLY A 257 -19.51 4.66 -29.54
N THR A 258 -20.69 4.30 -30.01
CA THR A 258 -21.89 5.08 -29.71
C THR A 258 -22.40 4.76 -28.31
N ILE A 259 -23.29 5.62 -27.81
CA ILE A 259 -23.93 5.44 -26.51
C ILE A 259 -25.28 4.77 -26.75
N VAL A 260 -25.52 3.65 -26.07
CA VAL A 260 -26.71 2.86 -26.29
C VAL A 260 -27.64 2.80 -25.09
N ASP A 261 -27.16 3.15 -23.89
CA ASP A 261 -28.00 3.11 -22.70
C ASP A 261 -27.47 4.10 -21.68
N ALA A 262 -28.34 4.48 -20.75
CA ALA A 262 -27.99 5.47 -19.73
C ALA A 262 -28.78 5.20 -18.46
N ILE A 263 -28.19 5.58 -17.33
CA ILE A 263 -28.82 5.45 -16.02
C ILE A 263 -28.61 6.74 -15.24
N ASP A 264 -29.70 7.34 -14.78
CA ASP A 264 -29.63 8.48 -13.87
C ASP A 264 -29.55 7.93 -12.44
N CYS A 265 -28.39 8.09 -11.80
CA CYS A 265 -28.12 7.41 -10.53
C CYS A 265 -28.92 7.96 -9.37
N ALA A 266 -29.59 9.10 -9.52
CA ALA A 266 -30.40 9.69 -8.47
C ALA A 266 -31.89 9.43 -8.65
N LEU A 267 -32.27 8.59 -9.61
CA LEU A 267 -33.68 8.41 -9.95
C LEU A 267 -34.41 7.54 -8.93
N ASP A 268 -34.00 6.27 -8.82
CA ASP A 268 -34.68 5.32 -7.96
C ASP A 268 -33.64 4.44 -7.28
N PRO A 269 -34.01 3.65 -6.26
CA PRO A 269 -33.03 2.75 -5.63
C PRO A 269 -32.39 1.74 -6.58
N LEU A 270 -33.10 1.29 -7.61
CA LEU A 270 -32.50 0.37 -8.58
C LEU A 270 -31.39 1.06 -9.38
N SER A 271 -31.59 2.31 -9.76
CA SER A 271 -30.54 3.05 -10.46
C SER A 271 -29.35 3.33 -9.54
N GLU A 272 -29.62 3.57 -8.26
CA GLU A 272 -28.54 3.74 -7.29
C GLU A 272 -27.75 2.44 -7.13
N THR A 273 -28.44 1.30 -7.15
CA THR A 273 -27.77 0.01 -7.10
C THR A 273 -26.91 -0.22 -8.33
N LYS A 274 -27.45 0.13 -9.50
CA LYS A 274 -26.68 0.01 -10.73
C LYS A 274 -25.46 0.94 -10.74
N CYS A 275 -25.62 2.14 -10.18
CA CYS A 275 -24.52 3.11 -10.15
C CYS A 275 -23.48 2.78 -9.09
N THR A 276 -23.86 2.08 -8.02
CA THR A 276 -22.88 1.65 -7.03
C THR A 276 -21.92 0.62 -7.64
N LEU A 277 -22.46 -0.30 -8.43
CA LEU A 277 -21.64 -1.15 -9.28
C LEU A 277 -21.36 -0.41 -10.59
N ARG A 278 -20.80 -1.09 -11.57
CA ARG A 278 -20.53 -0.51 -12.88
C ARG A 278 -21.21 -1.30 -13.98
N SER A 279 -22.40 -1.83 -13.70
CA SER A 279 -23.10 -2.70 -14.62
C SER A 279 -24.55 -2.27 -14.76
N PHE A 280 -25.10 -2.47 -15.96
CA PHE A 280 -26.52 -2.27 -16.22
C PHE A 280 -27.35 -3.48 -15.85
N ILE A 281 -26.73 -4.61 -15.57
CA ILE A 281 -27.42 -5.83 -15.17
C ILE A 281 -26.98 -6.18 -13.76
N VAL A 282 -27.94 -6.30 -12.85
CA VAL A 282 -27.68 -6.67 -11.47
C VAL A 282 -28.26 -8.05 -11.22
N GLU A 283 -27.48 -8.91 -10.58
CA GLU A 283 -27.94 -10.24 -10.24
C GLU A 283 -28.78 -10.21 -8.97
N LYS A 284 -29.33 -11.35 -8.60
CA LYS A 284 -30.15 -11.45 -7.41
C LYS A 284 -29.28 -11.34 -6.16
N GLY A 285 -29.67 -10.47 -5.24
CA GLY A 285 -28.92 -10.28 -4.02
C GLY A 285 -29.27 -8.97 -3.35
N ILE A 286 -28.55 -8.68 -2.28
CA ILE A 286 -28.69 -7.44 -1.53
C ILE A 286 -27.37 -6.68 -1.63
N TYR A 287 -27.45 -5.40 -2.01
CA TYR A 287 -26.28 -4.59 -2.29
C TYR A 287 -26.31 -3.34 -1.44
N GLN A 288 -25.17 -3.03 -0.81
CA GLN A 288 -25.00 -1.75 -0.13
C GLN A 288 -24.73 -0.67 -1.18
N THR A 289 -25.43 0.45 -1.07
CA THR A 289 -25.38 1.49 -2.09
C THR A 289 -24.79 2.77 -1.52
N SER A 290 -23.96 3.42 -2.33
CA SER A 290 -23.46 4.75 -1.99
C SER A 290 -24.54 5.80 -2.19
N ASN A 291 -24.33 6.97 -1.61
CA ASN A 291 -25.33 8.02 -1.61
C ASN A 291 -25.30 8.76 -2.94
N PHE A 292 -26.36 8.61 -3.73
CA PHE A 292 -26.57 9.40 -4.94
C PHE A 292 -27.88 10.17 -4.91
N ARG A 293 -28.78 9.88 -3.96
CA ARG A 293 -30.15 10.38 -4.02
C ARG A 293 -30.24 11.86 -3.67
N VAL A 294 -29.52 12.31 -2.64
CA VAL A 294 -29.68 13.65 -2.11
C VAL A 294 -28.44 14.47 -2.45
N GLN A 295 -28.67 15.69 -2.92
CA GLN A 295 -27.64 16.67 -3.20
C GLN A 295 -28.03 18.00 -2.57
N PRO A 296 -27.06 18.81 -2.15
CA PRO A 296 -27.39 20.14 -1.63
C PRO A 296 -27.88 21.06 -2.73
N GLN A 297 -28.96 21.79 -2.43
CA GLN A 297 -29.58 22.70 -3.39
C GLN A 297 -29.49 24.17 -3.00
N ASP A 298 -29.25 24.49 -1.74
CA ASP A 298 -29.18 25.86 -1.28
C ASP A 298 -27.90 26.08 -0.50
N THR A 299 -27.45 27.34 -0.47
CA THR A 299 -26.27 27.74 0.26
C THR A 299 -26.67 28.69 1.38
N VAL A 300 -26.22 28.39 2.60
CA VAL A 300 -26.54 29.18 3.78
C VAL A 300 -25.26 29.90 4.19
N VAL A 301 -25.16 31.17 3.85
CA VAL A 301 -24.00 32.00 4.20
C VAL A 301 -24.32 32.76 5.48
N ARG A 302 -23.42 32.67 6.46
CA ARG A 302 -23.61 33.31 7.76
C ARG A 302 -22.29 33.93 8.19
N PHE A 303 -22.18 35.25 8.03
CA PHE A 303 -21.05 36.09 8.40
C PHE A 303 -21.43 37.02 9.54
N PRO A 304 -20.46 37.45 10.36
CA PRO A 304 -20.77 38.42 11.41
C PRO A 304 -21.20 39.75 10.82
N ASN A 305 -22.08 40.44 11.55
CA ASN A 305 -22.70 41.67 11.05
C ASN A 305 -21.89 42.89 11.44
N ILE A 306 -20.63 42.91 10.99
CA ILE A 306 -19.80 44.11 11.05
C ILE A 306 -19.90 44.81 9.71
N THR A 307 -19.95 46.14 9.74
CA THR A 307 -20.24 46.91 8.53
C THR A 307 -19.14 47.92 8.21
N ASN A 308 -18.27 48.19 9.18
CA ASN A 308 -17.18 49.11 8.95
C ASN A 308 -16.18 48.55 7.95
N LEU A 309 -15.67 49.42 7.08
CA LEU A 309 -14.60 49.05 6.17
C LEU A 309 -13.26 49.29 6.83
N CYS A 310 -12.28 48.48 6.46
CA CYS A 310 -10.97 48.56 7.09
C CYS A 310 -10.25 49.84 6.64
N PRO A 311 -9.48 50.48 7.53
CA PRO A 311 -8.87 51.76 7.18
C PRO A 311 -7.74 51.64 6.18
N PHE A 312 -8.06 51.26 4.94
CA PHE A 312 -7.03 51.16 3.90
C PHE A 312 -6.53 52.54 3.48
N SER A 313 -7.36 53.56 3.61
CA SER A 313 -6.91 54.92 3.29
C SER A 313 -5.90 55.43 4.31
N GLU A 314 -5.98 54.95 5.55
CA GLU A 314 -5.06 55.42 6.58
C GLU A 314 -3.66 54.84 6.40
N VAL A 315 -3.57 53.59 5.96
CA VAL A 315 -2.26 52.96 5.82
C VAL A 315 -1.71 53.09 4.40
N PHE A 316 -2.55 52.90 3.38
CA PHE A 316 -2.05 52.93 2.00
C PHE A 316 -1.79 54.35 1.51
N ASN A 317 -2.50 55.35 2.04
CA ASN A 317 -2.37 56.73 1.59
C ASN A 317 -1.75 57.62 2.65
N ALA A 318 -0.90 57.06 3.51
CA ALA A 318 -0.21 57.85 4.51
C ALA A 318 0.79 58.79 3.83
N THR A 319 1.03 59.95 4.47
CA THR A 319 1.94 60.93 3.91
C THR A 319 3.37 60.42 3.90
N THR A 320 3.79 59.75 4.96
CA THR A 320 5.12 59.17 5.05
C THR A 320 5.02 57.72 5.49
N PHE A 321 5.90 56.89 4.94
CA PHE A 321 6.02 55.50 5.35
C PHE A 321 7.27 55.32 6.21
N ALA A 322 7.27 54.22 6.96
CA ALA A 322 8.43 53.88 7.75
C ALA A 322 9.56 53.36 6.86
N SER A 323 10.78 53.44 7.37
CA SER A 323 11.90 52.80 6.70
C SER A 323 11.83 51.29 6.89
N VAL A 324 12.57 50.56 6.07
CA VAL A 324 12.48 49.11 6.10
C VAL A 324 13.16 48.54 7.35
N TYR A 325 14.21 49.20 7.85
CA TYR A 325 14.83 48.75 9.09
C TYR A 325 13.96 49.06 10.31
N ALA A 326 13.08 50.05 10.20
CA ALA A 326 12.19 50.43 11.29
C ALA A 326 10.74 50.30 10.85
N TRP A 327 10.41 49.15 10.27
CA TRP A 327 9.08 48.94 9.68
C TRP A 327 7.99 49.00 10.75
N ASN A 328 6.84 49.55 10.37
CA ASN A 328 5.74 49.81 11.28
C ASN A 328 4.71 48.70 11.18
N ARG A 329 4.32 48.15 12.32
CA ARG A 329 3.31 47.10 12.39
C ARG A 329 2.04 47.68 13.00
N LYS A 330 0.91 47.43 12.33
CA LYS A 330 -0.38 47.96 12.75
C LYS A 330 -1.39 46.82 12.79
N ARG A 331 -2.22 46.81 13.83
CA ARG A 331 -3.24 45.79 14.01
C ARG A 331 -4.56 46.25 13.39
N ILE A 332 -5.15 45.39 12.56
CA ILE A 332 -6.42 45.67 11.90
C ILE A 332 -7.48 44.75 12.49
N SER A 333 -8.59 45.33 12.95
CA SER A 333 -9.62 44.55 13.60
C SER A 333 -10.97 45.24 13.47
N ASN A 334 -12.03 44.44 13.59
CA ASN A 334 -13.43 44.88 13.63
C ASN A 334 -13.80 45.69 12.39
N CYS A 335 -13.57 45.08 11.23
CA CYS A 335 -13.80 45.77 9.97
C CYS A 335 -13.94 44.77 8.85
N VAL A 336 -14.44 45.25 7.71
CA VAL A 336 -14.62 44.45 6.51
C VAL A 336 -13.51 44.78 5.52
N ALA A 337 -12.79 43.77 5.06
CA ALA A 337 -11.65 43.96 4.16
C ALA A 337 -12.15 43.84 2.72
N ASP A 338 -12.38 44.99 2.09
CA ASP A 338 -12.81 45.05 0.70
C ASP A 338 -11.67 45.65 -0.12
N TYR A 339 -10.94 44.80 -0.83
CA TYR A 339 -9.80 45.25 -1.63
C TYR A 339 -10.22 45.90 -2.93
N SER A 340 -11.48 45.73 -3.36
CA SER A 340 -11.96 46.39 -4.57
C SER A 340 -12.16 47.89 -4.39
N VAL A 341 -12.18 48.37 -3.14
CA VAL A 341 -12.28 49.80 -2.89
C VAL A 341 -11.03 50.52 -3.39
N LEU A 342 -9.87 49.89 -3.25
CA LEU A 342 -8.58 50.48 -3.59
C LEU A 342 -8.32 50.49 -5.10
N TYR A 343 -9.20 49.93 -5.93
CA TYR A 343 -8.91 49.79 -7.35
C TYR A 343 -8.87 51.13 -8.07
N ASN A 344 -9.73 52.07 -7.67
CA ASN A 344 -9.81 53.34 -8.38
C ASN A 344 -8.69 54.30 -7.99
N SER A 345 -7.95 54.02 -6.92
CA SER A 345 -6.91 54.93 -6.45
C SER A 345 -5.52 54.29 -6.49
N THR A 346 -5.37 53.08 -6.00
CA THR A 346 -4.07 52.41 -5.90
C THR A 346 -3.97 51.31 -6.94
N SER A 347 -2.89 51.33 -7.72
CA SER A 347 -2.62 50.30 -8.72
C SER A 347 -1.49 49.42 -8.19
N PHE A 348 -1.84 48.20 -7.79
CA PHE A 348 -0.88 47.30 -7.17
C PHE A 348 -0.02 46.63 -8.24
N SER A 349 1.29 46.82 -8.15
CA SER A 349 2.23 46.12 -9.00
C SER A 349 2.64 44.76 -8.44
N THR A 350 2.20 44.43 -7.23
CA THR A 350 2.50 43.14 -6.62
C THR A 350 1.36 42.78 -5.67
N PHE A 351 0.69 41.66 -5.96
CA PHE A 351 -0.37 41.13 -5.09
C PHE A 351 -0.14 39.62 -5.04
N GLN A 352 0.68 39.18 -4.09
CA GLN A 352 1.03 37.78 -3.92
C GLN A 352 0.64 37.33 -2.53
N CYS A 353 -0.15 36.26 -2.45
CA CYS A 353 -0.65 35.74 -1.19
C CYS A 353 -0.04 34.37 -0.91
N TYR A 354 0.23 34.11 0.36
CA TYR A 354 0.83 32.86 0.81
C TYR A 354 -0.06 32.22 1.86
N GLY A 355 -0.29 30.92 1.72
CA GLY A 355 -1.15 30.20 2.64
C GLY A 355 -2.62 30.25 2.27
N VAL A 356 -3.02 31.31 1.58
CA VAL A 356 -4.37 31.48 1.08
C VAL A 356 -4.29 31.92 -0.37
N SER A 357 -5.42 31.78 -1.06
CA SER A 357 -5.53 32.27 -2.43
C SER A 357 -6.15 33.65 -2.43
N SER A 358 -5.64 34.51 -3.31
CA SER A 358 -6.13 35.89 -3.36
C SER A 358 -7.57 35.97 -3.88
N THR A 359 -7.98 35.00 -4.70
CA THR A 359 -9.36 34.97 -5.16
C THR A 359 -10.32 34.52 -4.08
N LYS A 360 -9.82 33.89 -3.02
CA LYS A 360 -10.64 33.42 -1.91
C LYS A 360 -10.70 34.40 -0.75
N LEU A 361 -10.06 35.58 -0.89
CA LEU A 361 -9.98 36.51 0.23
C LEU A 361 -11.34 37.14 0.55
N ASN A 362 -12.23 37.24 -0.43
CA ASN A 362 -13.54 37.83 -0.21
C ASN A 362 -14.50 36.90 0.54
N ASP A 363 -14.16 35.62 0.66
CA ASP A 363 -15.03 34.65 1.32
C ASP A 363 -14.48 34.20 2.67
N LEU A 364 -13.43 34.84 3.17
CA LEU A 364 -12.75 34.40 4.38
C LEU A 364 -12.88 35.44 5.48
N CYS A 365 -12.93 34.94 6.71
CA CYS A 365 -12.90 35.77 7.91
C CYS A 365 -11.66 35.41 8.72
N PHE A 366 -10.92 36.44 9.14
CA PHE A 366 -9.66 36.25 9.83
C PHE A 366 -9.80 36.64 11.30
N THR A 367 -9.21 35.83 12.18
CA THR A 367 -9.23 36.12 13.60
C THR A 367 -8.25 37.22 13.98
N ASN A 368 -7.11 37.30 13.28
CA ASN A 368 -6.09 38.30 13.57
C ASN A 368 -5.47 38.77 12.27
N VAL A 369 -5.32 40.09 12.13
CA VAL A 369 -4.72 40.70 10.95
C VAL A 369 -3.73 41.76 11.40
N TYR A 370 -2.49 41.65 10.92
CA TYR A 370 -1.47 42.67 11.10
C TYR A 370 -1.11 43.28 9.74
N ALA A 371 -0.57 44.50 9.78
CA ALA A 371 -0.17 45.22 8.58
C ALA A 371 1.20 45.84 8.80
N ASP A 372 2.18 45.40 8.01
CA ASP A 372 3.55 45.89 8.09
C ASP A 372 3.83 46.76 6.87
N SER A 373 4.25 48.00 7.11
CA SER A 373 4.44 48.99 6.04
C SER A 373 5.86 49.51 6.07
N PHE A 374 6.48 49.59 4.89
CA PHE A 374 7.82 50.16 4.75
C PHE A 374 8.02 50.55 3.29
N VAL A 375 9.19 51.11 2.99
CA VAL A 375 9.56 51.53 1.65
C VAL A 375 10.91 50.90 1.30
N VAL A 376 10.97 50.22 0.16
CA VAL A 376 12.22 49.67 -0.35
C VAL A 376 12.43 50.18 -1.77
N ARG A 377 13.53 49.76 -2.39
CA ARG A 377 13.78 50.09 -3.78
C ARG A 377 12.89 49.24 -4.68
N GLY A 378 12.87 49.59 -5.97
CA GLY A 378 12.04 48.87 -6.92
C GLY A 378 12.49 47.44 -7.14
N ASP A 379 13.81 47.21 -7.14
CA ASP A 379 14.34 45.87 -7.37
C ASP A 379 14.41 45.02 -6.10
N GLU A 380 14.08 45.58 -4.94
CA GLU A 380 14.10 44.85 -3.68
C GLU A 380 12.72 44.34 -3.28
N VAL A 381 11.71 44.52 -4.12
CA VAL A 381 10.37 44.03 -3.81
C VAL A 381 10.34 42.50 -3.86
N ARG A 382 11.17 41.89 -4.70
CA ARG A 382 11.25 40.44 -4.78
C ARG A 382 11.77 39.80 -3.50
N GLN A 383 12.51 40.55 -2.69
CA GLN A 383 13.01 40.03 -1.42
C GLN A 383 11.94 39.93 -0.35
N ILE A 384 10.79 40.55 -0.55
CA ILE A 384 9.68 40.46 0.42
C ILE A 384 8.88 39.22 0.02
N ALA A 385 9.38 38.07 0.44
CA ALA A 385 8.82 36.74 0.16
C ALA A 385 9.51 35.74 1.07
N PRO A 386 8.88 34.62 1.39
CA PRO A 386 9.56 33.60 2.21
C PRO A 386 10.73 32.98 1.45
N GLY A 387 11.79 32.67 2.19
CA GLY A 387 12.97 32.03 1.63
C GLY A 387 13.74 32.87 0.63
N GLN A 388 13.92 34.15 0.90
CA GLN A 388 14.64 35.04 0.01
C GLN A 388 15.98 35.44 0.62
N THR A 389 16.92 35.81 -0.24
CA THR A 389 18.26 36.22 0.17
C THR A 389 18.57 37.58 -0.43
N GLY A 390 19.00 38.50 0.42
CA GLY A 390 19.33 39.84 0.00
C GLY A 390 19.56 40.71 1.21
N VAL A 391 19.85 41.98 0.96
CA VAL A 391 20.12 42.91 2.05
C VAL A 391 18.87 43.13 2.90
N ILE A 392 17.72 43.28 2.25
CA ILE A 392 16.46 43.52 2.96
C ILE A 392 16.04 42.29 3.75
N ALA A 393 16.14 41.11 3.12
CA ALA A 393 15.71 39.88 3.79
C ALA A 393 16.65 39.50 4.93
N ASP A 394 17.96 39.69 4.76
CA ASP A 394 18.90 39.33 5.80
C ASP A 394 18.90 40.31 6.96
N TYR A 395 18.86 41.61 6.68
CA TYR A 395 19.16 42.59 7.72
C TYR A 395 18.03 43.56 8.02
N ASN A 396 16.98 43.62 7.21
CA ASN A 396 15.93 44.62 7.41
C ASN A 396 14.58 43.98 7.74
N TYR A 397 14.08 43.07 6.92
CA TYR A 397 12.75 42.52 7.12
C TYR A 397 12.70 41.12 6.56
N LYS A 398 12.46 40.14 7.43
CA LYS A 398 12.39 38.73 7.03
C LYS A 398 11.01 38.18 7.32
N LEU A 399 10.43 37.49 6.35
CA LEU A 399 9.19 36.76 6.49
C LEU A 399 9.47 35.32 6.92
N PRO A 400 8.57 34.71 7.70
CA PRO A 400 8.74 33.30 8.06
C PRO A 400 8.54 32.39 6.87
N ASP A 401 9.09 31.17 6.99
CA ASP A 401 8.92 30.18 5.92
C ASP A 401 7.47 29.75 5.80
N ASP A 402 6.79 29.54 6.92
CA ASP A 402 5.37 29.21 6.93
C ASP A 402 4.49 30.47 7.04
N PHE A 403 4.77 31.44 6.17
CA PHE A 403 4.07 32.71 6.19
C PHE A 403 2.66 32.55 5.64
N THR A 404 1.67 33.06 6.38
CA THR A 404 0.28 33.06 5.95
C THR A 404 -0.16 34.51 5.83
N GLY A 405 -0.35 34.97 4.61
CA GLY A 405 -0.75 36.34 4.37
C GLY A 405 -0.49 36.74 2.94
N CYS A 406 -0.58 38.04 2.70
CA CYS A 406 -0.43 38.62 1.38
C CYS A 406 0.56 39.77 1.41
N VAL A 407 1.36 39.89 0.35
CA VAL A 407 2.32 40.97 0.20
C VAL A 407 1.79 41.91 -0.87
N LEU A 408 1.61 43.18 -0.52
CA LEU A 408 1.06 44.18 -1.41
C LEU A 408 2.11 45.28 -1.62
N ALA A 409 2.39 45.58 -2.89
CA ALA A 409 3.33 46.64 -3.22
C ALA A 409 2.79 47.44 -4.39
N TRP A 410 3.19 48.71 -4.44
CA TRP A 410 2.84 49.58 -5.56
C TRP A 410 3.87 50.68 -5.68
N ASN A 411 4.10 51.11 -6.92
CA ASN A 411 5.07 52.16 -7.18
C ASN A 411 4.54 53.50 -6.66
N SER A 412 5.36 54.19 -5.88
CA SER A 412 4.99 55.48 -5.28
C SER A 412 6.10 56.48 -5.58
N ARG A 413 6.06 57.08 -6.76
CA ARG A 413 7.00 58.14 -7.10
C ARG A 413 6.38 59.53 -7.00
N ASN A 414 5.06 59.62 -6.99
CA ASN A 414 4.38 60.89 -6.77
C ASN A 414 4.34 61.30 -5.30
N GLN A 415 4.70 60.40 -4.39
CA GLN A 415 4.68 60.69 -2.96
C GLN A 415 6.06 60.64 -2.34
N ASP A 416 6.83 59.59 -2.60
CA ASP A 416 8.11 59.37 -1.94
C ASP A 416 9.32 59.69 -2.82
N ALA A 417 9.09 60.37 -3.95
CA ALA A 417 10.19 60.77 -4.82
C ALA A 417 9.99 62.24 -5.22
N SER A 418 11.12 62.92 -5.43
CA SER A 418 11.12 64.33 -5.79
C SER A 418 12.20 64.58 -6.83
N THR A 419 12.13 65.75 -7.46
CA THR A 419 13.11 66.13 -8.47
C THR A 419 14.49 66.32 -7.86
N SER A 420 14.57 66.96 -6.69
CA SER A 420 15.85 67.09 -6.01
C SER A 420 16.29 65.79 -5.36
N GLY A 421 15.33 64.94 -5.01
CA GLY A 421 15.64 63.65 -4.41
C GLY A 421 15.14 63.57 -2.98
N ASN A 422 14.55 62.42 -2.65
CA ASN A 422 14.07 62.14 -1.30
C ASN A 422 15.13 61.33 -0.56
N PHE A 423 15.47 61.76 0.65
CA PHE A 423 16.54 61.14 1.42
C PHE A 423 16.08 60.81 2.84
N ASN A 424 14.78 60.61 3.03
CA ASN A 424 14.21 60.36 4.34
C ASN A 424 14.04 58.87 4.63
N TYR A 425 14.50 58.00 3.74
CA TYR A 425 14.33 56.55 3.90
C TYR A 425 15.68 55.89 4.04
N TYR A 426 15.75 54.90 4.92
CA TYR A 426 17.00 54.23 5.25
C TYR A 426 16.84 52.72 5.18
N TYR A 427 17.97 52.04 5.05
CA TYR A 427 18.01 50.59 5.13
C TYR A 427 19.31 50.18 5.80
N ARG A 428 19.29 49.01 6.46
CA ARG A 428 20.46 48.50 7.15
C ARG A 428 21.31 47.69 6.19
N ILE A 429 22.60 48.02 6.14
CA ILE A 429 23.51 47.37 5.20
C ILE A 429 24.26 46.18 5.84
N TRP A 430 24.35 46.13 7.16
CA TRP A 430 25.13 45.08 7.80
C TRP A 430 24.58 44.81 9.20
N ARG A 431 24.58 43.54 9.58
CA ARG A 431 24.32 43.11 10.95
C ARG A 431 25.31 42.00 11.28
N SER A 432 25.50 41.77 12.58
CA SER A 432 26.36 40.68 13.03
C SER A 432 25.73 39.32 12.77
N GLU A 433 24.40 39.25 12.68
CA GLU A 433 23.70 38.02 12.37
C GLU A 433 22.48 38.33 11.53
N LYS A 434 22.00 37.34 10.81
CA LYS A 434 20.79 37.51 10.01
C LYS A 434 19.58 37.63 10.92
N LEU A 435 18.60 38.43 10.47
CA LEU A 435 17.40 38.65 11.25
C LEU A 435 16.53 37.41 11.29
N ARG A 436 15.91 37.16 12.44
CA ARG A 436 14.87 36.17 12.56
C ARG A 436 13.58 36.70 11.94
N PRO A 437 12.63 35.83 11.60
CA PRO A 437 11.37 36.30 11.00
C PRO A 437 10.60 37.25 11.92
N PHE A 438 10.08 38.32 11.32
CA PHE A 438 9.31 39.36 11.99
C PHE A 438 10.09 40.03 13.13
N GLU A 439 11.41 40.08 13.01
CA GLU A 439 12.25 40.74 13.98
C GLU A 439 12.67 42.11 13.45
N ARG A 440 12.70 43.10 14.34
CA ARG A 440 12.99 44.49 13.98
C ARG A 440 14.17 44.98 14.80
N ASP A 441 15.15 45.57 14.12
CA ASP A 441 16.33 46.12 14.77
C ASP A 441 16.47 47.58 14.37
N ILE A 442 16.23 48.49 15.31
CA ILE A 442 16.29 49.93 15.06
C ILE A 442 17.44 50.58 15.80
N ALA A 443 18.33 49.79 16.41
CA ALA A 443 19.47 50.35 17.12
C ALA A 443 20.46 50.98 16.15
N HIS A 444 21.08 52.07 16.57
CA HIS A 444 22.08 52.78 15.79
C HIS A 444 23.46 52.35 16.24
N TYR A 445 24.25 51.80 15.31
CA TYR A 445 25.62 51.39 15.62
C TYR A 445 26.43 51.41 14.34
N ASP A 446 27.75 51.38 14.51
CA ASP A 446 28.69 51.36 13.41
C ASP A 446 29.40 50.02 13.34
N TYR A 447 29.97 49.73 12.17
CA TYR A 447 30.67 48.48 11.95
C TYR A 447 31.97 48.75 11.20
N GLN A 448 32.90 47.81 11.32
CA GLN A 448 34.26 47.98 10.80
C GLN A 448 34.31 47.52 9.35
N VAL A 449 34.70 48.43 8.46
CA VAL A 449 34.95 48.10 7.06
C VAL A 449 36.44 48.22 6.81
N GLY A 450 37.16 47.11 6.96
CA GLY A 450 38.61 47.18 6.91
C GLY A 450 39.16 47.68 8.22
N THR A 451 39.63 48.94 8.22
CA THR A 451 40.08 49.59 9.43
C THR A 451 39.22 50.78 9.84
N GLN A 452 38.38 51.30 8.95
CA GLN A 452 37.50 52.40 9.26
C GLN A 452 36.18 51.89 9.83
N PHE A 453 35.45 52.80 10.48
CA PHE A 453 34.14 52.50 11.04
C PHE A 453 33.09 53.30 10.29
N LYS A 454 32.10 52.62 9.72
CA LYS A 454 31.03 53.24 8.97
C LYS A 454 29.69 52.87 9.58
N SER A 455 28.70 53.74 9.36
CA SER A 455 27.37 53.50 9.87
C SER A 455 26.72 52.32 9.15
N SER A 456 26.00 51.49 9.91
CA SER A 456 25.33 50.33 9.34
C SER A 456 24.03 50.69 8.64
N LEU A 457 23.59 51.94 8.72
CA LEU A 457 22.39 52.40 8.04
C LEU A 457 22.78 53.22 6.81
N LYS A 458 22.25 52.84 5.66
CA LYS A 458 22.51 53.54 4.41
C LYS A 458 21.25 54.25 3.95
N ASN A 459 21.44 55.29 3.14
CA ASN A 459 20.36 56.19 2.77
C ASN A 459 19.86 55.89 1.35
N TYR A 460 18.54 55.92 1.19
CA TYR A 460 17.94 55.78 -0.13
C TYR A 460 17.90 57.14 -0.83
N GLY A 461 18.40 57.18 -2.06
CA GLY A 461 18.25 58.36 -2.89
C GLY A 461 17.17 58.17 -3.94
N PHE A 462 16.00 58.76 -3.69
CA PHE A 462 14.82 58.53 -4.52
C PHE A 462 14.59 59.75 -5.41
N TYR A 463 15.25 59.77 -6.56
CA TYR A 463 15.05 60.83 -7.54
C TYR A 463 13.84 60.53 -8.41
N SER A 464 13.14 61.58 -8.80
CA SER A 464 11.93 61.41 -9.61
C SER A 464 12.25 60.99 -11.05
N SER A 465 13.46 61.26 -11.52
CA SER A 465 13.88 60.89 -12.87
C SER A 465 14.86 59.72 -12.75
N ALA A 466 14.31 58.51 -12.68
CA ALA A 466 15.11 57.30 -12.54
C ALA A 466 14.30 56.12 -13.06
N GLY A 467 14.97 54.99 -13.20
CA GLY A 467 14.30 53.77 -13.62
C GLY A 467 13.43 53.19 -12.52
N ASP A 468 12.58 52.25 -12.92
CA ASP A 468 11.65 51.64 -11.99
C ASP A 468 12.36 50.72 -10.98
N SER A 469 13.57 50.28 -11.28
CA SER A 469 14.32 49.49 -10.31
C SER A 469 14.87 50.36 -9.17
N HIS A 470 14.97 51.67 -9.39
CA HIS A 470 15.40 52.59 -8.35
C HIS A 470 14.26 53.46 -7.84
N GLN A 471 13.07 53.34 -8.42
CA GLN A 471 11.92 54.08 -7.93
C GLN A 471 11.48 53.55 -6.56
N PRO A 472 11.01 54.43 -5.68
CA PRO A 472 10.54 53.96 -4.37
C PRO A 472 9.23 53.20 -4.48
N TYR A 473 9.15 52.10 -3.75
CA TYR A 473 7.97 51.26 -3.71
C TYR A 473 7.47 51.15 -2.28
N ARG A 474 6.18 51.32 -2.08
CA ARG A 474 5.56 51.16 -0.77
C ARG A 474 5.03 49.74 -0.64
N VAL A 475 5.51 49.01 0.36
CA VAL A 475 5.15 47.62 0.56
C VAL A 475 4.30 47.51 1.81
N VAL A 476 3.14 46.86 1.68
CA VAL A 476 2.28 46.55 2.81
C VAL A 476 2.16 45.03 2.90
N VAL A 477 2.57 44.48 4.03
CA VAL A 477 2.54 43.04 4.25
C VAL A 477 1.44 42.74 5.26
N LEU A 478 0.49 41.91 4.85
CA LEU A 478 -0.60 41.49 5.73
C LEU A 478 -0.34 40.09 6.24
N SER A 479 -0.61 39.87 7.52
CA SER A 479 -0.45 38.57 8.17
C SER A 479 -1.81 38.11 8.68
N PHE A 480 -2.16 36.87 8.40
CA PHE A 480 -3.46 36.32 8.75
C PHE A 480 -3.34 35.20 9.77
N GLU A 481 -4.44 34.97 10.48
CA GLU A 481 -4.57 33.84 11.38
C GLU A 481 -5.96 33.25 11.22
N LEU A 482 -6.04 31.92 11.20
CA LEU A 482 -7.30 31.20 11.01
C LEU A 482 -7.43 30.20 12.16
N LEU A 483 -8.01 30.65 13.26
CA LEU A 483 -8.13 29.85 14.48
C LEU A 483 -9.59 29.71 14.87
N ASN A 484 -9.82 28.99 15.97
CA ASN A 484 -11.17 28.82 16.54
C ASN A 484 -11.46 29.97 17.51
N ALA A 485 -11.48 31.17 16.95
CA ALA A 485 -11.65 32.42 17.66
C ALA A 485 -12.69 33.25 16.93
N PRO A 486 -13.32 34.21 17.62
CA PRO A 486 -14.26 35.11 16.92
C PRO A 486 -13.58 35.91 15.83
N ALA A 487 -14.29 36.11 14.73
CA ALA A 487 -13.74 36.78 13.57
C ALA A 487 -13.68 38.28 13.80
N THR A 488 -12.54 38.88 13.50
CA THR A 488 -12.36 40.32 13.58
C THR A 488 -12.40 41.00 12.21
N VAL A 489 -11.73 40.43 11.22
CA VAL A 489 -11.70 40.97 9.87
C VAL A 489 -12.37 39.97 8.94
N CYS A 490 -13.39 40.42 8.21
CA CYS A 490 -14.17 39.56 7.34
C CYS A 490 -14.21 40.14 5.94
N GLY A 491 -14.57 39.30 4.98
CA GLY A 491 -14.74 39.73 3.61
C GLY A 491 -16.10 40.36 3.39
N PRO A 492 -16.30 40.96 2.21
CA PRO A 492 -17.59 41.58 1.92
C PRO A 492 -18.63 40.60 1.38
N LYS A 493 -18.84 39.50 2.09
CA LYS A 493 -19.83 38.51 1.69
C LYS A 493 -21.17 38.78 2.35
N GLN A 494 -22.24 38.63 1.58
CA GLN A 494 -23.59 38.87 2.07
C GLN A 494 -24.17 37.60 2.68
N SER A 495 -24.85 37.76 3.80
CA SER A 495 -25.37 36.62 4.56
C SER A 495 -26.69 36.12 3.96
N THR A 496 -27.08 34.93 4.41
CA THR A 496 -28.27 34.24 3.92
C THR A 496 -29.01 33.69 5.13
N GLU A 497 -30.35 33.69 5.06
CA GLU A 497 -31.17 33.17 6.15
C GLU A 497 -30.89 31.68 6.37
N LEU A 498 -31.01 31.27 7.64
CA LEU A 498 -30.69 29.90 8.02
C LEU A 498 -31.72 28.92 7.45
N ILE A 499 -31.23 27.79 6.94
CA ILE A 499 -32.07 26.69 6.50
C ILE A 499 -31.67 25.47 7.33
N LYS A 500 -32.63 24.89 8.03
CA LYS A 500 -32.39 23.78 8.94
C LYS A 500 -33.17 22.56 8.50
N ASN A 501 -32.70 21.40 8.99
CA ASN A 501 -33.28 20.08 8.68
C ASN A 501 -33.28 19.80 7.18
N LYS A 502 -32.24 20.27 6.49
CA LYS A 502 -32.10 20.05 5.06
C LYS A 502 -30.62 19.90 4.75
N CYS A 503 -30.33 19.15 3.68
CA CYS A 503 -28.96 18.99 3.21
C CYS A 503 -28.59 20.20 2.38
N VAL A 504 -27.76 21.09 2.94
CA VAL A 504 -27.39 22.34 2.30
C VAL A 504 -25.89 22.57 2.43
N ASN A 505 -25.37 23.41 1.55
CA ASN A 505 -24.03 23.96 1.73
C ASN A 505 -24.09 25.12 2.70
N PHE A 506 -23.07 25.25 3.54
CA PHE A 506 -23.04 26.31 4.53
C PHE A 506 -21.69 27.01 4.53
N ASN A 507 -21.68 28.22 5.08
CA ASN A 507 -20.46 29.02 5.16
C ASN A 507 -20.57 29.87 6.43
N PHE A 508 -19.87 29.45 7.49
CA PHE A 508 -19.86 30.15 8.77
C PHE A 508 -18.46 30.68 9.02
N ASN A 509 -18.31 32.00 8.98
CA ASN A 509 -17.04 32.70 9.26
C ASN A 509 -15.92 32.25 8.33
N GLY A 510 -16.24 31.91 7.09
CA GLY A 510 -15.28 31.39 6.16
C GLY A 510 -15.06 29.90 6.21
N LEU A 511 -15.65 29.21 7.20
CA LEU A 511 -15.55 27.76 7.31
C LEU A 511 -16.72 27.16 6.53
N THR A 512 -16.42 26.61 5.35
CA THR A 512 -17.45 26.07 4.48
C THR A 512 -17.70 24.61 4.81
N GLY A 513 -18.64 24.01 4.09
CA GLY A 513 -18.96 22.61 4.28
C GLY A 513 -20.32 22.28 3.70
N THR A 514 -20.71 21.02 3.88
CA THR A 514 -21.99 20.52 3.41
C THR A 514 -22.55 19.57 4.45
N GLY A 515 -23.80 19.77 4.82
CA GLY A 515 -24.43 18.90 5.80
C GLY A 515 -25.84 19.34 6.11
N VAL A 516 -26.35 18.84 7.23
CA VAL A 516 -27.69 19.15 7.71
C VAL A 516 -27.57 19.93 9.00
N LEU A 517 -28.25 21.08 9.08
CA LEU A 517 -28.21 21.96 10.24
C LEU A 517 -29.41 21.68 11.14
N THR A 518 -29.15 21.50 12.43
CA THR A 518 -30.21 21.24 13.40
C THR A 518 -29.89 22.03 14.67
N ASP A 519 -30.95 22.30 15.45
CA ASP A 519 -30.77 23.00 16.72
C ASP A 519 -30.02 22.13 17.70
N SER A 520 -29.05 22.73 18.39
CA SER A 520 -28.12 22.00 19.23
C SER A 520 -28.29 22.39 20.69
N ASN A 521 -28.22 21.38 21.56
CA ASN A 521 -28.16 21.57 23.00
C ASN A 521 -26.74 21.64 23.52
N LYS A 522 -25.75 21.65 22.63
CA LYS A 522 -24.35 21.68 23.04
C LYS A 522 -23.99 23.00 23.69
N LYS A 523 -23.20 22.93 24.76
CA LYS A 523 -22.66 24.10 25.42
C LYS A 523 -21.18 24.22 25.07
N PHE A 524 -20.77 25.39 24.63
CA PHE A 524 -19.43 25.60 24.11
C PHE A 524 -18.76 26.70 24.91
N GLN A 525 -17.46 26.54 25.19
CA GLN A 525 -16.69 27.57 25.85
C GLN A 525 -16.63 28.83 25.00
N SER A 526 -16.62 29.98 25.68
CA SER A 526 -16.73 31.26 25.01
C SER A 526 -15.50 31.56 24.15
N PHE A 527 -15.68 32.51 23.23
CA PHE A 527 -14.65 32.95 22.27
C PHE A 527 -14.14 31.81 21.39
N GLN A 528 -14.99 30.81 21.15
CA GLN A 528 -14.69 29.72 20.22
C GLN A 528 -15.95 29.44 19.41
N GLN A 529 -15.74 28.96 18.17
CA GLN A 529 -16.79 28.96 17.17
C GLN A 529 -17.31 27.58 16.82
N PHE A 530 -16.45 26.66 16.40
CA PHE A 530 -16.90 25.39 15.83
C PHE A 530 -16.40 24.23 16.67
N GLY A 531 -17.21 23.17 16.70
CA GLY A 531 -16.87 21.95 17.40
C GLY A 531 -16.30 20.92 16.42
N ARG A 532 -15.36 20.12 16.90
CA ARG A 532 -14.66 19.13 16.09
C ARG A 532 -14.94 17.74 16.63
N ASP A 533 -14.25 16.76 16.04
CA ASP A 533 -14.37 15.36 16.42
C ASP A 533 -12.97 14.77 16.57
N VAL A 534 -12.92 13.47 16.89
CA VAL A 534 -11.64 12.77 16.92
C VAL A 534 -11.12 12.54 15.50
N SER A 535 -12.00 12.57 14.50
CA SER A 535 -11.63 12.45 13.10
C SER A 535 -11.57 13.80 12.40
N ASP A 536 -11.55 14.90 13.18
CA ASP A 536 -11.53 16.27 12.67
C ASP A 536 -12.72 16.56 11.76
N PHE A 537 -13.91 16.13 12.19
CA PHE A 537 -15.15 16.41 11.49
C PHE A 537 -15.92 17.48 12.25
N THR A 538 -16.28 18.55 11.55
CA THR A 538 -17.01 19.67 12.17
C THR A 538 -18.46 19.25 12.39
N ASP A 539 -18.80 18.95 13.64
CA ASP A 539 -20.15 18.51 13.97
C ASP A 539 -21.03 19.63 14.50
N SER A 540 -20.44 20.69 15.05
CA SER A 540 -21.22 21.80 15.60
C SER A 540 -20.54 23.11 15.22
N VAL A 541 -21.34 24.17 15.17
CA VAL A 541 -20.85 25.50 14.79
C VAL A 541 -21.72 26.54 15.47
N LYS A 542 -21.10 27.60 15.97
CA LYS A 542 -21.80 28.72 16.57
C LYS A 542 -22.22 29.70 15.49
N ASP A 543 -23.49 30.08 15.49
CA ASP A 543 -23.98 31.03 14.50
C ASP A 543 -23.43 32.42 14.81
N PRO A 544 -22.97 33.16 13.80
CA PRO A 544 -22.41 34.50 14.06
C PRO A 544 -23.46 35.55 14.40
N LYS A 545 -24.71 35.35 14.00
CA LYS A 545 -25.74 36.37 14.18
C LYS A 545 -26.69 36.05 15.33
N THR A 546 -27.18 34.81 15.42
CA THR A 546 -28.08 34.44 16.50
C THR A 546 -27.36 33.90 17.72
N LEU A 547 -26.03 33.70 17.63
CA LEU A 547 -25.18 33.28 18.75
C LEU A 547 -25.63 31.95 19.35
N GLU A 548 -26.10 31.04 18.51
CA GLU A 548 -26.55 29.73 18.95
C GLU A 548 -25.77 28.64 18.24
N VAL A 549 -25.49 27.55 18.96
CA VAL A 549 -24.78 26.42 18.38
C VAL A 549 -25.77 25.57 17.58
N LEU A 550 -25.32 25.07 16.44
CA LEU A 550 -26.12 24.21 15.58
C LEU A 550 -25.34 22.97 15.23
N ASP A 551 -26.01 21.81 15.26
CA ASP A 551 -25.36 20.57 14.85
C ASP A 551 -25.18 20.52 13.35
N ILE A 552 -24.12 19.85 12.91
CA ILE A 552 -23.89 19.54 11.50
C ILE A 552 -23.91 18.02 11.37
N THR A 553 -24.91 17.50 10.66
CA THR A 553 -25.04 16.09 10.41
C THR A 553 -24.81 15.83 8.92
N PRO A 554 -23.93 14.89 8.58
CA PRO A 554 -23.68 14.62 7.15
C PRO A 554 -24.92 14.08 6.45
N CYS A 555 -25.05 14.43 5.18
CA CYS A 555 -26.19 14.00 4.40
C CYS A 555 -26.09 12.51 4.10
N SER A 556 -27.15 11.77 4.47
CA SER A 556 -27.24 10.31 4.31
C SER A 556 -26.07 9.59 4.99
N TYR A 557 -25.99 9.77 6.31
CA TYR A 557 -24.97 9.08 7.09
C TYR A 557 -25.35 7.64 7.40
N GLY A 558 -26.64 7.30 7.33
CA GLY A 558 -27.05 5.94 7.57
C GLY A 558 -26.79 5.02 6.39
N GLY A 559 -26.75 3.72 6.68
CA GLY A 559 -26.54 2.74 5.64
C GLY A 559 -27.84 2.35 4.96
N VAL A 560 -27.78 2.22 3.64
CA VAL A 560 -28.94 1.88 2.82
C VAL A 560 -28.57 0.70 1.94
N SER A 561 -29.35 -0.38 2.01
CA SER A 561 -29.15 -1.56 1.19
C SER A 561 -30.39 -1.78 0.34
N VAL A 562 -30.18 -2.26 -0.88
CA VAL A 562 -31.26 -2.48 -1.84
C VAL A 562 -31.30 -3.96 -2.19
N ILE A 563 -32.47 -4.57 -2.08
CA ILE A 563 -32.67 -5.99 -2.34
C ILE A 563 -33.32 -6.13 -3.71
N THR A 564 -32.67 -6.86 -4.60
CA THR A 564 -33.14 -7.02 -5.96
C THR A 564 -33.31 -8.49 -6.30
N PRO A 565 -34.46 -8.91 -6.84
CA PRO A 565 -34.54 -10.24 -7.45
C PRO A 565 -33.71 -10.37 -8.70
N GLY A 566 -33.31 -9.26 -9.33
CA GLY A 566 -32.38 -9.30 -10.43
C GLY A 566 -32.93 -8.78 -11.74
N THR A 567 -32.08 -8.13 -12.54
CA THR A 567 -32.41 -7.84 -13.92
C THR A 567 -32.54 -9.16 -14.68
N ASN A 568 -33.44 -9.16 -15.68
CA ASN A 568 -33.97 -10.32 -16.41
C ASN A 568 -34.88 -11.18 -15.54
N ALA A 569 -35.24 -10.69 -14.35
CA ALA A 569 -36.27 -11.32 -13.53
C ALA A 569 -37.36 -10.34 -13.13
N SER A 570 -37.00 -9.11 -12.77
CA SER A 570 -37.96 -8.10 -12.34
C SER A 570 -37.26 -6.74 -12.32
N THR A 571 -38.05 -5.70 -12.09
CA THR A 571 -37.53 -4.36 -11.84
C THR A 571 -37.89 -3.84 -10.44
N GLN A 572 -38.72 -4.56 -9.69
CA GLN A 572 -39.05 -4.14 -8.33
C GLN A 572 -37.86 -4.36 -7.40
N VAL A 573 -37.74 -3.48 -6.41
CA VAL A 573 -36.68 -3.56 -5.42
C VAL A 573 -37.27 -3.36 -4.03
N ALA A 574 -36.52 -3.81 -3.03
CA ALA A 574 -36.83 -3.54 -1.63
C ALA A 574 -35.63 -2.85 -1.00
N VAL A 575 -35.88 -1.85 -0.17
CA VAL A 575 -34.86 -1.01 0.41
C VAL A 575 -34.79 -1.25 1.91
N LEU A 576 -33.58 -1.49 2.41
CA LEU A 576 -33.35 -1.68 3.84
C LEU A 576 -32.57 -0.48 4.36
N TYR A 577 -33.19 0.31 5.22
CA TYR A 577 -32.54 1.45 5.86
C TYR A 577 -31.99 0.97 7.20
N GLN A 578 -30.68 0.78 7.27
CA GLN A 578 -30.08 0.08 8.40
C GLN A 578 -30.10 0.93 9.66
N ASP A 579 -30.54 0.32 10.77
CA ASP A 579 -30.48 0.89 12.11
C ASP A 579 -31.26 2.20 12.23
N VAL A 580 -32.42 2.26 11.57
CA VAL A 580 -33.37 3.35 11.75
C VAL A 580 -34.74 2.75 12.04
N ASN A 581 -35.60 3.57 12.66
CA ASN A 581 -36.99 3.18 12.83
C ASN A 581 -37.79 3.52 11.58
N CYS A 582 -38.94 2.86 11.42
CA CYS A 582 -39.73 3.04 10.22
C CYS A 582 -40.40 4.42 10.18
N THR A 583 -40.70 4.99 11.34
CA THR A 583 -41.29 6.33 11.37
C THR A 583 -40.26 7.43 11.11
N ASP A 584 -38.98 7.13 11.28
CA ASP A 584 -37.90 8.10 11.08
C ASP A 584 -37.26 7.99 9.70
N VAL A 585 -37.80 7.14 8.82
CA VAL A 585 -37.21 6.97 7.49
C VAL A 585 -37.25 8.25 6.64
N PRO A 586 -38.39 8.98 6.51
CA PRO A 586 -38.35 10.22 5.72
C PRO A 586 -37.43 11.28 6.28
N THR A 587 -37.26 11.33 7.61
CA THR A 587 -36.34 12.31 8.19
C THR A 587 -34.89 11.90 7.97
N ALA A 588 -34.60 10.59 8.03
CA ALA A 588 -33.23 10.12 7.92
C ALA A 588 -32.68 10.26 6.50
N ILE A 589 -33.52 10.00 5.50
CA ILE A 589 -33.08 10.03 4.11
C ILE A 589 -33.41 11.34 3.42
N HIS A 590 -34.07 12.27 4.11
CA HIS A 590 -34.50 13.57 3.58
C HIS A 590 -35.38 13.38 2.34
N ALA A 591 -36.54 12.75 2.56
CA ALA A 591 -37.42 12.36 1.46
C ALA A 591 -38.04 13.55 0.74
N GLU A 592 -38.09 14.72 1.37
CA GLU A 592 -38.65 15.89 0.71
C GLU A 592 -37.72 16.45 -0.36
N GLN A 593 -36.42 16.14 -0.30
CA GLN A 593 -35.45 16.60 -1.29
C GLN A 593 -35.19 15.59 -2.39
N LEU A 594 -35.76 14.40 -2.30
CA LEU A 594 -35.51 13.35 -3.28
C LEU A 594 -36.50 13.42 -4.44
N THR A 595 -36.25 12.59 -5.45
CA THR A 595 -37.19 12.42 -6.53
C THR A 595 -38.44 11.70 -6.03
N PRO A 596 -39.58 11.89 -6.69
CA PRO A 596 -40.79 11.12 -6.30
C PRO A 596 -40.63 9.61 -6.41
N SER A 597 -39.79 9.13 -7.34
CA SER A 597 -39.49 7.70 -7.40
C SER A 597 -38.78 7.23 -6.14
N TRP A 598 -37.85 8.05 -5.62
CA TRP A 598 -37.23 7.73 -4.34
C TRP A 598 -38.18 7.97 -3.18
N ARG A 599 -39.11 8.92 -3.32
CA ARG A 599 -40.08 9.19 -2.28
C ARG A 599 -41.13 8.10 -2.16
N VAL A 600 -41.27 7.27 -3.20
CA VAL A 600 -42.16 6.10 -3.11
C VAL A 600 -41.67 5.14 -2.04
N TYR A 601 -40.36 4.90 -1.98
CA TYR A 601 -39.79 3.95 -1.05
C TYR A 601 -39.52 4.53 0.34
N SER A 602 -39.86 5.79 0.57
CA SER A 602 -39.66 6.38 1.89
C SER A 602 -40.72 5.93 2.88
N THR A 603 -41.90 5.52 2.40
CA THR A 603 -42.98 5.09 3.27
C THR A 603 -43.90 4.18 2.48
N GLY A 604 -44.77 3.48 3.20
CA GLY A 604 -45.75 2.63 2.55
C GLY A 604 -46.37 1.66 3.54
N THR A 605 -47.30 0.87 3.03
CA THR A 605 -47.94 -0.14 3.84
C THR A 605 -47.02 -1.33 4.09
N ASN A 606 -46.08 -1.59 3.18
CA ASN A 606 -45.14 -2.69 3.32
C ASN A 606 -43.88 -2.25 4.04
N MET A 607 -44.06 -1.84 5.29
CA MET A 607 -42.95 -1.43 6.15
C MET A 607 -43.08 -2.14 7.49
N PHE A 608 -41.93 -2.56 8.04
CA PHE A 608 -41.85 -3.25 9.32
C PHE A 608 -40.40 -3.29 9.77
N GLN A 609 -40.20 -3.21 11.09
CA GLN A 609 -38.86 -3.29 11.67
C GLN A 609 -38.36 -4.72 11.64
N THR A 610 -37.12 -4.91 11.19
CA THR A 610 -36.55 -6.25 11.03
C THR A 610 -35.36 -6.50 11.95
N GLN A 611 -35.11 -5.61 12.92
CA GLN A 611 -34.02 -5.65 13.91
C GLN A 611 -32.67 -5.33 13.25
N ALA A 612 -32.65 -5.25 11.92
CA ALA A 612 -31.50 -4.75 11.18
C ALA A 612 -31.80 -3.39 10.54
N GLY A 613 -32.97 -2.83 10.80
CA GLY A 613 -33.42 -1.59 10.21
C GLY A 613 -34.86 -1.71 9.77
N CYS A 614 -35.30 -0.77 8.95
CA CYS A 614 -36.65 -0.75 8.42
C CYS A 614 -36.62 -1.19 6.96
N LEU A 615 -37.42 -2.21 6.63
CA LEU A 615 -37.50 -2.74 5.28
C LEU A 615 -38.77 -2.22 4.62
N ILE A 616 -38.62 -1.55 3.48
CA ILE A 616 -39.72 -0.97 2.74
C ILE A 616 -39.70 -1.55 1.33
N GLY A 617 -40.86 -2.03 0.88
CA GLY A 617 -40.99 -2.64 -0.43
C GLY A 617 -41.17 -4.14 -0.42
N ALA A 618 -41.16 -4.77 0.74
CA ALA A 618 -41.37 -6.21 0.87
C ALA A 618 -42.40 -6.46 1.96
N GLU A 619 -43.33 -7.38 1.69
CA GLU A 619 -44.37 -7.71 2.63
C GLU A 619 -43.93 -8.86 3.53
N HIS A 620 -44.29 -8.78 4.81
CA HIS A 620 -43.87 -9.75 5.81
C HIS A 620 -44.85 -10.92 5.82
N VAL A 621 -44.42 -12.06 5.30
CA VAL A 621 -45.24 -13.26 5.32
C VAL A 621 -44.93 -14.06 6.58
N ASN A 622 -45.89 -14.88 6.99
CA ASN A 622 -45.75 -15.67 8.21
C ASN A 622 -45.14 -17.05 7.97
N ASN A 623 -44.89 -17.42 6.72
CA ASN A 623 -44.29 -18.70 6.42
C ASN A 623 -42.79 -18.67 6.71
N SER A 624 -42.18 -19.85 6.72
CA SER A 624 -40.74 -20.01 6.92
C SER A 624 -40.19 -20.83 5.77
N TYR A 625 -39.23 -20.27 5.04
CA TYR A 625 -38.58 -20.93 3.93
C TYR A 625 -37.07 -20.96 4.17
N ASP A 626 -36.35 -21.60 3.26
CA ASP A 626 -34.91 -21.49 3.24
C ASP A 626 -34.51 -20.10 2.76
N CYS A 627 -33.30 -19.68 3.14
CA CYS A 627 -32.85 -18.34 2.80
C CYS A 627 -32.54 -18.24 1.31
N ASP A 628 -33.00 -17.15 0.70
CA ASP A 628 -32.69 -16.84 -0.69
C ASP A 628 -31.85 -15.57 -0.80
N ILE A 629 -32.30 -14.47 -0.21
CA ILE A 629 -31.51 -13.25 -0.11
C ILE A 629 -31.37 -12.89 1.37
N PRO A 630 -30.17 -13.01 1.95
CA PRO A 630 -30.03 -12.77 3.39
C PRO A 630 -30.12 -11.30 3.77
N ILE A 631 -31.24 -10.90 4.39
CA ILE A 631 -31.35 -9.54 4.90
C ILE A 631 -30.47 -9.35 6.12
N GLY A 632 -30.49 -10.32 7.03
CA GLY A 632 -29.76 -10.21 8.27
C GLY A 632 -30.68 -10.32 9.48
N ALA A 633 -30.12 -10.71 10.62
CA ALA A 633 -30.85 -10.88 11.89
C ALA A 633 -32.03 -11.84 11.74
N GLY A 634 -31.82 -12.93 11.01
CA GLY A 634 -32.82 -13.96 10.86
C GLY A 634 -33.84 -13.73 9.78
N ILE A 635 -33.73 -12.66 9.01
CA ILE A 635 -34.70 -12.30 7.98
C ILE A 635 -34.08 -12.60 6.62
N CYS A 636 -34.86 -13.22 5.74
CA CYS A 636 -34.46 -13.47 4.36
C CYS A 636 -35.58 -13.01 3.44
N ALA A 637 -35.25 -12.84 2.16
CA ALA A 637 -36.20 -12.35 1.17
C ALA A 637 -36.09 -13.19 -0.09
N THR A 638 -37.20 -13.25 -0.84
CA THR A 638 -37.25 -13.99 -2.09
C THR A 638 -38.32 -13.39 -2.98
N TYR A 639 -38.28 -13.75 -4.26
CA TYR A 639 -39.28 -13.33 -5.21
C TYR A 639 -40.44 -14.30 -5.22
N HIS A 640 -41.64 -13.77 -5.51
CA HIS A 640 -42.94 -14.48 -5.39
C HIS A 640 -43.05 -14.93 -3.93
N THR A 641 -43.32 -16.20 -3.66
CA THR A 641 -43.41 -16.68 -2.29
C THR A 641 -42.72 -18.03 -2.14
N ASN A 651 -49.23 -12.94 -9.37
CA ASN A 651 -48.40 -11.74 -9.41
C ASN A 651 -47.21 -11.88 -8.47
N LYS A 652 -46.01 -11.95 -9.05
CA LYS A 652 -44.80 -12.09 -8.26
C LYS A 652 -44.48 -10.80 -7.53
N ARG A 653 -43.95 -10.93 -6.32
CA ARG A 653 -43.58 -9.79 -5.50
C ARG A 653 -42.52 -10.22 -4.50
N ILE A 654 -41.86 -9.23 -3.90
CA ILE A 654 -40.81 -9.50 -2.92
C ILE A 654 -41.46 -9.68 -1.55
N VAL A 655 -41.18 -10.82 -0.91
CA VAL A 655 -41.68 -11.11 0.42
C VAL A 655 -40.49 -11.25 1.36
N ALA A 656 -40.74 -10.98 2.64
CA ALA A 656 -39.73 -11.10 3.68
C ALA A 656 -40.25 -12.04 4.76
N TYR A 657 -39.37 -12.92 5.24
CA TYR A 657 -39.77 -13.96 6.18
C TYR A 657 -38.63 -14.24 7.13
N VAL A 658 -38.97 -14.89 8.25
CA VAL A 658 -37.96 -15.45 9.15
C VAL A 658 -37.47 -16.75 8.56
N MET A 659 -36.15 -16.90 8.46
CA MET A 659 -35.56 -18.10 7.89
C MET A 659 -35.85 -19.32 8.75
N SER A 660 -35.93 -20.48 8.11
CA SER A 660 -36.21 -21.74 8.78
C SER A 660 -34.90 -22.45 9.07
N LEU A 661 -34.72 -22.86 10.33
CA LEU A 661 -33.50 -23.57 10.70
C LEU A 661 -33.47 -24.99 10.18
N GLY A 662 -34.62 -25.57 9.88
CA GLY A 662 -34.68 -26.93 9.38
C GLY A 662 -36.03 -27.55 9.73
N ALA A 663 -36.15 -28.82 9.35
CA ALA A 663 -37.39 -29.55 9.59
C ALA A 663 -37.52 -29.89 11.07
N GLU A 664 -38.71 -29.65 11.62
CA GLU A 664 -38.96 -29.96 13.02
C GLU A 664 -39.11 -31.47 13.18
N ASN A 665 -38.38 -32.03 14.15
CA ASN A 665 -38.37 -33.47 14.37
C ASN A 665 -38.41 -33.74 15.87
N SER A 666 -38.84 -34.96 16.20
CA SER A 666 -38.90 -35.39 17.60
C SER A 666 -38.49 -36.85 17.69
N VAL A 667 -37.68 -37.16 18.69
CA VAL A 667 -37.24 -38.53 18.98
C VAL A 667 -37.89 -38.95 20.29
N ALA A 668 -38.68 -40.02 20.24
CA ALA A 668 -39.36 -40.54 21.42
C ALA A 668 -38.34 -41.32 22.25
N TYR A 669 -37.75 -40.65 23.23
CA TYR A 669 -36.78 -41.31 24.10
C TYR A 669 -37.48 -42.24 25.07
N SER A 670 -37.00 -43.48 25.16
CA SER A 670 -37.45 -44.43 26.16
C SER A 670 -36.24 -45.14 26.73
N ASN A 671 -36.37 -45.60 27.98
CA ASN A 671 -35.26 -46.24 28.66
C ASN A 671 -35.18 -47.74 28.38
N ASN A 672 -36.10 -48.29 27.59
CA ASN A 672 -36.07 -49.72 27.29
C ASN A 672 -36.35 -50.05 25.83
N THR A 673 -36.42 -49.05 24.96
CA THR A 673 -36.68 -49.29 23.54
C THR A 673 -35.50 -48.81 22.71
N ILE A 674 -35.21 -49.54 21.63
CA ILE A 674 -34.15 -49.19 20.69
C ILE A 674 -34.71 -49.31 19.29
N ALA A 675 -34.08 -48.58 18.36
CA ALA A 675 -34.43 -48.62 16.95
C ALA A 675 -33.26 -49.24 16.18
N ILE A 676 -33.53 -50.34 15.48
CA ILE A 676 -32.53 -51.07 14.72
C ILE A 676 -32.91 -50.98 13.25
N PRO A 677 -32.02 -50.52 12.36
CA PRO A 677 -32.35 -50.49 10.94
C PRO A 677 -32.47 -51.89 10.36
N THR A 678 -33.35 -52.02 9.36
CA THR A 678 -33.56 -53.28 8.68
C THR A 678 -33.13 -53.26 7.21
N ASN A 679 -32.80 -52.08 6.67
CA ASN A 679 -32.37 -51.95 5.29
C ASN A 679 -31.26 -50.91 5.24
N PHE A 680 -30.77 -50.64 4.03
CA PHE A 680 -29.70 -49.66 3.86
C PHE A 680 -29.78 -49.06 2.47
N THR A 681 -29.10 -47.94 2.31
CA THR A 681 -28.97 -47.26 1.02
C THR A 681 -27.50 -47.01 0.74
N ILE A 682 -27.05 -47.38 -0.45
CA ILE A 682 -25.71 -47.07 -0.91
C ILE A 682 -25.76 -45.71 -1.59
N SER A 683 -25.16 -44.70 -0.95
CA SER A 683 -25.25 -43.33 -1.40
C SER A 683 -23.90 -42.89 -1.97
N VAL A 684 -23.94 -42.26 -3.14
CA VAL A 684 -22.76 -41.66 -3.76
C VAL A 684 -23.01 -40.16 -3.85
N THR A 685 -22.13 -39.37 -3.24
CA THR A 685 -22.24 -37.92 -3.24
C THR A 685 -20.93 -37.31 -3.73
N THR A 686 -21.03 -36.09 -4.24
CA THR A 686 -19.89 -35.38 -4.80
C THR A 686 -19.42 -34.29 -3.85
N GLU A 687 -18.10 -34.14 -3.74
CA GLU A 687 -17.49 -33.03 -3.03
C GLU A 687 -16.50 -32.36 -3.96
N VAL A 688 -16.66 -31.06 -4.16
CA VAL A 688 -15.83 -30.29 -5.09
C VAL A 688 -14.84 -29.48 -4.27
N MET A 689 -13.54 -29.68 -4.55
CA MET A 689 -12.49 -28.97 -3.83
C MET A 689 -11.57 -28.28 -4.85
N PRO A 690 -11.35 -26.98 -4.71
CA PRO A 690 -10.31 -26.33 -5.52
C PRO A 690 -8.92 -26.81 -5.12
N VAL A 691 -8.03 -26.88 -6.11
CA VAL A 691 -6.66 -27.35 -5.91
C VAL A 691 -5.65 -26.29 -6.30
N SER A 692 -5.82 -25.67 -7.46
CA SER A 692 -4.90 -24.67 -7.97
C SER A 692 -5.69 -23.54 -8.61
N MET A 693 -5.01 -22.41 -8.81
CA MET A 693 -5.55 -21.31 -9.59
C MET A 693 -4.58 -21.01 -10.72
N THR A 694 -4.93 -20.00 -11.53
CA THR A 694 -4.10 -19.65 -12.67
C THR A 694 -2.80 -19.00 -12.22
N LYS A 695 -1.70 -19.40 -12.85
CA LYS A 695 -0.39 -18.83 -12.58
C LYS A 695 -0.20 -17.61 -13.48
N THR A 696 0.04 -16.46 -12.87
CA THR A 696 0.19 -15.20 -13.59
C THR A 696 1.56 -14.61 -13.35
N SER A 697 2.07 -13.92 -14.38
CA SER A 697 3.34 -13.21 -14.29
C SER A 697 3.14 -11.79 -14.80
N VAL A 698 3.84 -10.84 -14.19
CA VAL A 698 3.67 -9.43 -14.49
C VAL A 698 5.03 -8.85 -14.88
N ASP A 699 5.09 -8.17 -16.02
CA ASP A 699 6.24 -7.37 -16.40
C ASP A 699 6.01 -5.94 -15.93
N CYS A 700 6.87 -5.45 -15.03
CA CYS A 700 6.69 -4.15 -14.43
C CYS A 700 6.89 -3.01 -15.42
N THR A 701 7.97 -3.08 -16.20
CA THR A 701 8.25 -1.99 -17.14
C THR A 701 7.21 -1.90 -18.24
N MET A 702 6.60 -3.03 -18.58
CA MET A 702 5.51 -3.03 -19.55
C MET A 702 4.23 -2.45 -18.96
N TYR A 703 3.94 -2.76 -17.69
CA TYR A 703 2.69 -2.31 -17.09
C TYR A 703 2.75 -0.84 -16.70
N ILE A 704 3.75 -0.48 -15.90
CA ILE A 704 3.85 0.88 -15.37
C ILE A 704 4.23 1.86 -16.47
N CYS A 705 5.19 1.51 -17.32
CA CYS A 705 5.78 2.46 -18.25
C CYS A 705 5.55 2.16 -19.71
N GLY A 706 5.18 0.93 -20.07
CA GLY A 706 5.01 0.59 -21.47
C GLY A 706 6.32 0.50 -22.20
N ASP A 707 6.53 1.40 -23.16
CA ASP A 707 7.75 1.41 -23.97
C ASP A 707 8.55 2.69 -23.84
N SER A 708 8.09 3.67 -23.07
CA SER A 708 8.80 4.94 -22.94
C SER A 708 10.04 4.77 -22.07
N VAL A 709 11.18 5.25 -22.56
CA VAL A 709 12.44 5.10 -21.82
C VAL A 709 12.55 6.09 -20.67
N GLU A 710 11.86 7.23 -20.73
CA GLU A 710 11.89 8.20 -19.63
C GLU A 710 11.27 7.61 -18.37
N CYS A 711 10.12 6.95 -18.52
CA CYS A 711 9.50 6.29 -17.37
C CYS A 711 10.34 5.14 -16.86
N SER A 712 11.02 4.41 -17.74
CA SER A 712 11.89 3.33 -17.29
C SER A 712 13.06 3.87 -16.48
N THR A 713 13.66 4.97 -16.94
CA THR A 713 14.75 5.59 -16.19
C THR A 713 14.26 6.13 -14.85
N LEU A 714 13.06 6.71 -14.81
CA LEU A 714 12.52 7.19 -13.55
C LEU A 714 12.13 6.05 -12.62
N LEU A 715 11.69 4.92 -13.18
CA LEU A 715 11.32 3.75 -12.39
C LEU A 715 12.54 3.02 -11.84
N LEU A 716 13.69 3.16 -12.50
CA LEU A 716 14.93 2.61 -11.97
C LEU A 716 15.32 3.22 -10.62
N GLN A 717 14.82 4.41 -10.31
CA GLN A 717 15.10 5.07 -9.04
C GLN A 717 14.20 4.62 -7.91
N TYR A 718 13.26 3.71 -8.16
CA TYR A 718 12.34 3.25 -7.13
C TYR A 718 12.81 1.98 -6.43
N GLY A 719 14.00 1.48 -6.78
CA GLY A 719 14.57 0.38 -6.02
C GLY A 719 14.05 -0.96 -6.48
N SER A 720 13.66 -1.79 -5.52
CA SER A 720 13.32 -3.19 -5.79
C SER A 720 11.88 -3.52 -5.41
N PHE A 721 10.93 -2.66 -5.77
CA PHE A 721 9.53 -3.04 -5.68
C PHE A 721 9.23 -4.24 -6.57
N CYS A 722 9.74 -4.19 -7.80
CA CYS A 722 9.31 -5.12 -8.82
C CYS A 722 10.00 -6.48 -8.72
N THR A 723 11.23 -6.52 -8.22
CA THR A 723 11.83 -7.81 -7.88
C THR A 723 11.03 -8.51 -6.80
N GLN A 724 10.54 -7.75 -5.82
CA GLN A 724 9.68 -8.30 -4.77
C GLN A 724 8.36 -8.82 -5.34
N LEU A 725 7.73 -8.05 -6.23
CA LEU A 725 6.46 -8.47 -6.82
C LEU A 725 6.64 -9.72 -7.68
N ASN A 726 7.70 -9.75 -8.49
CA ASN A 726 7.97 -10.92 -9.33
C ASN A 726 8.31 -12.13 -8.49
N ARG A 727 9.03 -11.95 -7.38
CA ARG A 727 9.36 -13.05 -6.49
C ARG A 727 8.09 -13.63 -5.85
N ALA A 728 7.18 -12.76 -5.41
CA ALA A 728 5.93 -13.23 -4.82
C ALA A 728 5.07 -13.98 -5.84
N LEU A 729 4.97 -13.44 -7.07
CA LEU A 729 4.15 -14.09 -8.09
C LEU A 729 4.78 -15.42 -8.54
N THR A 730 6.11 -15.48 -8.61
CA THR A 730 6.78 -16.73 -8.95
C THR A 730 6.58 -17.77 -7.86
N GLY A 731 6.60 -17.35 -6.59
CA GLY A 731 6.31 -18.26 -5.50
C GLY A 731 4.90 -18.82 -5.57
N ILE A 732 3.92 -17.96 -5.91
CA ILE A 732 2.55 -18.41 -6.08
C ILE A 732 2.45 -19.41 -7.23
N ALA A 733 3.12 -19.11 -8.35
CA ALA A 733 3.06 -19.98 -9.52
C ALA A 733 3.69 -21.34 -9.24
N VAL A 734 4.78 -21.38 -8.49
CA VAL A 734 5.39 -22.65 -8.11
C VAL A 734 4.48 -23.40 -7.12
N GLU A 735 3.85 -22.67 -6.21
CA GLU A 735 2.97 -23.29 -5.22
C GLU A 735 1.75 -23.94 -5.86
N GLN A 736 1.26 -23.38 -6.98
CA GLN A 736 0.11 -23.98 -7.66
C GLN A 736 0.45 -25.39 -8.18
N ASP A 737 1.61 -25.53 -8.84
CA ASP A 737 2.03 -26.83 -9.31
C ASP A 737 2.36 -27.76 -8.16
N LYS A 738 2.90 -27.22 -7.06
CA LYS A 738 3.13 -28.04 -5.87
C LYS A 738 1.82 -28.57 -5.30
N ASN A 739 0.77 -27.74 -5.31
CA ASN A 739 -0.55 -28.18 -4.85
C ASN A 739 -1.11 -29.30 -5.73
N THR A 740 -0.99 -29.14 -7.05
CA THR A 740 -1.48 -30.18 -7.95
C THR A 740 -0.71 -31.48 -7.77
N GLN A 741 0.62 -31.39 -7.61
CA GLN A 741 1.43 -32.59 -7.40
C GLN A 741 1.11 -33.26 -6.06
N GLU A 742 0.84 -32.47 -5.02
CA GLU A 742 0.50 -33.04 -3.73
C GLU A 742 -0.87 -33.70 -3.73
N VAL A 743 -1.81 -33.16 -4.50
CA VAL A 743 -3.14 -33.77 -4.54
C VAL A 743 -3.15 -35.03 -5.39
N PHE A 744 -2.59 -34.96 -6.61
CA PHE A 744 -2.85 -36.03 -7.58
C PHE A 744 -1.72 -37.05 -7.70
N ALA A 745 -0.49 -36.71 -7.33
CA ALA A 745 0.66 -37.60 -7.54
C ALA A 745 1.09 -38.29 -6.26
N GLN A 746 0.14 -38.72 -5.43
CA GLN A 746 0.49 -39.40 -4.18
C GLN A 746 1.12 -40.76 -4.43
N VAL A 747 0.63 -41.50 -5.41
CA VAL A 747 1.17 -42.81 -5.76
C VAL A 747 1.88 -42.69 -7.11
N LYS A 748 3.08 -43.25 -7.19
CA LYS A 748 3.90 -43.17 -8.39
C LYS A 748 3.84 -44.45 -9.23
N GLN A 749 2.91 -45.34 -8.94
CA GLN A 749 2.71 -46.55 -9.73
C GLN A 749 1.46 -46.34 -10.59
N ILE A 750 1.66 -46.17 -11.90
CA ILE A 750 0.55 -45.95 -12.82
C ILE A 750 -0.05 -47.29 -13.19
N TYR A 751 -1.07 -47.71 -12.45
CA TYR A 751 -1.72 -48.98 -12.72
C TYR A 751 -2.57 -48.90 -13.99
N LYS A 752 -2.49 -49.93 -14.81
CA LYS A 752 -3.22 -49.95 -16.07
C LYS A 752 -4.71 -50.10 -15.82
N THR A 753 -5.49 -49.45 -16.68
CA THR A 753 -6.94 -49.57 -16.61
C THR A 753 -7.36 -50.97 -17.02
N PRO A 754 -8.15 -51.68 -16.20
CA PRO A 754 -8.56 -53.04 -16.56
C PRO A 754 -9.46 -53.06 -17.79
N ASP A 755 -9.34 -54.16 -18.55
CA ASP A 755 -10.13 -54.31 -19.76
C ASP A 755 -11.61 -54.49 -19.43
N ILE A 756 -11.91 -55.30 -18.42
CA ILE A 756 -13.28 -55.52 -17.95
C ILE A 756 -13.53 -54.57 -16.80
N LYS A 757 -14.46 -53.64 -16.97
CA LYS A 757 -14.74 -52.65 -15.95
C LYS A 757 -15.69 -53.16 -14.87
N ASP A 758 -16.38 -54.27 -15.11
CA ASP A 758 -17.32 -54.82 -14.14
C ASP A 758 -16.57 -55.68 -13.14
N PHE A 759 -16.67 -55.32 -11.86
CA PHE A 759 -16.00 -56.03 -10.78
C PHE A 759 -17.07 -56.57 -9.83
N GLY A 760 -17.56 -57.78 -10.13
CA GLY A 760 -18.57 -58.41 -9.29
C GLY A 760 -19.91 -57.70 -9.28
N GLY A 761 -20.33 -57.17 -10.43
CA GLY A 761 -21.57 -56.45 -10.54
C GLY A 761 -21.45 -54.95 -10.41
N PHE A 762 -20.31 -54.45 -9.92
CA PHE A 762 -20.08 -53.02 -9.80
C PHE A 762 -19.51 -52.52 -11.13
N ASN A 763 -20.23 -51.58 -11.75
CA ASN A 763 -20.01 -51.31 -13.18
C ASN A 763 -18.70 -50.57 -13.44
N PHE A 764 -18.40 -49.52 -12.67
CA PHE A 764 -17.15 -48.77 -12.69
C PHE A 764 -16.81 -48.15 -14.05
N SER A 765 -17.72 -48.15 -15.01
CA SER A 765 -17.37 -47.74 -16.37
C SER A 765 -17.43 -46.23 -16.57
N GLN A 766 -18.28 -45.53 -15.81
CA GLN A 766 -18.42 -44.10 -15.98
C GLN A 766 -17.35 -43.31 -15.25
N ILE A 767 -16.59 -43.94 -14.36
CA ILE A 767 -15.49 -43.26 -13.67
C ILE A 767 -14.12 -43.66 -14.20
N LEU A 768 -14.06 -44.62 -15.12
CA LEU A 768 -12.84 -45.06 -15.77
C LEU A 768 -12.84 -44.62 -17.23
N PRO A 769 -11.67 -44.41 -17.84
CA PRO A 769 -11.63 -44.00 -19.24
C PRO A 769 -12.17 -45.08 -20.18
N ASP A 770 -12.80 -44.61 -21.26
CA ASP A 770 -13.38 -45.51 -22.25
C ASP A 770 -12.37 -45.76 -23.36
N PRO A 771 -11.97 -47.01 -23.61
CA PRO A 771 -11.02 -47.29 -24.70
C PRO A 771 -11.58 -47.00 -26.09
N SER A 772 -12.90 -46.95 -26.25
CA SER A 772 -13.51 -46.72 -27.55
C SER A 772 -13.75 -45.24 -27.84
N LYS A 773 -13.33 -44.35 -26.95
CA LYS A 773 -13.51 -42.92 -27.13
C LYS A 773 -12.18 -42.23 -27.34
N PRO A 774 -12.12 -41.17 -28.15
CA PRO A 774 -10.83 -40.48 -28.37
C PRO A 774 -10.33 -39.74 -27.15
N SER A 775 -11.20 -39.34 -26.24
CA SER A 775 -10.77 -38.67 -25.02
C SER A 775 -10.26 -39.68 -24.01
N LYS A 776 -9.17 -39.34 -23.34
CA LYS A 776 -8.58 -40.21 -22.33
C LYS A 776 -9.22 -40.04 -20.96
N ARG A 777 -10.18 -39.15 -20.83
CA ARG A 777 -10.90 -38.96 -19.57
C ARG A 777 -12.10 -39.89 -19.50
N SER A 778 -12.73 -39.92 -18.33
CA SER A 778 -13.93 -40.71 -18.12
C SER A 778 -15.16 -39.91 -18.55
N PHE A 779 -16.33 -40.52 -18.45
CA PHE A 779 -17.57 -39.84 -18.77
C PHE A 779 -17.88 -38.74 -17.75
N ILE A 780 -17.67 -39.03 -16.47
CA ILE A 780 -17.89 -38.05 -15.42
C ILE A 780 -16.90 -36.89 -15.56
N GLU A 781 -15.65 -37.20 -15.87
CA GLU A 781 -14.65 -36.14 -16.06
C GLU A 781 -14.96 -35.29 -17.27
N ASP A 782 -15.47 -35.91 -18.34
CA ASP A 782 -15.88 -35.14 -19.52
C ASP A 782 -17.07 -34.25 -19.21
N LEU A 783 -17.99 -34.72 -18.36
CA LEU A 783 -19.10 -33.88 -17.92
C LEU A 783 -18.60 -32.72 -17.07
N LEU A 784 -17.62 -32.98 -16.19
CA LEU A 784 -17.11 -31.95 -15.30
C LEU A 784 -16.34 -30.87 -16.06
N PHE A 785 -15.57 -31.27 -17.07
CA PHE A 785 -14.76 -30.31 -17.81
C PHE A 785 -15.60 -29.42 -18.71
N ASN A 786 -16.84 -29.81 -19.02
CA ASN A 786 -17.75 -28.96 -19.76
C ASN A 786 -18.61 -28.07 -18.87
N LYS A 787 -18.54 -28.26 -17.55
CA LYS A 787 -19.35 -27.45 -16.64
C LYS A 787 -18.67 -26.13 -16.31
N VAL A 788 -17.35 -26.13 -16.16
CA VAL A 788 -16.61 -24.89 -15.93
C VAL A 788 -16.42 -24.20 -17.26
N THR A 789 -16.88 -22.94 -17.34
CA THR A 789 -16.90 -22.23 -18.63
C THR A 789 -15.50 -21.90 -19.11
N LEU A 790 -14.63 -21.46 -18.20
CA LEU A 790 -13.26 -21.03 -18.48
C LEU A 790 -13.27 -19.91 -19.54
N ALA A 791 -13.87 -18.78 -19.12
CA ALA A 791 -13.94 -17.61 -20.00
C ALA A 791 -12.57 -16.96 -20.15
N ASP A 792 -11.71 -17.09 -19.13
CA ASP A 792 -10.35 -16.55 -19.19
C ASP A 792 -9.45 -17.54 -19.92
N ALA A 793 -9.58 -17.53 -21.26
CA ALA A 793 -8.82 -18.45 -22.14
C ALA A 793 -7.58 -17.74 -22.70
N GLY A 794 -6.59 -17.48 -21.83
CA GLY A 794 -5.31 -16.86 -22.23
C GLY A 794 -4.66 -17.61 -23.39
N PHE A 795 -4.47 -18.93 -23.23
CA PHE A 795 -3.66 -19.72 -24.18
C PHE A 795 -4.30 -19.65 -25.55
N VAL A 796 -5.63 -19.72 -25.60
CA VAL A 796 -6.33 -19.66 -26.92
C VAL A 796 -5.76 -18.46 -27.70
N LYS A 797 -5.24 -17.46 -26.99
CA LYS A 797 -4.59 -16.30 -27.58
C LYS A 797 -3.12 -16.60 -27.85
N GLN A 798 -2.68 -16.35 -29.08
CA GLN A 798 -1.29 -16.54 -29.47
C GLN A 798 -0.78 -15.30 -30.17
N TYR A 799 0.44 -15.35 -30.69
CA TYR A 799 0.95 -14.26 -31.52
C TYR A 799 0.22 -14.25 -32.85
N GLY A 800 -0.24 -13.07 -33.27
CA GLY A 800 -1.00 -12.91 -34.49
C GLY A 800 -2.50 -12.85 -34.28
N ASP A 801 -3.00 -13.25 -33.13
CA ASP A 801 -4.42 -13.10 -32.82
C ASP A 801 -4.75 -11.73 -32.25
N CYS A 802 -3.82 -11.11 -31.53
CA CYS A 802 -4.02 -9.76 -31.02
C CYS A 802 -3.68 -8.69 -32.05
N LEU A 803 -3.07 -9.05 -33.16
CA LEU A 803 -2.70 -8.12 -34.22
C LEU A 803 -3.49 -8.45 -35.47
N GLY A 804 -3.94 -7.40 -36.17
CA GLY A 804 -4.72 -7.59 -37.37
C GLY A 804 -6.18 -7.91 -37.14
N ASP A 805 -6.68 -7.74 -35.93
CA ASP A 805 -8.08 -7.99 -35.65
C ASP A 805 -8.96 -6.92 -36.30
N ILE A 806 -10.15 -7.32 -36.72
CA ILE A 806 -11.10 -6.38 -37.34
C ILE A 806 -11.86 -5.75 -36.20
N GLN A 807 -11.25 -4.71 -35.60
CA GLN A 807 -11.68 -4.08 -34.35
C GLN A 807 -11.92 -5.12 -33.27
N ALA A 808 -12.93 -4.88 -32.41
CA ALA A 808 -13.38 -5.81 -31.37
C ALA A 808 -12.23 -6.19 -30.43
N ARG A 809 -11.74 -5.18 -29.72
CA ARG A 809 -10.61 -5.36 -28.82
C ARG A 809 -10.99 -6.27 -27.65
N ASP A 810 -10.13 -7.25 -27.38
CA ASP A 810 -10.38 -8.23 -26.34
C ASP A 810 -9.66 -7.84 -25.05
N LEU A 811 -10.18 -8.35 -23.93
CA LEU A 811 -9.55 -8.09 -22.64
C LEU A 811 -8.25 -8.86 -22.47
N ILE A 812 -8.16 -10.04 -23.07
CA ILE A 812 -6.92 -10.83 -22.99
C ILE A 812 -5.81 -10.15 -23.78
N CYS A 813 -6.15 -9.53 -24.92
CA CYS A 813 -5.16 -8.79 -25.67
C CYS A 813 -4.68 -7.55 -24.91
N ALA A 814 -5.60 -6.91 -24.18
CA ALA A 814 -5.21 -5.79 -23.32
C ALA A 814 -4.34 -6.25 -22.16
N GLN A 815 -4.59 -7.45 -21.63
CA GLN A 815 -3.72 -8.02 -20.61
C GLN A 815 -2.32 -8.29 -21.15
N LYS A 816 -2.25 -8.86 -22.35
CA LYS A 816 -0.95 -9.20 -22.93
C LYS A 816 -0.17 -7.96 -23.34
N PHE A 817 -0.86 -6.92 -23.80
CA PHE A 817 -0.21 -5.69 -24.23
C PHE A 817 0.28 -4.84 -23.06
N ASN A 818 -0.11 -5.17 -21.83
CA ASN A 818 0.31 -4.42 -20.65
C ASN A 818 1.16 -5.27 -19.71
N GLY A 819 1.79 -6.33 -20.22
CA GLY A 819 2.74 -7.09 -19.44
C GLY A 819 2.14 -8.11 -18.50
N LEU A 820 0.87 -8.45 -18.65
CA LEU A 820 0.22 -9.45 -17.81
C LEU A 820 0.02 -10.72 -18.62
N THR A 821 0.66 -11.81 -18.19
CA THR A 821 0.60 -13.07 -18.90
C THR A 821 0.18 -14.18 -17.94
N VAL A 822 -0.33 -15.26 -18.51
CA VAL A 822 -0.77 -16.42 -17.75
C VAL A 822 0.10 -17.61 -18.16
N LEU A 823 0.79 -18.20 -17.19
CA LEU A 823 1.64 -19.35 -17.42
C LEU A 823 0.82 -20.65 -17.38
N PRO A 824 1.11 -21.60 -18.25
CA PRO A 824 0.35 -22.85 -18.24
C PRO A 824 0.76 -23.72 -17.06
N PRO A 825 -0.15 -24.56 -16.57
CA PRO A 825 0.23 -25.49 -15.49
C PRO A 825 1.19 -26.55 -15.98
N LEU A 826 2.00 -27.06 -15.05
CA LEU A 826 2.98 -28.08 -15.39
C LEU A 826 2.32 -29.39 -15.80
N LEU A 827 1.30 -29.81 -15.08
CA LEU A 827 0.55 -31.02 -15.41
C LEU A 827 -0.64 -30.64 -16.28
N THR A 828 -0.75 -31.25 -17.46
CA THR A 828 -1.91 -31.04 -18.30
C THR A 828 -3.09 -31.82 -17.76
N ASP A 829 -4.27 -31.60 -18.37
CA ASP A 829 -5.47 -32.29 -17.94
C ASP A 829 -5.40 -33.78 -18.23
N GLU A 830 -4.70 -34.16 -19.30
CA GLU A 830 -4.55 -35.57 -19.63
C GLU A 830 -3.76 -36.32 -18.57
N MET A 831 -2.71 -35.69 -18.03
CA MET A 831 -1.88 -36.38 -17.05
C MET A 831 -2.58 -36.46 -15.70
N ILE A 832 -3.35 -35.44 -15.34
CA ILE A 832 -4.17 -35.50 -14.13
C ILE A 832 -5.25 -36.57 -14.28
N ALA A 833 -5.84 -36.68 -15.47
CA ALA A 833 -6.81 -37.74 -15.73
C ALA A 833 -6.16 -39.12 -15.65
N ALA A 834 -4.92 -39.23 -16.12
CA ALA A 834 -4.19 -40.50 -16.02
C ALA A 834 -3.90 -40.86 -14.56
N TYR A 835 -3.54 -39.87 -13.74
CA TYR A 835 -3.35 -40.11 -12.31
C TYR A 835 -4.64 -40.57 -11.66
N THR A 836 -5.76 -39.93 -12.01
CA THR A 836 -7.06 -40.32 -11.45
C THR A 836 -7.45 -41.73 -11.88
N ALA A 837 -7.21 -42.07 -13.15
CA ALA A 837 -7.51 -43.41 -13.65
C ALA A 837 -6.63 -44.46 -12.98
N ALA A 838 -5.36 -44.14 -12.75
CA ALA A 838 -4.47 -45.07 -12.04
C ALA A 838 -4.92 -45.28 -10.61
N LEU A 839 -5.36 -44.21 -9.94
CA LEU A 839 -5.86 -44.34 -8.57
C LEU A 839 -7.12 -45.22 -8.53
N ILE A 840 -8.04 -45.01 -9.47
CA ILE A 840 -9.28 -45.78 -9.47
C ILE A 840 -9.01 -47.24 -9.83
N SER A 841 -8.09 -47.49 -10.77
CA SER A 841 -7.74 -48.86 -11.12
C SER A 841 -7.05 -49.57 -9.96
N GLY A 842 -6.17 -48.89 -9.26
CA GLY A 842 -5.54 -49.47 -8.08
C GLY A 842 -6.54 -49.77 -6.98
N THR A 843 -7.52 -48.88 -6.78
CA THR A 843 -8.56 -49.12 -5.79
C THR A 843 -9.44 -50.30 -6.20
N ALA A 844 -9.73 -50.44 -7.48
CA ALA A 844 -10.61 -51.52 -7.94
C ALA A 844 -9.91 -52.87 -7.89
N THR A 845 -8.61 -52.90 -8.18
CA THR A 845 -7.91 -54.18 -8.26
C THR A 845 -7.24 -54.59 -6.96
N ALA A 846 -6.78 -53.64 -6.15
CA ALA A 846 -6.05 -53.97 -4.92
C ALA A 846 -6.66 -53.36 -3.67
N GLY A 847 -7.54 -52.39 -3.80
CA GLY A 847 -8.23 -51.86 -2.63
C GLY A 847 -7.36 -50.88 -1.86
N TRP A 848 -7.23 -51.13 -0.56
CA TRP A 848 -6.53 -50.26 0.37
C TRP A 848 -5.04 -50.58 0.47
N THR A 849 -4.59 -51.65 -0.17
CA THR A 849 -3.24 -52.16 0.07
C THR A 849 -2.16 -51.34 -0.63
N PHE A 850 -2.45 -50.82 -1.83
CA PHE A 850 -1.41 -50.14 -2.60
C PHE A 850 -1.07 -48.76 -2.05
N GLY A 851 -1.90 -48.21 -1.15
CA GLY A 851 -1.55 -46.96 -0.50
C GLY A 851 -0.52 -47.08 0.59
N ALA A 852 -0.28 -48.30 1.08
CA ALA A 852 0.71 -48.55 2.12
C ALA A 852 2.01 -49.11 1.53
N GLY A 853 1.92 -50.22 0.80
CA GLY A 853 3.09 -50.81 0.17
C GLY A 853 2.81 -51.27 -1.24
N ALA A 854 3.16 -52.52 -1.53
CA ALA A 854 2.88 -53.08 -2.85
C ALA A 854 1.40 -53.40 -3.00
N ALA A 855 0.94 -53.38 -4.24
CA ALA A 855 -0.48 -53.63 -4.54
C ALA A 855 -0.75 -55.12 -4.42
N LEU A 856 -1.59 -55.49 -3.46
CA LEU A 856 -2.01 -56.87 -3.26
C LEU A 856 -3.40 -57.04 -3.84
N GLN A 857 -3.52 -57.89 -4.86
CA GLN A 857 -4.80 -58.07 -5.52
C GLN A 857 -5.79 -58.81 -4.63
N ILE A 858 -7.07 -58.55 -4.86
CA ILE A 858 -8.15 -59.11 -4.06
C ILE A 858 -9.42 -59.01 -4.90
N PRO A 859 -10.31 -60.00 -4.86
CA PRO A 859 -11.62 -59.85 -5.52
C PRO A 859 -12.40 -58.71 -4.90
N PHE A 860 -13.16 -58.00 -5.75
CA PHE A 860 -13.81 -56.77 -5.31
C PHE A 860 -14.93 -57.04 -4.33
N ALA A 861 -15.59 -58.20 -4.44
CA ALA A 861 -16.61 -58.57 -3.45
C ALA A 861 -16.00 -58.75 -2.07
N MET A 862 -14.81 -59.36 -2.00
CA MET A 862 -14.14 -59.53 -0.71
C MET A 862 -13.67 -58.20 -0.15
N GLN A 863 -13.23 -57.29 -1.03
CA GLN A 863 -12.87 -55.94 -0.59
C GLN A 863 -14.07 -55.18 -0.03
N MET A 864 -15.21 -55.30 -0.71
CA MET A 864 -16.45 -54.69 -0.21
C MET A 864 -16.89 -55.32 1.11
N ALA A 865 -16.67 -56.62 1.27
CA ALA A 865 -16.96 -57.29 2.54
C ALA A 865 -16.06 -56.76 3.65
N TYR A 866 -14.78 -56.53 3.35
CA TYR A 866 -13.88 -55.95 4.35
C TYR A 866 -14.29 -54.54 4.71
N ARG A 867 -14.73 -53.75 3.74
CA ARG A 867 -15.18 -52.39 4.03
C ARG A 867 -16.47 -52.40 4.85
N PHE A 868 -17.36 -53.35 4.57
CA PHE A 868 -18.56 -53.51 5.38
C PHE A 868 -18.21 -53.89 6.81
N ASN A 869 -17.21 -54.77 6.98
CA ASN A 869 -16.72 -55.08 8.32
C ASN A 869 -16.08 -53.87 8.98
N GLY A 870 -15.48 -52.99 8.18
CA GLY A 870 -14.92 -51.76 8.71
C GLY A 870 -15.98 -50.81 9.26
N ILE A 871 -17.10 -50.68 8.54
CA ILE A 871 -18.15 -49.78 9.03
C ILE A 871 -18.98 -50.38 10.15
N GLY A 872 -18.81 -51.67 10.45
CA GLY A 872 -19.52 -52.30 11.55
C GLY A 872 -20.60 -53.29 11.18
N VAL A 873 -20.67 -53.72 9.92
CA VAL A 873 -21.66 -54.68 9.46
C VAL A 873 -20.94 -55.97 9.08
N THR A 874 -21.47 -57.11 9.51
CA THR A 874 -20.85 -58.38 9.19
C THR A 874 -20.93 -58.66 7.70
N GLN A 875 -19.93 -59.40 7.19
CA GLN A 875 -19.75 -59.57 5.75
C GLN A 875 -20.84 -60.41 5.11
N ASN A 876 -21.59 -61.19 5.90
CA ASN A 876 -22.70 -61.96 5.36
C ASN A 876 -23.79 -61.05 4.78
N VAL A 877 -23.95 -59.85 5.35
CA VAL A 877 -24.89 -58.88 4.80
C VAL A 877 -24.47 -58.45 3.41
N LEU A 878 -23.17 -58.22 3.21
CA LEU A 878 -22.66 -57.88 1.88
C LEU A 878 -22.82 -59.04 0.91
N TYR A 879 -22.51 -60.26 1.36
CA TYR A 879 -22.51 -61.39 0.44
C TYR A 879 -23.92 -61.83 0.06
N GLU A 880 -24.87 -61.75 1.00
CA GLU A 880 -26.24 -62.12 0.72
C GLU A 880 -26.99 -61.09 -0.10
N ASN A 881 -26.49 -59.85 -0.17
CA ASN A 881 -27.16 -58.79 -0.91
C ASN A 881 -26.21 -58.14 -1.91
N GLN A 882 -25.31 -58.93 -2.51
CA GLN A 882 -24.30 -58.40 -3.41
C GLN A 882 -24.94 -57.79 -4.67
N LYS A 883 -25.94 -58.47 -5.22
CA LYS A 883 -26.61 -57.96 -6.42
C LYS A 883 -27.35 -56.65 -6.13
N LEU A 884 -28.04 -56.59 -4.98
CA LEU A 884 -28.76 -55.39 -4.61
C LEU A 884 -27.81 -54.23 -4.33
N ILE A 885 -26.69 -54.50 -3.66
CA ILE A 885 -25.71 -53.46 -3.37
C ILE A 885 -25.06 -52.94 -4.65
N ALA A 886 -24.74 -53.85 -5.58
CA ALA A 886 -24.19 -53.43 -6.87
C ALA A 886 -25.19 -52.61 -7.67
N ASN A 887 -26.47 -53.01 -7.64
CA ASN A 887 -27.50 -52.24 -8.34
C ASN A 887 -27.67 -50.85 -7.74
N GLN A 888 -27.62 -50.75 -6.41
CA GLN A 888 -27.72 -49.45 -5.75
C GLN A 888 -26.51 -48.57 -6.09
N PHE A 889 -25.32 -49.17 -6.15
CA PHE A 889 -24.12 -48.41 -6.52
C PHE A 889 -24.22 -47.88 -7.94
N ASN A 890 -24.67 -48.73 -8.87
CA ASN A 890 -24.81 -48.30 -10.26
C ASN A 890 -25.89 -47.23 -10.42
N SER A 891 -26.99 -47.37 -9.68
CA SER A 891 -28.05 -46.37 -9.73
C SER A 891 -27.58 -45.04 -9.15
N ALA A 892 -26.76 -45.09 -8.10
CA ALA A 892 -26.22 -43.85 -7.52
C ALA A 892 -25.24 -43.19 -8.47
N ILE A 893 -24.44 -43.98 -9.19
CA ILE A 893 -23.55 -43.41 -10.21
C ILE A 893 -24.36 -42.76 -11.34
N GLY A 894 -25.44 -43.41 -11.76
CA GLY A 894 -26.32 -42.81 -12.75
C GLY A 894 -26.98 -41.53 -12.27
N LYS A 895 -27.34 -41.49 -10.98
CA LYS A 895 -27.90 -40.27 -10.41
C LYS A 895 -26.86 -39.15 -10.35
N ILE A 896 -25.60 -39.50 -10.08
CA ILE A 896 -24.53 -38.52 -10.16
C ILE A 896 -24.38 -37.99 -11.59
N GLN A 897 -24.52 -38.86 -12.58
CA GLN A 897 -24.50 -38.45 -13.98
C GLN A 897 -25.61 -37.45 -14.28
N GLU A 898 -26.84 -37.77 -13.88
CA GLU A 898 -27.97 -36.89 -14.14
C GLU A 898 -27.86 -35.57 -13.37
N SER A 899 -27.26 -35.60 -12.18
CA SER A 899 -27.04 -34.35 -11.44
C SER A 899 -25.99 -33.48 -12.13
N LEU A 900 -24.95 -34.10 -12.69
CA LEU A 900 -23.90 -33.35 -13.37
C LEU A 900 -24.28 -32.93 -14.78
N THR A 901 -25.31 -33.54 -15.37
CA THR A 901 -25.69 -33.20 -16.74
C THR A 901 -26.78 -32.13 -16.81
N SER A 902 -27.67 -32.08 -15.82
CA SER A 902 -28.81 -31.17 -15.85
C SER A 902 -28.68 -30.01 -14.87
N THR A 903 -28.36 -30.30 -13.61
CA THR A 903 -28.33 -29.27 -12.58
C THR A 903 -27.09 -28.39 -12.75
N ALA A 904 -27.32 -27.10 -12.98
CA ALA A 904 -26.23 -26.16 -13.15
C ALA A 904 -25.70 -25.72 -11.78
N SER A 905 -24.58 -24.98 -11.82
CA SER A 905 -23.90 -24.43 -10.64
C SER A 905 -23.45 -25.51 -9.67
N ALA A 906 -23.17 -26.71 -10.19
CA ALA A 906 -22.63 -27.77 -9.34
C ALA A 906 -21.17 -27.52 -9.01
N LEU A 907 -20.40 -27.07 -9.99
CA LEU A 907 -18.99 -26.73 -9.78
C LEU A 907 -18.84 -25.24 -9.47
N GLY A 908 -19.48 -24.84 -8.37
CA GLY A 908 -19.50 -23.43 -8.01
C GLY A 908 -18.14 -22.89 -7.59
N LYS A 909 -17.37 -23.69 -6.83
CA LYS A 909 -16.13 -23.20 -6.25
C LYS A 909 -15.06 -22.98 -7.31
N LEU A 910 -14.92 -23.91 -8.26
CA LEU A 910 -13.96 -23.74 -9.34
C LEU A 910 -14.31 -22.57 -10.24
N GLN A 911 -15.60 -22.41 -10.51
CA GLN A 911 -16.06 -21.26 -11.30
C GLN A 911 -15.79 -19.95 -10.57
N ASP A 912 -15.98 -19.93 -9.25
CA ASP A 912 -15.66 -18.74 -8.48
C ASP A 912 -14.16 -18.43 -8.51
N VAL A 913 -13.32 -19.47 -8.46
CA VAL A 913 -11.87 -19.27 -8.53
C VAL A 913 -11.49 -18.65 -9.88
N VAL A 914 -12.03 -19.21 -10.97
CA VAL A 914 -11.75 -18.70 -12.31
C VAL A 914 -12.24 -17.27 -12.47
N ASN A 915 -13.47 -16.99 -11.99
CA ASN A 915 -14.04 -15.66 -12.10
C ASN A 915 -13.25 -14.64 -11.28
N GLN A 916 -12.80 -15.02 -10.08
CA GLN A 916 -12.01 -14.12 -9.25
C GLN A 916 -10.68 -13.79 -9.89
N ASN A 917 -10.00 -14.78 -10.48
CA ASN A 917 -8.72 -14.51 -11.14
C ASN A 917 -8.92 -13.62 -12.36
N ALA A 918 -9.92 -13.91 -13.19
CA ALA A 918 -10.18 -13.09 -14.37
C ALA A 918 -10.59 -11.67 -13.99
N GLN A 919 -11.40 -11.52 -12.94
CA GLN A 919 -11.83 -10.21 -12.48
C GLN A 919 -10.66 -9.40 -11.93
N ALA A 920 -9.75 -10.05 -11.20
CA ALA A 920 -8.57 -9.36 -10.69
C ALA A 920 -7.67 -8.88 -11.83
N LEU A 921 -7.47 -9.72 -12.85
CA LEU A 921 -6.66 -9.30 -13.99
C LEU A 921 -7.32 -8.17 -14.77
N ASN A 922 -8.65 -8.23 -14.96
CA ASN A 922 -9.35 -7.18 -15.67
C ASN A 922 -9.34 -5.87 -14.90
N THR A 923 -9.45 -5.94 -13.56
CA THR A 923 -9.34 -4.74 -12.74
C THR A 923 -7.95 -4.14 -12.83
N LEU A 924 -6.91 -4.99 -12.82
CA LEU A 924 -5.55 -4.50 -12.97
C LEU A 924 -5.33 -3.83 -14.32
N VAL A 925 -5.96 -4.34 -15.37
CA VAL A 925 -5.87 -3.71 -16.68
C VAL A 925 -6.60 -2.37 -16.68
N LYS A 926 -7.82 -2.34 -16.13
CA LYS A 926 -8.62 -1.12 -16.15
C LYS A 926 -8.08 -0.03 -15.24
N GLN A 927 -7.22 -0.40 -14.27
CA GLN A 927 -6.60 0.60 -13.40
C GLN A 927 -5.58 1.48 -14.11
N LEU A 928 -5.18 1.14 -15.33
CA LEU A 928 -4.20 1.92 -16.06
C LEU A 928 -4.77 3.22 -16.64
N SER A 929 -6.09 3.39 -16.62
CA SER A 929 -6.73 4.59 -17.14
C SER A 929 -6.99 5.63 -16.07
N SER A 930 -6.34 5.53 -14.91
CA SER A 930 -6.51 6.47 -13.82
C SER A 930 -5.37 7.48 -13.81
N ASN A 931 -5.70 8.74 -13.53
CA ASN A 931 -4.69 9.79 -13.52
C ASN A 931 -3.82 9.76 -12.27
N PHE A 932 -4.38 9.32 -11.14
CA PHE A 932 -3.71 9.31 -9.83
C PHE A 932 -3.21 10.70 -9.45
N GLY A 933 -3.99 11.72 -9.79
CA GLY A 933 -3.61 13.09 -9.51
C GLY A 933 -2.74 13.77 -10.54
N ALA A 934 -2.47 13.11 -11.66
CA ALA A 934 -1.69 13.72 -12.73
C ALA A 934 -2.63 14.36 -13.76
N ILE A 935 -2.02 15.08 -14.71
CA ILE A 935 -2.81 15.78 -15.72
C ILE A 935 -3.44 14.81 -16.72
N SER A 936 -2.88 13.63 -16.89
CA SER A 936 -3.44 12.65 -17.82
C SER A 936 -3.03 11.26 -17.37
N SER A 937 -3.82 10.28 -17.79
CA SER A 937 -3.49 8.87 -17.57
C SER A 937 -2.61 8.31 -18.67
N VAL A 938 -2.35 9.08 -19.72
CA VAL A 938 -1.50 8.64 -20.82
C VAL A 938 -0.10 9.20 -20.61
N LEU A 939 0.89 8.32 -20.61
CA LEU A 939 2.28 8.74 -20.44
C LEU A 939 2.77 9.55 -21.64
N ASN A 940 2.31 9.22 -22.83
CA ASN A 940 2.78 9.89 -24.05
C ASN A 940 2.32 11.34 -24.09
N ASP A 941 1.10 11.62 -23.62
CA ASP A 941 0.61 12.99 -23.58
C ASP A 941 1.44 13.84 -22.61
N ILE A 942 1.77 13.29 -21.45
CA ILE A 942 2.59 14.00 -20.48
C ILE A 942 3.98 14.26 -21.02
N ILE A 943 4.57 13.26 -21.69
CA ILE A 943 5.92 13.42 -22.21
C ILE A 943 5.94 14.41 -23.36
N SER A 944 4.96 14.34 -24.28
CA SER A 944 4.93 15.18 -25.46
C SER A 944 4.47 16.61 -25.17
N ARG A 945 3.73 16.84 -24.10
CA ARG A 945 3.21 18.18 -23.82
C ARG A 945 4.10 18.99 -22.88
N LEU A 946 4.94 18.34 -22.09
CA LEU A 946 5.73 19.03 -21.07
C LEU A 946 7.21 18.73 -21.27
N ASP A 947 8.04 19.64 -20.76
CA ASP A 947 9.48 19.43 -20.73
C ASP A 947 9.82 18.45 -19.61
N LYS A 948 11.11 18.20 -19.42
CA LYS A 948 11.55 17.11 -18.54
C LYS A 948 11.16 17.36 -17.09
N VAL A 949 11.48 18.55 -16.57
CA VAL A 949 11.29 18.86 -15.15
C VAL A 949 9.81 18.83 -14.77
N GLU A 950 8.96 19.41 -15.61
CA GLU A 950 7.53 19.38 -15.34
C GLU A 950 6.93 17.99 -15.52
N ALA A 951 7.50 17.18 -16.42
CA ALA A 951 6.98 15.85 -16.64
C ALA A 951 7.38 14.85 -15.56
N GLU A 952 8.50 15.07 -14.86
CA GLU A 952 8.90 14.12 -13.82
C GLU A 952 7.88 14.03 -12.68
N VAL A 953 7.22 15.14 -12.36
CA VAL A 953 6.23 15.13 -11.29
C VAL A 953 5.04 14.26 -11.66
N GLN A 954 4.50 14.47 -12.87
CA GLN A 954 3.34 13.70 -13.31
C GLN A 954 3.68 12.24 -13.53
N ILE A 955 4.87 11.96 -14.08
CA ILE A 955 5.29 10.58 -14.29
C ILE A 955 5.51 9.88 -12.95
N ASP A 956 6.03 10.61 -11.95
CA ASP A 956 6.18 10.03 -10.62
C ASP A 956 4.84 9.73 -9.98
N ARG A 957 3.85 10.61 -10.18
CA ARG A 957 2.50 10.34 -9.69
C ARG A 957 1.91 9.08 -10.34
N LEU A 958 2.06 8.96 -11.66
CA LEU A 958 1.55 7.77 -12.35
C LEU A 958 2.28 6.51 -11.93
N ILE A 959 3.60 6.61 -11.72
CA ILE A 959 4.39 5.47 -11.28
C ILE A 959 3.96 5.02 -9.89
N THR A 960 3.73 5.97 -8.99
CA THR A 960 3.27 5.64 -7.64
C THR A 960 1.90 4.98 -7.68
N GLY A 961 0.98 5.51 -8.49
CA GLY A 961 -0.35 4.90 -8.59
C GLY A 961 -0.33 3.50 -9.16
N ARG A 962 0.45 3.30 -10.23
CA ARG A 962 0.51 1.98 -10.85
C ARG A 962 1.24 0.97 -9.98
N LEU A 963 2.27 1.42 -9.26
CA LEU A 963 2.95 0.54 -8.30
C LEU A 963 2.02 0.15 -7.16
N GLN A 964 1.18 1.08 -6.70
CA GLN A 964 0.18 0.75 -5.68
C GLN A 964 -0.82 -0.26 -6.21
N SER A 965 -1.25 -0.11 -7.47
CA SER A 965 -2.17 -1.07 -8.06
C SER A 965 -1.55 -2.46 -8.16
N LEU A 966 -0.29 -2.53 -8.58
CA LEU A 966 0.40 -3.82 -8.68
C LEU A 966 0.59 -4.46 -7.30
N GLN A 967 0.94 -3.65 -6.30
CA GLN A 967 1.11 -4.18 -4.95
C GLN A 967 -0.21 -4.70 -4.38
N THR A 968 -1.31 -3.99 -4.65
CA THR A 968 -2.62 -4.45 -4.22
C THR A 968 -2.98 -5.78 -4.88
N TYR A 969 -2.74 -5.90 -6.19
CA TYR A 969 -3.02 -7.15 -6.90
C TYR A 969 -2.19 -8.30 -6.35
N VAL A 970 -0.91 -8.05 -6.06
CA VAL A 970 -0.04 -9.11 -5.55
C VAL A 970 -0.47 -9.53 -4.14
N THR A 971 -0.91 -8.56 -3.31
CA THR A 971 -1.37 -8.90 -1.97
C THR A 971 -2.64 -9.75 -2.01
N GLN A 972 -3.62 -9.37 -2.84
CA GLN A 972 -4.83 -10.18 -2.96
C GLN A 972 -4.52 -11.56 -3.53
N GLN A 973 -3.57 -11.63 -4.48
CA GLN A 973 -3.20 -12.92 -5.05
C GLN A 973 -2.52 -13.81 -4.01
N LEU A 974 -1.71 -13.22 -3.13
CA LEU A 974 -1.07 -14.01 -2.07
C LEU A 974 -2.11 -14.54 -1.08
N ILE A 975 -3.10 -13.72 -0.71
CA ILE A 975 -4.13 -14.20 0.21
C ILE A 975 -4.97 -15.31 -0.43
N ARG A 976 -5.32 -15.14 -1.71
CA ARG A 976 -6.07 -16.17 -2.43
C ARG A 976 -5.23 -17.43 -2.59
N ALA A 977 -3.92 -17.29 -2.78
CA ALA A 977 -3.03 -18.45 -2.88
C ALA A 977 -2.98 -19.20 -1.56
N ALA A 978 -2.98 -18.47 -0.43
CA ALA A 978 -3.03 -19.13 0.88
C ALA A 978 -4.32 -19.93 1.06
N GLU A 979 -5.45 -19.34 0.66
CA GLU A 979 -6.72 -20.05 0.75
C GLU A 979 -6.75 -21.28 -0.15
N ILE A 980 -6.24 -21.15 -1.37
CA ILE A 980 -6.18 -22.27 -2.30
C ILE A 980 -5.24 -23.36 -1.79
N ARG A 981 -4.14 -22.96 -1.15
CA ARG A 981 -3.22 -23.94 -0.57
C ARG A 981 -3.86 -24.70 0.58
N ALA A 982 -4.65 -24.02 1.42
CA ALA A 982 -5.38 -24.72 2.47
C ALA A 982 -6.38 -25.72 1.88
N SER A 983 -7.09 -25.31 0.83
CA SER A 983 -8.04 -26.22 0.18
C SER A 983 -7.33 -27.40 -0.45
N ALA A 984 -6.17 -27.18 -1.04
CA ALA A 984 -5.41 -28.27 -1.67
C ALA A 984 -4.84 -29.22 -0.62
N ASN A 985 -4.43 -28.69 0.54
CA ASN A 985 -3.98 -29.55 1.62
C ASN A 985 -5.13 -30.43 2.13
N LEU A 986 -6.33 -29.86 2.25
CA LEU A 986 -7.48 -30.66 2.63
C LEU A 986 -7.80 -31.72 1.57
N ALA A 987 -7.69 -31.35 0.29
CA ALA A 987 -7.94 -32.31 -0.79
C ALA A 987 -6.92 -33.44 -0.79
N ALA A 988 -5.65 -33.13 -0.52
CA ALA A 988 -4.63 -34.17 -0.43
C ALA A 988 -4.86 -35.09 0.76
N THR A 989 -5.29 -34.51 1.89
CA THR A 989 -5.63 -35.33 3.05
C THR A 989 -6.80 -36.25 2.75
N LYS A 990 -7.81 -35.75 2.03
CA LYS A 990 -8.96 -36.59 1.67
C LYS A 990 -8.55 -37.67 0.68
N MET A 991 -7.64 -37.35 -0.25
CA MET A 991 -7.11 -38.36 -1.16
C MET A 991 -6.37 -39.46 -0.42
N SER A 992 -5.60 -39.09 0.60
CA SER A 992 -4.88 -40.09 1.36
C SER A 992 -5.81 -40.94 2.22
N GLU A 993 -6.79 -40.32 2.87
CA GLU A 993 -7.58 -40.99 3.89
C GLU A 993 -8.89 -41.58 3.38
N CYS A 994 -9.29 -41.32 2.15
CA CYS A 994 -10.59 -41.80 1.69
C CYS A 994 -10.50 -42.56 0.37
N VAL A 995 -9.54 -42.19 -0.46
CA VAL A 995 -9.30 -42.94 -1.69
C VAL A 995 -8.34 -44.09 -1.45
N LEU A 996 -7.27 -43.85 -0.70
CA LEU A 996 -6.28 -44.87 -0.38
C LEU A 996 -6.61 -45.64 0.88
N GLY A 997 -7.75 -45.36 1.52
CA GLY A 997 -8.12 -46.08 2.72
C GLY A 997 -9.57 -45.82 3.05
N GLN A 998 -9.99 -46.40 4.18
CA GLN A 998 -11.34 -46.24 4.69
C GLN A 998 -11.30 -45.40 5.97
N SER A 999 -12.09 -44.35 6.00
CA SER A 999 -12.03 -43.36 7.06
C SER A 999 -13.10 -43.63 8.11
N LYS A 1000 -12.68 -43.64 9.38
CA LYS A 1000 -13.60 -43.74 10.51
C LYS A 1000 -14.03 -42.37 11.02
N ARG A 1001 -13.49 -41.29 10.48
CA ARG A 1001 -13.85 -39.95 10.91
C ARG A 1001 -15.26 -39.61 10.43
N VAL A 1002 -16.07 -39.07 11.34
CA VAL A 1002 -17.48 -38.81 11.04
C VAL A 1002 -17.58 -37.60 10.13
N ASP A 1003 -18.32 -37.75 9.03
CA ASP A 1003 -18.64 -36.70 8.05
C ASP A 1003 -17.40 -36.13 7.37
N PHE A 1004 -16.28 -36.84 7.43
CA PHE A 1004 -15.07 -36.37 6.75
C PHE A 1004 -15.17 -36.58 5.25
N CYS A 1005 -15.81 -37.67 4.83
CA CYS A 1005 -15.90 -38.03 3.41
C CYS A 1005 -17.32 -38.45 3.07
N GLY A 1006 -18.28 -37.61 3.42
CA GLY A 1006 -19.66 -37.84 3.06
C GLY A 1006 -20.52 -38.18 4.26
N LYS A 1007 -21.82 -37.97 4.10
CA LYS A 1007 -22.77 -38.30 5.14
C LYS A 1007 -23.01 -39.80 5.19
N GLY A 1008 -22.88 -40.37 6.38
CA GLY A 1008 -23.01 -41.81 6.56
C GLY A 1008 -21.68 -42.48 6.81
N TYR A 1009 -21.73 -43.79 6.91
CA TYR A 1009 -20.53 -44.59 7.14
C TYR A 1009 -19.76 -44.74 5.83
N HIS A 1010 -18.52 -44.28 5.81
CA HIS A 1010 -17.75 -44.23 4.59
C HIS A 1010 -17.30 -45.63 4.17
N LEU A 1011 -17.54 -45.97 2.90
CA LEU A 1011 -17.06 -47.23 2.33
C LEU A 1011 -15.82 -47.01 1.47
N MET A 1012 -15.93 -46.17 0.44
CA MET A 1012 -14.83 -45.92 -0.48
C MET A 1012 -15.08 -44.61 -1.19
N SER A 1013 -14.04 -44.08 -1.82
CA SER A 1013 -14.12 -42.82 -2.55
C SER A 1013 -13.38 -42.95 -3.87
N PHE A 1014 -13.82 -42.17 -4.86
CA PHE A 1014 -13.20 -42.16 -6.18
C PHE A 1014 -12.92 -40.72 -6.57
N PRO A 1015 -11.67 -40.37 -6.87
CA PRO A 1015 -11.37 -39.03 -7.35
C PRO A 1015 -11.79 -38.85 -8.81
N GLN A 1016 -12.10 -37.61 -9.17
CA GLN A 1016 -12.38 -37.25 -10.54
C GLN A 1016 -11.70 -35.92 -10.85
N ALA A 1017 -10.98 -35.86 -11.97
CA ALA A 1017 -10.30 -34.64 -12.35
C ALA A 1017 -11.30 -33.57 -12.77
N ALA A 1018 -11.06 -32.36 -12.32
CA ALA A 1018 -11.90 -31.21 -12.59
C ALA A 1018 -11.02 -30.04 -12.99
N PRO A 1019 -11.56 -29.04 -13.69
CA PRO A 1019 -10.77 -27.83 -13.98
C PRO A 1019 -10.40 -27.09 -12.71
N HIS A 1020 -9.09 -27.01 -12.45
CA HIS A 1020 -8.50 -26.36 -11.27
C HIS A 1020 -9.01 -26.96 -9.96
N GLY A 1021 -9.26 -28.27 -9.95
CA GLY A 1021 -9.76 -28.88 -8.73
C GLY A 1021 -9.93 -30.37 -8.90
N VAL A 1022 -10.54 -30.98 -7.87
CA VAL A 1022 -10.79 -32.41 -7.82
C VAL A 1022 -12.21 -32.62 -7.31
N VAL A 1023 -12.91 -33.61 -7.86
CA VAL A 1023 -14.25 -33.97 -7.43
C VAL A 1023 -14.19 -35.38 -6.85
N PHE A 1024 -14.59 -35.52 -5.59
CA PHE A 1024 -14.56 -36.79 -4.89
C PHE A 1024 -15.96 -37.41 -4.91
N LEU A 1025 -16.05 -38.66 -5.36
CA LEU A 1025 -17.30 -39.40 -5.35
C LEU A 1025 -17.27 -40.31 -4.13
N HIS A 1026 -17.98 -39.92 -3.08
CA HIS A 1026 -17.95 -40.62 -1.80
C HIS A 1026 -19.04 -41.67 -1.75
N VAL A 1027 -18.66 -42.93 -1.67
CA VAL A 1027 -19.61 -44.03 -1.51
C VAL A 1027 -19.79 -44.29 -0.03
N THR A 1028 -21.01 -44.11 0.46
CA THR A 1028 -21.30 -44.21 1.88
C THR A 1028 -22.42 -45.21 2.12
N TYR A 1029 -22.51 -45.66 3.36
CA TYR A 1029 -23.53 -46.61 3.81
C TYR A 1029 -24.52 -45.85 4.68
N ILE A 1030 -25.77 -45.80 4.25
CA ILE A 1030 -26.81 -45.11 5.01
C ILE A 1030 -27.87 -46.13 5.43
N PRO A 1031 -27.91 -46.51 6.71
CA PRO A 1031 -28.96 -47.43 7.17
C PRO A 1031 -30.33 -46.77 7.15
N SER A 1032 -31.35 -47.58 6.89
CA SER A 1032 -32.71 -47.07 6.75
C SER A 1032 -33.70 -48.14 7.19
N GLN A 1033 -34.98 -47.74 7.23
CA GLN A 1033 -36.11 -48.59 7.60
C GLN A 1033 -35.93 -49.19 9.00
N GLU A 1034 -35.87 -48.30 9.98
CA GLU A 1034 -35.69 -48.72 11.36
C GLU A 1034 -36.98 -49.33 11.92
N ARG A 1035 -36.82 -50.19 12.92
CA ARG A 1035 -37.93 -50.87 13.56
C ARG A 1035 -37.76 -50.78 15.07
N ASN A 1036 -38.86 -50.49 15.77
CA ASN A 1036 -38.83 -50.44 17.22
C ASN A 1036 -38.64 -51.83 17.81
N PHE A 1037 -37.80 -51.92 18.84
CA PHE A 1037 -37.61 -53.16 19.59
C PHE A 1037 -37.50 -52.83 21.07
N THR A 1038 -37.89 -53.79 21.91
CA THR A 1038 -37.68 -53.69 23.34
C THR A 1038 -36.29 -54.23 23.66
N THR A 1039 -35.47 -53.44 24.34
CA THR A 1039 -34.08 -53.77 24.55
C THR A 1039 -33.75 -53.82 26.04
N ALA A 1040 -32.70 -54.55 26.36
CA ALA A 1040 -32.20 -54.68 27.72
C ALA A 1040 -30.68 -54.55 27.72
N PRO A 1041 -30.11 -53.92 28.76
CA PRO A 1041 -28.64 -53.83 28.83
C PRO A 1041 -27.95 -55.18 29.01
N ALA A 1042 -28.58 -56.11 29.73
CA ALA A 1042 -27.96 -57.40 29.99
C ALA A 1042 -29.06 -58.42 30.27
N ILE A 1043 -28.67 -59.70 30.25
CA ILE A 1043 -29.59 -60.80 30.48
C ILE A 1043 -29.14 -61.54 31.74
N CYS A 1044 -30.04 -61.66 32.71
CA CYS A 1044 -29.76 -62.40 33.94
C CYS A 1044 -30.19 -63.84 33.74
N HIS A 1045 -29.23 -64.75 33.77
CA HIS A 1045 -29.48 -66.18 33.59
C HIS A 1045 -28.71 -66.95 34.63
N GLU A 1046 -29.44 -67.74 35.45
CA GLU A 1046 -28.88 -68.55 36.53
C GLU A 1046 -28.07 -67.72 37.51
N GLY A 1047 -28.55 -66.52 37.81
CA GLY A 1047 -27.87 -65.63 38.72
C GLY A 1047 -26.65 -64.95 38.16
N LYS A 1048 -26.40 -65.06 36.86
CA LYS A 1048 -25.25 -64.46 36.22
C LYS A 1048 -25.71 -63.45 35.18
N ALA A 1049 -24.97 -62.35 35.08
CA ALA A 1049 -25.29 -61.29 34.13
C ALA A 1049 -24.52 -61.53 32.84
N HIS A 1050 -25.24 -61.62 31.72
CA HIS A 1050 -24.65 -61.82 30.41
C HIS A 1050 -24.74 -60.53 29.61
N PHE A 1051 -23.61 -60.08 29.10
CA PHE A 1051 -23.53 -58.86 28.32
C PHE A 1051 -23.16 -59.19 26.87
N PRO A 1052 -23.74 -58.51 25.90
CA PRO A 1052 -23.45 -58.83 24.50
C PRO A 1052 -22.04 -58.44 24.10
N ARG A 1053 -21.41 -59.27 23.25
CA ARG A 1053 -20.06 -58.97 22.79
C ARG A 1053 -20.07 -57.86 21.76
N GLU A 1054 -20.71 -58.09 20.61
CA GLU A 1054 -20.83 -57.11 19.54
C GLU A 1054 -22.30 -57.04 19.15
N GLY A 1055 -23.03 -56.11 19.76
CA GLY A 1055 -24.41 -55.90 19.42
C GLY A 1055 -25.23 -55.56 20.64
N VAL A 1056 -26.55 -55.69 20.50
CA VAL A 1056 -27.50 -55.35 21.55
C VAL A 1056 -28.51 -56.48 21.68
N PHE A 1057 -29.12 -56.56 22.85
CA PHE A 1057 -30.20 -57.51 23.12
C PHE A 1057 -31.52 -56.88 22.70
N VAL A 1058 -32.26 -57.57 21.83
CA VAL A 1058 -33.55 -57.08 21.36
C VAL A 1058 -34.61 -58.14 21.60
N SER A 1059 -35.85 -57.69 21.69
CA SER A 1059 -37.00 -58.57 21.89
C SER A 1059 -38.08 -58.21 20.88
N ASN A 1060 -38.61 -59.22 20.20
CA ASN A 1060 -39.69 -59.01 19.24
C ASN A 1060 -41.06 -59.06 19.89
N GLY A 1061 -41.13 -59.23 21.21
CA GLY A 1061 -42.38 -59.28 21.92
C GLY A 1061 -42.47 -60.46 22.86
N THR A 1062 -41.95 -61.60 22.44
CA THR A 1062 -41.97 -62.82 23.24
C THR A 1062 -40.58 -63.40 23.48
N HIS A 1063 -39.70 -63.35 22.48
CA HIS A 1063 -38.39 -63.97 22.57
C HIS A 1063 -37.31 -62.90 22.49
N TRP A 1064 -36.18 -63.18 23.14
CA TRP A 1064 -35.04 -62.26 23.19
C TRP A 1064 -33.95 -62.75 22.26
N PHE A 1065 -33.44 -61.83 21.44
CA PHE A 1065 -32.39 -62.14 20.48
C PHE A 1065 -31.23 -61.16 20.65
N ILE A 1066 -30.15 -61.41 19.92
CA ILE A 1066 -29.00 -60.52 19.87
C ILE A 1066 -28.71 -60.21 18.41
N THR A 1067 -28.50 -58.92 18.10
CA THR A 1067 -28.30 -58.51 16.72
C THR A 1067 -27.29 -57.36 16.70
N GLN A 1068 -26.69 -57.16 15.53
CA GLN A 1068 -25.79 -56.04 15.35
C GLN A 1068 -26.56 -54.72 15.33
N ARG A 1069 -25.83 -53.63 15.60
CA ARG A 1069 -26.48 -52.34 15.81
C ARG A 1069 -27.02 -51.75 14.52
N ASN A 1070 -26.27 -51.85 13.43
CA ASN A 1070 -26.61 -51.15 12.19
C ASN A 1070 -27.43 -52.00 11.23
N PHE A 1071 -27.75 -53.24 11.58
CA PHE A 1071 -28.55 -54.09 10.71
C PHE A 1071 -29.25 -55.14 11.57
N TYR A 1072 -30.55 -55.32 11.35
CA TYR A 1072 -31.31 -56.26 12.15
C TYR A 1072 -31.07 -57.68 11.64
N GLU A 1073 -30.25 -58.43 12.37
CA GLU A 1073 -29.99 -59.84 12.09
C GLU A 1073 -30.13 -60.59 13.42
N PRO A 1074 -31.35 -60.98 13.79
CA PRO A 1074 -31.55 -61.60 15.12
C PRO A 1074 -30.92 -62.97 15.20
N GLN A 1075 -30.24 -63.22 16.32
CA GLN A 1075 -29.55 -64.47 16.57
C GLN A 1075 -29.96 -65.01 17.94
N ILE A 1076 -29.84 -66.33 18.09
CA ILE A 1076 -30.14 -66.96 19.36
C ILE A 1076 -29.07 -66.59 20.38
N ILE A 1077 -29.49 -66.15 21.56
CA ILE A 1077 -28.56 -65.72 22.61
C ILE A 1077 -27.88 -66.96 23.17
N THR A 1078 -26.61 -67.14 22.83
CA THR A 1078 -25.82 -68.27 23.29
C THR A 1078 -24.66 -67.78 24.16
N THR A 1079 -23.87 -68.73 24.67
CA THR A 1079 -22.71 -68.40 25.48
C THR A 1079 -21.55 -67.87 24.65
N ASP A 1080 -21.56 -68.10 23.34
CA ASP A 1080 -20.51 -67.55 22.47
C ASP A 1080 -20.79 -66.12 22.08
N ASN A 1081 -22.07 -65.74 21.99
CA ASN A 1081 -22.42 -64.36 21.65
C ASN A 1081 -22.24 -63.39 22.82
N THR A 1082 -22.34 -63.87 24.05
CA THR A 1082 -22.29 -63.04 25.23
C THR A 1082 -21.10 -63.43 26.11
N PHE A 1083 -20.84 -62.60 27.12
CA PHE A 1083 -19.84 -62.87 28.13
C PHE A 1083 -20.40 -62.57 29.51
N VAL A 1084 -19.86 -63.25 30.51
CA VAL A 1084 -20.36 -63.17 31.88
C VAL A 1084 -19.42 -62.30 32.70
N SER A 1085 -19.99 -61.39 33.50
CA SER A 1085 -19.21 -60.52 34.36
C SER A 1085 -19.47 -60.78 35.84
N GLY A 1086 -20.71 -60.70 36.28
CA GLY A 1086 -21.03 -60.88 37.68
C GLY A 1086 -22.45 -61.36 37.88
N THR A 1087 -23.07 -60.90 38.95
CA THR A 1087 -24.43 -61.28 39.31
C THR A 1087 -25.43 -60.25 38.80
N CYS A 1088 -26.66 -60.71 38.60
CA CYS A 1088 -27.72 -59.86 38.07
C CYS A 1088 -28.48 -59.17 39.20
N ASP A 1089 -27.75 -58.32 39.93
CA ASP A 1089 -28.34 -57.49 40.98
C ASP A 1089 -27.91 -56.03 40.97
N VAL A 1090 -26.85 -55.66 40.25
CA VAL A 1090 -26.37 -54.30 40.20
C VAL A 1090 -26.74 -53.60 38.89
N VAL A 1091 -26.87 -54.33 37.79
CA VAL A 1091 -27.17 -53.75 36.50
C VAL A 1091 -28.63 -53.27 36.50
N ILE A 1092 -28.82 -52.01 36.16
CA ILE A 1092 -30.14 -51.40 36.16
C ILE A 1092 -30.86 -51.77 34.85
N GLY A 1093 -32.05 -52.34 34.97
CA GLY A 1093 -32.82 -52.71 33.81
C GLY A 1093 -32.55 -54.09 33.26
N ILE A 1094 -31.97 -54.99 34.06
CA ILE A 1094 -31.66 -56.33 33.58
C ILE A 1094 -32.96 -57.12 33.39
N VAL A 1095 -32.92 -58.10 32.50
CA VAL A 1095 -34.09 -58.88 32.11
C VAL A 1095 -33.74 -60.36 32.24
N ASN A 1096 -34.58 -61.11 32.96
CA ASN A 1096 -34.37 -62.54 33.11
C ASN A 1096 -34.71 -63.27 31.82
N ASN A 1097 -33.79 -64.11 31.35
CA ASN A 1097 -34.00 -64.92 30.17
C ASN A 1097 -33.04 -66.11 30.23
N THR A 1098 -33.10 -66.95 29.21
CA THR A 1098 -32.26 -68.15 29.13
C THR A 1098 -31.16 -67.95 28.10
N VAL A 1099 -29.97 -68.44 28.42
CA VAL A 1099 -28.81 -68.37 27.53
C VAL A 1099 -28.51 -69.78 27.05
N TYR A 1100 -28.55 -69.98 25.74
CA TYR A 1100 -28.32 -71.30 25.16
C TYR A 1100 -26.86 -71.71 25.30
N ASP A 1101 -26.64 -73.00 25.47
CA ASP A 1101 -25.30 -73.56 25.59
C ASP A 1101 -25.15 -74.74 24.63
N PRO A 1102 -24.31 -74.63 23.59
CA PRO A 1102 -24.04 -75.73 22.64
C PRO A 1102 -23.45 -76.97 23.33
N ASN B 17 21.17 52.17 46.05
CA ASN B 17 19.74 52.11 46.28
C ASN B 17 19.36 50.93 47.17
N ILE B 18 18.97 49.82 46.54
CA ILE B 18 18.57 48.62 47.27
C ILE B 18 19.84 47.80 47.47
N THR B 19 20.50 48.01 48.61
CA THR B 19 21.76 47.35 48.93
C THR B 19 21.56 46.13 49.84
N TYR B 20 20.43 45.45 49.69
CA TYR B 20 20.10 44.30 50.52
C TYR B 20 20.74 43.03 49.96
N GLY B 21 20.55 41.92 50.66
CA GLY B 21 21.15 40.65 50.28
C GLY B 21 20.36 39.91 49.22
N SER B 22 20.62 38.62 49.11
CA SER B 22 19.99 37.79 48.10
C SER B 22 19.83 36.38 48.63
N HIS B 23 18.91 35.63 48.00
CA HIS B 23 18.59 34.28 48.43
C HIS B 23 18.12 33.49 47.22
N HIS B 24 18.98 32.63 46.70
CA HIS B 24 18.63 31.76 45.59
C HIS B 24 18.75 30.31 46.04
N LEU B 25 17.78 29.49 45.64
CA LEU B 25 17.72 28.07 46.00
C LEU B 25 17.71 27.22 44.74
N TYR B 26 17.57 25.92 44.92
CA TYR B 26 17.52 24.96 43.81
C TYR B 26 16.52 23.88 44.18
N VAL B 27 15.29 24.03 43.69
CA VAL B 27 14.23 23.07 43.96
C VAL B 27 13.89 22.33 42.67
N SER B 28 13.06 21.30 42.81
CA SER B 28 12.65 20.49 41.67
C SER B 28 11.37 21.07 41.05
N SER B 29 11.32 21.08 39.72
CA SER B 29 10.15 21.59 39.01
C SER B 29 8.97 20.64 39.07
N ARG B 30 9.20 19.38 39.44
CA ARG B 30 8.17 18.34 39.58
C ARG B 30 7.35 18.17 38.31
N THR B 31 6.08 18.57 38.34
CA THR B 31 5.17 18.38 37.21
C THR B 31 4.51 19.71 36.86
N ARG B 32 5.32 20.75 36.72
CA ARG B 32 4.84 22.09 36.43
C ARG B 32 5.27 22.51 35.03
N GLY B 33 4.71 23.63 34.57
CA GLY B 33 5.07 24.18 33.28
C GLY B 33 4.35 23.59 32.10
N VAL B 34 3.18 23.00 32.30
CA VAL B 34 2.39 22.42 31.22
C VAL B 34 1.47 23.49 30.67
N TYR B 35 1.52 23.70 29.35
CA TYR B 35 0.69 24.68 28.68
C TYR B 35 0.04 24.06 27.45
N TYR B 36 -1.00 24.71 26.96
CA TYR B 36 -1.66 24.26 25.73
C TYR B 36 -0.80 24.60 24.53
N PRO B 37 -0.40 23.61 23.72
CA PRO B 37 0.48 23.91 22.57
C PRO B 37 -0.25 24.47 21.36
N ASP B 38 -1.58 24.44 21.34
CA ASP B 38 -2.34 24.87 20.19
C ASP B 38 -3.69 25.41 20.67
N ASP B 39 -4.58 25.72 19.72
CA ASP B 39 -5.83 26.40 20.02
C ASP B 39 -7.07 25.55 19.74
N ALA B 40 -6.90 24.32 19.24
CA ALA B 40 -8.06 23.50 18.90
C ALA B 40 -8.72 22.94 20.15
N PHE B 41 -10.04 22.74 20.06
CA PHE B 41 -10.81 22.17 21.17
C PHE B 41 -10.83 20.67 20.99
N ARG B 42 -9.91 19.99 21.67
CA ARG B 42 -9.83 18.53 21.66
C ARG B 42 -10.57 17.96 22.87
N SER B 43 -10.83 16.66 22.81
CA SER B 43 -11.57 16.02 23.89
C SER B 43 -11.27 14.53 23.89
N SER B 44 -10.97 14.01 25.09
CA SER B 44 -10.82 12.58 25.36
C SER B 44 -9.76 11.93 24.46
N THR B 45 -8.62 12.60 24.34
CA THR B 45 -7.56 12.13 23.45
C THR B 45 -6.22 12.27 24.15
N ASN B 46 -5.31 11.34 23.82
CA ASN B 46 -3.92 11.41 24.25
C ASN B 46 -3.08 11.86 23.05
N VAL B 47 -2.56 13.08 23.10
CA VAL B 47 -1.87 13.70 21.98
C VAL B 47 -0.40 13.88 22.33
N LEU B 48 0.47 13.45 21.43
CA LEU B 48 1.90 13.66 21.57
C LEU B 48 2.27 15.02 20.99
N HIS B 49 2.99 15.82 21.78
CA HIS B 49 3.41 17.15 21.37
C HIS B 49 4.92 17.26 21.46
N GLU B 50 5.52 17.83 20.42
CA GLU B 50 6.95 18.13 20.39
C GLU B 50 7.13 19.64 20.41
N GLY B 51 8.13 20.09 21.16
CA GLY B 51 8.36 21.53 21.26
C GLY B 51 9.26 21.86 22.44
N PHE B 52 9.09 23.07 22.95
CA PHE B 52 9.87 23.57 24.08
C PHE B 52 9.01 23.53 25.33
N PHE B 53 9.36 22.64 26.25
CA PHE B 53 8.62 22.45 27.49
C PHE B 53 9.60 22.41 28.65
N LEU B 54 9.10 22.71 29.83
CA LEU B 54 9.90 22.56 31.04
C LEU B 54 9.99 21.07 31.38
N PRO B 55 11.19 20.50 31.45
CA PRO B 55 11.31 19.07 31.75
C PRO B 55 10.84 18.75 33.17
N PHE B 56 10.31 17.55 33.34
CA PHE B 56 9.82 17.14 34.64
C PHE B 56 10.97 16.85 35.58
N ASP B 57 10.79 17.25 36.85
CA ASP B 57 11.80 17.09 37.92
C ASP B 57 13.13 17.73 37.55
N SER B 58 13.06 18.90 36.90
CA SER B 58 14.25 19.63 36.52
C SER B 58 14.68 20.59 37.63
N ASN B 59 15.93 21.00 37.58
CA ASN B 59 16.49 21.90 38.59
C ASN B 59 16.13 23.33 38.23
N VAL B 60 15.20 23.91 38.98
CA VAL B 60 14.78 25.29 38.79
C VAL B 60 15.24 26.13 39.97
N THR B 61 15.44 27.41 39.73
CA THR B 61 16.01 28.31 40.73
C THR B 61 14.89 29.03 41.48
N TRP B 62 14.96 29.02 42.80
CA TRP B 62 13.97 29.64 43.67
C TRP B 62 14.56 30.91 44.26
N TYR B 63 13.95 32.05 43.96
CA TYR B 63 14.38 33.34 44.48
C TYR B 63 13.35 33.81 45.51
N SER B 64 13.81 34.11 46.72
CA SER B 64 12.92 34.49 47.81
C SER B 64 13.38 35.80 48.44
N PHE B 65 12.41 36.62 48.84
CA PHE B 65 12.69 37.85 49.58
C PHE B 65 12.46 37.59 51.07
N TRP B 66 13.39 36.81 51.65
CA TRP B 66 13.14 36.24 52.97
C TRP B 66 13.49 37.21 54.09
N ASN B 67 14.76 37.55 54.24
CA ASN B 67 15.19 38.48 55.28
C ASN B 67 15.23 39.91 54.76
N GLN B 68 14.10 40.33 54.16
CA GLN B 68 13.99 41.56 53.39
C GLN B 68 15.10 41.65 52.33
N LYS B 69 15.34 40.53 51.66
CA LYS B 69 16.50 40.36 50.78
C LYS B 69 16.03 40.43 49.33
N TYR B 70 16.32 41.56 48.69
CA TYR B 70 15.95 41.80 47.29
C TYR B 70 16.83 40.93 46.38
N SER B 71 16.24 39.91 45.77
CA SER B 71 17.02 38.88 45.11
C SER B 71 16.64 38.69 43.64
N VAL B 72 16.52 39.78 42.89
CA VAL B 72 16.27 39.69 41.46
C VAL B 72 17.61 39.74 40.73
N ALA B 73 17.63 39.19 39.52
CA ALA B 73 18.84 39.14 38.71
C ALA B 73 18.44 38.99 37.24
N THR B 74 19.39 39.27 36.36
CA THR B 74 19.18 39.12 34.92
C THR B 74 19.40 37.66 34.56
N SER B 75 18.34 36.93 34.40
CA SER B 75 18.44 35.52 34.02
C SER B 75 18.32 35.37 32.51
N PRO B 76 19.02 34.40 31.93
CA PRO B 76 18.92 34.20 30.48
C PRO B 76 17.54 33.71 30.05
N PHE B 77 17.15 34.10 28.84
CA PHE B 77 15.87 33.68 28.30
C PHE B 77 15.97 32.33 27.59
N GLY B 78 17.02 32.12 26.79
CA GLY B 78 17.20 30.86 26.12
C GLY B 78 16.14 30.63 25.06
N ASP B 79 15.50 29.46 25.12
CA ASP B 79 14.41 29.11 24.21
C ASP B 79 13.05 29.23 24.88
N GLY B 80 12.89 30.18 25.77
CA GLY B 80 11.67 30.32 26.54
C GLY B 80 11.91 30.00 28.00
N VAL B 81 11.14 30.67 28.87
CA VAL B 81 11.31 30.51 30.31
C VAL B 81 9.98 30.14 30.94
N TYR B 82 10.05 29.46 32.08
CA TYR B 82 8.91 29.21 32.93
C TYR B 82 9.04 30.11 34.16
N PHE B 83 8.02 30.91 34.42
CA PHE B 83 8.00 31.83 35.56
C PHE B 83 6.82 31.46 36.45
N SER B 84 7.07 31.37 37.75
CA SER B 84 6.00 31.13 38.70
C SER B 84 6.30 31.90 39.97
N THR B 85 5.33 32.68 40.43
CA THR B 85 5.46 33.43 41.67
C THR B 85 4.49 32.89 42.71
N ILE B 86 4.94 32.92 43.97
CA ILE B 86 4.14 32.47 45.11
C ILE B 86 4.11 33.63 46.08
N ASP B 87 2.99 34.34 46.16
CA ASP B 87 2.90 35.55 46.96
C ASP B 87 1.49 35.69 47.50
N LYS B 88 1.30 36.72 48.32
CA LYS B 88 0.01 37.03 48.91
C LYS B 88 -0.37 38.50 48.80
N SER B 89 0.58 39.40 48.51
CA SER B 89 0.32 40.83 48.49
C SER B 89 0.64 41.46 47.15
N ASN B 90 0.55 40.68 46.06
CA ASN B 90 0.72 41.17 44.68
C ASN B 90 2.08 41.83 44.47
N VAL B 91 3.13 41.12 44.85
CA VAL B 91 4.46 41.71 44.94
C VAL B 91 5.11 41.83 43.56
N VAL B 92 5.18 40.72 42.83
CA VAL B 92 5.82 40.74 41.51
C VAL B 92 4.91 41.46 40.53
N ARG B 93 5.34 42.62 40.06
CA ARG B 93 4.51 43.48 39.21
C ARG B 93 4.64 43.15 37.73
N GLY B 94 5.84 42.85 37.25
CA GLY B 94 6.02 42.60 35.84
C GLY B 94 7.45 42.22 35.53
N TRP B 95 7.79 42.27 34.25
CA TRP B 95 9.08 41.82 33.77
C TRP B 95 9.63 42.79 32.74
N VAL B 96 10.95 42.73 32.54
CA VAL B 96 11.64 43.50 31.52
C VAL B 96 12.39 42.52 30.64
N PHE B 97 12.12 42.54 29.34
CA PHE B 97 12.75 41.65 28.37
C PHE B 97 13.67 42.43 27.45
N GLY B 98 14.73 41.78 27.00
CA GLY B 98 15.66 42.42 26.08
C GLY B 98 16.93 41.61 25.94
N THR B 99 17.98 42.28 25.48
CA THR B 99 19.32 41.69 25.37
C THR B 99 20.30 42.25 26.38
N THR B 100 20.51 43.56 26.37
CA THR B 100 21.42 44.21 27.30
C THR B 100 20.71 45.05 28.35
N LEU B 101 19.41 45.34 28.15
CA LEU B 101 18.59 46.14 29.04
C LEU B 101 19.17 47.54 29.27
N ASP B 102 19.87 48.06 28.27
CA ASP B 102 20.45 49.40 28.26
C ASP B 102 19.74 50.25 27.22
N ASN B 103 20.24 51.46 27.01
CA ASN B 103 19.65 52.37 26.04
C ASN B 103 20.29 52.28 24.66
N ASP B 104 21.22 51.34 24.46
CA ASP B 104 21.72 51.08 23.12
C ASP B 104 20.85 50.10 22.34
N THR B 105 19.94 49.40 23.01
CA THR B 105 19.04 48.45 22.37
C THR B 105 17.62 48.72 22.85
N GLN B 106 16.67 48.01 22.24
CA GLN B 106 15.26 48.17 22.54
C GLN B 106 14.80 47.05 23.47
N SER B 107 13.97 47.39 24.44
CA SER B 107 13.55 46.46 25.47
C SER B 107 12.04 46.47 25.63
N VAL B 108 11.51 45.35 26.13
CA VAL B 108 10.09 45.19 26.38
C VAL B 108 9.82 45.43 27.86
N LEU B 109 8.81 46.24 28.16
CA LEU B 109 8.43 46.56 29.53
C LEU B 109 6.98 46.11 29.73
N LEU B 110 6.80 44.93 30.30
CA LEU B 110 5.47 44.37 30.57
C LEU B 110 5.26 44.36 32.07
N TYR B 111 4.20 45.02 32.53
CA TYR B 111 3.99 45.19 33.96
C TYR B 111 2.53 45.55 34.21
N ASN B 112 2.19 45.62 35.50
CA ASN B 112 0.89 46.09 35.96
C ASN B 112 1.09 47.37 36.76
N ASP B 113 0.35 48.42 36.40
CA ASP B 113 0.45 49.69 37.10
C ASP B 113 -0.56 49.83 38.23
N GLY B 114 -1.36 48.79 38.49
CA GLY B 114 -2.38 48.80 39.52
C GLY B 114 -3.78 48.67 38.98
N THR B 115 -4.03 49.16 37.77
CA THR B 115 -5.34 49.08 37.14
C THR B 115 -5.35 48.36 35.80
N HIS B 116 -4.26 48.43 35.04
CA HIS B 116 -4.16 47.80 33.74
C HIS B 116 -2.85 47.03 33.63
N VAL B 117 -2.76 46.19 32.62
CA VAL B 117 -1.51 45.53 32.26
C VAL B 117 -0.99 46.20 31.00
N ARG B 118 0.14 46.89 31.12
CA ARG B 118 0.70 47.67 30.02
C ARG B 118 1.96 47.01 29.50
N VAL B 119 2.10 46.99 28.17
CA VAL B 119 3.32 46.55 27.51
C VAL B 119 3.88 47.72 26.71
N GLU B 120 5.14 48.04 26.95
CA GLU B 120 5.79 49.17 26.29
C GLU B 120 7.12 48.70 25.70
N VAL B 121 7.17 48.59 24.38
CA VAL B 121 8.42 48.31 23.68
C VAL B 121 9.04 49.66 23.31
N CYS B 122 10.20 49.93 23.86
CA CYS B 122 10.81 51.25 23.75
C CYS B 122 12.30 51.10 24.02
N THR B 123 13.03 52.21 23.86
CA THR B 123 14.44 52.27 24.23
C THR B 123 14.52 52.95 25.59
N PHE B 124 14.75 52.16 26.64
CA PHE B 124 14.71 52.64 28.01
C PHE B 124 16.12 52.88 28.53
N HIS B 125 16.30 54.00 29.23
CA HIS B 125 17.46 54.18 30.10
C HIS B 125 17.03 53.75 31.48
N PHE B 126 17.16 52.45 31.74
CA PHE B 126 16.65 51.87 32.98
C PHE B 126 17.49 52.32 34.17
N CYS B 127 16.81 52.60 35.29
CA CYS B 127 17.51 52.83 36.54
C CYS B 127 18.14 51.51 37.01
N PRO B 128 19.28 51.58 37.69
CA PRO B 128 19.87 50.37 38.29
C PRO B 128 18.92 49.78 39.32
N THR B 129 18.72 48.46 39.22
CA THR B 129 17.71 47.68 39.96
C THR B 129 16.33 48.31 39.80
N PRO B 130 15.69 48.18 38.64
CA PRO B 130 14.37 48.79 38.44
C PRO B 130 13.33 48.15 39.34
N VAL B 131 12.53 48.99 40.00
CA VAL B 131 11.61 48.53 41.03
C VAL B 131 10.50 49.57 41.17
N PHE B 132 9.38 49.15 41.75
CA PHE B 132 8.30 50.07 42.08
C PHE B 132 8.45 50.50 43.53
N SER B 133 8.19 51.77 43.80
CA SER B 133 8.15 52.30 45.16
C SER B 133 6.68 52.55 45.48
N ALA B 134 6.06 51.59 46.16
CA ALA B 134 4.61 51.52 46.43
C ALA B 134 3.91 51.58 45.08
N SER B 135 2.91 52.44 44.88
CA SER B 135 2.26 52.56 43.59
C SER B 135 3.06 53.42 42.60
N SER B 136 4.04 54.17 43.08
CA SER B 136 4.82 55.05 42.21
C SER B 136 5.85 54.23 41.44
N PRO B 137 5.86 54.28 40.10
CA PRO B 137 6.84 53.52 39.34
C PRO B 137 8.16 54.29 39.18
N HIS B 138 9.26 53.55 39.34
CA HIS B 138 10.61 54.09 39.26
C HIS B 138 11.46 53.22 38.35
N LEU B 139 10.92 52.87 37.18
CA LEU B 139 11.59 51.94 36.28
C LEU B 139 12.65 52.64 35.43
N TYR B 140 12.23 53.60 34.61
CA TYR B 140 13.11 54.21 33.62
C TYR B 140 13.20 55.71 33.84
N SER B 141 14.39 56.26 33.64
CA SER B 141 14.56 57.71 33.68
C SER B 141 14.05 58.36 32.39
N SER B 142 14.25 57.70 31.24
CA SER B 142 13.83 58.24 29.97
C SER B 142 13.48 57.11 29.02
N ALA B 143 12.49 57.34 28.17
CA ALA B 143 12.07 56.36 27.17
C ALA B 143 11.82 57.07 25.86
N PHE B 144 12.37 56.52 24.77
CA PHE B 144 12.20 57.10 23.45
C PHE B 144 12.15 55.98 22.42
N ASN B 145 11.62 56.31 21.24
CA ASN B 145 11.41 55.38 20.13
C ASN B 145 10.52 54.21 20.55
N CYS B 146 9.31 54.55 20.96
CA CYS B 146 8.33 53.57 21.44
C CYS B 146 7.59 53.01 20.23
N THR B 147 7.91 51.77 19.85
CA THR B 147 7.23 51.12 18.75
C THR B 147 5.96 50.38 19.18
N LEU B 148 5.69 50.31 20.49
CA LEU B 148 4.51 49.63 20.99
C LEU B 148 4.18 50.17 22.37
N ASN B 149 2.94 50.61 22.55
CA ASN B 149 2.50 51.11 23.85
C ASN B 149 0.97 50.97 23.89
N TYR B 150 0.49 49.94 24.57
CA TYR B 150 -0.95 49.73 24.73
C TYR B 150 -1.17 48.85 25.96
N THR B 151 -2.44 48.65 26.29
CA THR B 151 -2.85 47.85 27.44
C THR B 151 -3.46 46.54 26.97
N LEU B 152 -3.12 45.45 27.66
CA LEU B 152 -3.61 44.13 27.27
C LEU B 152 -4.88 43.74 28.02
N ALA B 153 -4.96 44.08 29.31
CA ALA B 153 -6.13 43.73 30.10
C ALA B 153 -6.30 44.76 31.21
N SER B 154 -7.55 44.92 31.65
CA SER B 154 -7.89 45.82 32.75
C SER B 154 -8.04 44.97 34.00
N VAL B 155 -6.92 44.69 34.64
CA VAL B 155 -6.88 43.86 35.85
C VAL B 155 -6.41 44.75 36.99
N ARG B 156 -7.22 44.82 38.06
CA ARG B 156 -6.88 45.61 39.23
C ARG B 156 -5.96 44.82 40.16
N ALA B 157 -4.97 45.51 40.72
CA ALA B 157 -4.01 44.88 41.62
C ALA B 157 -3.45 45.96 42.53
N ASP B 158 -3.93 46.00 43.76
CA ASP B 158 -3.47 47.00 44.72
C ASP B 158 -2.09 46.64 45.26
N PHE B 159 -1.45 47.63 45.87
CA PHE B 159 -0.12 47.46 46.46
C PHE B 159 -0.19 47.27 47.98
N THR B 160 -1.37 47.00 48.52
CA THR B 160 -1.50 46.79 49.96
C THR B 160 -0.87 45.48 50.38
N GLU B 161 -0.21 45.49 51.54
CA GLU B 161 0.44 44.30 52.07
C GLU B 161 -0.58 43.44 52.80
N VAL B 162 -0.58 42.14 52.50
CA VAL B 162 -1.47 41.18 53.13
C VAL B 162 -0.64 40.29 54.05
N ASP B 163 -1.03 40.22 55.31
CA ASP B 163 -0.33 39.40 56.28
C ASP B 163 -0.84 37.96 56.24
N GLY B 164 -0.05 37.05 56.81
CA GLY B 164 -0.39 35.64 56.86
C GLY B 164 0.59 34.81 56.05
N SER B 165 0.08 33.72 55.49
CA SER B 165 0.86 32.82 54.67
C SER B 165 0.58 33.05 53.19
N PHE B 166 1.40 32.41 52.35
CA PHE B 166 1.21 32.50 50.91
C PHE B 166 -0.10 31.83 50.50
N LYS B 167 -0.82 32.46 49.59
CA LYS B 167 -2.18 32.06 49.24
C LYS B 167 -2.29 31.42 47.87
N THR B 168 -1.72 32.03 46.84
CA THR B 168 -1.87 31.55 45.47
C THR B 168 -0.53 31.46 44.78
N ILE B 169 -0.47 30.63 43.74
CA ILE B 169 0.67 30.54 42.85
C ILE B 169 0.21 30.95 41.45
N ARG B 170 0.96 31.86 40.84
CA ARG B 170 0.67 32.33 39.48
C ARG B 170 1.83 31.91 38.59
N GLU B 171 1.53 31.10 37.56
CA GLU B 171 2.54 30.50 36.71
C GLU B 171 2.48 31.09 35.32
N PHE B 172 3.66 31.29 34.73
CA PHE B 172 3.80 31.90 33.41
C PHE B 172 4.73 31.07 32.55
N VAL B 173 4.47 31.07 31.25
CA VAL B 173 5.40 30.56 30.25
C VAL B 173 5.53 31.63 29.18
N PHE B 174 6.76 32.11 28.99
CA PHE B 174 7.05 33.13 27.97
C PHE B 174 7.81 32.45 26.83
N LYS B 175 7.25 32.53 25.63
CA LYS B 175 7.89 31.95 24.45
C LYS B 175 7.97 33.00 23.35
N LEU B 176 8.92 32.79 22.44
CA LEU B 176 9.10 33.64 21.28
C LEU B 176 8.87 32.80 20.03
N GLN B 177 7.96 33.26 19.17
CA GLN B 177 7.78 32.63 17.86
C GLN B 177 7.32 33.69 16.87
N ASP B 178 8.06 33.79 15.76
CA ASP B 178 7.79 34.76 14.69
C ASP B 178 7.73 36.19 15.21
N GLY B 179 8.67 36.55 16.07
CA GLY B 179 8.75 37.90 16.59
C GLY B 179 7.68 38.27 17.58
N SER B 180 6.90 37.31 18.07
CA SER B 180 5.80 37.59 18.99
C SER B 180 6.07 36.90 20.32
N LEU B 181 5.81 37.62 21.41
CA LEU B 181 5.98 37.09 22.75
C LEU B 181 4.67 36.46 23.19
N ASN B 182 4.66 35.13 23.31
CA ASN B 182 3.47 34.40 23.73
C ASN B 182 3.50 34.20 25.24
N VAL B 183 2.42 34.58 25.90
CA VAL B 183 2.31 34.49 27.35
C VAL B 183 1.23 33.47 27.68
N TYR B 184 1.59 32.45 28.45
CA TYR B 184 0.67 31.43 28.94
C TYR B 184 0.50 31.61 30.44
N TYR B 185 -0.73 31.52 30.91
CA TYR B 185 -1.04 31.88 32.29
C TYR B 185 -1.93 30.84 32.95
N ALA B 186 -1.69 30.61 34.24
CA ALA B 186 -2.58 29.81 35.07
C ALA B 186 -2.36 30.22 36.52
N SER B 187 -3.47 30.38 37.26
CA SER B 187 -3.43 30.72 38.68
C SER B 187 -4.07 29.59 39.48
N THR B 188 -3.39 29.16 40.54
CA THR B 188 -3.86 28.06 41.37
C THR B 188 -3.78 28.46 42.83
N SER B 189 -4.77 28.03 43.60
CA SER B 189 -4.78 28.26 45.04
C SER B 189 -3.79 27.32 45.71
N TYR B 190 -2.80 27.88 46.40
CA TYR B 190 -1.71 27.11 46.99
C TYR B 190 -1.35 27.73 48.33
N VAL B 191 -1.89 27.15 49.41
CA VAL B 191 -1.65 27.66 50.75
C VAL B 191 -0.31 27.09 51.21
N LEU B 192 0.73 27.93 51.19
CA LEU B 192 2.06 27.56 51.63
C LEU B 192 2.42 28.38 52.85
N ALA B 193 2.85 27.71 53.92
CA ALA B 193 3.26 28.39 55.13
C ALA B 193 4.58 29.12 54.92
N ILE B 194 4.85 30.07 55.82
CA ILE B 194 6.09 30.83 55.73
C ILE B 194 7.29 29.95 56.05
N GLY B 195 7.33 29.41 57.27
CA GLY B 195 8.48 28.62 57.70
C GLY B 195 8.59 27.24 57.09
N ALA B 196 7.65 26.84 56.25
CA ALA B 196 7.67 25.54 55.61
C ALA B 196 8.75 25.49 54.52
N THR B 197 8.98 24.29 53.99
CA THR B 197 9.99 24.10 52.97
C THR B 197 9.53 24.69 51.64
N SER B 198 10.46 25.31 50.92
CA SER B 198 10.18 25.91 49.63
C SER B 198 10.10 24.82 48.57
N GLN B 199 8.89 24.55 48.10
CA GLN B 199 8.69 23.53 47.08
C GLN B 199 7.47 23.88 46.24
N LEU B 200 7.46 23.36 45.01
CA LEU B 200 6.38 23.60 44.07
C LEU B 200 5.21 22.65 44.33
N PRO B 201 3.99 23.04 43.95
CA PRO B 201 2.85 22.15 44.15
C PRO B 201 2.90 20.92 43.25
N SER B 202 2.08 19.94 43.60
CA SER B 202 1.96 18.69 42.86
C SER B 202 0.82 18.78 41.86
N GLY B 203 0.75 17.77 41.00
CA GLY B 203 -0.30 17.69 40.02
C GLY B 203 0.03 18.43 38.74
N VAL B 204 -0.97 18.46 37.85
CA VAL B 204 -0.86 19.11 36.55
C VAL B 204 -1.85 20.26 36.51
N THR B 205 -1.34 21.47 36.29
CA THR B 205 -2.17 22.65 36.09
C THR B 205 -1.85 23.24 34.72
N PRO B 206 -2.69 23.02 33.71
CA PRO B 206 -2.37 23.53 32.37
C PRO B 206 -2.47 25.05 32.29
N LEU B 207 -1.56 25.64 31.52
CA LEU B 207 -1.50 27.08 31.35
C LEU B 207 -2.17 27.45 30.03
N VAL B 208 -3.21 28.28 30.11
CA VAL B 208 -3.96 28.67 28.92
C VAL B 208 -3.21 29.79 28.20
N PRO B 209 -3.29 29.86 26.87
CA PRO B 209 -2.66 30.98 26.15
C PRO B 209 -3.40 32.28 26.43
N LEU B 210 -2.66 33.28 26.90
CA LEU B 210 -3.25 34.56 27.28
C LEU B 210 -3.08 35.64 26.22
N TRP B 211 -1.84 35.96 25.86
CA TRP B 211 -1.56 37.06 24.96
C TRP B 211 -0.53 36.65 23.93
N LYS B 212 -0.56 37.34 22.79
CA LYS B 212 0.47 37.26 21.77
C LYS B 212 0.88 38.70 21.45
N ILE B 213 1.98 39.15 22.03
CA ILE B 213 2.43 40.54 21.91
C ILE B 213 3.43 40.63 20.76
N PRO B 214 3.13 41.38 19.70
CA PRO B 214 4.07 41.50 18.57
C PRO B 214 5.20 42.48 18.87
N ILE B 215 6.14 42.04 19.71
CA ILE B 215 7.25 42.90 20.11
C ILE B 215 8.23 43.09 18.96
N GLY B 216 8.44 42.04 18.16
CA GLY B 216 9.40 42.10 17.07
C GLY B 216 10.82 42.31 17.51
N LEU B 217 11.24 41.64 18.58
CA LEU B 217 12.54 41.87 19.19
C LEU B 217 13.30 40.57 19.38
N ASN B 218 14.60 40.73 19.60
CA ASN B 218 15.51 39.65 19.96
C ASN B 218 15.64 39.66 21.48
N ILE B 219 15.28 38.54 22.11
CA ILE B 219 15.26 38.45 23.57
C ILE B 219 16.24 37.37 23.99
N THR B 220 17.21 37.75 24.82
CA THR B 220 18.17 36.82 25.39
C THR B 220 18.20 36.84 26.91
N ASN B 221 17.82 37.95 27.55
CA ASN B 221 17.82 38.07 29.00
C ASN B 221 16.51 38.68 29.46
N PHE B 222 16.15 38.42 30.70
CA PHE B 222 14.97 39.06 31.26
C PHE B 222 15.17 39.30 32.75
N LYS B 223 14.47 40.30 33.27
CA LYS B 223 14.58 40.73 34.66
C LYS B 223 13.19 40.92 35.25
N THR B 224 13.04 40.57 36.51
CA THR B 224 11.75 40.65 37.20
C THR B 224 11.61 42.00 37.89
N LEU B 225 10.39 42.52 37.91
CA LEU B 225 10.05 43.75 38.61
C LEU B 225 9.11 43.45 39.76
N VAL B 226 9.50 43.89 40.96
CA VAL B 226 8.66 43.75 42.15
C VAL B 226 8.35 45.15 42.68
N TYR B 227 7.60 45.24 43.77
CA TYR B 227 7.37 46.52 44.42
C TYR B 227 7.79 46.42 45.88
N LEU B 228 8.43 47.47 46.37
CA LEU B 228 8.80 47.58 47.77
C LEU B 228 7.83 48.50 48.49
N ARG B 229 8.00 48.62 49.80
CA ARG B 229 7.20 49.55 50.59
C ARG B 229 7.73 50.97 50.41
N SER B 230 7.09 51.92 51.11
CA SER B 230 7.54 53.30 51.06
C SER B 230 8.90 53.51 51.72
N ASP B 231 9.31 52.59 52.59
CA ASP B 231 10.63 52.62 53.20
C ASP B 231 11.65 51.78 52.43
N ASN B 232 11.31 51.36 51.20
CA ASN B 232 12.19 50.60 50.31
C ASN B 232 12.64 49.28 50.93
N THR B 233 11.68 48.55 51.51
CA THR B 233 11.95 47.22 52.02
C THR B 233 11.12 46.19 51.27
N PRO B 234 11.71 45.05 50.90
CA PRO B 234 10.97 44.04 50.13
C PRO B 234 9.86 43.39 50.95
N LEU B 235 8.84 42.92 50.25
CA LEU B 235 7.73 42.20 50.86
C LEU B 235 7.97 40.70 50.79
N GLN B 236 7.14 39.96 51.51
CA GLN B 236 7.29 38.50 51.57
C GLN B 236 6.73 37.89 50.31
N ALA B 237 7.61 37.39 49.44
CA ALA B 237 7.21 36.75 48.19
C ALA B 237 8.36 35.88 47.71
N ALA B 238 8.06 35.05 46.72
CA ALA B 238 9.05 34.20 46.09
C ALA B 238 8.65 33.92 44.65
N TYR B 239 9.65 33.85 43.78
CA TYR B 239 9.41 33.52 42.37
C TYR B 239 10.41 32.47 41.90
N VAL B 240 9.96 31.64 40.98
CA VAL B 240 10.74 30.53 40.43
C VAL B 240 10.95 30.77 38.94
N VAL B 241 12.17 30.52 38.47
CA VAL B 241 12.51 30.67 37.06
C VAL B 241 13.07 29.34 36.55
N GLY B 242 12.42 28.79 35.52
CA GLY B 242 12.91 27.60 34.87
C GLY B 242 13.04 27.84 33.38
N HIS B 243 13.84 26.99 32.73
CA HIS B 243 14.15 27.13 31.32
C HIS B 243 13.56 25.98 30.52
N LEU B 244 12.83 26.30 29.46
CA LEU B 244 12.25 25.29 28.59
C LEU B 244 13.32 24.66 27.71
N LYS B 245 13.19 23.37 27.48
CA LYS B 245 14.11 22.62 26.62
C LYS B 245 13.32 21.88 25.56
N ARG B 246 14.03 21.45 24.52
CA ARG B 246 13.43 20.68 23.43
C ARG B 246 13.01 19.31 23.95
N ARG B 247 11.71 19.08 24.06
CA ARG B 247 11.18 17.85 24.64
C ARG B 247 9.97 17.39 23.85
N THR B 248 9.69 16.10 23.95
CA THR B 248 8.46 15.50 23.46
C THR B 248 7.63 15.10 24.68
N MET B 249 6.43 15.66 24.79
CA MET B 249 5.55 15.38 25.92
C MET B 249 4.17 15.01 25.42
N MET B 250 3.47 14.21 26.22
CA MET B 250 2.17 13.66 25.87
C MET B 250 1.13 14.13 26.88
N PHE B 251 0.01 14.65 26.39
CA PHE B 251 -1.02 15.25 27.22
C PHE B 251 -2.31 14.43 27.16
N LYS B 252 -3.05 14.45 28.26
CA LYS B 252 -4.37 13.83 28.33
C LYS B 252 -5.42 14.93 28.36
N TYR B 253 -6.34 14.90 27.40
CA TYR B 253 -7.38 15.91 27.30
C TYR B 253 -8.67 15.40 27.90
N ASP B 254 -9.29 16.22 28.76
CA ASP B 254 -10.54 15.86 29.39
C ASP B 254 -11.68 15.91 28.38
N GLU B 255 -12.83 15.34 28.77
CA GLU B 255 -14.01 15.40 27.92
C GLU B 255 -14.52 16.83 27.78
N ASN B 256 -14.28 17.67 28.78
CA ASN B 256 -14.63 19.08 28.71
C ASN B 256 -13.61 19.90 27.91
N GLY B 257 -12.48 19.31 27.53
CA GLY B 257 -11.47 19.99 26.76
C GLY B 257 -10.22 20.36 27.51
N THR B 258 -10.24 20.31 28.84
CA THR B 258 -9.08 20.70 29.63
C THR B 258 -8.02 19.59 29.63
N ILE B 259 -6.81 19.97 30.02
CA ILE B 259 -5.70 19.03 30.16
C ILE B 259 -5.66 18.57 31.61
N VAL B 260 -5.67 17.26 31.81
CA VAL B 260 -5.74 16.69 33.15
C VAL B 260 -4.50 15.90 33.53
N ASP B 261 -3.67 15.49 32.58
CA ASP B 261 -2.47 14.73 32.89
C ASP B 261 -1.43 14.98 31.82
N ALA B 262 -0.17 14.73 32.17
CA ALA B 262 0.95 14.95 31.27
C ALA B 262 2.05 13.95 31.57
N ILE B 263 2.81 13.60 30.54
CA ILE B 263 3.97 12.71 30.66
C ILE B 263 5.13 13.31 29.87
N ASP B 264 6.26 13.49 30.53
CA ASP B 264 7.50 13.89 29.87
C ASP B 264 8.20 12.60 29.41
N CYS B 265 8.25 12.39 28.09
CA CYS B 265 8.66 11.11 27.54
C CYS B 265 10.15 10.84 27.70
N ALA B 266 10.95 11.82 28.10
CA ALA B 266 12.38 11.63 28.29
C ALA B 266 12.77 11.48 29.76
N LEU B 267 11.80 11.32 30.65
CA LEU B 267 12.09 11.33 32.08
C LEU B 267 12.64 10.00 32.55
N ASP B 268 11.86 8.93 32.45
CA ASP B 268 12.25 7.61 32.94
C ASP B 268 11.79 6.56 31.95
N PRO B 269 12.26 5.30 32.07
CA PRO B 269 11.78 4.26 31.14
C PRO B 269 10.27 4.03 31.15
N LEU B 270 9.60 4.24 32.29
CA LEU B 270 8.15 4.09 32.33
C LEU B 270 7.46 5.16 31.47
N SER B 271 7.96 6.40 31.52
CA SER B 271 7.42 7.44 30.66
C SER B 271 7.72 7.17 29.20
N GLU B 272 8.88 6.60 28.89
CA GLU B 272 9.18 6.21 27.52
C GLU B 272 8.25 5.11 27.04
N THR B 273 7.89 4.18 27.92
CA THR B 273 6.90 3.16 27.58
C THR B 273 5.53 3.77 27.34
N LYS B 274 5.13 4.71 28.19
CA LYS B 274 3.83 5.37 28.02
C LYS B 274 3.80 6.24 26.77
N CYS B 275 4.95 6.74 26.34
CA CYS B 275 5.02 7.56 25.14
C CYS B 275 5.16 6.74 23.86
N THR B 276 5.75 5.55 23.94
CA THR B 276 5.79 4.66 22.79
C THR B 276 4.37 4.21 22.42
N LEU B 277 3.56 3.89 23.41
CA LEU B 277 2.13 3.72 23.22
C LEU B 277 1.47 5.10 23.33
N ARG B 278 0.15 5.13 23.29
CA ARG B 278 -0.59 6.38 23.43
C ARG B 278 -1.53 6.31 24.63
N SER B 279 -1.09 5.67 25.70
CA SER B 279 -1.91 5.44 26.88
C SER B 279 -1.16 5.83 28.13
N PHE B 280 -1.90 6.38 29.10
CA PHE B 280 -1.35 6.66 30.43
C PHE B 280 -1.39 5.45 31.34
N ILE B 281 -2.08 4.39 30.94
CA ILE B 281 -2.15 3.15 31.68
C ILE B 281 -1.52 2.06 30.84
N VAL B 282 -0.52 1.39 31.40
CA VAL B 282 0.19 0.30 30.73
C VAL B 282 -0.12 -1.00 31.45
N GLU B 283 -0.46 -2.03 30.70
CA GLU B 283 -0.75 -3.34 31.26
C GLU B 283 0.56 -4.09 31.53
N LYS B 284 0.44 -5.26 32.14
CA LYS B 284 1.61 -6.07 32.44
C LYS B 284 2.18 -6.68 31.18
N GLY B 285 3.49 -6.53 31.00
CA GLY B 285 4.15 -7.07 29.83
C GLY B 285 5.50 -6.42 29.62
N ILE B 286 6.12 -6.78 28.50
CA ILE B 286 7.40 -6.22 28.07
C ILE B 286 7.18 -5.50 26.74
N TYR B 287 7.62 -4.25 26.68
CA TYR B 287 7.35 -3.39 25.54
C TYR B 287 8.64 -2.86 24.96
N GLN B 288 8.78 -2.95 23.64
CA GLN B 288 9.87 -2.27 22.94
C GLN B 288 9.57 -0.78 22.88
N THR B 289 10.57 0.04 23.20
CA THR B 289 10.38 1.48 23.31
C THR B 289 11.22 2.20 22.27
N SER B 290 10.63 3.22 21.67
CA SER B 290 11.36 4.11 20.77
C SER B 290 12.25 5.05 21.57
N ASN B 291 13.21 5.65 20.88
CA ASN B 291 14.23 6.46 21.54
C ASN B 291 13.68 7.85 21.83
N PHE B 292 13.49 8.16 23.11
CA PHE B 292 13.15 9.49 23.56
C PHE B 292 14.16 10.06 24.57
N ARG B 293 15.07 9.22 25.08
CA ARG B 293 15.89 9.60 26.22
C ARG B 293 16.99 10.58 25.84
N VAL B 294 17.67 10.37 24.72
CA VAL B 294 18.86 11.13 24.36
C VAL B 294 18.54 12.03 23.18
N GLN B 295 18.90 13.31 23.31
CA GLN B 295 18.78 14.30 22.25
C GLN B 295 20.13 15.00 22.07
N PRO B 296 20.44 15.44 20.86
CA PRO B 296 21.69 16.20 20.67
C PRO B 296 21.62 17.56 21.32
N GLN B 297 22.70 17.94 22.01
CA GLN B 297 22.78 19.21 22.70
C GLN B 297 23.81 20.17 22.13
N ASP B 298 24.78 19.69 21.36
CA ASP B 298 25.83 20.54 20.81
C ASP B 298 25.94 20.31 19.31
N THR B 299 26.45 21.33 18.62
CA THR B 299 26.66 21.28 17.19
C THR B 299 28.16 21.37 16.91
N VAL B 300 28.67 20.42 16.12
CA VAL B 300 30.09 20.35 15.78
C VAL B 300 30.21 20.74 14.32
N VAL B 301 30.65 21.97 14.06
CA VAL B 301 30.84 22.47 12.70
C VAL B 301 32.30 22.36 12.35
N ARG B 302 32.59 21.74 11.20
CA ARG B 302 33.98 21.55 10.75
C ARG B 302 34.05 21.89 9.26
N PHE B 303 34.57 23.07 8.95
CA PHE B 303 34.79 23.54 7.60
C PHE B 303 36.29 23.62 7.32
N PRO B 304 36.71 23.53 6.05
CA PRO B 304 38.14 23.67 5.74
C PRO B 304 38.64 25.07 6.04
N ASN B 305 39.91 25.14 6.46
CA ASN B 305 40.50 26.41 6.88
C ASN B 305 41.09 27.13 5.68
N ILE B 306 40.21 27.80 4.94
CA ILE B 306 40.59 28.69 3.86
C ILE B 306 40.02 30.07 4.17
N THR B 307 40.84 31.10 4.04
CA THR B 307 40.45 32.45 4.42
C THR B 307 40.33 33.41 3.25
N ASN B 308 40.69 32.97 2.04
CA ASN B 308 40.57 33.84 0.88
C ASN B 308 39.11 34.02 0.50
N LEU B 309 38.74 35.26 0.18
CA LEU B 309 37.42 35.55 -0.35
C LEU B 309 37.43 35.42 -1.87
N CYS B 310 36.32 34.97 -2.42
CA CYS B 310 36.24 34.74 -3.85
C CYS B 310 36.27 36.06 -4.62
N PRO B 311 36.92 36.08 -5.79
CA PRO B 311 37.09 37.35 -6.52
C PRO B 311 35.81 37.86 -7.14
N PHE B 312 34.84 38.26 -6.31
CA PHE B 312 33.59 38.80 -6.83
C PHE B 312 33.80 40.18 -7.44
N SER B 313 34.81 40.92 -6.98
CA SER B 313 35.10 42.22 -7.60
C SER B 313 35.71 42.05 -8.99
N GLU B 314 36.36 40.92 -9.26
CA GLU B 314 36.98 40.71 -10.55
C GLU B 314 35.96 40.40 -11.63
N VAL B 315 34.90 39.67 -11.28
CA VAL B 315 33.88 39.28 -12.26
C VAL B 315 32.70 40.25 -12.27
N PHE B 316 32.21 40.64 -11.08
CA PHE B 316 31.03 41.49 -11.00
C PHE B 316 31.34 42.94 -11.39
N ASN B 317 32.55 43.41 -11.12
CA ASN B 317 32.94 44.79 -11.39
C ASN B 317 33.94 44.89 -12.54
N ALA B 318 33.83 44.02 -13.52
CA ALA B 318 34.66 44.11 -14.71
C ALA B 318 34.27 45.33 -15.54
N THR B 319 35.25 45.88 -16.25
CA THR B 319 34.99 47.05 -17.09
C THR B 319 34.06 46.72 -18.24
N THR B 320 34.26 45.57 -18.87
CA THR B 320 33.40 45.11 -19.96
C THR B 320 32.99 43.67 -19.71
N PHE B 321 31.77 43.34 -20.10
CA PHE B 321 31.27 41.98 -20.06
C PHE B 321 31.27 41.38 -21.46
N ALA B 322 31.20 40.06 -21.52
CA ALA B 322 31.09 39.38 -22.79
C ALA B 322 29.67 39.52 -23.35
N SER B 323 29.55 39.35 -24.66
CA SER B 323 28.24 39.27 -25.27
C SER B 323 27.61 37.92 -24.94
N VAL B 324 26.29 37.84 -25.12
CA VAL B 324 25.57 36.64 -24.72
C VAL B 324 25.85 35.48 -25.67
N TYR B 325 26.13 35.76 -26.94
CA TYR B 325 26.49 34.69 -27.87
C TYR B 325 27.91 34.19 -27.62
N ALA B 326 28.76 35.01 -27.01
CA ALA B 326 30.13 34.64 -26.72
C ALA B 326 30.39 34.72 -25.22
N TRP B 327 29.49 34.14 -24.44
CA TRP B 327 29.53 34.27 -22.98
C TRP B 327 30.79 33.64 -22.41
N ASN B 328 31.34 34.28 -21.37
CA ASN B 328 32.60 33.90 -20.78
C ASN B 328 32.36 33.04 -19.55
N ARG B 329 33.05 31.90 -19.48
CA ARG B 329 32.97 31.00 -18.35
C ARG B 329 34.27 31.06 -17.55
N LYS B 330 34.15 31.24 -16.24
CA LYS B 330 35.30 31.37 -15.36
C LYS B 330 35.15 30.38 -14.21
N ARG B 331 36.24 29.70 -13.87
CA ARG B 331 36.24 28.73 -12.78
C ARG B 331 36.63 29.41 -11.47
N ILE B 332 35.84 29.18 -10.43
CA ILE B 332 36.08 29.74 -9.10
C ILE B 332 36.51 28.60 -8.19
N SER B 333 37.66 28.77 -7.52
CA SER B 333 38.21 27.69 -6.71
C SER B 333 39.04 28.27 -5.58
N ASN B 334 39.10 27.52 -4.47
CA ASN B 334 39.96 27.79 -3.32
C ASN B 334 39.70 29.16 -2.70
N CYS B 335 38.44 29.38 -2.33
CA CYS B 335 38.04 30.66 -1.75
C CYS B 335 36.75 30.47 -0.97
N VAL B 336 36.32 31.54 -0.30
CA VAL B 336 35.11 31.55 0.51
C VAL B 336 34.10 32.46 -0.18
N ALA B 337 32.92 31.92 -0.47
CA ALA B 337 31.88 32.66 -1.18
C ALA B 337 31.00 33.37 -0.17
N ASP B 338 31.26 34.65 0.05
CA ASP B 338 30.48 35.49 0.95
C ASP B 338 29.74 36.51 0.10
N TYR B 339 28.43 36.31 -0.08
CA TYR B 339 27.62 37.19 -0.91
C TYR B 339 27.20 38.47 -0.19
N SER B 340 27.36 38.54 1.13
CA SER B 340 27.04 39.76 1.87
C SER B 340 28.07 40.85 1.65
N VAL B 341 29.23 40.51 1.09
CA VAL B 341 30.24 41.53 0.75
C VAL B 341 29.71 42.45 -0.34
N LEU B 342 28.98 41.89 -1.31
CA LEU B 342 28.49 42.63 -2.46
C LEU B 342 27.30 43.52 -2.15
N TYR B 343 26.80 43.52 -0.91
CA TYR B 343 25.56 44.24 -0.61
C TYR B 343 25.74 45.75 -0.67
N ASN B 344 26.89 46.26 -0.25
CA ASN B 344 27.09 47.70 -0.22
C ASN B 344 27.41 48.30 -1.58
N SER B 345 27.70 47.47 -2.58
CA SER B 345 28.06 47.96 -3.91
C SER B 345 27.09 47.53 -4.98
N THR B 346 26.75 46.25 -5.06
CA THR B 346 25.90 45.71 -6.11
C THR B 346 24.51 45.43 -5.55
N SER B 347 23.49 45.96 -6.22
CA SER B 347 22.09 45.72 -5.86
C SER B 347 21.51 44.73 -6.86
N PHE B 348 21.27 43.50 -6.41
CA PHE B 348 20.83 42.43 -7.30
C PHE B 348 19.34 42.55 -7.55
N SER B 349 18.96 42.72 -8.82
CA SER B 349 17.56 42.68 -9.20
C SER B 349 17.04 41.26 -9.42
N THR B 350 17.93 40.27 -9.42
CA THR B 350 17.54 38.88 -9.61
C THR B 350 18.52 38.00 -8.85
N PHE B 351 18.00 37.22 -7.89
CA PHE B 351 18.80 36.24 -7.15
C PHE B 351 17.91 35.01 -7.03
N GLN B 352 17.98 34.13 -8.02
CA GLN B 352 17.19 32.91 -8.06
C GLN B 352 18.12 31.72 -8.14
N CYS B 353 17.94 30.77 -7.22
CA CYS B 353 18.79 29.59 -7.13
C CYS B 353 17.98 28.35 -7.48
N TYR B 354 18.64 27.39 -8.14
CA TYR B 354 18.01 26.15 -8.56
C TYR B 354 18.78 24.98 -7.99
N GLY B 355 18.06 23.99 -7.48
CA GLY B 355 18.65 22.84 -6.83
C GLY B 355 19.10 23.07 -5.40
N VAL B 356 19.39 24.31 -5.02
CA VAL B 356 19.72 24.66 -3.65
C VAL B 356 18.90 25.89 -3.27
N SER B 357 18.78 26.09 -1.96
CA SER B 357 18.11 27.28 -1.44
C SER B 357 19.12 28.39 -1.25
N SER B 358 18.71 29.62 -1.57
CA SER B 358 19.61 30.76 -1.45
C SER B 358 19.94 31.07 0.00
N THR B 359 19.02 30.76 0.93
CA THR B 359 19.29 30.97 2.34
C THR B 359 20.26 29.94 2.90
N LYS B 360 20.47 28.82 2.20
CA LYS B 360 21.37 27.77 2.63
C LYS B 360 22.76 27.91 2.02
N LEU B 361 23.01 28.97 1.25
CA LEU B 361 24.29 29.10 0.55
C LEU B 361 25.45 29.39 1.50
N ASN B 362 25.17 29.94 2.68
CA ASN B 362 26.21 30.29 3.63
C ASN B 362 26.59 29.11 4.53
N ASP B 363 25.98 27.95 4.32
CA ASP B 363 26.33 26.76 5.08
C ASP B 363 26.77 25.60 4.20
N LEU B 364 26.95 25.82 2.89
CA LEU B 364 27.29 24.75 1.96
C LEU B 364 28.70 24.94 1.44
N CYS B 365 29.36 23.82 1.17
CA CYS B 365 30.67 23.81 0.53
C CYS B 365 30.54 23.10 -0.81
N PHE B 366 31.03 23.74 -1.86
CA PHE B 366 30.89 23.23 -3.22
C PHE B 366 32.23 22.69 -3.70
N THR B 367 32.17 21.54 -4.38
CA THR B 367 33.36 20.93 -4.97
C THR B 367 33.79 21.60 -6.26
N ASN B 368 32.85 22.14 -7.03
CA ASN B 368 33.14 22.82 -8.28
C ASN B 368 32.18 23.99 -8.46
N VAL B 369 32.75 25.14 -8.84
CA VAL B 369 31.96 26.35 -9.08
C VAL B 369 32.42 26.98 -10.39
N TYR B 370 31.48 27.20 -11.31
CA TYR B 370 31.71 27.94 -12.53
C TYR B 370 30.91 29.23 -12.52
N ALA B 371 31.40 30.22 -13.25
CA ALA B 371 30.75 31.53 -13.32
C ALA B 371 30.66 31.96 -14.77
N ASP B 372 29.44 32.12 -15.27
CA ASP B 372 29.18 32.53 -16.65
C ASP B 372 28.64 33.95 -16.65
N SER B 373 29.29 34.83 -17.41
CA SER B 373 28.97 36.25 -17.42
C SER B 373 28.65 36.72 -18.83
N PHE B 374 27.58 37.49 -18.96
CA PHE B 374 27.20 38.09 -20.25
C PHE B 374 26.28 39.28 -19.96
N VAL B 375 25.82 39.91 -21.04
CA VAL B 375 24.93 41.06 -20.97
C VAL B 375 23.76 40.83 -21.91
N VAL B 376 22.54 40.98 -21.39
CA VAL B 376 21.32 40.89 -22.17
C VAL B 376 20.49 42.14 -21.92
N ARG B 377 19.34 42.22 -22.59
CA ARG B 377 18.38 43.28 -22.35
C ARG B 377 17.67 43.07 -21.03
N GLY B 378 16.95 44.11 -20.60
CA GLY B 378 16.22 44.03 -19.33
C GLY B 378 15.09 43.03 -19.36
N ASP B 379 14.40 42.91 -20.50
CA ASP B 379 13.28 42.00 -20.62
C ASP B 379 13.71 40.57 -20.95
N GLU B 380 15.00 40.32 -21.20
CA GLU B 380 15.49 39.00 -21.50
C GLU B 380 16.10 38.29 -20.30
N VAL B 381 16.05 38.90 -19.12
CA VAL B 381 16.58 38.26 -17.92
C VAL B 381 15.74 37.06 -17.53
N ARG B 382 14.44 37.09 -17.82
CA ARG B 382 13.56 35.96 -17.52
C ARG B 382 13.91 34.71 -18.33
N GLN B 383 14.59 34.87 -19.47
CA GLN B 383 14.99 33.73 -20.28
C GLN B 383 16.18 32.97 -19.69
N ILE B 384 16.88 33.55 -18.72
CA ILE B 384 18.01 32.85 -18.08
C ILE B 384 17.41 32.05 -16.93
N ALA B 385 16.87 30.88 -17.28
CA ALA B 385 16.19 29.97 -16.38
C ALA B 385 16.00 28.64 -17.11
N PRO B 386 15.91 27.51 -16.40
CA PRO B 386 15.63 26.24 -17.08
C PRO B 386 14.25 26.23 -17.72
N GLY B 387 14.16 25.58 -18.87
CA GLY B 387 12.90 25.44 -19.58
C GLY B 387 12.28 26.72 -20.08
N GLN B 388 13.09 27.61 -20.67
CA GLN B 388 12.61 28.88 -21.18
C GLN B 388 12.68 28.90 -22.70
N THR B 389 11.83 29.72 -23.30
CA THR B 389 11.77 29.88 -24.76
C THR B 389 11.97 31.36 -25.09
N GLY B 390 12.91 31.63 -25.99
CA GLY B 390 13.19 32.98 -26.41
C GLY B 390 14.40 32.98 -27.31
N VAL B 391 14.79 34.18 -27.74
CA VAL B 391 15.95 34.29 -28.61
C VAL B 391 17.23 33.91 -27.86
N ILE B 392 17.36 34.36 -26.61
CA ILE B 392 18.55 34.07 -25.81
C ILE B 392 18.59 32.59 -25.44
N ALA B 393 17.46 32.02 -25.03
CA ALA B 393 17.43 30.63 -24.60
C ALA B 393 17.61 29.67 -25.77
N ASP B 394 17.15 30.04 -26.97
CA ASP B 394 17.27 29.14 -28.11
C ASP B 394 18.64 29.27 -28.78
N TYR B 395 19.13 30.49 -28.99
CA TYR B 395 20.28 30.68 -29.86
C TYR B 395 21.51 31.25 -29.17
N ASN B 396 21.42 31.70 -27.92
CA ASN B 396 22.54 32.35 -27.27
C ASN B 396 23.04 31.60 -26.05
N TYR B 397 22.17 31.29 -25.09
CA TYR B 397 22.60 30.69 -23.83
C TYR B 397 21.44 29.89 -23.26
N LYS B 398 21.62 28.58 -23.16
CA LYS B 398 20.60 27.69 -22.62
C LYS B 398 21.11 27.02 -21.36
N LEU B 399 20.30 27.02 -20.32
CA LEU B 399 20.56 26.29 -19.08
C LEU B 399 19.97 24.89 -19.17
N PRO B 400 20.61 23.91 -18.53
CA PRO B 400 20.03 22.56 -18.49
C PRO B 400 18.78 22.52 -17.63
N ASP B 401 17.94 21.51 -17.88
CA ASP B 401 16.72 21.32 -17.12
C ASP B 401 17.04 20.99 -15.66
N ASP B 402 18.02 20.12 -15.43
CA ASP B 402 18.47 19.79 -14.08
C ASP B 402 19.60 20.71 -13.62
N PHE B 403 19.37 22.01 -13.74
CA PHE B 403 20.38 23.00 -13.41
C PHE B 403 20.51 23.12 -11.89
N THR B 404 21.76 23.08 -11.42
CA THR B 404 22.07 23.28 -10.00
C THR B 404 22.96 24.51 -9.90
N GLY B 405 22.43 25.57 -9.32
CA GLY B 405 23.18 26.81 -9.19
C GLY B 405 22.25 27.98 -8.98
N CYS B 406 22.81 29.18 -9.13
CA CYS B 406 22.09 30.41 -8.92
C CYS B 406 22.30 31.35 -10.10
N VAL B 407 21.27 32.11 -10.44
CA VAL B 407 21.31 33.11 -11.48
C VAL B 407 21.29 34.48 -10.82
N LEU B 408 22.31 35.29 -11.10
CA LEU B 408 22.46 36.61 -10.50
C LEU B 408 22.45 37.65 -11.60
N ALA B 409 21.60 38.65 -11.47
CA ALA B 409 21.52 39.74 -12.44
C ALA B 409 21.32 41.06 -11.72
N TRP B 410 21.79 42.14 -12.34
CA TRP B 410 21.61 43.47 -11.80
C TRP B 410 21.66 44.48 -12.92
N ASN B 411 20.93 45.58 -12.75
CA ASN B 411 20.89 46.63 -13.76
C ASN B 411 22.21 47.38 -13.78
N SER B 412 22.80 47.50 -14.97
CA SER B 412 24.09 48.17 -15.14
C SER B 412 23.95 49.18 -16.27
N ARG B 413 23.44 50.37 -15.95
CA ARG B 413 23.36 51.46 -16.91
C ARG B 413 24.46 52.50 -16.72
N ASN B 414 25.12 52.50 -15.56
CA ASN B 414 26.25 53.38 -15.33
C ASN B 414 27.55 52.85 -15.91
N GLN B 415 27.55 51.60 -16.38
CA GLN B 415 28.74 50.98 -16.96
C GLN B 415 28.56 50.62 -18.42
N ASP B 416 27.45 49.98 -18.78
CA ASP B 416 27.24 49.47 -20.13
C ASP B 416 26.26 50.31 -20.94
N ALA B 417 25.92 51.50 -20.48
CA ALA B 417 25.02 52.38 -21.21
C ALA B 417 25.58 53.79 -21.23
N SER B 418 25.32 54.50 -22.32
CA SER B 418 25.81 55.86 -22.50
C SER B 418 24.72 56.70 -23.15
N THR B 419 24.90 58.02 -23.08
CA THR B 419 23.93 58.94 -23.67
C THR B 419 23.90 58.82 -25.19
N SER B 420 25.07 58.68 -25.82
CA SER B 420 25.12 58.48 -27.26
C SER B 420 24.70 57.07 -27.63
N GLY B 421 24.91 56.11 -26.72
CA GLY B 421 24.53 54.73 -26.98
C GLY B 421 25.70 53.78 -27.02
N ASN B 422 25.57 52.64 -26.35
CA ASN B 422 26.58 51.60 -26.36
C ASN B 422 26.21 50.54 -27.40
N PHE B 423 27.16 50.19 -28.24
CA PHE B 423 26.92 49.27 -29.35
C PHE B 423 27.96 48.16 -29.39
N ASN B 424 28.56 47.83 -28.24
CA ASN B 424 29.61 46.84 -28.15
C ASN B 424 29.09 45.46 -27.75
N TYR B 425 27.78 45.28 -27.67
CA TYR B 425 27.18 44.03 -27.24
C TYR B 425 26.34 43.45 -28.35
N TYR B 426 26.40 42.13 -28.51
CA TYR B 426 25.74 41.43 -29.61
C TYR B 426 24.94 40.25 -29.08
N TYR B 427 23.96 39.83 -29.86
CA TYR B 427 23.22 38.60 -29.61
C TYR B 427 22.92 37.93 -30.93
N ARG B 428 22.81 36.60 -30.90
CA ARG B 428 22.51 35.84 -32.11
C ARG B 428 21.01 35.78 -32.33
N ILE B 429 20.59 36.11 -33.55
CA ILE B 429 19.17 36.17 -33.89
C ILE B 429 18.67 34.87 -34.51
N TRP B 430 19.54 34.03 -35.06
CA TRP B 430 19.10 32.84 -35.76
C TRP B 430 20.18 31.77 -35.73
N ARG B 431 19.76 30.52 -35.60
CA ARG B 431 20.61 29.36 -35.79
C ARG B 431 19.81 28.31 -36.56
N SER B 432 20.53 27.37 -37.18
CA SER B 432 19.86 26.28 -37.86
C SER B 432 19.24 25.29 -36.89
N GLU B 433 19.71 25.26 -35.64
CA GLU B 433 19.15 24.39 -34.61
C GLU B 433 19.26 25.10 -33.27
N LYS B 434 18.40 24.69 -32.35
CA LYS B 434 18.45 25.26 -31.00
C LYS B 434 19.70 24.78 -30.27
N LEU B 435 20.22 25.67 -29.42
CA LEU B 435 21.43 25.36 -28.67
C LEU B 435 21.16 24.29 -27.62
N ARG B 436 22.12 23.40 -27.44
CA ARG B 436 22.13 22.48 -26.31
C ARG B 436 22.54 23.22 -25.04
N PRO B 437 22.23 22.68 -23.86
CA PRO B 437 22.62 23.36 -22.62
C PRO B 437 24.13 23.55 -22.50
N PHE B 438 24.51 24.75 -22.05
CA PHE B 438 25.90 25.17 -21.85
C PHE B 438 26.74 25.06 -23.12
N GLU B 439 26.10 25.23 -24.28
CA GLU B 439 26.81 25.22 -25.56
C GLU B 439 26.96 26.65 -26.05
N ARG B 440 28.12 26.94 -26.63
CA ARG B 440 28.47 28.28 -27.06
C ARG B 440 28.83 28.25 -28.54
N ASP B 441 28.25 29.16 -29.31
CA ASP B 441 28.50 29.28 -30.74
C ASP B 441 28.94 30.70 -31.04
N ILE B 442 30.22 30.88 -31.36
CA ILE B 442 30.79 32.18 -31.65
C ILE B 442 31.15 32.34 -33.12
N ALA B 443 30.76 31.38 -33.96
CA ALA B 443 31.09 31.46 -35.38
C ALA B 443 30.29 32.56 -36.06
N HIS B 444 30.93 33.22 -37.03
CA HIS B 444 30.30 34.29 -37.79
C HIS B 444 29.79 33.73 -39.11
N TYR B 445 28.49 33.86 -39.34
CA TYR B 445 27.89 33.39 -40.59
C TYR B 445 26.62 34.19 -40.86
N ASP B 446 26.16 34.11 -42.09
CA ASP B 446 24.94 34.78 -42.53
C ASP B 446 23.86 33.76 -42.81
N TYR B 447 22.61 34.23 -42.83
CA TYR B 447 21.46 33.38 -43.10
C TYR B 447 20.51 34.09 -44.05
N GLN B 448 19.68 33.30 -44.72
CA GLN B 448 18.83 33.80 -45.78
C GLN B 448 17.50 34.27 -45.20
N VAL B 449 17.20 35.55 -45.42
CA VAL B 449 15.91 36.12 -45.04
C VAL B 449 15.15 36.42 -46.33
N GLY B 450 14.33 35.48 -46.78
CA GLY B 450 13.69 35.61 -48.07
C GLY B 450 14.67 35.28 -49.17
N THR B 451 15.16 36.30 -49.88
CA THR B 451 16.20 36.13 -50.88
C THR B 451 17.51 36.82 -50.53
N GLN B 452 17.50 37.72 -49.56
CA GLN B 452 18.71 38.41 -49.12
C GLN B 452 19.42 37.60 -48.02
N PHE B 453 20.70 37.91 -47.84
CA PHE B 453 21.51 37.29 -46.81
C PHE B 453 21.87 38.35 -45.77
N LYS B 454 21.52 38.08 -44.51
CA LYS B 454 21.79 38.99 -43.42
C LYS B 454 22.60 38.28 -42.35
N SER B 455 23.36 39.06 -41.59
CA SER B 455 24.18 38.51 -40.51
C SER B 455 23.30 37.99 -39.38
N SER B 456 23.69 36.84 -38.83
CA SER B 456 22.94 36.23 -37.74
C SER B 456 23.21 36.88 -36.39
N LEU B 457 24.14 37.83 -36.33
CA LEU B 457 24.44 38.55 -35.09
C LEU B 457 23.82 39.94 -35.17
N LYS B 458 23.00 40.28 -34.18
CA LYS B 458 22.34 41.58 -34.10
C LYS B 458 22.96 42.37 -32.95
N ASN B 459 22.85 43.70 -33.06
CA ASN B 459 23.54 44.61 -32.16
C ASN B 459 22.57 45.17 -31.12
N TYR B 460 23.04 45.25 -29.88
CA TYR B 460 22.30 45.88 -28.80
C TYR B 460 22.57 47.38 -28.80
N GLY B 461 21.49 48.17 -28.81
CA GLY B 461 21.61 49.60 -28.64
C GLY B 461 21.22 50.04 -27.24
N PHE B 462 22.22 50.31 -26.41
CA PHE B 462 22.00 50.58 -24.99
C PHE B 462 22.12 52.08 -24.73
N TYR B 463 21.01 52.79 -24.90
CA TYR B 463 20.96 54.21 -24.61
C TYR B 463 20.70 54.42 -23.12
N SER B 464 21.29 55.49 -22.57
CA SER B 464 21.14 55.77 -21.15
C SER B 464 19.75 56.28 -20.81
N SER B 465 19.02 56.83 -21.78
CA SER B 465 17.67 57.33 -21.58
C SER B 465 16.71 56.34 -22.24
N ALA B 466 16.34 55.31 -21.48
CA ALA B 466 15.45 54.26 -21.98
C ALA B 466 14.80 53.59 -20.79
N GLY B 467 13.80 52.76 -21.08
CA GLY B 467 13.12 52.02 -20.05
C GLY B 467 13.97 50.89 -19.50
N ASP B 468 13.53 50.33 -18.37
CA ASP B 468 14.26 49.24 -17.73
C ASP B 468 14.19 47.95 -18.53
N SER B 469 13.20 47.79 -19.42
CA SER B 469 13.17 46.62 -20.28
C SER B 469 14.20 46.68 -21.39
N HIS B 470 14.72 47.88 -21.69
CA HIS B 470 15.78 48.04 -22.68
C HIS B 470 17.12 48.41 -22.05
N GLN B 471 17.16 48.59 -20.74
CA GLN B 471 18.42 48.87 -20.06
C GLN B 471 19.30 47.63 -20.07
N PRO B 472 20.62 47.79 -20.16
CA PRO B 472 21.50 46.62 -20.13
C PRO B 472 21.59 46.02 -18.74
N TYR B 473 21.57 44.69 -18.70
CA TYR B 473 21.67 43.94 -17.45
C TYR B 473 22.85 42.98 -17.52
N ARG B 474 23.66 42.98 -16.47
CA ARG B 474 24.78 42.07 -16.37
C ARG B 474 24.33 40.82 -15.61
N VAL B 475 24.44 39.66 -16.25
CA VAL B 475 23.96 38.40 -15.69
C VAL B 475 25.17 37.53 -15.37
N VAL B 476 25.22 37.05 -14.13
CA VAL B 476 26.24 36.10 -13.70
C VAL B 476 25.54 34.82 -13.28
N VAL B 477 25.88 33.72 -13.93
CA VAL B 477 25.26 32.42 -13.67
C VAL B 477 26.30 31.53 -12.98
N LEU B 478 25.97 31.07 -11.78
CA LEU B 478 26.84 30.17 -11.02
C LEU B 478 26.33 28.75 -11.14
N SER B 479 27.27 27.81 -11.29
CA SER B 479 26.95 26.39 -11.37
C SER B 479 27.67 25.66 -10.25
N PHE B 480 26.95 24.79 -9.54
CA PHE B 480 27.49 24.12 -8.37
C PHE B 480 27.53 22.61 -8.57
N GLU B 481 28.51 21.98 -7.92
CA GLU B 481 28.59 20.53 -7.80
C GLU B 481 28.83 20.17 -6.34
N LEU B 482 28.21 19.07 -5.90
CA LEU B 482 28.19 18.68 -4.49
C LEU B 482 28.55 17.21 -4.37
N LEU B 483 29.65 16.82 -5.03
CA LEU B 483 30.08 15.43 -5.10
C LEU B 483 30.92 15.07 -3.88
N ASN B 484 31.41 13.83 -3.87
CA ASN B 484 32.29 13.33 -2.82
C ASN B 484 33.75 13.68 -3.15
N ALA B 485 34.02 14.97 -3.15
CA ALA B 485 35.30 15.54 -3.54
C ALA B 485 35.69 16.58 -2.49
N PRO B 486 36.98 16.93 -2.39
CA PRO B 486 37.38 18.01 -1.48
C PRO B 486 36.73 19.33 -1.86
N ALA B 487 36.36 20.09 -0.83
CA ALA B 487 35.64 21.33 -1.04
C ALA B 487 36.58 22.43 -1.49
N THR B 488 36.26 23.04 -2.63
CA THR B 488 37.04 24.17 -3.13
C THR B 488 36.43 25.51 -2.74
N VAL B 489 35.11 25.66 -2.83
CA VAL B 489 34.43 26.89 -2.49
C VAL B 489 33.51 26.61 -1.31
N CYS B 490 33.66 27.37 -0.24
CA CYS B 490 32.92 27.13 1.00
C CYS B 490 32.24 28.41 1.46
N GLY B 491 31.34 28.27 2.42
CA GLY B 491 30.67 29.39 3.00
C GLY B 491 31.48 30.03 4.11
N PRO B 492 30.97 31.14 4.65
CA PRO B 492 31.69 31.85 5.71
C PRO B 492 31.40 31.32 7.10
N LYS B 493 30.83 30.12 7.19
CA LYS B 493 30.44 29.56 8.48
C LYS B 493 31.68 29.19 9.29
N GLN B 494 31.69 29.59 10.57
CA GLN B 494 32.82 29.35 11.45
C GLN B 494 32.79 27.92 11.99
N SER B 495 33.97 27.39 12.27
CA SER B 495 34.13 26.00 12.71
C SER B 495 34.01 25.89 14.23
N THR B 496 33.91 24.65 14.70
CA THR B 496 33.72 24.34 16.11
C THR B 496 34.61 23.15 16.45
N GLU B 497 35.14 23.13 17.68
CA GLU B 497 35.99 22.04 18.14
C GLU B 497 35.23 20.72 18.15
N LEU B 498 35.96 19.64 17.88
CA LEU B 498 35.36 18.31 17.79
C LEU B 498 34.87 17.82 19.14
N ILE B 499 33.69 17.21 19.14
CA ILE B 499 33.14 16.54 20.31
C ILE B 499 32.90 15.10 19.92
N LYS B 500 33.51 14.17 20.66
CA LYS B 500 33.45 12.76 20.34
C LYS B 500 32.82 11.98 21.49
N ASN B 501 32.33 10.79 21.15
CA ASN B 501 31.64 9.87 22.08
C ASN B 501 30.43 10.53 22.71
N LYS B 502 29.73 11.34 21.94
CA LYS B 502 28.51 12.01 22.39
C LYS B 502 27.55 12.13 21.21
N CYS B 503 26.26 12.17 21.53
CA CYS B 503 25.23 12.37 20.51
C CYS B 503 25.13 13.86 20.22
N VAL B 504 25.65 14.27 19.06
CA VAL B 504 25.70 15.68 18.68
C VAL B 504 25.25 15.84 17.23
N ASN B 505 24.84 17.05 16.90
CA ASN B 505 24.68 17.44 15.51
C ASN B 505 26.04 17.80 14.92
N PHE B 506 26.27 17.45 13.67
CA PHE B 506 27.56 17.72 13.04
C PHE B 506 27.34 18.33 11.67
N ASN B 507 28.38 19.02 11.18
CA ASN B 507 28.36 19.66 9.87
C ASN B 507 29.79 19.58 9.31
N PHE B 508 29.98 18.70 8.34
CA PHE B 508 31.28 18.49 7.70
C PHE B 508 31.15 18.83 6.22
N ASN B 509 31.69 20.00 5.84
CA ASN B 509 31.70 20.48 4.45
C ASN B 509 30.29 20.60 3.86
N GLY B 510 29.32 20.96 4.69
CA GLY B 510 27.93 21.03 4.26
C GLY B 510 27.13 19.77 4.44
N LEU B 511 27.78 18.66 4.78
CA LEU B 511 27.10 17.40 5.05
C LEU B 511 26.66 17.39 6.51
N THR B 512 25.40 17.76 6.74
CA THR B 512 24.87 17.82 8.10
C THR B 512 24.43 16.43 8.55
N GLY B 513 24.05 16.32 9.81
CA GLY B 513 23.58 15.06 10.35
C GLY B 513 23.58 15.09 11.86
N THR B 514 23.21 13.95 12.42
CA THR B 514 23.17 13.75 13.87
C THR B 514 23.65 12.36 14.20
N GLY B 515 24.58 12.25 15.13
CA GLY B 515 25.08 10.95 15.51
C GLY B 515 26.18 11.06 16.55
N VAL B 516 26.92 9.98 16.72
CA VAL B 516 28.03 9.89 17.67
C VAL B 516 29.33 9.76 16.89
N LEU B 517 30.29 10.63 17.19
CA LEU B 517 31.57 10.65 16.52
C LEU B 517 32.59 9.85 17.33
N THR B 518 33.29 8.94 16.66
CA THR B 518 34.31 8.12 17.29
C THR B 518 35.51 8.01 16.35
N ASP B 519 36.68 7.76 16.92
CA ASP B 519 37.89 7.61 16.13
C ASP B 519 37.81 6.36 15.26
N SER B 520 38.28 6.48 14.01
CA SER B 520 38.11 5.44 13.01
C SER B 520 39.44 4.86 12.59
N ASN B 521 39.45 3.53 12.40
CA ASN B 521 40.54 2.82 11.77
C ASN B 521 40.31 2.61 10.27
N LYS B 522 39.24 3.19 9.73
CA LYS B 522 38.94 3.03 8.31
C LYS B 522 39.98 3.73 7.44
N LYS B 523 40.42 3.03 6.41
CA LYS B 523 41.32 3.60 5.40
C LYS B 523 40.47 3.90 4.17
N PHE B 524 40.51 5.16 3.72
CA PHE B 524 39.55 5.62 2.72
C PHE B 524 40.34 6.31 1.61
N GLN B 525 39.87 6.15 0.38
CA GLN B 525 40.58 6.60 -0.81
C GLN B 525 40.70 8.13 -0.83
N SER B 526 41.82 8.62 -1.37
CA SER B 526 42.14 10.04 -1.35
C SER B 526 41.23 10.83 -2.27
N PHE B 527 41.17 12.14 -2.03
CA PHE B 527 40.33 13.10 -2.77
C PHE B 527 38.85 12.76 -2.70
N GLN B 528 38.44 12.06 -1.65
CA GLN B 528 37.05 11.77 -1.35
C GLN B 528 36.87 11.87 0.16
N GLN B 529 35.64 12.19 0.59
CA GLN B 529 35.42 12.69 1.94
C GLN B 529 34.68 11.73 2.85
N PHE B 530 33.47 11.29 2.48
CA PHE B 530 32.60 10.57 3.41
C PHE B 530 32.33 9.16 2.93
N GLY B 531 32.11 8.27 3.89
CA GLY B 531 31.77 6.88 3.61
C GLY B 531 30.28 6.65 3.73
N ARG B 532 29.76 5.80 2.87
CA ARG B 532 28.34 5.51 2.78
C ARG B 532 28.09 4.04 3.16
N ASP B 533 26.83 3.63 3.02
CA ASP B 533 26.39 2.27 3.31
C ASP B 533 25.56 1.75 2.14
N VAL B 534 25.08 0.52 2.29
CA VAL B 534 24.16 -0.02 1.29
C VAL B 534 22.79 0.63 1.41
N SER B 535 22.47 1.22 2.57
CA SER B 535 21.24 1.96 2.79
C SER B 535 21.45 3.47 2.67
N ASP B 536 22.58 3.89 2.08
CA ASP B 536 22.96 5.30 1.93
C ASP B 536 23.00 6.03 3.27
N PHE B 537 23.54 5.37 4.29
CA PHE B 537 23.73 5.96 5.60
C PHE B 537 25.20 6.34 5.75
N THR B 538 25.46 7.60 6.07
CA THR B 538 26.82 8.09 6.23
C THR B 538 27.39 7.58 7.54
N ASP B 539 28.26 6.58 7.46
CA ASP B 539 28.85 5.98 8.66
C ASP B 539 30.22 6.55 8.99
N SER B 540 30.92 7.14 8.03
CA SER B 540 32.25 7.69 8.27
C SER B 540 32.40 9.00 7.50
N VAL B 541 33.28 9.85 7.99
CA VAL B 541 33.53 11.16 7.39
C VAL B 541 34.96 11.58 7.70
N LYS B 542 35.63 12.15 6.71
CA LYS B 542 36.98 12.67 6.88
C LYS B 542 36.90 14.08 7.44
N ASP B 543 37.65 14.34 8.51
CA ASP B 543 37.67 15.66 9.11
C ASP B 543 38.43 16.63 8.20
N PRO B 544 37.89 17.84 7.98
CA PRO B 544 38.56 18.78 7.07
C PRO B 544 39.82 19.40 7.64
N LYS B 545 39.97 19.46 8.97
CA LYS B 545 41.11 20.12 9.59
C LYS B 545 42.18 19.15 10.08
N THR B 546 41.77 18.11 10.80
CA THR B 546 42.73 17.14 11.32
C THR B 546 43.02 16.01 10.33
N LEU B 547 42.30 15.95 9.21
CA LEU B 547 42.54 15.00 8.12
C LEU B 547 42.44 13.55 8.58
N GLU B 548 41.51 13.29 9.50
CA GLU B 548 41.31 11.95 10.04
C GLU B 548 39.86 11.53 9.83
N VAL B 549 39.66 10.23 9.59
CA VAL B 549 38.33 9.68 9.43
C VAL B 549 37.72 9.44 10.81
N LEU B 550 36.43 9.68 10.94
CA LEU B 550 35.68 9.43 12.17
C LEU B 550 34.42 8.66 11.87
N ASP B 551 34.06 7.73 12.75
CA ASP B 551 32.81 7.00 12.59
C ASP B 551 31.62 7.89 12.94
N ILE B 552 30.49 7.60 12.31
CA ILE B 552 29.21 8.16 12.69
C ILE B 552 28.31 7.01 13.11
N THR B 553 27.96 6.96 14.39
CA THR B 553 27.07 5.95 14.93
C THR B 553 25.77 6.61 15.33
N PRO B 554 24.62 6.09 14.90
CA PRO B 554 23.34 6.71 15.27
C PRO B 554 23.09 6.64 16.76
N CYS B 555 22.43 7.67 17.28
CA CYS B 555 22.15 7.74 18.70
C CYS B 555 21.09 6.71 19.08
N SER B 556 21.42 5.86 20.05
CA SER B 556 20.57 4.78 20.54
C SER B 556 20.15 3.84 19.40
N TYR B 557 21.15 3.21 18.79
CA TYR B 557 20.89 2.23 17.75
C TYR B 557 20.51 0.87 18.31
N GLY B 558 20.81 0.61 19.58
CA GLY B 558 20.44 -0.66 20.18
C GLY B 558 18.98 -0.72 20.60
N GLY B 559 18.48 -1.94 20.74
CA GLY B 559 17.11 -2.12 21.17
C GLY B 559 16.99 -2.09 22.68
N VAL B 560 15.94 -1.41 23.15
CA VAL B 560 15.67 -1.25 24.58
C VAL B 560 14.23 -1.66 24.84
N SER B 561 14.05 -2.61 25.76
CA SER B 561 12.73 -3.08 26.15
C SER B 561 12.51 -2.81 27.63
N VAL B 562 11.29 -2.45 27.98
CA VAL B 562 10.93 -2.11 29.35
C VAL B 562 9.91 -3.12 29.85
N ILE B 563 10.17 -3.70 31.01
CA ILE B 563 9.31 -4.71 31.61
C ILE B 563 8.53 -4.05 32.74
N THR B 564 7.20 -4.12 32.66
CA THR B 564 6.34 -3.46 33.63
C THR B 564 5.38 -4.47 34.25
N PRO B 565 5.30 -4.53 35.58
CA PRO B 565 4.20 -5.28 36.21
C PRO B 565 2.84 -4.66 35.97
N GLY B 566 2.78 -3.39 35.59
CA GLY B 566 1.54 -2.77 35.19
C GLY B 566 1.14 -1.57 36.01
N THR B 567 0.59 -0.55 35.34
CA THR B 567 -0.09 0.52 36.04
C THR B 567 -1.33 -0.05 36.72
N ASN B 568 -1.61 0.44 37.94
CA ASN B 568 -2.58 -0.03 38.96
C ASN B 568 -2.02 -1.25 39.67
N ALA B 569 -0.76 -1.60 39.44
CA ALA B 569 -0.06 -2.59 40.22
C ALA B 569 1.22 -2.07 40.84
N SER B 570 2.02 -1.31 40.09
CA SER B 570 3.28 -0.77 40.56
C SER B 570 3.73 0.34 39.63
N THR B 571 4.80 1.03 40.03
CA THR B 571 5.48 1.99 39.19
C THR B 571 6.91 1.59 38.86
N GLN B 572 7.44 0.54 39.48
CA GLN B 572 8.78 0.07 39.17
C GLN B 572 8.80 -0.61 37.81
N VAL B 573 9.93 -0.49 37.12
CA VAL B 573 10.13 -1.11 35.82
C VAL B 573 11.49 -1.78 35.78
N ALA B 574 11.65 -2.69 34.82
CA ALA B 574 12.93 -3.31 34.52
C ALA B 574 13.24 -3.08 33.06
N VAL B 575 14.51 -2.78 32.76
CA VAL B 575 14.94 -2.40 31.42
C VAL B 575 15.86 -3.48 30.87
N LEU B 576 15.58 -3.94 29.66
CA LEU B 576 16.40 -4.91 28.96
C LEU B 576 17.08 -4.20 27.79
N TYR B 577 18.41 -4.10 27.84
CA TYR B 577 19.19 -3.53 26.77
C TYR B 577 19.66 -4.68 25.88
N GLN B 578 19.03 -4.82 24.72
CA GLN B 578 19.19 -6.02 23.90
C GLN B 578 20.58 -6.07 23.26
N ASP B 579 21.22 -7.23 23.37
CA ASP B 579 22.48 -7.56 22.69
C ASP B 579 23.60 -6.61 23.06
N VAL B 580 23.66 -6.21 24.34
CA VAL B 580 24.80 -5.46 24.86
C VAL B 580 25.28 -6.17 26.13
N ASN B 581 26.53 -5.91 26.48
CA ASN B 581 27.05 -6.38 27.76
C ASN B 581 26.68 -5.40 28.86
N CYS B 582 26.72 -5.88 30.11
CA CYS B 582 26.30 -5.06 31.23
C CYS B 582 27.31 -3.95 31.53
N THR B 583 28.59 -4.17 31.22
CA THR B 583 29.60 -3.14 31.42
C THR B 583 29.54 -2.06 30.35
N ASP B 584 28.92 -2.33 29.21
CA ASP B 584 28.83 -1.38 28.11
C ASP B 584 27.50 -0.65 28.06
N VAL B 585 26.64 -0.83 29.09
CA VAL B 585 25.34 -0.16 29.10
C VAL B 585 25.45 1.36 29.16
N PRO B 586 26.25 1.97 30.05
CA PRO B 586 26.32 3.46 30.02
C PRO B 586 26.91 4.02 28.74
N THR B 587 27.80 3.29 28.08
CA THR B 587 28.36 3.76 26.81
C THR B 587 27.35 3.62 25.68
N ALA B 588 26.56 2.55 25.69
CA ALA B 588 25.64 2.28 24.59
C ALA B 588 24.45 3.25 24.60
N ILE B 589 23.95 3.60 25.79
CA ILE B 589 22.78 4.47 25.89
C ILE B 589 23.15 5.91 26.18
N HIS B 590 24.45 6.22 26.31
CA HIS B 590 24.97 7.56 26.61
C HIS B 590 24.36 8.10 27.90
N ALA B 591 24.68 7.41 29.00
CA ALA B 591 24.07 7.71 30.30
C ALA B 591 24.46 9.07 30.84
N GLU B 592 25.57 9.66 30.38
CA GLU B 592 25.96 10.98 30.85
C GLU B 592 25.08 12.09 30.28
N GLN B 593 24.38 11.83 29.17
CA GLN B 593 23.50 12.81 28.57
C GLN B 593 22.04 12.65 28.96
N LEU B 594 21.71 11.61 29.71
CA LEU B 594 20.34 11.34 30.08
C LEU B 594 19.98 12.03 31.40
N THR B 595 18.71 11.96 31.76
CA THR B 595 18.25 12.42 33.06
C THR B 595 18.76 11.50 34.15
N PRO B 596 18.87 12.00 35.39
CA PRO B 596 19.25 11.11 36.51
C PRO B 596 18.29 9.96 36.73
N SER B 597 16.99 10.15 36.42
CA SER B 597 16.04 9.05 36.50
C SER B 597 16.39 7.96 35.49
N TRP B 598 16.82 8.35 34.30
CA TRP B 598 17.30 7.36 33.33
C TRP B 598 18.68 6.84 33.70
N ARG B 599 19.49 7.67 34.36
CA ARG B 599 20.82 7.22 34.79
C ARG B 599 20.76 6.23 35.95
N VAL B 600 19.62 6.17 36.65
CA VAL B 600 19.44 5.15 37.68
C VAL B 600 19.45 3.76 37.07
N TYR B 601 18.79 3.59 35.92
CA TYR B 601 18.70 2.29 35.28
C TYR B 601 19.90 1.96 34.40
N SER B 602 20.89 2.85 34.31
CA SER B 602 22.08 2.55 33.52
C SER B 602 23.02 1.58 34.22
N THR B 603 22.95 1.50 35.55
CA THR B 603 23.82 0.62 36.31
C THR B 603 23.15 0.29 37.64
N GLY B 604 23.67 -0.73 38.29
CA GLY B 604 23.14 -1.11 39.60
C GLY B 604 23.60 -2.50 39.98
N THR B 605 23.21 -2.89 41.20
CA THR B 605 23.55 -4.21 41.69
C THR B 605 22.70 -5.29 41.04
N ASN B 606 21.50 -4.92 40.57
CA ASN B 606 20.59 -5.88 39.93
C ASN B 606 20.80 -5.87 38.42
N MET B 607 21.99 -6.30 38.02
CA MET B 607 22.33 -6.46 36.61
C MET B 607 22.95 -7.84 36.39
N PHE B 608 22.60 -8.46 35.28
CA PHE B 608 23.13 -9.76 34.89
C PHE B 608 22.81 -10.00 33.42
N GLN B 609 23.72 -10.69 32.73
CA GLN B 609 23.53 -11.02 31.33
C GLN B 609 22.53 -12.16 31.20
N THR B 610 21.55 -11.98 30.32
CA THR B 610 20.46 -12.95 30.15
C THR B 610 20.47 -13.63 28.80
N GLN B 611 21.55 -13.44 28.00
CA GLN B 611 21.78 -13.99 26.66
C GLN B 611 20.89 -13.29 25.62
N ALA B 612 19.93 -12.50 26.08
CA ALA B 612 19.15 -11.60 25.25
C ALA B 612 19.56 -10.15 25.44
N GLY B 613 20.58 -9.90 26.26
CA GLY B 613 21.06 -8.59 26.61
C GLY B 613 21.27 -8.47 28.10
N CYS B 614 21.42 -7.23 28.57
CA CYS B 614 21.61 -6.95 29.99
C CYS B 614 20.30 -6.46 30.59
N LEU B 615 19.87 -7.11 31.68
CA LEU B 615 18.64 -6.77 32.36
C LEU B 615 18.98 -6.01 33.64
N ILE B 616 18.48 -4.79 33.76
CA ILE B 616 18.75 -3.92 34.89
C ILE B 616 17.42 -3.57 35.55
N GLY B 617 17.34 -3.76 36.86
CA GLY B 617 16.13 -3.47 37.61
C GLY B 617 15.41 -4.70 38.16
N ALA B 618 15.90 -5.90 37.86
CA ALA B 618 15.31 -7.13 38.36
C ALA B 618 16.40 -8.01 38.94
N GLU B 619 16.11 -8.63 40.08
CA GLU B 619 17.07 -9.52 40.73
C GLU B 619 16.89 -10.95 40.24
N HIS B 620 18.01 -11.64 40.06
CA HIS B 620 18.01 -12.99 39.50
C HIS B 620 17.82 -13.98 40.64
N VAL B 621 16.62 -14.56 40.72
CA VAL B 621 16.33 -15.58 41.72
C VAL B 621 16.67 -16.95 41.14
N ASN B 622 16.94 -17.90 42.03
CA ASN B 622 17.34 -19.24 41.63
C ASN B 622 16.15 -20.19 41.48
N ASN B 623 14.94 -19.75 41.81
CA ASN B 623 13.78 -20.59 41.68
C ASN B 623 13.33 -20.68 40.22
N SER B 624 12.44 -21.63 39.94
CA SER B 624 11.87 -21.82 38.61
C SER B 624 10.36 -21.78 38.73
N TYR B 625 9.73 -20.87 37.99
CA TYR B 625 8.29 -20.72 37.98
C TYR B 625 7.79 -20.82 36.55
N ASP B 626 6.47 -20.79 36.38
CA ASP B 626 5.88 -20.63 35.07
C ASP B 626 6.12 -19.21 34.57
N CYS B 627 6.11 -19.05 33.25
CA CYS B 627 6.41 -17.75 32.66
C CYS B 627 5.26 -16.78 32.89
N ASP B 628 5.59 -15.57 33.33
CA ASP B 628 4.63 -14.49 33.48
C ASP B 628 4.86 -13.37 32.48
N ILE B 629 6.07 -12.83 32.44
CA ILE B 629 6.46 -11.85 31.41
C ILE B 629 7.65 -12.43 30.65
N PRO B 630 7.49 -12.82 29.39
CA PRO B 630 8.60 -13.46 28.66
C PRO B 630 9.70 -12.48 28.26
N ILE B 631 10.85 -12.56 28.94
CA ILE B 631 12.00 -11.76 28.53
C ILE B 631 12.58 -12.28 27.23
N GLY B 632 12.73 -13.60 27.13
CA GLY B 632 13.36 -14.22 25.99
C GLY B 632 14.60 -15.00 26.37
N ALA B 633 14.98 -15.97 25.52
CA ALA B 633 16.13 -16.84 25.74
C ALA B 633 16.06 -17.58 27.07
N GLY B 634 14.87 -18.01 27.46
CA GLY B 634 14.68 -18.81 28.64
C GLY B 634 14.40 -18.04 29.92
N ILE B 635 14.38 -16.71 29.87
CA ILE B 635 14.22 -15.89 31.05
C ILE B 635 12.80 -15.33 31.07
N CYS B 636 12.17 -15.38 32.23
CA CYS B 636 10.86 -14.78 32.45
C CYS B 636 10.92 -13.91 33.70
N ALA B 637 9.95 -13.00 33.82
CA ALA B 637 9.91 -12.07 34.94
C ALA B 637 8.50 -12.00 35.50
N THR B 638 8.41 -11.66 36.78
CA THR B 638 7.14 -11.53 37.46
C THR B 638 7.29 -10.55 38.63
N TYR B 639 6.16 -10.10 39.14
CA TYR B 639 6.14 -9.23 40.30
C TYR B 639 6.12 -10.07 41.58
N HIS B 640 6.72 -9.52 42.64
CA HIS B 640 7.00 -10.20 43.92
C HIS B 640 7.84 -11.43 43.58
N THR B 641 7.46 -12.63 44.01
CA THR B 641 8.23 -13.83 43.68
C THR B 641 7.30 -14.98 43.31
N ASN B 651 7.78 -6.92 50.74
CA ASN B 651 7.93 -5.87 49.72
C ASN B 651 8.01 -6.48 48.33
N LYS B 652 7.05 -6.12 47.48
CA LYS B 652 7.01 -6.65 46.12
C LYS B 652 8.10 -6.02 45.27
N ARG B 653 8.67 -6.82 44.37
CA ARG B 653 9.72 -6.36 43.48
C ARG B 653 9.75 -7.26 42.25
N ILE B 654 10.43 -6.79 41.21
CA ILE B 654 10.53 -7.54 39.96
C ILE B 654 11.69 -8.52 40.08
N VAL B 655 11.41 -9.80 39.84
CA VAL B 655 12.44 -10.83 39.84
C VAL B 655 12.51 -11.45 38.46
N ALA B 656 13.68 -11.99 38.14
CA ALA B 656 13.91 -12.67 36.88
C ALA B 656 14.42 -14.07 37.15
N TYR B 657 13.92 -15.04 36.38
CA TYR B 657 14.21 -16.44 36.64
C TYR B 657 14.26 -17.20 35.32
N VAL B 658 14.87 -18.37 35.38
CA VAL B 658 14.79 -19.32 34.26
C VAL B 658 13.44 -20.02 34.32
N MET B 659 12.73 -20.04 33.20
CA MET B 659 11.41 -20.66 33.16
C MET B 659 11.50 -22.16 33.39
N SER B 660 10.43 -22.71 33.96
CA SER B 660 10.35 -24.14 34.26
C SER B 660 9.58 -24.84 33.15
N LEU B 661 10.16 -25.90 32.61
CA LEU B 661 9.51 -26.65 31.55
C LEU B 661 8.34 -27.48 32.05
N GLY B 662 8.35 -27.85 33.32
CA GLY B 662 7.28 -28.65 33.88
C GLY B 662 7.77 -29.40 35.10
N ALA B 663 6.85 -30.20 35.66
CA ALA B 663 7.16 -30.99 36.84
C ALA B 663 8.10 -32.13 36.47
N GLU B 664 9.16 -32.29 37.27
CA GLU B 664 10.11 -33.36 37.03
C GLU B 664 9.49 -34.69 37.44
N ASN B 665 9.55 -35.67 36.54
CA ASN B 665 8.91 -36.96 36.76
C ASN B 665 9.86 -38.07 36.31
N SER B 666 9.64 -39.25 36.86
CA SER B 666 10.44 -40.42 36.51
C SER B 666 9.53 -41.64 36.44
N VAL B 667 9.74 -42.46 35.41
CA VAL B 667 9.01 -43.71 35.23
C VAL B 667 10.00 -44.85 35.39
N ALA B 668 9.74 -45.73 36.35
CA ALA B 668 10.60 -46.87 36.63
C ALA B 668 10.32 -47.95 35.59
N TYR B 669 11.14 -47.97 34.53
CA TYR B 669 10.99 -48.97 33.49
C TYR B 669 11.49 -50.32 33.97
N SER B 670 10.66 -51.35 33.80
CA SER B 670 11.06 -52.72 34.05
C SER B 670 10.54 -53.59 32.91
N ASN B 671 11.24 -54.69 32.66
CA ASN B 671 10.89 -55.59 31.56
C ASN B 671 9.86 -56.63 31.94
N ASN B 672 9.38 -56.64 33.19
CA ASN B 672 8.39 -57.62 33.60
C ASN B 672 7.28 -57.04 34.48
N THR B 673 7.23 -55.72 34.65
CA THR B 673 6.20 -55.08 35.45
C THR B 673 5.33 -54.17 34.59
N ILE B 674 4.05 -54.13 34.90
CA ILE B 674 3.10 -53.27 34.20
C ILE B 674 2.25 -52.55 35.25
N ALA B 675 1.71 -51.40 34.85
CA ALA B 675 0.83 -50.61 35.70
C ALA B 675 -0.56 -50.63 35.08
N ILE B 676 -1.54 -51.08 35.84
CA ILE B 676 -2.93 -51.19 35.39
C ILE B 676 -3.77 -50.27 36.27
N PRO B 677 -4.54 -49.36 35.69
CA PRO B 677 -5.42 -48.51 36.51
C PRO B 677 -6.54 -49.30 37.16
N THR B 678 -6.92 -48.85 38.35
CA THR B 678 -8.00 -49.48 39.10
C THR B 678 -9.22 -48.59 39.25
N ASN B 679 -9.13 -47.31 38.88
CA ASN B 679 -10.24 -46.38 38.97
C ASN B 679 -10.20 -45.48 37.75
N PHE B 680 -11.11 -44.51 37.71
CA PHE B 680 -11.17 -43.58 36.59
C PHE B 680 -11.82 -42.28 37.04
N THR B 681 -11.63 -41.25 36.23
CA THR B 681 -12.24 -39.95 36.45
C THR B 681 -12.96 -39.52 35.17
N ILE B 682 -14.21 -39.08 35.32
CA ILE B 682 -14.96 -38.51 34.20
C ILE B 682 -14.67 -37.02 34.19
N SER B 683 -13.93 -36.57 33.19
CA SER B 683 -13.46 -35.20 33.11
C SER B 683 -14.22 -34.46 32.01
N VAL B 684 -14.69 -33.26 32.33
CA VAL B 684 -15.32 -32.37 31.36
C VAL B 684 -14.48 -31.11 31.27
N THR B 685 -14.00 -30.81 30.07
CA THR B 685 -13.17 -29.64 29.82
C THR B 685 -13.79 -28.81 28.70
N THR B 686 -13.41 -27.53 28.67
CA THR B 686 -13.93 -26.58 27.70
C THR B 686 -12.87 -26.25 26.67
N GLU B 687 -13.30 -26.13 25.41
CA GLU B 687 -12.44 -25.62 24.33
C GLU B 687 -13.19 -24.50 23.65
N VAL B 688 -12.56 -23.32 23.62
CA VAL B 688 -13.18 -22.11 23.06
C VAL B 688 -12.57 -21.87 21.69
N MET B 689 -13.44 -21.80 20.67
CA MET B 689 -13.00 -21.62 19.29
C MET B 689 -13.75 -20.45 18.67
N PRO B 690 -13.04 -19.46 18.11
CA PRO B 690 -13.72 -18.44 17.32
C PRO B 690 -14.30 -19.02 16.05
N VAL B 691 -15.45 -18.46 15.63
CA VAL B 691 -16.15 -18.92 14.45
C VAL B 691 -16.31 -17.79 13.43
N SER B 692 -16.75 -16.62 13.89
CA SER B 692 -16.97 -15.48 13.00
C SER B 692 -16.47 -14.21 13.68
N MET B 693 -16.33 -13.16 12.89
CA MET B 693 -16.03 -11.83 13.39
C MET B 693 -17.08 -10.87 12.86
N THR B 694 -16.98 -9.60 13.27
CA THR B 694 -17.97 -8.62 12.89
C THR B 694 -17.87 -8.29 11.40
N LYS B 695 -19.03 -8.20 10.76
CA LYS B 695 -19.11 -7.85 9.34
C LYS B 695 -19.16 -6.33 9.22
N THR B 696 -18.18 -5.76 8.54
CA THR B 696 -18.07 -4.31 8.40
C THR B 696 -18.19 -3.92 6.93
N SER B 697 -18.76 -2.75 6.70
CA SER B 697 -18.87 -2.17 5.37
C SER B 697 -18.38 -0.73 5.39
N VAL B 698 -17.77 -0.31 4.29
CA VAL B 698 -17.14 1.01 4.20
C VAL B 698 -17.69 1.72 2.98
N ASP B 699 -18.14 2.96 3.16
CA ASP B 699 -18.45 3.87 2.06
C ASP B 699 -17.22 4.75 1.82
N CYS B 700 -16.63 4.66 0.64
CA CYS B 700 -15.44 5.43 0.32
C CYS B 700 -15.71 6.93 0.26
N THR B 701 -16.83 7.34 -0.32
CA THR B 701 -17.08 8.76 -0.51
C THR B 701 -17.32 9.46 0.82
N MET B 702 -17.90 8.76 1.80
CA MET B 702 -18.08 9.34 3.12
C MET B 702 -16.76 9.37 3.90
N TYR B 703 -15.92 8.35 3.74
CA TYR B 703 -14.68 8.29 4.51
C TYR B 703 -13.63 9.24 3.95
N ILE B 704 -13.29 9.10 2.67
CA ILE B 704 -12.22 9.89 2.06
C ILE B 704 -12.64 11.35 1.92
N CYS B 705 -13.86 11.59 1.45
CA CYS B 705 -14.27 12.92 1.05
C CYS B 705 -15.40 13.52 1.86
N GLY B 706 -16.18 12.72 2.58
CA GLY B 706 -17.30 13.24 3.32
C GLY B 706 -18.44 13.67 2.42
N ASP B 707 -18.76 14.96 2.43
CA ASP B 707 -19.86 15.49 1.63
C ASP B 707 -19.41 16.48 0.57
N SER B 708 -18.12 16.80 0.48
CA SER B 708 -17.65 17.77 -0.50
C SER B 708 -17.65 17.17 -1.90
N VAL B 709 -18.22 17.90 -2.85
CA VAL B 709 -18.32 17.39 -4.22
C VAL B 709 -17.01 17.52 -4.99
N GLU B 710 -16.15 18.46 -4.61
CA GLU B 710 -14.86 18.60 -5.27
C GLU B 710 -13.98 17.37 -5.04
N CYS B 711 -13.96 16.88 -3.81
CA CYS B 711 -13.21 15.66 -3.51
C CYS B 711 -13.83 14.45 -4.19
N SER B 712 -15.15 14.40 -4.30
CA SER B 712 -15.80 13.29 -5.00
C SER B 712 -15.44 13.28 -6.47
N THR B 713 -15.43 14.46 -7.10
CA THR B 713 -15.04 14.56 -8.51
C THR B 713 -13.58 14.18 -8.70
N LEU B 714 -12.71 14.59 -7.77
CA LEU B 714 -11.30 14.21 -7.87
C LEU B 714 -11.07 12.74 -7.56
N LEU B 715 -11.93 12.14 -6.71
CA LEU B 715 -11.82 10.73 -6.39
C LEU B 715 -12.32 9.86 -7.54
N LEU B 716 -13.23 10.41 -8.36
CA LEU B 716 -13.67 9.70 -9.55
C LEU B 716 -12.53 9.42 -10.54
N GLN B 717 -11.43 10.17 -10.45
CA GLN B 717 -10.28 9.97 -11.32
C GLN B 717 -9.33 8.90 -10.82
N TYR B 718 -9.60 8.28 -9.67
CA TYR B 718 -8.74 7.25 -9.13
C TYR B 718 -9.17 5.83 -9.52
N GLY B 719 -10.24 5.70 -10.29
CA GLY B 719 -10.57 4.40 -10.86
C GLY B 719 -11.35 3.53 -9.89
N SER B 720 -11.00 2.24 -9.86
CA SER B 720 -11.78 1.22 -9.18
C SER B 720 -11.09 0.72 -7.90
N PHE B 721 -10.49 1.64 -7.14
CA PHE B 721 -9.96 1.28 -5.83
C PHE B 721 -11.07 0.80 -4.90
N CYS B 722 -12.14 1.61 -4.80
CA CYS B 722 -13.21 1.37 -3.85
C CYS B 722 -14.15 0.25 -4.24
N THR B 723 -14.32 -0.02 -5.54
CA THR B 723 -15.02 -1.23 -5.94
C THR B 723 -14.27 -2.47 -5.47
N GLN B 724 -12.95 -2.45 -5.56
CA GLN B 724 -12.13 -3.56 -5.05
C GLN B 724 -12.25 -3.69 -3.54
N LEU B 725 -12.19 -2.57 -2.81
CA LEU B 725 -12.29 -2.62 -1.35
C LEU B 725 -13.67 -3.11 -0.91
N ASN B 726 -14.73 -2.63 -1.55
CA ASN B 726 -16.08 -3.07 -1.22
C ASN B 726 -16.29 -4.54 -1.56
N ARG B 727 -15.69 -5.00 -2.67
CA ARG B 727 -15.79 -6.41 -3.03
C ARG B 727 -15.09 -7.29 -2.00
N ALA B 728 -13.92 -6.87 -1.54
CA ALA B 728 -13.20 -7.65 -0.52
C ALA B 728 -13.97 -7.69 0.80
N LEU B 729 -14.51 -6.54 1.23
CA LEU B 729 -15.26 -6.50 2.48
C LEU B 729 -16.56 -7.29 2.39
N THR B 730 -17.22 -7.25 1.23
CA THR B 730 -18.43 -8.04 1.04
C THR B 730 -18.12 -9.54 1.05
N GLY B 731 -16.99 -9.93 0.46
CA GLY B 731 -16.57 -11.32 0.54
C GLY B 731 -16.31 -11.78 1.96
N ILE B 732 -15.67 -10.91 2.75
CA ILE B 732 -15.45 -11.22 4.17
C ILE B 732 -16.77 -11.36 4.92
N ALA B 733 -17.70 -10.44 4.67
CA ALA B 733 -19.00 -10.46 5.36
C ALA B 733 -19.81 -11.70 4.99
N VAL B 734 -19.75 -12.13 3.73
CA VAL B 734 -20.43 -13.36 3.33
C VAL B 734 -19.75 -14.58 3.95
N GLU B 735 -18.41 -14.56 4.01
CA GLU B 735 -17.66 -15.67 4.57
C GLU B 735 -17.93 -15.85 6.06
N GLN B 736 -18.24 -14.78 6.79
CA GLN B 736 -18.57 -14.91 8.21
C GLN B 736 -19.84 -15.73 8.41
N ASP B 737 -20.89 -15.41 7.65
CA ASP B 737 -22.12 -16.18 7.73
C ASP B 737 -21.93 -17.61 7.22
N LYS B 738 -21.07 -17.78 6.21
CA LYS B 738 -20.75 -19.13 5.74
C LYS B 738 -20.07 -19.95 6.84
N ASN B 739 -19.17 -19.31 7.59
CA ASN B 739 -18.51 -19.99 8.72
C ASN B 739 -19.51 -20.40 9.78
N THR B 740 -20.42 -19.49 10.13
CA THR B 740 -21.43 -19.82 11.14
C THR B 740 -22.34 -20.94 10.68
N GLN B 741 -22.75 -20.92 9.41
CA GLN B 741 -23.58 -21.99 8.86
C GLN B 741 -22.84 -23.32 8.81
N GLU B 742 -21.56 -23.29 8.48
CA GLU B 742 -20.79 -24.54 8.43
C GLU B 742 -20.55 -25.12 9.81
N VAL B 743 -20.43 -24.28 10.83
CA VAL B 743 -20.20 -24.79 12.18
C VAL B 743 -21.51 -25.30 12.78
N PHE B 744 -22.56 -24.49 12.80
CA PHE B 744 -23.72 -24.79 13.62
C PHE B 744 -24.85 -25.50 12.89
N ALA B 745 -24.94 -25.41 11.57
CA ALA B 745 -26.07 -25.95 10.82
C ALA B 745 -25.72 -27.26 10.11
N GLN B 746 -24.94 -28.13 10.76
CA GLN B 746 -24.56 -29.39 10.13
C GLN B 746 -25.75 -30.32 9.97
N VAL B 747 -26.65 -30.36 10.95
CA VAL B 747 -27.84 -31.20 10.90
C VAL B 747 -29.06 -30.29 10.72
N LYS B 748 -29.94 -30.65 9.79
CA LYS B 748 -31.11 -29.85 9.47
C LYS B 748 -32.38 -30.40 10.11
N GLN B 749 -32.26 -31.34 11.04
CA GLN B 749 -33.40 -31.85 11.78
C GLN B 749 -33.37 -31.23 13.17
N ILE B 750 -34.30 -30.32 13.45
CA ILE B 750 -34.36 -29.64 14.74
C ILE B 750 -35.10 -30.53 15.72
N TYR B 751 -34.35 -31.34 16.46
CA TYR B 751 -34.94 -32.23 17.45
C TYR B 751 -35.42 -31.45 18.66
N LYS B 752 -36.62 -31.81 19.13
CA LYS B 752 -37.21 -31.10 20.26
C LYS B 752 -36.47 -31.43 21.55
N THR B 753 -36.38 -30.44 22.42
CA THR B 753 -35.75 -30.65 23.73
C THR B 753 -36.64 -31.56 24.58
N PRO B 754 -36.08 -32.63 25.15
CA PRO B 754 -36.90 -33.54 25.96
C PRO B 754 -37.41 -32.87 27.22
N ASP B 755 -38.61 -33.30 27.64
CA ASP B 755 -39.22 -32.74 28.84
C ASP B 755 -38.46 -33.14 30.10
N ILE B 756 -38.04 -34.40 30.18
CA ILE B 756 -37.25 -34.88 31.30
C ILE B 756 -35.77 -34.83 30.89
N LYS B 757 -35.00 -33.99 31.58
CA LYS B 757 -33.60 -33.81 31.23
C LYS B 757 -32.69 -34.89 31.79
N ASP B 758 -33.16 -35.69 32.74
CA ASP B 758 -32.35 -36.72 33.35
C ASP B 758 -32.40 -37.98 32.49
N PHE B 759 -31.23 -38.45 32.04
CA PHE B 759 -31.12 -39.63 31.21
C PHE B 759 -30.26 -40.66 31.93
N GLY B 760 -30.89 -41.51 32.73
CA GLY B 760 -30.16 -42.55 33.44
C GLY B 760 -29.26 -42.05 34.54
N GLY B 761 -29.58 -40.91 35.15
CA GLY B 761 -28.76 -40.30 36.17
C GLY B 761 -27.91 -39.16 35.68
N PHE B 762 -27.72 -39.03 34.38
CA PHE B 762 -26.96 -37.92 33.81
C PHE B 762 -27.89 -36.72 33.69
N ASN B 763 -27.52 -35.61 34.35
CA ASN B 763 -28.49 -34.56 34.63
C ASN B 763 -28.88 -33.78 33.37
N PHE B 764 -27.90 -33.35 32.58
CA PHE B 764 -28.08 -32.69 31.29
C PHE B 764 -28.87 -31.38 31.35
N SER B 765 -29.15 -30.86 32.54
CA SER B 765 -30.10 -29.75 32.66
C SER B 765 -29.43 -28.41 32.39
N GLN B 766 -28.13 -28.29 32.62
CA GLN B 766 -27.44 -27.03 32.48
C GLN B 766 -26.92 -26.77 31.07
N ILE B 767 -26.92 -27.78 30.20
CA ILE B 767 -26.53 -27.60 28.81
C ILE B 767 -27.73 -27.54 27.88
N LEU B 768 -28.94 -27.80 28.38
CA LEU B 768 -30.18 -27.71 27.64
C LEU B 768 -30.98 -26.51 28.12
N PRO B 769 -31.82 -25.91 27.26
CA PRO B 769 -32.61 -24.75 27.68
C PRO B 769 -33.63 -25.10 28.75
N ASP B 770 -33.86 -24.13 29.63
CA ASP B 770 -34.82 -24.29 30.72
C ASP B 770 -36.18 -23.80 30.27
N PRO B 771 -37.21 -24.66 30.29
CA PRO B 771 -38.56 -24.20 29.89
C PRO B 771 -39.18 -23.19 30.83
N SER B 772 -38.69 -23.09 32.08
CA SER B 772 -39.25 -22.15 33.05
C SER B 772 -38.55 -20.81 33.03
N LYS B 773 -37.59 -20.60 32.13
CA LYS B 773 -36.87 -19.33 32.04
C LYS B 773 -37.24 -18.61 30.75
N PRO B 774 -37.27 -17.28 30.76
CA PRO B 774 -37.63 -16.54 29.52
C PRO B 774 -36.57 -16.66 28.43
N SER B 775 -35.31 -16.89 28.80
CA SER B 775 -34.26 -17.03 27.80
C SER B 775 -34.30 -18.43 27.20
N LYS B 776 -34.11 -18.50 25.88
CA LYS B 776 -34.10 -19.78 25.18
C LYS B 776 -32.74 -20.46 25.21
N ARG B 777 -31.74 -19.85 25.82
CA ARG B 777 -30.42 -20.45 25.95
C ARG B 777 -30.34 -21.28 27.23
N SER B 778 -29.25 -22.02 27.36
CA SER B 778 -29.01 -22.83 28.55
C SER B 778 -28.34 -21.97 29.63
N PHE B 779 -28.13 -22.58 30.80
CA PHE B 779 -27.45 -21.89 31.89
C PHE B 779 -25.99 -21.62 31.55
N ILE B 780 -25.30 -22.60 30.96
CA ILE B 780 -23.92 -22.42 30.55
C ILE B 780 -23.81 -21.38 29.45
N GLU B 781 -24.74 -21.39 28.49
CA GLU B 781 -24.74 -20.39 27.43
C GLU B 781 -25.02 -19.00 27.97
N ASP B 782 -25.90 -18.89 28.97
CA ASP B 782 -26.16 -17.61 29.60
C ASP B 782 -24.94 -17.11 30.36
N LEU B 783 -24.17 -18.01 30.98
CA LEU B 783 -22.91 -17.62 31.60
C LEU B 783 -21.90 -17.16 30.55
N LEU B 784 -21.84 -17.85 29.41
CA LEU B 784 -20.86 -17.53 28.38
C LEU B 784 -21.17 -16.19 27.72
N PHE B 785 -22.45 -15.89 27.51
CA PHE B 785 -22.81 -14.65 26.85
C PHE B 785 -22.60 -13.42 27.73
N ASN B 786 -22.50 -13.60 29.04
CA ASN B 786 -22.19 -12.51 29.95
C ASN B 786 -20.69 -12.34 30.18
N LYS B 787 -19.86 -13.26 29.68
CA LYS B 787 -18.43 -13.17 29.87
C LYS B 787 -17.76 -12.28 28.82
N VAL B 788 -18.25 -12.31 27.59
CA VAL B 788 -17.74 -11.42 26.55
C VAL B 788 -18.42 -10.06 26.72
N THR B 789 -17.60 -9.01 26.89
CA THR B 789 -18.14 -7.70 27.22
C THR B 789 -18.90 -7.09 26.04
N LEU B 790 -18.37 -7.23 24.83
CA LEU B 790 -18.91 -6.65 23.59
C LEU B 790 -19.05 -5.13 23.75
N ALA B 791 -17.88 -4.49 23.88
CA ALA B 791 -17.83 -3.04 23.99
C ALA B 791 -18.18 -2.37 22.67
N ASP B 792 -17.92 -3.05 21.55
CA ASP B 792 -18.26 -2.54 20.22
C ASP B 792 -19.71 -2.88 19.91
N ALA B 793 -20.61 -2.09 20.52
CA ALA B 793 -22.07 -2.30 20.37
C ALA B 793 -22.63 -1.35 19.31
N GLY B 794 -22.32 -1.61 18.04
CA GLY B 794 -22.82 -0.81 16.90
C GLY B 794 -24.34 -0.74 16.91
N PHE B 795 -25.01 -1.89 16.94
CA PHE B 795 -26.48 -1.96 16.71
C PHE B 795 -27.18 -1.14 17.78
N VAL B 796 -26.68 -1.22 19.01
CA VAL B 796 -27.29 -0.43 20.11
C VAL B 796 -27.45 1.03 19.63
N LYS B 797 -26.58 1.45 18.72
CA LYS B 797 -26.66 2.78 18.11
C LYS B 797 -27.64 2.77 16.94
N GLN B 798 -28.60 3.70 17.00
CA GLN B 798 -29.59 3.83 15.93
C GLN B 798 -29.63 5.28 15.45
N TYR B 799 -30.57 5.59 14.56
CA TYR B 799 -30.77 6.99 14.18
C TYR B 799 -31.41 7.75 15.33
N GLY B 800 -30.86 8.92 15.63
CA GLY B 800 -31.32 9.74 16.73
C GLY B 800 -30.49 9.61 18.00
N ASP B 801 -29.66 8.57 18.10
CA ASP B 801 -28.74 8.45 19.22
C ASP B 801 -27.44 9.22 19.00
N CYS B 802 -27.00 9.34 17.74
CA CYS B 802 -25.81 10.12 17.43
C CYS B 802 -26.12 11.60 17.27
N LEU B 803 -27.39 11.98 17.19
CA LEU B 803 -27.80 13.37 17.03
C LEU B 803 -28.53 13.80 18.28
N GLY B 804 -28.29 15.04 18.71
CA GLY B 804 -28.92 15.57 19.90
C GLY B 804 -28.30 15.11 21.20
N ASP B 805 -27.13 14.51 21.17
CA ASP B 805 -26.44 14.10 22.38
C ASP B 805 -25.97 15.32 23.17
N ILE B 806 -25.97 15.20 24.49
CA ILE B 806 -25.50 16.28 25.37
C ILE B 806 -23.99 16.09 25.49
N GLN B 807 -23.27 16.60 24.47
CA GLN B 807 -21.84 16.36 24.24
C GLN B 807 -21.52 14.88 24.28
N ALA B 808 -20.35 14.53 24.83
CA ALA B 808 -19.91 13.14 25.06
C ALA B 808 -19.92 12.34 23.76
N ARG B 809 -19.05 12.77 22.84
CA ARG B 809 -18.97 12.14 21.52
C ARG B 809 -18.45 10.71 21.64
N ASP B 810 -19.14 9.79 20.98
CA ASP B 810 -18.82 8.37 21.02
C ASP B 810 -18.00 7.96 19.81
N LEU B 811 -17.25 6.88 19.97
CA LEU B 811 -16.45 6.36 18.86
C LEU B 811 -17.32 5.69 17.81
N ILE B 812 -18.43 5.08 18.23
CA ILE B 812 -19.35 4.46 17.27
C ILE B 812 -20.03 5.51 16.41
N CYS B 813 -20.35 6.66 17.00
CA CYS B 813 -20.93 7.76 16.22
C CYS B 813 -19.92 8.32 15.23
N ALA B 814 -18.65 8.38 15.61
CA ALA B 814 -17.61 8.79 14.68
C ALA B 814 -17.41 7.77 13.58
N GLN B 815 -17.57 6.48 13.89
CA GLN B 815 -17.53 5.45 12.86
C GLN B 815 -18.69 5.60 11.88
N LYS B 816 -19.90 5.86 12.38
CA LYS B 816 -21.06 5.97 11.51
C LYS B 816 -21.02 7.26 10.68
N PHE B 817 -20.47 8.34 11.24
CA PHE B 817 -20.41 9.60 10.51
C PHE B 817 -19.37 9.57 9.39
N ASN B 818 -18.44 8.63 9.41
CA ASN B 818 -17.39 8.54 8.41
C ASN B 818 -17.55 7.34 7.49
N GLY B 819 -18.77 6.82 7.36
CA GLY B 819 -19.04 5.78 6.40
C GLY B 819 -18.65 4.37 6.80
N LEU B 820 -18.39 4.13 8.09
CA LEU B 820 -18.04 2.81 8.58
C LEU B 820 -19.22 2.25 9.35
N THR B 821 -19.78 1.15 8.86
CA THR B 821 -20.95 0.53 9.47
C THR B 821 -20.67 -0.94 9.75
N VAL B 822 -21.44 -1.50 10.67
CA VAL B 822 -21.33 -2.90 11.05
C VAL B 822 -22.64 -3.59 10.69
N LEU B 823 -22.57 -4.60 9.85
CA LEU B 823 -23.73 -5.38 9.42
C LEU B 823 -24.03 -6.49 10.43
N PRO B 824 -25.31 -6.74 10.73
CA PRO B 824 -25.63 -7.80 11.68
C PRO B 824 -25.44 -9.17 11.06
N PRO B 825 -25.14 -10.19 11.86
CA PRO B 825 -25.04 -11.55 11.32
C PRO B 825 -26.41 -12.07 10.90
N LEU B 826 -26.39 -13.00 9.94
CA LEU B 826 -27.62 -13.59 9.44
C LEU B 826 -28.34 -14.42 10.50
N LEU B 827 -27.58 -15.22 11.24
CA LEU B 827 -28.14 -16.04 12.31
C LEU B 827 -28.04 -15.28 13.63
N THR B 828 -29.18 -15.08 14.30
CA THR B 828 -29.16 -14.47 15.61
C THR B 828 -28.65 -15.45 16.65
N ASP B 829 -28.45 -14.95 17.87
CA ASP B 829 -27.97 -15.81 18.95
C ASP B 829 -29.02 -16.83 19.35
N GLU B 830 -30.31 -16.49 19.21
CA GLU B 830 -31.37 -17.43 19.53
C GLU B 830 -31.37 -18.63 18.58
N MET B 831 -31.11 -18.39 17.29
CA MET B 831 -31.13 -19.49 16.33
C MET B 831 -29.91 -20.38 16.48
N ILE B 832 -28.76 -19.80 16.81
CA ILE B 832 -27.57 -20.59 17.12
C ILE B 832 -27.79 -21.42 18.38
N ALA B 833 -28.44 -20.82 19.39
CA ALA B 833 -28.78 -21.57 20.59
C ALA B 833 -29.76 -22.70 20.30
N ALA B 834 -30.70 -22.47 19.38
CA ALA B 834 -31.63 -23.52 18.98
C ALA B 834 -30.91 -24.66 18.27
N TYR B 835 -29.94 -24.33 17.41
CA TYR B 835 -29.13 -25.35 16.77
C TYR B 835 -28.34 -26.16 17.79
N THR B 836 -27.75 -25.48 18.77
CA THR B 836 -26.99 -26.17 19.82
C THR B 836 -27.90 -27.08 20.65
N ALA B 837 -29.09 -26.60 21.00
CA ALA B 837 -30.03 -27.41 21.76
C ALA B 837 -30.52 -28.61 20.96
N ALA B 838 -30.73 -28.44 19.66
CA ALA B 838 -31.11 -29.56 18.82
C ALA B 838 -30.00 -30.60 18.73
N LEU B 839 -28.75 -30.15 18.62
CA LEU B 839 -27.61 -31.07 18.61
C LEU B 839 -27.51 -31.84 19.91
N ILE B 840 -27.67 -31.16 21.05
CA ILE B 840 -27.56 -31.83 22.34
C ILE B 840 -28.71 -32.80 22.57
N SER B 841 -29.93 -32.42 22.15
CA SER B 841 -31.08 -33.31 22.28
C SER B 841 -30.93 -34.53 21.38
N GLY B 842 -30.42 -34.35 20.16
CA GLY B 842 -30.17 -35.50 19.30
C GLY B 842 -29.09 -36.41 19.84
N THR B 843 -28.05 -35.84 20.44
CA THR B 843 -27.02 -36.66 21.07
C THR B 843 -27.56 -37.42 22.27
N ALA B 844 -28.44 -36.79 23.05
CA ALA B 844 -28.97 -37.44 24.25
C ALA B 844 -29.96 -38.54 23.89
N THR B 845 -30.75 -38.35 22.83
CA THR B 845 -31.80 -39.31 22.51
C THR B 845 -31.34 -40.39 21.54
N ALA B 846 -30.54 -40.04 20.54
CA ALA B 846 -30.12 -40.99 19.51
C ALA B 846 -28.63 -41.25 19.48
N GLY B 847 -27.82 -40.42 20.12
CA GLY B 847 -26.39 -40.70 20.19
C GLY B 847 -25.67 -40.35 18.91
N TRP B 848 -24.93 -41.32 18.38
CA TRP B 848 -24.10 -41.15 17.20
C TRP B 848 -24.85 -41.41 15.90
N THR B 849 -26.10 -41.89 15.98
CA THR B 849 -26.79 -42.38 14.80
C THR B 849 -27.33 -41.26 13.91
N PHE B 850 -27.76 -40.15 14.49
CA PHE B 850 -28.41 -39.10 13.70
C PHE B 850 -27.42 -38.29 12.88
N GLY B 851 -26.11 -38.43 13.12
CA GLY B 851 -25.14 -37.77 12.28
C GLY B 851 -24.87 -38.47 10.97
N ALA B 852 -25.29 -39.73 10.84
CA ALA B 852 -25.14 -40.49 9.61
C ALA B 852 -26.42 -40.55 8.80
N GLY B 853 -27.51 -41.02 9.40
CA GLY B 853 -28.79 -41.07 8.73
C GLY B 853 -29.94 -40.64 9.61
N ALA B 854 -30.98 -41.45 9.69
CA ALA B 854 -32.10 -41.15 10.57
C ALA B 854 -31.73 -41.37 12.03
N ALA B 855 -32.40 -40.64 12.91
CA ALA B 855 -32.13 -40.74 14.35
C ALA B 855 -32.73 -42.02 14.89
N LEU B 856 -31.87 -42.92 15.36
CA LEU B 856 -32.30 -44.17 15.99
C LEU B 856 -32.19 -44.01 17.49
N GLN B 857 -33.32 -44.13 18.18
CA GLN B 857 -33.34 -43.93 19.62
C GLN B 857 -32.66 -45.09 20.34
N ILE B 858 -32.11 -44.79 21.52
CA ILE B 858 -31.37 -45.76 22.32
C ILE B 858 -31.37 -45.24 23.75
N PRO B 859 -31.50 -46.10 24.76
CA PRO B 859 -31.31 -45.64 26.15
C PRO B 859 -29.90 -45.10 26.35
N PHE B 860 -29.80 -44.06 27.19
CA PHE B 860 -28.53 -43.35 27.35
C PHE B 860 -27.48 -44.21 28.05
N ALA B 861 -27.90 -45.11 28.93
CA ALA B 861 -26.95 -46.01 29.56
C ALA B 861 -26.32 -46.95 28.55
N MET B 862 -27.10 -47.46 27.60
CA MET B 862 -26.55 -48.32 26.56
C MET B 862 -25.66 -47.54 25.61
N GLN B 863 -26.00 -46.28 25.34
CA GLN B 863 -25.12 -45.43 24.51
C GLN B 863 -23.79 -45.18 25.20
N MET B 864 -23.82 -44.92 26.51
CA MET B 864 -22.57 -44.72 27.24
C MET B 864 -21.79 -46.03 27.35
N ALA B 865 -22.48 -47.16 27.41
CA ALA B 865 -21.79 -48.45 27.36
C ALA B 865 -21.10 -48.67 26.02
N TYR B 866 -21.76 -48.26 24.93
CA TYR B 866 -21.12 -48.35 23.62
C TYR B 866 -19.91 -47.44 23.52
N ARG B 867 -19.99 -46.24 24.11
CA ARG B 867 -18.85 -45.34 24.09
C ARG B 867 -17.70 -45.87 24.95
N PHE B 868 -18.04 -46.51 26.08
CA PHE B 868 -17.02 -47.17 26.89
C PHE B 868 -16.35 -48.31 26.11
N ASN B 869 -17.14 -49.08 25.35
CA ASN B 869 -16.57 -50.08 24.47
C ASN B 869 -15.70 -49.45 23.38
N GLY B 870 -16.06 -48.25 22.95
CA GLY B 870 -15.25 -47.54 21.97
C GLY B 870 -13.89 -47.13 22.52
N ILE B 871 -13.85 -46.66 23.76
CA ILE B 871 -12.55 -46.26 24.34
C ILE B 871 -11.72 -47.43 24.80
N GLY B 872 -12.27 -48.65 24.80
CA GLY B 872 -11.52 -49.83 25.15
C GLY B 872 -11.85 -50.47 26.49
N VAL B 873 -12.96 -50.08 27.13
CA VAL B 873 -13.38 -50.63 28.41
C VAL B 873 -14.66 -51.42 28.19
N THR B 874 -14.73 -52.60 28.78
CA THR B 874 -15.93 -53.43 28.64
C THR B 874 -17.11 -52.77 29.33
N GLN B 875 -18.32 -53.05 28.80
CA GLN B 875 -19.52 -52.33 29.22
C GLN B 875 -19.97 -52.68 30.62
N ASN B 876 -19.49 -53.79 31.18
CA ASN B 876 -19.82 -54.13 32.56
C ASN B 876 -19.27 -53.11 33.55
N VAL B 877 -18.15 -52.47 33.21
CA VAL B 877 -17.60 -51.41 34.05
C VAL B 877 -18.55 -50.22 34.09
N LEU B 878 -19.14 -49.86 32.94
CA LEU B 878 -20.11 -48.78 32.91
C LEU B 878 -21.38 -49.16 33.65
N TYR B 879 -21.86 -50.39 33.46
CA TYR B 879 -23.14 -50.77 34.07
C TYR B 879 -23.04 -50.96 35.57
N GLU B 880 -21.91 -51.49 36.06
CA GLU B 880 -21.75 -51.70 37.50
C GLU B 880 -21.43 -50.42 38.24
N ASN B 881 -21.01 -49.36 37.54
CA ASN B 881 -20.65 -48.09 38.17
C ASN B 881 -21.43 -46.93 37.55
N GLN B 882 -22.69 -47.20 37.15
CA GLN B 882 -23.48 -46.19 36.46
C GLN B 882 -23.79 -44.99 37.34
N LYS B 883 -24.12 -45.24 38.61
CA LYS B 883 -24.40 -44.15 39.54
C LYS B 883 -23.17 -43.30 39.79
N LEU B 884 -22.02 -43.94 39.99
CA LEU B 884 -20.78 -43.20 40.22
C LEU B 884 -20.37 -42.40 38.99
N ILE B 885 -20.52 -42.98 37.79
CA ILE B 885 -20.18 -42.28 36.56
C ILE B 885 -21.10 -41.08 36.35
N ALA B 886 -22.40 -41.25 36.60
CA ALA B 886 -23.33 -40.14 36.47
C ALA B 886 -23.04 -39.04 37.48
N ASN B 887 -22.68 -39.41 38.71
CA ASN B 887 -22.32 -38.43 39.73
C ASN B 887 -21.06 -37.67 39.35
N GLN B 888 -20.06 -38.36 38.80
CA GLN B 888 -18.84 -37.70 38.34
C GLN B 888 -19.12 -36.75 37.19
N PHE B 889 -20.01 -37.15 36.27
CA PHE B 889 -20.38 -36.29 35.16
C PHE B 889 -21.10 -35.02 35.66
N ASN B 890 -22.02 -35.18 36.60
CA ASN B 890 -22.73 -34.03 37.14
C ASN B 890 -21.80 -33.10 37.92
N SER B 891 -20.86 -33.68 38.68
CA SER B 891 -19.89 -32.88 39.42
C SER B 891 -18.96 -32.12 38.47
N ALA B 892 -18.56 -32.75 37.36
CA ALA B 892 -17.73 -32.07 36.38
C ALA B 892 -18.48 -30.94 35.69
N ILE B 893 -19.76 -31.15 35.40
CA ILE B 893 -20.57 -30.07 34.83
C ILE B 893 -20.69 -28.91 35.82
N GLY B 894 -20.92 -29.21 37.09
CA GLY B 894 -20.96 -28.16 38.10
C GLY B 894 -19.64 -27.42 38.25
N LYS B 895 -18.53 -28.15 38.16
CA LYS B 895 -17.22 -27.51 38.19
C LYS B 895 -17.01 -26.61 36.98
N ILE B 896 -17.55 -26.99 35.82
CA ILE B 896 -17.52 -26.12 34.66
C ILE B 896 -18.31 -24.84 34.93
N GLN B 897 -19.47 -24.96 35.59
CA GLN B 897 -20.25 -23.79 35.98
C GLN B 897 -19.46 -22.85 36.87
N GLU B 898 -18.81 -23.41 37.91
CA GLU B 898 -18.04 -22.56 38.82
C GLU B 898 -16.83 -21.93 38.14
N SER B 899 -16.18 -22.68 37.23
CA SER B 899 -15.02 -22.13 36.52
C SER B 899 -15.45 -21.01 35.58
N LEU B 900 -16.63 -21.11 34.99
CA LEU B 900 -17.11 -20.03 34.13
C LEU B 900 -17.57 -18.83 34.95
N THR B 901 -18.18 -19.08 36.11
CA THR B 901 -18.71 -17.99 36.92
C THR B 901 -17.62 -17.20 37.63
N SER B 902 -16.62 -17.90 38.18
CA SER B 902 -15.62 -17.25 39.03
C SER B 902 -14.39 -16.81 38.24
N THR B 903 -13.76 -17.74 37.52
CA THR B 903 -12.50 -17.46 36.85
C THR B 903 -12.74 -16.59 35.61
N ALA B 904 -12.12 -15.42 35.59
CA ALA B 904 -12.23 -14.52 34.45
C ALA B 904 -11.24 -14.92 33.36
N SER B 905 -11.38 -14.24 32.22
CA SER B 905 -10.53 -14.43 31.03
C SER B 905 -10.60 -15.86 30.50
N ALA B 906 -11.73 -16.53 30.71
CA ALA B 906 -11.90 -17.87 30.14
C ALA B 906 -12.17 -17.79 28.64
N LEU B 907 -12.96 -16.81 28.21
CA LEU B 907 -13.24 -16.60 26.80
C LEU B 907 -12.28 -15.57 26.21
N GLY B 908 -10.99 -15.92 26.28
CA GLY B 908 -9.95 -14.99 25.84
C GLY B 908 -9.94 -14.77 24.34
N LYS B 909 -10.18 -15.82 23.56
CA LYS B 909 -10.03 -15.72 22.11
C LYS B 909 -11.15 -14.87 21.49
N LEU B 910 -12.38 -15.06 21.95
CA LEU B 910 -13.50 -14.26 21.45
C LEU B 910 -13.34 -12.79 21.83
N GLN B 911 -12.88 -12.54 23.06
CA GLN B 911 -12.63 -11.17 23.49
C GLN B 911 -11.51 -10.54 22.68
N ASP B 912 -10.48 -11.31 22.33
CA ASP B 912 -9.41 -10.79 21.49
C ASP B 912 -9.92 -10.46 20.09
N VAL B 913 -10.83 -11.30 19.55
CA VAL B 913 -11.40 -11.02 18.23
C VAL B 913 -12.21 -9.73 18.26
N VAL B 914 -13.04 -9.57 19.28
CA VAL B 914 -13.87 -8.36 19.41
C VAL B 914 -13.00 -7.12 19.58
N ASN B 915 -11.98 -7.22 20.44
CA ASN B 915 -11.08 -6.10 20.67
C ASN B 915 -10.30 -5.73 19.42
N GLN B 916 -9.84 -6.73 18.66
CA GLN B 916 -9.10 -6.46 17.43
C GLN B 916 -9.97 -5.76 16.40
N ASN B 917 -11.21 -6.21 16.23
CA ASN B 917 -12.10 -5.56 15.26
C ASN B 917 -12.42 -4.13 15.68
N ALA B 918 -12.74 -3.92 16.96
CA ALA B 918 -13.08 -2.58 17.43
C ALA B 918 -11.88 -1.64 17.35
N GLN B 919 -10.69 -2.13 17.68
CA GLN B 919 -9.51 -1.29 17.66
C GLN B 919 -9.08 -0.97 16.23
N ALA B 920 -9.28 -1.91 15.31
CA ALA B 920 -9.03 -1.63 13.89
C ALA B 920 -9.97 -0.54 13.36
N LEU B 921 -11.26 -0.63 13.73
CA LEU B 921 -12.20 0.42 13.32
C LEU B 921 -11.85 1.77 13.94
N ASN B 922 -11.44 1.77 15.21
CA ASN B 922 -11.07 3.02 15.87
C ASN B 922 -9.81 3.63 15.26
N THR B 923 -8.84 2.79 14.88
CA THR B 923 -7.66 3.28 14.19
C THR B 923 -8.01 3.87 12.84
N LEU B 924 -8.91 3.22 12.11
CA LEU B 924 -9.36 3.74 10.82
C LEU B 924 -10.06 5.09 10.98
N VAL B 925 -10.82 5.27 12.07
CA VAL B 925 -11.46 6.56 12.33
C VAL B 925 -10.41 7.61 12.68
N LYS B 926 -9.47 7.26 13.56
CA LYS B 926 -8.49 8.23 14.03
C LYS B 926 -7.47 8.61 12.95
N GLN B 927 -7.34 7.81 11.90
CA GLN B 927 -6.42 8.16 10.83
C GLN B 927 -6.92 9.30 9.95
N LEU B 928 -8.16 9.74 10.11
CA LEU B 928 -8.69 10.85 9.33
C LEU B 928 -8.15 12.20 9.77
N SER B 929 -7.47 12.28 10.90
CA SER B 929 -6.91 13.52 11.41
C SER B 929 -5.46 13.73 11.00
N SER B 930 -4.97 12.97 10.02
CA SER B 930 -3.60 13.09 9.55
C SER B 930 -3.54 13.93 8.29
N ASN B 931 -2.51 14.79 8.19
CA ASN B 931 -2.39 15.68 7.06
C ASN B 931 -1.88 14.98 5.81
N PHE B 932 -1.07 13.92 5.98
CA PHE B 932 -0.43 13.19 4.89
C PHE B 932 0.40 14.12 4.00
N GLY B 933 1.04 15.10 4.62
CA GLY B 933 1.85 16.07 3.89
C GLY B 933 1.08 17.25 3.33
N ALA B 934 -0.21 17.36 3.59
CA ALA B 934 -0.98 18.51 3.15
C ALA B 934 -0.98 19.59 4.22
N ILE B 935 -1.53 20.76 3.88
CA ILE B 935 -1.55 21.88 4.81
C ILE B 935 -2.50 21.66 5.96
N SER B 936 -3.52 20.83 5.79
CA SER B 936 -4.49 20.57 6.85
C SER B 936 -5.10 19.19 6.64
N SER B 937 -5.58 18.60 7.73
CA SER B 937 -6.33 17.35 7.66
C SER B 937 -7.80 17.58 7.40
N VAL B 938 -8.27 18.82 7.44
CA VAL B 938 -9.66 19.15 7.18
C VAL B 938 -9.80 19.53 5.72
N LEU B 939 -10.71 18.86 5.02
CA LEU B 939 -10.96 19.14 3.61
C LEU B 939 -11.57 20.52 3.41
N ASN B 940 -12.43 20.95 4.34
CA ASN B 940 -13.14 22.21 4.18
C ASN B 940 -12.20 23.40 4.31
N ASP B 941 -11.18 23.30 5.17
CA ASP B 941 -10.19 24.37 5.27
C ASP B 941 -9.40 24.52 3.98
N ILE B 942 -8.99 23.41 3.38
CA ILE B 942 -8.26 23.44 2.12
C ILE B 942 -9.13 24.02 1.00
N ILE B 943 -10.39 23.61 0.95
CA ILE B 943 -11.28 24.10 -0.10
C ILE B 943 -11.57 25.58 0.07
N SER B 944 -11.84 26.02 1.31
CA SER B 944 -12.23 27.40 1.56
C SER B 944 -11.06 28.37 1.57
N ARG B 945 -9.83 27.89 1.76
CA ARG B 945 -8.68 28.79 1.81
C ARG B 945 -7.93 28.93 0.50
N LEU B 946 -8.07 27.97 -0.41
CA LEU B 946 -7.31 27.96 -1.64
C LEU B 946 -8.26 27.91 -2.84
N ASP B 947 -7.76 28.37 -3.98
CA ASP B 947 -8.48 28.23 -5.24
C ASP B 947 -8.36 26.80 -5.74
N LYS B 948 -8.94 26.53 -6.91
CA LYS B 948 -9.07 25.16 -7.40
C LYS B 948 -7.71 24.50 -7.64
N VAL B 949 -6.81 25.20 -8.35
CA VAL B 949 -5.55 24.59 -8.79
C VAL B 949 -4.66 24.28 -7.60
N GLU B 950 -4.58 25.20 -6.64
CA GLU B 950 -3.76 24.96 -5.45
C GLU B 950 -4.39 23.91 -4.55
N ALA B 951 -5.73 23.84 -4.52
CA ALA B 951 -6.39 22.86 -3.66
C ALA B 951 -6.35 21.44 -4.19
N GLU B 952 -6.22 21.25 -5.51
CA GLU B 952 -6.17 19.89 -6.05
C GLU B 952 -4.96 19.11 -5.54
N VAL B 953 -3.83 19.79 -5.34
CA VAL B 953 -2.63 19.10 -4.84
C VAL B 953 -2.87 18.58 -3.42
N GLN B 954 -3.36 19.43 -2.53
CA GLN B 954 -3.59 19.03 -1.15
C GLN B 954 -4.70 17.99 -1.05
N ILE B 955 -5.76 18.13 -1.85
CA ILE B 955 -6.84 17.16 -1.84
C ILE B 955 -6.36 15.81 -2.37
N ASP B 956 -5.48 15.83 -3.38
CA ASP B 956 -4.91 14.58 -3.88
C ASP B 956 -4.02 13.91 -2.85
N ARG B 957 -3.26 14.71 -2.09
CA ARG B 957 -2.47 14.15 -0.99
C ARG B 957 -3.35 13.50 0.07
N LEU B 958 -4.43 14.17 0.45
CA LEU B 958 -5.36 13.62 1.44
C LEU B 958 -6.05 12.37 0.91
N ILE B 959 -6.42 12.36 -0.38
CA ILE B 959 -7.07 11.21 -0.99
C ILE B 959 -6.12 10.02 -1.01
N THR B 960 -4.86 10.25 -1.37
CA THR B 960 -3.87 9.17 -1.37
C THR B 960 -3.66 8.61 0.03
N GLY B 961 -3.55 9.48 1.03
CA GLY B 961 -3.38 9.00 2.40
C GLY B 961 -4.57 8.21 2.92
N ARG B 962 -5.79 8.69 2.65
CA ARG B 962 -6.97 7.99 3.13
C ARG B 962 -7.21 6.69 2.37
N LEU B 963 -6.86 6.65 1.08
CA LEU B 963 -6.94 5.39 0.33
C LEU B 963 -5.92 4.39 0.84
N GLN B 964 -4.72 4.86 1.22
CA GLN B 964 -3.72 3.99 1.83
C GLN B 964 -4.23 3.42 3.15
N SER B 965 -4.88 4.26 3.96
CA SER B 965 -5.44 3.79 5.23
C SER B 965 -6.52 2.74 5.02
N LEU B 966 -7.42 2.98 4.05
CA LEU B 966 -8.49 2.03 3.75
C LEU B 966 -7.92 0.71 3.22
N GLN B 967 -6.92 0.78 2.34
CA GLN B 967 -6.31 -0.44 1.80
C GLN B 967 -5.60 -1.23 2.88
N THR B 968 -4.92 -0.55 3.80
CA THR B 968 -4.28 -1.22 4.93
C THR B 968 -5.32 -1.92 5.81
N TYR B 969 -6.42 -1.23 6.11
CA TYR B 969 -7.48 -1.84 6.92
C TYR B 969 -8.07 -3.06 6.24
N VAL B 970 -8.31 -2.98 4.93
CA VAL B 970 -8.90 -4.10 4.20
C VAL B 970 -7.93 -5.28 4.15
N THR B 971 -6.63 -5.01 4.02
CA THR B 971 -5.65 -6.10 4.00
C THR B 971 -5.57 -6.82 5.35
N GLN B 972 -5.52 -6.05 6.45
CA GLN B 972 -5.51 -6.68 7.77
C GLN B 972 -6.80 -7.44 8.03
N GLN B 973 -7.94 -6.91 7.56
CA GLN B 973 -9.20 -7.59 7.73
C GLN B 973 -9.25 -8.90 6.95
N LEU B 974 -8.66 -8.91 5.74
CA LEU B 974 -8.60 -10.14 4.95
C LEU B 974 -7.74 -11.21 5.62
N ILE B 975 -6.59 -10.79 6.18
CA ILE B 975 -5.74 -11.76 6.88
C ILE B 975 -6.43 -12.31 8.13
N ARG B 976 -7.09 -11.44 8.89
CA ARG B 976 -7.85 -11.89 10.06
C ARG B 976 -9.02 -12.77 9.67
N ALA B 977 -9.64 -12.50 8.52
CA ALA B 977 -10.73 -13.34 8.03
C ALA B 977 -10.22 -14.72 7.65
N ALA B 978 -9.03 -14.80 7.07
CA ALA B 978 -8.43 -16.09 6.76
C ALA B 978 -8.16 -16.89 8.03
N GLU B 979 -7.63 -16.23 9.07
CA GLU B 979 -7.40 -16.91 10.34
C GLU B 979 -8.71 -17.39 10.98
N ILE B 980 -9.74 -16.54 10.94
CA ILE B 980 -11.04 -16.89 11.50
C ILE B 980 -11.67 -18.03 10.71
N ARG B 981 -11.47 -18.05 9.38
CA ARG B 981 -11.99 -19.15 8.56
C ARG B 981 -11.30 -20.46 8.89
N ALA B 982 -9.98 -20.43 9.13
CA ALA B 982 -9.28 -21.64 9.55
C ALA B 982 -9.80 -22.14 10.91
N SER B 983 -10.02 -21.23 11.84
CA SER B 983 -10.57 -21.60 13.14
C SER B 983 -11.97 -22.18 13.02
N ALA B 984 -12.80 -21.60 12.14
CA ALA B 984 -14.15 -22.10 11.94
C ALA B 984 -14.16 -23.45 11.24
N ASN B 985 -13.23 -23.69 10.32
CA ASN B 985 -13.11 -25.01 9.71
C ASN B 985 -12.72 -26.05 10.75
N LEU B 986 -11.79 -25.71 11.64
CA LEU B 986 -11.44 -26.63 12.72
C LEU B 986 -12.63 -26.88 13.65
N ALA B 987 -13.41 -25.84 13.94
CA ALA B 987 -14.58 -25.99 14.80
C ALA B 987 -15.65 -26.86 14.15
N ALA B 988 -15.86 -26.71 12.84
CA ALA B 988 -16.81 -27.56 12.13
C ALA B 988 -16.34 -29.00 12.08
N THR B 989 -15.04 -29.22 11.90
CA THR B 989 -14.49 -30.58 11.95
C THR B 989 -14.68 -31.20 13.33
N LYS B 990 -14.48 -30.42 14.39
CA LYS B 990 -14.68 -30.92 15.74
C LYS B 990 -16.16 -31.21 16.00
N MET B 991 -17.05 -30.38 15.48
CA MET B 991 -18.48 -30.63 15.61
C MET B 991 -18.89 -31.92 14.90
N SER B 992 -18.31 -32.17 13.73
CA SER B 992 -18.62 -33.40 13.01
C SER B 992 -18.05 -34.63 13.71
N GLU B 993 -16.81 -34.54 14.19
CA GLU B 993 -16.10 -35.73 14.66
C GLU B 993 -16.20 -35.97 16.16
N CYS B 994 -16.79 -35.06 16.93
CA CYS B 994 -16.80 -35.25 18.37
C CYS B 994 -18.20 -35.09 18.96
N VAL B 995 -19.02 -34.25 18.35
CA VAL B 995 -20.41 -34.12 18.77
C VAL B 995 -21.29 -35.16 18.09
N LEU B 996 -21.09 -35.37 16.80
CA LEU B 996 -21.86 -36.34 16.02
C LEU B 996 -21.21 -37.71 16.01
N GLY B 997 -20.10 -37.90 16.71
CA GLY B 997 -19.45 -39.20 16.74
C GLY B 997 -18.45 -39.27 17.87
N GLN B 998 -17.76 -40.39 17.95
CA GLN B 998 -16.72 -40.62 18.94
C GLN B 998 -15.37 -40.68 18.24
N SER B 999 -14.43 -39.86 18.71
CA SER B 999 -13.14 -39.68 18.04
C SER B 999 -12.08 -40.56 18.68
N LYS B 1000 -11.36 -41.30 17.85
CA LYS B 1000 -10.20 -42.07 18.29
C LYS B 1000 -8.90 -41.29 18.18
N ARG B 1001 -8.96 -40.07 17.64
CA ARG B 1001 -7.76 -39.24 17.51
C ARG B 1001 -7.31 -38.74 18.87
N VAL B 1002 -6.02 -38.88 19.16
CA VAL B 1002 -5.50 -38.52 20.47
C VAL B 1002 -5.44 -37.01 20.60
N ASP B 1003 -5.98 -36.50 21.71
CA ASP B 1003 -5.96 -35.08 22.10
C ASP B 1003 -6.70 -34.19 21.10
N PHE B 1004 -7.53 -34.76 20.24
CA PHE B 1004 -8.30 -33.94 19.31
C PHE B 1004 -9.46 -33.25 20.01
N CYS B 1005 -10.06 -33.91 20.99
CA CYS B 1005 -11.23 -33.38 21.69
C CYS B 1005 -11.08 -33.57 23.19
N GLY B 1006 -9.96 -33.13 23.72
CA GLY B 1006 -9.72 -33.14 25.15
C GLY B 1006 -8.70 -34.19 25.56
N LYS B 1007 -8.08 -33.95 26.71
CA LYS B 1007 -7.10 -34.89 27.23
C LYS B 1007 -7.81 -36.12 27.80
N GLY B 1008 -7.33 -37.29 27.43
CA GLY B 1008 -7.94 -38.54 27.82
C GLY B 1008 -8.71 -39.17 26.68
N TYR B 1009 -9.33 -40.30 26.99
CA TYR B 1009 -10.11 -41.04 26.00
C TYR B 1009 -11.46 -40.37 25.83
N HIS B 1010 -11.75 -39.93 24.61
CA HIS B 1010 -12.95 -39.14 24.36
C HIS B 1010 -14.20 -40.00 24.42
N LEU B 1011 -15.21 -39.56 25.17
CA LEU B 1011 -16.50 -40.22 25.25
C LEU B 1011 -17.54 -39.50 24.39
N MET B 1012 -17.79 -38.23 24.68
CA MET B 1012 -18.78 -37.44 23.98
C MET B 1012 -18.48 -35.97 24.18
N SER B 1013 -19.06 -35.14 23.32
CA SER B 1013 -18.87 -33.69 23.39
C SER B 1013 -20.20 -32.99 23.21
N PHE B 1014 -20.30 -31.80 23.80
CA PHE B 1014 -21.51 -31.00 23.73
C PHE B 1014 -21.14 -29.58 23.31
N PRO B 1015 -21.70 -29.07 22.21
CA PRO B 1015 -21.44 -27.68 21.83
C PRO B 1015 -22.20 -26.72 22.71
N GLN B 1016 -21.66 -25.51 22.85
CA GLN B 1016 -22.34 -24.43 23.54
C GLN B 1016 -22.15 -23.15 22.75
N ALA B 1017 -23.23 -22.42 22.52
CA ALA B 1017 -23.16 -21.18 21.76
C ALA B 1017 -22.44 -20.10 22.58
N ALA B 1018 -21.58 -19.36 21.89
CA ALA B 1018 -20.77 -18.31 22.50
C ALA B 1018 -20.82 -17.10 21.59
N PRO B 1019 -20.55 -15.90 22.10
CA PRO B 1019 -20.46 -14.72 21.23
C PRO B 1019 -19.30 -14.86 20.25
N HIS B 1020 -19.65 -14.90 18.95
CA HIS B 1020 -18.71 -15.03 17.84
C HIS B 1020 -17.87 -16.30 17.94
N GLY B 1021 -18.44 -17.37 18.48
CA GLY B 1021 -17.68 -18.59 18.62
C GLY B 1021 -18.52 -19.71 19.19
N VAL B 1022 -17.84 -20.83 19.47
CA VAL B 1022 -18.46 -22.03 20.02
C VAL B 1022 -17.59 -22.54 21.15
N VAL B 1023 -18.23 -23.06 22.20
CA VAL B 1023 -17.52 -23.67 23.32
C VAL B 1023 -17.91 -25.15 23.34
N PHE B 1024 -16.91 -26.01 23.28
CA PHE B 1024 -17.13 -27.46 23.28
C PHE B 1024 -16.85 -28.01 24.68
N LEU B 1025 -17.82 -28.74 25.22
CA LEU B 1025 -17.67 -29.41 26.51
C LEU B 1025 -17.32 -30.86 26.23
N HIS B 1026 -16.03 -31.19 26.40
CA HIS B 1026 -15.52 -32.51 26.05
C HIS B 1026 -15.56 -33.42 27.27
N VAL B 1027 -16.36 -34.49 27.19
CA VAL B 1027 -16.41 -35.50 28.25
C VAL B 1027 -15.39 -36.58 27.90
N THR B 1028 -14.41 -36.76 28.79
CA THR B 1028 -13.32 -37.69 28.53
C THR B 1028 -13.18 -38.66 29.69
N TYR B 1029 -12.55 -39.80 29.39
CA TYR B 1029 -12.28 -40.85 30.36
C TYR B 1029 -10.80 -40.78 30.74
N ILE B 1030 -10.52 -40.54 32.02
CA ILE B 1030 -9.15 -40.47 32.50
C ILE B 1030 -8.93 -41.58 33.52
N PRO B 1031 -8.21 -42.64 33.18
CA PRO B 1031 -7.92 -43.68 34.17
C PRO B 1031 -6.98 -43.20 35.26
N SER B 1032 -7.17 -43.74 36.45
CA SER B 1032 -6.42 -43.29 37.62
C SER B 1032 -6.24 -44.46 38.58
N GLN B 1033 -5.43 -44.20 39.63
CA GLN B 1033 -5.14 -45.16 40.70
C GLN B 1033 -4.54 -46.44 40.16
N GLU B 1034 -3.36 -46.30 39.53
CA GLU B 1034 -2.68 -47.44 38.95
C GLU B 1034 -2.06 -48.31 40.05
N ARG B 1035 -1.88 -49.60 39.72
CA ARG B 1035 -1.30 -50.56 40.64
C ARG B 1035 -0.24 -51.37 39.91
N ASN B 1036 0.89 -51.60 40.56
CA ASN B 1036 1.95 -52.41 39.98
C ASN B 1036 1.54 -53.87 39.91
N PHE B 1037 1.84 -54.51 38.77
CA PHE B 1037 1.62 -55.93 38.60
C PHE B 1037 2.80 -56.52 37.86
N THR B 1038 3.08 -57.80 38.13
CA THR B 1038 4.08 -58.55 37.38
C THR B 1038 3.41 -59.12 36.13
N THR B 1039 3.99 -58.85 34.97
CA THR B 1039 3.37 -59.20 33.70
C THR B 1039 4.28 -60.10 32.88
N ALA B 1040 3.66 -60.86 31.98
CA ALA B 1040 4.36 -61.74 31.06
C ALA B 1040 3.77 -61.57 29.66
N PRO B 1041 4.60 -61.64 28.63
CA PRO B 1041 4.07 -61.56 27.25
C PRO B 1041 3.16 -62.72 26.89
N ALA B 1042 3.41 -63.91 27.41
CA ALA B 1042 2.63 -65.09 27.05
C ALA B 1042 2.75 -66.12 28.17
N ILE B 1043 1.93 -67.15 28.09
CA ILE B 1043 1.88 -68.23 29.07
C ILE B 1043 2.20 -69.53 28.35
N CYS B 1044 3.22 -70.24 28.83
CA CYS B 1044 3.60 -71.54 28.29
C CYS B 1044 2.86 -72.61 29.09
N HIS B 1045 1.94 -73.32 28.42
CA HIS B 1045 1.16 -74.37 29.05
C HIS B 1045 1.16 -75.59 28.15
N GLU B 1046 1.64 -76.72 28.68
CA GLU B 1046 1.72 -78.00 27.96
C GLU B 1046 2.53 -77.88 26.67
N GLY B 1047 3.60 -77.10 26.72
CA GLY B 1047 4.44 -76.91 25.56
C GLY B 1047 3.88 -75.98 24.51
N LYS B 1048 2.77 -75.30 24.79
CA LYS B 1048 2.14 -74.38 23.86
C LYS B 1048 2.15 -72.98 24.45
N ALA B 1049 2.33 -71.98 23.59
CA ALA B 1049 2.35 -70.58 24.00
C ALA B 1049 0.97 -69.99 23.83
N HIS B 1050 0.42 -69.43 24.90
CA HIS B 1050 -0.90 -68.80 24.89
C HIS B 1050 -0.73 -67.29 24.97
N PHE B 1051 -1.33 -66.58 24.02
CA PHE B 1051 -1.28 -65.13 23.97
C PHE B 1051 -2.65 -64.55 24.25
N PRO B 1052 -2.74 -63.45 25.00
CA PRO B 1052 -4.07 -62.90 25.33
C PRO B 1052 -4.74 -62.27 24.12
N ARG B 1053 -6.06 -62.43 24.05
CA ARG B 1053 -6.81 -61.87 22.94
C ARG B 1053 -6.94 -60.36 23.07
N GLU B 1054 -7.61 -59.90 24.14
CA GLU B 1054 -7.78 -58.48 24.43
C GLU B 1054 -7.38 -58.27 25.89
N GLY B 1055 -6.14 -57.88 26.12
CA GLY B 1055 -5.68 -57.57 27.45
C GLY B 1055 -4.27 -58.04 27.66
N VAL B 1056 -3.86 -58.08 28.93
CA VAL B 1056 -2.51 -58.45 29.32
C VAL B 1056 -2.59 -59.49 30.43
N PHE B 1057 -1.52 -60.28 30.55
CA PHE B 1057 -1.37 -61.24 31.62
C PHE B 1057 -0.75 -60.56 32.83
N VAL B 1058 -1.42 -60.62 33.97
CA VAL B 1058 -0.94 -59.99 35.19
C VAL B 1058 -0.87 -61.05 36.29
N SER B 1059 -0.02 -60.79 37.28
CA SER B 1059 0.14 -61.66 38.43
C SER B 1059 0.08 -60.82 39.70
N ASN B 1060 -0.74 -61.26 40.66
CA ASN B 1060 -0.84 -60.57 41.94
C ASN B 1060 0.19 -61.04 42.95
N GLY B 1061 1.09 -61.95 42.55
CA GLY B 1061 2.11 -62.45 43.43
C GLY B 1061 2.18 -63.96 43.44
N THR B 1062 1.03 -64.62 43.38
CA THR B 1062 0.96 -66.07 43.37
C THR B 1062 0.20 -66.63 42.17
N HIS B 1063 -0.87 -65.97 41.74
CA HIS B 1063 -1.71 -66.47 40.67
C HIS B 1063 -1.66 -65.51 39.48
N TRP B 1064 -1.82 -66.08 38.28
CA TRP B 1064 -1.79 -65.32 37.04
C TRP B 1064 -3.20 -65.11 36.52
N PHE B 1065 -3.52 -63.88 36.16
CA PHE B 1065 -4.83 -63.52 35.63
C PHE B 1065 -4.67 -62.78 34.32
N ILE B 1066 -5.79 -62.53 33.65
CA ILE B 1066 -5.84 -61.72 32.44
C ILE B 1066 -6.86 -60.61 32.66
N THR B 1067 -6.47 -59.38 32.34
CA THR B 1067 -7.32 -58.22 32.55
C THR B 1067 -7.17 -57.26 31.39
N GLN B 1068 -8.16 -56.39 31.23
CA GLN B 1068 -8.10 -55.35 30.22
C GLN B 1068 -7.07 -54.30 30.62
N ARG B 1069 -6.60 -53.55 29.61
CA ARG B 1069 -5.47 -52.66 29.81
C ARG B 1069 -5.84 -51.43 30.63
N ASN B 1070 -7.01 -50.84 30.39
CA ASN B 1070 -7.37 -49.57 30.98
C ASN B 1070 -8.16 -49.72 32.29
N PHE B 1071 -8.45 -50.94 32.72
CA PHE B 1071 -9.18 -51.15 33.96
C PHE B 1071 -8.84 -52.52 34.51
N TYR B 1072 -8.52 -52.59 35.79
CA TYR B 1072 -8.10 -53.84 36.41
C TYR B 1072 -9.34 -54.68 36.71
N GLU B 1073 -9.60 -55.68 35.88
CA GLU B 1073 -10.67 -56.65 36.09
C GLU B 1073 -10.07 -58.02 35.88
N PRO B 1074 -9.49 -58.62 36.94
CA PRO B 1074 -8.79 -59.89 36.77
C PRO B 1074 -9.73 -61.04 36.47
N GLN B 1075 -9.35 -61.86 35.50
CA GLN B 1075 -10.15 -62.98 35.05
C GLN B 1075 -9.29 -64.24 35.04
N ILE B 1076 -9.96 -65.39 35.15
CA ILE B 1076 -9.26 -66.67 35.09
C ILE B 1076 -8.79 -66.92 33.67
N ILE B 1077 -7.51 -67.28 33.53
CA ILE B 1077 -6.91 -67.52 32.21
C ILE B 1077 -7.48 -68.83 31.66
N THR B 1078 -8.37 -68.73 30.69
CA THR B 1078 -9.01 -69.88 30.06
C THR B 1078 -8.61 -69.96 28.59
N THR B 1079 -9.12 -70.99 27.91
CA THR B 1079 -8.85 -71.16 26.49
C THR B 1079 -9.65 -70.19 25.63
N ASP B 1080 -10.70 -69.57 26.18
CA ASP B 1080 -11.46 -68.58 25.45
C ASP B 1080 -10.85 -67.18 25.53
N ASN B 1081 -10.16 -66.87 26.62
CA ASN B 1081 -9.49 -65.58 26.74
C ASN B 1081 -8.21 -65.50 25.91
N THR B 1082 -7.57 -66.63 25.66
CA THR B 1082 -6.28 -66.66 24.97
C THR B 1082 -6.39 -67.42 23.66
N PHE B 1083 -5.33 -67.36 22.86
CA PHE B 1083 -5.20 -68.14 21.65
C PHE B 1083 -3.80 -68.73 21.58
N VAL B 1084 -3.69 -69.85 20.87
CA VAL B 1084 -2.44 -70.61 20.80
C VAL B 1084 -1.79 -70.35 19.45
N SER B 1085 -0.48 -70.09 19.46
CA SER B 1085 0.27 -69.85 18.24
C SER B 1085 1.30 -70.93 17.97
N GLY B 1086 2.21 -71.18 18.90
CA GLY B 1086 3.26 -72.16 18.71
C GLY B 1086 3.75 -72.72 20.01
N THR B 1087 5.05 -73.00 20.07
CA THR B 1087 5.68 -73.57 21.24
C THR B 1087 6.31 -72.47 22.09
N CYS B 1088 6.50 -72.79 23.37
CA CYS B 1088 7.03 -71.82 24.33
C CYS B 1088 8.55 -71.95 24.44
N ASP B 1089 9.23 -71.68 23.33
CA ASP B 1089 10.68 -71.65 23.31
C ASP B 1089 11.24 -70.46 22.55
N VAL B 1090 10.43 -69.74 21.76
CA VAL B 1090 10.91 -68.59 21.02
C VAL B 1090 10.55 -67.26 21.70
N VAL B 1091 9.42 -67.20 22.40
CA VAL B 1091 8.98 -65.96 23.04
C VAL B 1091 9.89 -65.64 24.21
N ILE B 1092 10.39 -64.41 24.25
CA ILE B 1092 11.30 -63.97 25.31
C ILE B 1092 10.47 -63.54 26.51
N GLY B 1093 10.75 -64.12 27.67
CA GLY B 1093 10.06 -63.76 28.89
C GLY B 1093 8.79 -64.53 29.16
N ILE B 1094 8.61 -65.70 28.54
CA ILE B 1094 7.41 -66.49 28.77
C ILE B 1094 7.42 -67.07 30.18
N VAL B 1095 6.23 -67.33 30.71
CA VAL B 1095 6.05 -67.79 32.08
C VAL B 1095 5.18 -69.04 32.07
N ASN B 1096 5.66 -70.10 32.72
CA ASN B 1096 4.90 -71.34 32.79
C ASN B 1096 3.73 -71.19 33.75
N ASN B 1097 2.53 -71.56 33.29
CA ASN B 1097 1.33 -71.54 34.10
C ASN B 1097 0.33 -72.50 33.49
N THR B 1098 -0.86 -72.56 34.08
CA THR B 1098 -1.92 -73.45 33.63
C THR B 1098 -3.04 -72.64 32.99
N VAL B 1099 -3.58 -73.17 31.90
CA VAL B 1099 -4.70 -72.56 31.18
C VAL B 1099 -5.93 -73.41 31.43
N TYR B 1100 -6.97 -72.79 31.98
CA TYR B 1100 -8.19 -73.51 32.30
C TYR B 1100 -8.95 -73.90 31.03
N ASP B 1101 -9.61 -75.04 31.08
CA ASP B 1101 -10.39 -75.55 29.96
C ASP B 1101 -11.77 -75.97 30.46
N PRO B 1102 -12.84 -75.27 30.07
CA PRO B 1102 -14.19 -75.65 30.50
C PRO B 1102 -14.80 -76.74 29.63
N ASN C 17 50.60 15.86 -46.12
CA ASN C 17 52.01 15.68 -46.43
C ASN C 17 52.47 14.26 -46.10
N ILE C 18 51.62 13.51 -45.40
CA ILE C 18 51.92 12.15 -45.00
C ILE C 18 51.19 11.24 -45.98
N THR C 19 51.89 10.81 -47.02
CA THR C 19 51.35 9.92 -48.04
C THR C 19 51.99 8.54 -47.84
N TYR C 20 51.28 7.68 -47.10
CA TYR C 20 51.79 6.34 -46.82
C TYR C 20 50.74 5.26 -46.94
N GLY C 21 49.49 5.59 -47.27
CA GLY C 21 48.42 4.61 -47.28
C GLY C 21 47.85 4.37 -45.89
N SER C 22 46.71 3.71 -45.87
CA SER C 22 45.98 3.44 -44.62
C SER C 22 45.72 1.95 -44.48
N HIS C 23 45.55 1.52 -43.23
CA HIS C 23 45.30 0.12 -42.93
C HIS C 23 44.32 0.05 -41.77
N HIS C 24 43.07 -0.28 -42.06
CA HIS C 24 42.02 -0.38 -41.04
C HIS C 24 41.49 -1.81 -40.99
N LEU C 25 41.18 -2.26 -39.78
CA LEU C 25 40.70 -3.62 -39.53
C LEU C 25 39.31 -3.56 -38.91
N TYR C 26 38.82 -4.73 -38.48
CA TYR C 26 37.50 -4.85 -37.84
C TYR C 26 37.60 -5.96 -36.80
N VAL C 27 37.80 -5.57 -35.54
CA VAL C 27 37.94 -6.51 -34.44
C VAL C 27 36.75 -6.36 -33.51
N SER C 28 36.61 -7.32 -32.59
CA SER C 28 35.53 -7.31 -31.61
C SER C 28 35.96 -6.56 -30.36
N SER C 29 35.03 -5.81 -29.79
CA SER C 29 35.33 -5.01 -28.60
C SER C 29 35.44 -5.86 -27.34
N ARG C 30 34.90 -7.08 -27.36
CA ARG C 30 34.95 -8.06 -26.27
C ARG C 30 34.32 -7.44 -25.02
N THR C 31 35.05 -7.25 -23.93
CA THR C 31 34.50 -6.76 -22.68
C THR C 31 35.21 -5.48 -22.25
N ARG C 32 35.40 -4.57 -23.20
CA ARG C 32 36.11 -3.32 -22.95
C ARG C 32 35.13 -2.14 -22.93
N GLY C 33 35.64 -0.99 -22.51
CA GLY C 33 34.84 0.22 -22.50
C GLY C 33 33.99 0.43 -21.28
N VAL C 34 34.29 -0.23 -20.17
CA VAL C 34 33.53 -0.08 -18.94
C VAL C 34 34.12 1.06 -18.12
N TYR C 35 33.29 2.02 -17.74
CA TYR C 35 33.71 3.17 -16.95
C TYR C 35 32.77 3.35 -15.77
N TYR C 36 33.22 4.15 -14.80
CA TYR C 36 32.40 4.46 -13.64
C TYR C 36 31.31 5.46 -14.02
N PRO C 37 30.03 5.12 -13.87
CA PRO C 37 28.97 6.05 -14.29
C PRO C 37 28.70 7.18 -13.30
N ASP C 38 29.25 7.12 -12.09
CA ASP C 38 29.00 8.16 -11.10
C ASP C 38 30.24 8.30 -10.23
N ASP C 39 30.09 9.02 -9.11
CA ASP C 39 31.21 9.34 -8.23
C ASP C 39 31.09 8.72 -6.85
N ALA C 40 30.00 8.03 -6.55
CA ALA C 40 29.79 7.50 -5.21
C ALA C 40 30.72 6.33 -4.92
N PHE C 41 31.16 6.24 -3.66
CA PHE C 41 31.98 5.12 -3.20
C PHE C 41 31.03 4.02 -2.74
N ARG C 42 30.74 3.11 -3.67
CA ARG C 42 29.86 1.97 -3.40
C ARG C 42 30.69 0.70 -3.24
N SER C 43 30.08 -0.30 -2.59
CA SER C 43 30.84 -1.49 -2.23
C SER C 43 29.91 -2.69 -2.14
N SER C 44 30.37 -3.80 -2.72
CA SER C 44 29.72 -5.12 -2.63
C SER C 44 28.26 -5.07 -3.10
N THR C 45 28.05 -4.41 -4.23
CA THR C 45 26.71 -4.23 -4.77
C THR C 45 26.71 -4.47 -6.27
N ASN C 46 25.59 -5.00 -6.76
CA ASN C 46 25.35 -5.13 -8.20
C ASN C 46 24.35 -4.05 -8.60
N VAL C 47 24.82 -3.06 -9.35
CA VAL C 47 24.03 -1.88 -9.68
C VAL C 47 23.75 -1.87 -11.17
N LEU C 48 22.48 -1.68 -11.53
CA LEU C 48 22.09 -1.52 -12.92
C LEU C 48 22.26 -0.08 -13.34
N HIS C 49 22.92 0.13 -14.48
CA HIS C 49 23.18 1.47 -15.00
C HIS C 49 22.64 1.58 -16.42
N GLU C 50 21.90 2.66 -16.68
CA GLU C 50 21.44 2.99 -18.02
C GLU C 50 22.21 4.20 -18.52
N GLY C 51 22.57 4.19 -19.79
CA GLY C 51 23.33 5.29 -20.36
C GLY C 51 23.94 4.91 -21.68
N PHE C 52 25.06 5.55 -21.99
CA PHE C 52 25.79 5.33 -23.23
C PHE C 52 27.05 4.52 -22.90
N PHE C 53 27.08 3.28 -23.38
CA PHE C 53 28.18 2.36 -23.14
C PHE C 53 28.55 1.67 -24.44
N LEU C 54 29.80 1.23 -24.50
CA LEU C 54 30.23 0.41 -25.63
C LEU C 54 29.65 -0.98 -25.49
N PRO C 55 28.87 -1.46 -26.45
CA PRO C 55 28.26 -2.79 -26.32
C PRO C 55 29.30 -3.89 -26.34
N PHE C 56 28.99 -4.97 -25.63
CA PHE C 56 29.91 -6.11 -25.57
C PHE C 56 29.90 -6.85 -26.89
N ASP C 57 31.10 -7.27 -27.32
CA ASP C 57 31.31 -7.99 -28.59
C ASP C 57 30.82 -7.19 -29.79
N SER C 58 30.89 -5.87 -29.69
CA SER C 58 30.60 -5.00 -30.82
C SER C 58 31.84 -4.94 -31.71
N ASN C 59 31.62 -4.91 -33.02
CA ASN C 59 32.73 -4.99 -33.96
C ASN C 59 33.17 -3.55 -34.26
N VAL C 60 34.37 -3.22 -33.80
CA VAL C 60 34.89 -1.87 -33.84
C VAL C 60 36.05 -1.83 -34.83
N THR C 61 36.56 -0.63 -35.08
CA THR C 61 37.56 -0.40 -36.11
C THR C 61 38.95 -0.31 -35.50
N TRP C 62 39.88 -1.09 -36.03
CA TRP C 62 41.27 -1.11 -35.60
C TRP C 62 42.12 -0.40 -36.65
N TYR C 63 42.87 0.61 -36.22
CA TYR C 63 43.77 1.35 -37.10
C TYR C 63 45.20 1.05 -36.69
N SER C 64 46.01 0.57 -37.63
CA SER C 64 47.37 0.13 -37.37
C SER C 64 48.37 1.13 -37.92
N PHE C 65 49.44 1.38 -37.15
CA PHE C 65 50.48 2.31 -37.56
C PHE C 65 51.81 1.66 -37.86
N TRP C 66 52.02 0.40 -37.44
CA TRP C 66 53.23 -0.30 -37.81
C TRP C 66 53.19 -0.66 -39.30
N ASN C 67 54.31 -1.20 -39.79
CA ASN C 67 54.63 -1.42 -41.20
C ASN C 67 54.61 -0.12 -42.02
N GLN C 68 54.75 1.03 -41.33
CA GLN C 68 54.81 2.37 -41.91
C GLN C 68 53.55 2.68 -42.73
N LYS C 69 52.43 2.71 -42.01
CA LYS C 69 51.12 3.01 -42.61
C LYS C 69 50.43 4.04 -41.73
N TYR C 70 50.01 5.14 -42.34
CA TYR C 70 49.39 6.25 -41.63
C TYR C 70 47.87 6.09 -41.66
N SER C 71 47.26 5.91 -40.49
CA SER C 71 45.85 5.54 -40.43
C SER C 71 45.03 6.51 -39.60
N VAL C 72 45.20 7.80 -39.84
CA VAL C 72 44.43 8.84 -39.16
C VAL C 72 43.32 9.30 -40.11
N ALA C 73 42.08 9.20 -39.65
CA ALA C 73 40.93 9.65 -40.41
C ALA C 73 39.91 10.28 -39.46
N THR C 74 39.06 11.14 -40.01
CA THR C 74 38.04 11.81 -39.22
C THR C 74 36.88 10.84 -39.00
N SER C 75 36.70 10.42 -37.76
CA SER C 75 35.63 9.52 -37.38
C SER C 75 34.51 10.28 -36.67
N PRO C 76 33.26 9.86 -36.85
CA PRO C 76 32.16 10.54 -36.18
C PRO C 76 32.20 10.34 -34.67
N PHE C 77 31.75 11.37 -33.96
CA PHE C 77 31.69 11.29 -32.50
C PHE C 77 30.43 10.58 -32.02
N GLY C 78 29.30 10.88 -32.65
CA GLY C 78 28.05 10.23 -32.25
C GLY C 78 27.61 10.66 -30.87
N ASP C 79 27.30 9.68 -30.03
CA ASP C 79 26.91 9.91 -28.63
C ASP C 79 28.05 9.56 -27.68
N GLY C 80 29.27 9.81 -28.09
CA GLY C 80 30.44 9.43 -27.31
C GLY C 80 31.21 8.32 -27.99
N VAL C 81 32.52 8.32 -27.78
CA VAL C 81 33.41 7.36 -28.42
C VAL C 81 34.24 6.64 -27.37
N TYR C 82 34.64 5.43 -27.71
CA TYR C 82 35.63 4.67 -26.95
C TYR C 82 36.93 4.68 -27.73
N PHE C 83 38.01 5.12 -27.10
CA PHE C 83 39.31 5.19 -27.72
C PHE C 83 40.28 4.35 -26.93
N SER C 84 41.01 3.47 -27.60
CA SER C 84 42.05 2.69 -26.94
C SER C 84 43.26 2.59 -27.86
N THR C 85 44.42 2.94 -27.34
CA THR C 85 45.67 2.84 -28.08
C THR C 85 46.55 1.75 -27.46
N ILE C 86 47.28 1.05 -28.32
CA ILE C 86 48.22 0.00 -27.90
C ILE C 86 49.56 0.36 -28.53
N ASP C 87 50.49 0.85 -27.71
CA ASP C 87 51.75 1.34 -28.22
C ASP C 87 52.85 1.08 -27.19
N LYS C 88 54.07 1.43 -27.57
CA LYS C 88 55.23 1.29 -26.70
C LYS C 88 56.10 2.53 -26.65
N SER C 89 55.95 3.47 -27.59
CA SER C 89 56.85 4.61 -27.70
C SER C 89 56.10 5.95 -27.65
N ASN C 90 54.92 5.96 -27.03
CA ASN C 90 54.12 7.18 -26.82
C ASN C 90 53.77 7.86 -28.15
N VAL C 91 53.15 7.09 -29.04
CA VAL C 91 52.94 7.56 -30.40
C VAL C 91 51.73 8.47 -30.49
N VAL C 92 50.58 8.03 -30.00
CA VAL C 92 49.36 8.84 -30.07
C VAL C 92 49.47 9.97 -29.05
N ARG C 93 49.54 11.20 -29.53
CA ARG C 93 49.76 12.35 -28.67
C ARG C 93 48.47 12.97 -28.15
N GLY C 94 47.43 13.03 -28.96
CA GLY C 94 46.20 13.66 -28.53
C GLY C 94 45.14 13.59 -29.60
N TRP C 95 44.10 14.41 -29.41
CA TRP C 95 42.93 14.37 -30.28
C TRP C 95 42.48 15.79 -30.62
N VAL C 96 41.71 15.89 -31.70
CA VAL C 96 41.10 17.15 -32.13
C VAL C 96 39.60 16.90 -32.26
N PHE C 97 38.80 17.67 -31.52
CA PHE C 97 37.35 17.53 -31.51
C PHE C 97 36.71 18.74 -32.16
N GLY C 98 35.60 18.52 -32.87
CA GLY C 98 34.88 19.62 -33.48
C GLY C 98 33.78 19.11 -34.39
N THR C 99 33.31 19.98 -35.28
CA THR C 99 32.34 19.63 -36.30
C THR C 99 32.95 19.50 -37.69
N THR C 100 33.59 20.57 -38.18
CA THR C 100 34.20 20.56 -39.49
C THR C 100 35.73 20.60 -39.44
N LEU C 101 36.31 20.95 -38.29
CA LEU C 101 37.75 21.06 -38.06
C LEU C 101 38.41 22.07 -38.99
N ASP C 102 37.64 23.04 -39.48
CA ASP C 102 38.14 24.14 -40.29
C ASP C 102 38.23 25.40 -39.44
N ASN C 103 38.50 26.53 -40.07
CA ASN C 103 38.58 27.80 -39.36
C ASN C 103 37.25 28.55 -39.31
N ASP C 104 36.19 28.00 -39.88
CA ASP C 104 34.89 28.62 -39.77
C ASP C 104 34.18 28.27 -38.46
N THR C 105 34.66 27.27 -37.74
CA THR C 105 34.06 26.84 -36.48
C THR C 105 35.16 26.69 -35.44
N GLN C 106 34.74 26.45 -34.20
CA GLN C 106 35.63 26.33 -33.06
C GLN C 106 35.91 24.86 -32.77
N SER C 107 37.15 24.54 -32.46
CA SER C 107 37.57 23.15 -32.25
C SER C 107 38.37 23.02 -30.97
N VAL C 108 38.35 21.81 -30.42
CA VAL C 108 39.06 21.48 -29.20
C VAL C 108 40.36 20.78 -29.57
N LEU C 109 41.47 21.22 -28.99
CA LEU C 109 42.78 20.62 -29.23
C LEU C 109 43.30 20.10 -27.88
N LEU C 110 43.16 18.80 -27.66
CA LEU C 110 43.62 18.15 -26.45
C LEU C 110 44.80 17.25 -26.81
N TYR C 111 45.95 17.50 -26.20
CA TYR C 111 47.17 16.79 -26.58
C TYR C 111 48.17 16.86 -25.44
N ASN C 112 49.29 16.15 -25.64
CA ASN C 112 50.43 16.19 -24.74
C ASN C 112 51.62 16.76 -25.51
N ASP C 113 52.25 17.79 -24.94
CA ASP C 113 53.43 18.40 -25.56
C ASP C 113 54.73 17.79 -25.05
N GLY C 114 54.67 16.76 -24.23
CA GLY C 114 55.83 16.12 -23.66
C GLY C 114 56.08 16.43 -22.21
N THR C 115 55.46 17.49 -21.68
CA THR C 115 55.66 17.87 -20.28
C THR C 115 54.32 18.11 -19.58
N HIS C 116 53.29 18.44 -20.36
CA HIS C 116 51.98 18.73 -19.81
C HIS C 116 50.91 18.19 -20.75
N VAL C 117 49.68 18.12 -20.27
CA VAL C 117 48.52 17.83 -21.10
C VAL C 117 47.75 19.13 -21.23
N ARG C 118 47.71 19.67 -22.45
CA ARG C 118 47.11 20.96 -22.72
C ARG C 118 45.81 20.78 -23.49
N VAL C 119 44.79 21.55 -23.11
CA VAL C 119 43.54 21.64 -23.86
C VAL C 119 43.39 23.09 -24.31
N GLU C 120 43.07 23.26 -25.59
CA GLU C 120 42.94 24.59 -26.20
C GLU C 120 41.68 24.64 -27.04
N VAL C 121 40.61 25.20 -26.49
CA VAL C 121 39.42 25.52 -27.28
C VAL C 121 39.68 26.86 -27.95
N CYS C 122 39.62 26.86 -29.28
CA CYS C 122 40.27 27.85 -30.11
C CYS C 122 39.70 27.70 -31.51
N THR C 123 39.94 28.70 -32.36
CA THR C 123 39.57 28.61 -33.76
C THR C 123 40.86 28.37 -34.56
N PHE C 124 41.01 27.15 -35.06
CA PHE C 124 42.25 26.72 -35.70
C PHE C 124 42.12 26.73 -37.22
N HIS C 125 43.18 27.17 -37.89
CA HIS C 125 43.39 26.87 -39.30
C HIS C 125 44.35 25.68 -39.32
N PHE C 126 43.77 24.48 -39.29
CA PHE C 126 44.57 23.27 -39.16
C PHE C 126 45.34 22.97 -40.43
N CYS C 127 46.57 22.49 -40.26
CA CYS C 127 47.33 21.98 -41.37
C CYS C 127 46.69 20.68 -41.87
N PRO C 128 46.82 20.38 -43.16
CA PRO C 128 46.32 19.09 -43.67
C PRO C 128 47.09 17.94 -43.05
N THR C 129 46.34 16.96 -42.51
CA THR C 129 46.83 15.86 -41.69
C THR C 129 47.68 16.38 -40.55
N PRO C 130 47.08 16.96 -39.51
CA PRO C 130 47.86 17.50 -38.38
C PRO C 130 48.62 16.41 -37.66
N VAL C 131 49.87 16.70 -37.31
CA VAL C 131 50.79 15.69 -36.79
C VAL C 131 51.92 16.41 -36.08
N PHE C 132 52.61 15.69 -35.20
CA PHE C 132 53.82 16.19 -34.55
C PHE C 132 55.04 15.66 -35.31
N SER C 133 56.00 16.55 -35.56
CA SER C 133 57.28 16.17 -36.14
C SER C 133 58.28 16.11 -34.99
N ALA C 134 58.49 14.91 -34.46
CA ALA C 134 59.26 14.64 -33.23
C ALA C 134 58.63 15.48 -32.12
N SER C 135 59.41 16.23 -31.33
CA SER C 135 58.82 17.08 -30.30
C SER C 135 58.23 18.37 -30.86
N SER C 136 58.58 18.73 -32.09
CA SER C 136 58.09 19.97 -32.68
C SER C 136 56.65 19.78 -33.14
N PRO C 137 55.71 20.63 -32.69
CA PRO C 137 54.32 20.48 -33.12
C PRO C 137 54.04 21.17 -34.45
N HIS C 138 53.31 20.48 -35.33
CA HIS C 138 52.94 21.04 -36.62
C HIS C 138 51.43 20.94 -36.82
N LEU C 139 50.66 21.34 -35.81
CA LEU C 139 49.22 21.14 -35.84
C LEU C 139 48.52 22.24 -36.62
N TYR C 140 48.64 23.49 -36.19
CA TYR C 140 47.86 24.59 -36.72
C TYR C 140 48.76 25.73 -37.19
N SER C 141 48.35 26.38 -38.27
CA SER C 141 49.07 27.56 -38.75
C SER C 141 48.72 28.81 -37.94
N SER C 142 47.46 28.94 -37.50
CA SER C 142 47.02 30.12 -36.77
C SER C 142 45.91 29.75 -35.82
N ALA C 143 45.74 30.56 -34.77
CA ALA C 143 44.71 30.37 -33.77
C ALA C 143 44.24 31.72 -33.25
N PHE C 144 42.92 31.86 -33.06
CA PHE C 144 42.33 33.11 -32.62
C PHE C 144 40.97 32.81 -31.99
N ASN C 145 40.43 33.81 -31.29
CA ASN C 145 39.12 33.75 -30.62
C ASN C 145 39.02 32.53 -29.71
N CYS C 146 39.93 32.47 -28.75
CA CYS C 146 40.34 31.19 -28.19
C CYS C 146 39.89 31.18 -26.72
N THR C 147 38.76 30.53 -26.47
CA THR C 147 38.03 30.68 -25.21
C THR C 147 38.57 29.83 -24.08
N LEU C 148 39.53 28.93 -24.33
CA LEU C 148 40.05 28.08 -23.28
C LEU C 148 41.49 27.70 -23.61
N ASN C 149 42.39 27.86 -22.65
CA ASN C 149 43.79 27.48 -22.82
C ASN C 149 44.38 27.27 -21.42
N TYR C 150 44.51 26.00 -21.02
CA TYR C 150 45.13 25.67 -19.74
C TYR C 150 45.60 24.23 -19.79
N THR C 151 46.33 23.83 -18.75
CA THR C 151 46.89 22.50 -18.63
C THR C 151 46.12 21.70 -17.59
N LEU C 152 45.81 20.46 -17.93
CA LEU C 152 45.03 19.59 -17.05
C LEU C 152 45.89 18.78 -16.10
N ALA C 153 47.04 18.28 -16.57
CA ALA C 153 47.93 17.50 -15.73
C ALA C 153 49.36 17.69 -16.19
N SER C 154 50.29 17.47 -15.28
CA SER C 154 51.72 17.59 -15.55
C SER C 154 52.32 16.18 -15.54
N VAL C 155 52.26 15.52 -16.69
CA VAL C 155 52.86 14.20 -16.86
C VAL C 155 53.90 14.29 -17.96
N ARG C 156 54.89 13.40 -17.87
CA ARG C 156 56.00 13.39 -18.80
C ARG C 156 55.83 12.26 -19.82
N ALA C 157 56.10 12.58 -21.09
CA ALA C 157 55.95 11.60 -22.17
C ALA C 157 56.93 12.02 -23.28
N ASP C 158 58.07 11.34 -23.33
CA ASP C 158 59.09 11.66 -24.31
C ASP C 158 58.70 11.12 -25.68
N PHE C 159 59.41 11.61 -26.70
CA PHE C 159 59.18 11.19 -28.08
C PHE C 159 60.19 10.14 -28.54
N THR C 160 60.94 9.55 -27.61
CA THR C 160 61.91 8.53 -27.97
C THR C 160 61.22 7.25 -28.39
N GLU C 161 61.75 6.61 -29.44
CA GLU C 161 61.18 5.36 -29.94
C GLU C 161 61.72 4.19 -29.13
N VAL C 162 60.81 3.30 -28.71
CA VAL C 162 61.15 2.12 -27.94
C VAL C 162 60.96 0.89 -28.81
N ASP C 163 62.01 0.08 -28.92
CA ASP C 163 61.95 -1.13 -29.73
C ASP C 163 61.35 -2.28 -28.92
N GLY C 164 60.92 -3.31 -29.65
CA GLY C 164 60.34 -4.49 -29.02
C GLY C 164 58.87 -4.68 -29.38
N SER C 165 58.11 -5.26 -28.46
CA SER C 165 56.69 -5.49 -28.65
C SER C 165 55.88 -4.42 -27.90
N PHE C 166 54.59 -4.40 -28.19
CA PHE C 166 53.68 -3.47 -27.51
C PHE C 166 53.58 -3.82 -26.03
N LYS C 167 53.60 -2.80 -25.18
CA LYS C 167 53.71 -2.99 -23.74
C LYS C 167 52.42 -2.73 -22.98
N THR C 168 51.76 -1.60 -23.25
CA THR C 168 50.59 -1.20 -22.48
C THR C 168 49.45 -0.82 -23.41
N ILE C 169 48.22 -0.89 -22.89
CA ILE C 169 47.04 -0.40 -23.57
C ILE C 169 46.47 0.74 -22.73
N ARG C 170 46.20 1.87 -23.38
CA ARG C 170 45.61 3.04 -22.74
C ARG C 170 44.22 3.24 -23.33
N GLU C 171 43.19 3.20 -22.49
CA GLU C 171 41.81 3.23 -22.94
C GLU C 171 41.15 4.53 -22.50
N PHE C 172 40.35 5.11 -23.40
CA PHE C 172 39.69 6.38 -23.17
C PHE C 172 38.21 6.26 -23.52
N VAL C 173 37.39 6.99 -22.78
CA VAL C 173 35.99 7.20 -23.12
C VAL C 173 35.73 8.69 -23.08
N PHE C 174 35.31 9.26 -24.21
CA PHE C 174 35.00 10.67 -24.32
C PHE C 174 33.49 10.82 -24.43
N LYS C 175 32.90 11.56 -23.50
CA LYS C 175 31.47 11.80 -23.49
C LYS C 175 31.19 13.29 -23.40
N LEU C 176 30.03 13.69 -23.90
CA LEU C 176 29.56 15.06 -23.83
C LEU C 176 28.31 15.11 -22.97
N GLN C 177 28.33 15.94 -21.93
CA GLN C 177 27.14 16.21 -21.14
C GLN C 177 27.20 17.63 -20.60
N ASP C 178 26.13 18.39 -20.86
CA ASP C 178 25.99 19.79 -20.44
C ASP C 178 27.17 20.65 -20.90
N GLY C 179 27.55 20.47 -22.16
CA GLY C 179 28.61 21.26 -22.73
C GLY C 179 29.99 20.99 -22.20
N SER C 180 30.18 19.85 -21.53
CA SER C 180 31.46 19.50 -20.92
C SER C 180 31.95 18.17 -21.49
N LEU C 181 33.23 18.10 -21.79
CA LEU C 181 33.85 16.90 -22.31
C LEU C 181 34.38 16.09 -21.13
N ASN C 182 33.79 14.91 -20.90
CA ASN C 182 34.20 14.03 -19.83
C ASN C 182 35.17 12.99 -20.36
N VAL C 183 36.32 12.85 -19.70
CA VAL C 183 37.37 11.93 -20.10
C VAL C 183 37.52 10.86 -19.03
N TYR C 184 37.38 9.61 -19.44
CA TYR C 184 37.57 8.46 -18.56
C TYR C 184 38.82 7.71 -19.02
N TYR C 185 39.66 7.32 -18.06
CA TYR C 185 40.98 6.80 -18.41
C TYR C 185 41.28 5.55 -17.60
N ALA C 186 41.97 4.60 -18.24
CA ALA C 186 42.52 3.43 -17.58
C ALA C 186 43.68 2.91 -18.40
N SER C 187 44.77 2.56 -17.72
CA SER C 187 45.96 2.01 -18.35
C SER C 187 46.20 0.60 -17.83
N THR C 188 46.44 -0.34 -18.74
CA THR C 188 46.65 -1.73 -18.39
C THR C 188 47.87 -2.26 -19.13
N SER C 189 48.62 -3.14 -18.46
CA SER C 189 49.77 -3.78 -19.08
C SER C 189 49.29 -4.89 -20.01
N TYR C 190 49.69 -4.81 -21.28
CA TYR C 190 49.19 -5.74 -22.30
C TYR C 190 50.32 -5.99 -23.30
N VAL C 191 50.93 -7.16 -23.22
CA VAL C 191 52.05 -7.51 -24.08
C VAL C 191 51.48 -8.14 -25.36
N LEU C 192 51.60 -7.41 -26.46
CA LEU C 192 51.15 -7.88 -27.77
C LEU C 192 52.32 -7.81 -28.74
N ALA C 193 52.52 -8.89 -29.49
CA ALA C 193 53.61 -8.93 -30.46
C ALA C 193 53.31 -8.03 -31.65
N ILE C 194 54.37 -7.70 -32.40
CA ILE C 194 54.24 -6.78 -33.52
C ILE C 194 53.43 -7.41 -34.65
N GLY C 195 53.74 -8.66 -35.00
CA GLY C 195 53.07 -9.36 -36.07
C GLY C 195 51.95 -10.30 -35.64
N ALA C 196 51.51 -10.24 -34.39
CA ALA C 196 50.47 -11.14 -33.91
C ALA C 196 49.10 -10.68 -34.37
N THR C 197 48.08 -11.43 -33.97
CA THR C 197 46.70 -11.10 -34.32
C THR C 197 46.24 -9.87 -33.53
N SER C 198 45.62 -8.93 -34.23
CA SER C 198 45.14 -7.69 -33.60
C SER C 198 43.85 -8.00 -32.84
N GLN C 199 43.93 -7.99 -31.53
CA GLN C 199 42.76 -8.25 -30.70
C GLN C 199 42.89 -7.52 -29.38
N LEU C 200 41.74 -7.21 -28.78
CA LEU C 200 41.69 -6.50 -27.51
C LEU C 200 41.87 -7.47 -26.34
N PRO C 201 42.33 -6.98 -25.19
CA PRO C 201 42.48 -7.86 -24.03
C PRO C 201 41.14 -8.31 -23.48
N SER C 202 41.18 -9.39 -22.71
CA SER C 202 40.02 -9.95 -22.05
C SER C 202 39.88 -9.38 -20.65
N GLY C 203 38.72 -9.63 -20.04
CA GLY C 203 38.44 -9.17 -18.70
C GLY C 203 37.80 -7.80 -18.68
N VAL C 204 37.61 -7.30 -17.46
CA VAL C 204 36.99 -6.00 -17.22
C VAL C 204 38.02 -5.09 -16.58
N THR C 205 38.31 -3.98 -17.24
CA THR C 205 39.17 -2.92 -16.68
C THR C 205 38.34 -1.64 -16.59
N PRO C 206 37.90 -1.25 -15.40
CA PRO C 206 37.07 -0.05 -15.29
C PRO C 206 37.88 1.21 -15.55
N LEU C 207 37.25 2.18 -16.19
CA LEU C 207 37.87 3.45 -16.54
C LEU C 207 37.44 4.50 -15.52
N VAL C 208 38.40 5.07 -14.81
CA VAL C 208 38.09 6.06 -13.77
C VAL C 208 37.83 7.42 -14.42
N PRO C 209 36.96 8.25 -13.86
CA PRO C 209 36.76 9.59 -14.42
C PRO C 209 37.96 10.48 -14.14
N LEU C 210 38.53 11.05 -15.21
CA LEU C 210 39.75 11.83 -15.11
C LEU C 210 39.47 13.34 -15.11
N TRP C 211 38.86 13.85 -16.17
CA TRP C 211 38.68 15.29 -16.33
C TRP C 211 37.27 15.61 -16.78
N LYS C 212 36.85 16.83 -16.47
CA LYS C 212 35.63 17.43 -17.03
C LYS C 212 36.04 18.77 -17.60
N ILE C 213 36.16 18.84 -18.92
CA ILE C 213 36.65 20.04 -19.61
C ILE C 213 35.44 20.83 -20.10
N PRO C 214 35.19 22.03 -19.59
CA PRO C 214 34.05 22.84 -20.05
C PRO C 214 34.30 23.50 -21.40
N ILE C 215 34.26 22.68 -22.46
CA ILE C 215 34.54 23.17 -23.80
C ILE C 215 33.39 24.05 -24.30
N GLY C 216 32.16 23.72 -23.92
CA GLY C 216 31.00 24.46 -24.38
C GLY C 216 30.78 24.40 -25.87
N LEU C 217 31.05 23.25 -26.49
CA LEU C 217 31.05 23.12 -27.93
C LEU C 217 30.13 22.00 -28.38
N ASN C 218 29.84 22.01 -29.68
CA ASN C 218 29.07 20.98 -30.37
C ASN C 218 30.09 20.11 -31.10
N ILE C 219 30.13 18.82 -30.76
CA ILE C 219 31.13 17.90 -31.28
C ILE C 219 30.42 16.80 -32.07
N THR C 220 30.79 16.66 -33.34
CA THR C 220 30.28 15.60 -34.19
C THR C 220 31.36 14.73 -34.80
N ASN C 221 32.58 15.24 -34.94
CA ASN C 221 33.69 14.48 -35.51
C ASN C 221 34.92 14.67 -34.63
N PHE C 222 35.82 13.70 -34.69
CA PHE C 222 37.08 13.81 -33.98
C PHE C 222 38.20 13.17 -34.78
N LYS C 223 39.42 13.65 -34.56
CA LYS C 223 40.60 13.23 -35.30
C LYS C 223 41.74 12.98 -34.33
N THR C 224 42.49 11.91 -34.56
CA THR C 224 43.60 11.52 -33.71
C THR C 224 44.88 12.21 -34.16
N LEU C 225 45.72 12.56 -33.18
CA LEU C 225 47.04 13.14 -33.44
C LEU C 225 48.12 12.17 -33.00
N VAL C 226 49.04 11.86 -33.91
CA VAL C 226 50.18 11.01 -33.60
C VAL C 226 51.45 11.83 -33.82
N TYR C 227 52.60 11.22 -33.57
CA TYR C 227 53.88 11.87 -33.85
C TYR C 227 54.72 10.95 -34.71
N LEU C 228 55.43 11.54 -35.67
CA LEU C 228 56.33 10.82 -36.55
C LEU C 228 57.77 11.12 -36.15
N ARG C 229 58.70 10.47 -36.84
CA ARG C 229 60.12 10.73 -36.63
C ARG C 229 60.52 12.00 -37.37
N SER C 230 61.81 12.34 -37.29
CA SER C 230 62.33 13.50 -38.01
C SER C 230 62.30 13.32 -39.51
N ASP C 231 62.25 12.08 -40.00
CA ASP C 231 62.12 11.78 -41.41
C ASP C 231 60.67 11.59 -41.83
N ASN C 232 59.71 11.92 -40.95
CA ASN C 232 58.27 11.86 -41.22
C ASN C 232 57.81 10.46 -41.62
N THR C 233 58.29 9.46 -40.89
CA THR C 233 57.81 8.10 -41.06
C THR C 233 57.02 7.66 -39.84
N PRO C 234 55.89 6.98 -40.05
CA PRO C 234 55.06 6.56 -38.90
C PRO C 234 55.75 5.51 -38.04
N LEU C 235 55.49 5.57 -36.73
CA LEU C 235 56.04 4.63 -35.78
C LEU C 235 55.08 3.45 -35.60
N GLN C 236 55.49 2.48 -34.78
CA GLN C 236 54.72 1.26 -34.58
C GLN C 236 53.71 1.50 -33.44
N ALA C 237 52.43 1.54 -33.78
CA ALA C 237 51.37 1.72 -32.80
C ALA C 237 50.06 1.23 -33.42
N ALA C 238 49.00 1.30 -32.61
CA ALA C 238 47.66 0.95 -33.06
C ALA C 238 46.65 1.63 -32.15
N TYR C 239 45.57 2.15 -32.74
CA TYR C 239 44.49 2.73 -31.95
C TYR C 239 43.16 2.19 -32.43
N VAL C 240 42.24 2.04 -31.48
CA VAL C 240 40.92 1.45 -31.72
C VAL C 240 39.86 2.50 -31.40
N VAL C 241 38.86 2.62 -32.26
CA VAL C 241 37.77 3.57 -32.09
C VAL C 241 36.45 2.81 -32.05
N GLY C 242 35.70 2.97 -30.97
CA GLY C 242 34.37 2.41 -30.86
C GLY C 242 33.37 3.49 -30.54
N HIS C 243 32.09 3.17 -30.75
CA HIS C 243 31.00 4.11 -30.57
C HIS C 243 30.06 3.63 -29.47
N LEU C 244 29.76 4.49 -28.51
CA LEU C 244 28.84 4.17 -27.43
C LEU C 244 27.40 4.22 -27.93
N LYS C 245 26.58 3.30 -27.43
CA LYS C 245 25.17 3.24 -27.77
C LYS C 245 24.34 3.23 -26.49
N ARG C 246 23.04 3.50 -26.65
CA ARG C 246 22.10 3.43 -25.54
C ARG C 246 21.97 2.00 -25.05
N ARG C 247 22.48 1.73 -23.85
CA ARG C 247 22.52 0.38 -23.32
C ARG C 247 22.24 0.41 -21.82
N THR C 248 21.82 -0.73 -21.30
CA THR C 248 21.69 -0.96 -19.87
C THR C 248 22.72 -2.01 -19.46
N MET C 249 23.53 -1.68 -18.46
CA MET C 249 24.57 -2.58 -17.98
C MET C 249 24.45 -2.76 -16.47
N MET C 250 24.93 -3.90 -16.00
CA MET C 250 25.00 -4.22 -14.59
C MET C 250 26.48 -4.34 -14.19
N PHE C 251 26.88 -3.60 -13.16
CA PHE C 251 28.25 -3.58 -12.71
C PHE C 251 28.36 -4.18 -11.32
N LYS C 252 29.39 -5.00 -11.10
CA LYS C 252 29.67 -5.60 -9.81
C LYS C 252 30.78 -4.80 -9.14
N TYR C 253 30.48 -4.27 -7.95
CA TYR C 253 31.42 -3.43 -7.21
C TYR C 253 32.16 -4.26 -6.16
N ASP C 254 33.47 -4.11 -6.12
CA ASP C 254 34.29 -4.83 -5.16
C ASP C 254 34.09 -4.26 -3.76
N GLU C 255 34.59 -5.00 -2.76
CA GLU C 255 34.53 -4.51 -1.38
C GLU C 255 35.41 -3.29 -1.18
N ASN C 256 36.48 -3.17 -1.97
CA ASN C 256 37.33 -1.98 -1.94
C ASN C 256 36.75 -0.81 -2.73
N GLY C 257 35.66 -1.02 -3.46
CA GLY C 257 35.02 0.03 -4.23
C GLY C 257 35.23 -0.06 -5.73
N THR C 258 36.15 -0.89 -6.19
CA THR C 258 36.44 -0.98 -7.62
C THR C 258 35.38 -1.83 -8.33
N ILE C 259 35.37 -1.72 -9.65
CA ILE C 259 34.48 -2.52 -10.49
C ILE C 259 35.25 -3.74 -10.97
N VAL C 260 34.71 -4.92 -10.73
CA VAL C 260 35.39 -6.17 -11.04
C VAL C 260 34.71 -6.99 -12.13
N ASP C 261 33.44 -6.72 -12.42
CA ASP C 261 32.72 -7.48 -13.45
C ASP C 261 31.62 -6.61 -14.03
N ALA C 262 31.18 -7.00 -15.23
CA ALA C 262 30.16 -6.24 -15.95
C ALA C 262 29.36 -7.17 -16.83
N ILE C 263 28.10 -6.81 -17.06
CA ILE C 263 27.20 -7.56 -17.92
C ILE C 263 26.45 -6.57 -18.81
N ASP C 264 26.52 -6.77 -20.12
CA ASP C 264 25.72 -6.02 -21.07
C ASP C 264 24.39 -6.75 -21.23
N CYS C 265 23.31 -6.15 -20.73
CA CYS C 265 22.04 -6.84 -20.61
C CYS C 265 21.35 -7.09 -21.95
N ALA C 266 21.82 -6.49 -23.04
CA ALA C 266 21.24 -6.71 -24.36
C ALA C 266 22.05 -7.68 -25.21
N LEU C 267 23.04 -8.36 -24.62
CA LEU C 267 23.94 -9.19 -25.42
C LEU C 267 23.31 -10.52 -25.80
N ASP C 268 22.97 -11.35 -24.80
CA ASP C 268 22.45 -12.68 -25.06
C ASP C 268 21.36 -12.99 -24.03
N PRO C 269 20.57 -14.05 -24.21
CA PRO C 269 19.54 -14.38 -23.19
C PRO C 269 20.09 -14.62 -21.79
N LEU C 270 21.32 -15.14 -21.66
CA LEU C 270 21.89 -15.33 -20.33
C LEU C 270 22.15 -14.00 -19.64
N SER C 271 22.65 -13.00 -20.38
CA SER C 271 22.83 -11.68 -19.81
C SER C 271 21.50 -11.01 -19.48
N GLU C 272 20.47 -11.26 -20.29
CA GLU C 272 19.14 -10.76 -19.97
C GLU C 272 18.59 -11.40 -18.69
N THR C 273 18.89 -12.68 -18.48
CA THR C 273 18.51 -13.33 -17.24
C THR C 273 19.27 -12.76 -16.05
N LYS C 274 20.57 -12.52 -16.21
CA LYS C 274 21.36 -11.93 -15.14
C LYS C 274 20.95 -10.50 -14.85
N CYS C 275 20.42 -9.79 -15.84
CA CYS C 275 19.97 -8.42 -15.63
C CYS C 275 18.54 -8.34 -15.10
N THR C 276 17.72 -9.35 -15.38
CA THR C 276 16.38 -9.40 -14.79
C THR C 276 16.48 -9.59 -13.28
N LEU C 277 17.38 -10.45 -12.84
CA LEU C 277 17.75 -10.53 -11.43
C LEU C 277 18.86 -9.50 -11.19
N ARG C 278 19.42 -9.49 -9.98
CA ARG C 278 20.52 -8.59 -9.65
C ARG C 278 21.76 -9.38 -9.25
N SER C 279 21.98 -10.52 -9.89
CA SER C 279 23.07 -11.42 -9.52
C SER C 279 23.86 -11.81 -10.76
N PHE C 280 25.17 -11.95 -10.59
CA PHE C 280 26.04 -12.46 -11.64
C PHE C 280 26.08 -13.98 -11.68
N ILE C 281 25.50 -14.64 -10.67
CA ILE C 281 25.41 -16.09 -10.61
C ILE C 281 23.94 -16.47 -10.63
N VAL C 282 23.55 -17.31 -11.58
CA VAL C 282 22.18 -17.77 -11.72
C VAL C 282 22.14 -19.26 -11.40
N GLU C 283 21.19 -19.66 -10.57
CA GLU C 283 21.01 -21.06 -10.23
C GLU C 283 20.22 -21.77 -11.34
N LYS C 284 20.11 -23.09 -11.21
CA LYS C 284 19.38 -23.87 -12.19
C LYS C 284 17.88 -23.60 -12.10
N GLY C 285 17.26 -23.32 -13.24
CA GLY C 285 15.84 -23.07 -13.27
C GLY C 285 15.44 -22.36 -14.55
N ILE C 286 14.18 -21.96 -14.60
CA ILE C 286 13.61 -21.22 -15.72
C ILE C 286 13.15 -19.87 -15.18
N TYR C 287 13.57 -18.79 -15.84
CA TYR C 287 13.34 -17.44 -15.36
C TYR C 287 12.63 -16.62 -16.43
N GLN C 288 11.58 -15.91 -16.03
CA GLN C 288 10.97 -14.92 -16.90
C GLN C 288 11.87 -13.68 -16.96
N THR C 289 12.08 -13.16 -18.15
CA THR C 289 13.02 -12.07 -18.36
C THR C 289 12.30 -10.84 -18.91
N SER C 290 12.68 -9.68 -18.38
CA SER C 290 12.18 -8.42 -18.92
C SER C 290 12.89 -8.10 -20.24
N ASN C 291 12.31 -7.16 -20.98
CA ASN C 291 12.79 -6.85 -22.33
C ASN C 291 13.99 -5.93 -22.24
N PHE C 292 15.17 -6.45 -22.58
CA PHE C 292 16.38 -5.66 -22.75
C PHE C 292 16.96 -5.76 -24.15
N ARG C 293 16.47 -6.69 -24.97
CA ARG C 293 17.14 -7.02 -26.23
C ARG C 293 16.94 -5.95 -27.29
N VAL C 294 15.73 -5.43 -27.41
CA VAL C 294 15.36 -4.55 -28.53
C VAL C 294 15.16 -3.13 -27.99
N GLN C 295 15.73 -2.16 -28.69
CA GLN C 295 15.57 -0.74 -28.44
C GLN C 295 15.23 -0.04 -29.74
N PRO C 296 14.45 1.05 -29.69
CA PRO C 296 14.19 1.81 -30.91
C PRO C 296 15.43 2.53 -31.39
N GLN C 297 15.65 2.47 -32.71
CA GLN C 297 16.81 3.09 -33.33
C GLN C 297 16.47 4.25 -34.27
N ASP C 298 15.23 4.34 -34.74
CA ASP C 298 14.83 5.38 -35.67
C ASP C 298 13.59 6.10 -35.15
N THR C 299 13.41 7.34 -35.60
CA THR C 299 12.26 8.14 -35.26
C THR C 299 11.47 8.42 -36.52
N VAL C 300 10.17 8.11 -36.48
CA VAL C 300 9.27 8.30 -37.61
C VAL C 300 8.38 9.48 -37.28
N VAL C 301 8.68 10.64 -37.85
CA VAL C 301 7.90 11.85 -37.64
C VAL C 301 6.93 12.00 -38.80
N ARG C 302 5.65 12.15 -38.48
CA ARG C 302 4.60 12.28 -39.49
C ARG C 302 3.68 13.42 -39.06
N PHE C 303 3.83 14.58 -39.71
CA PHE C 303 3.07 15.79 -39.47
C PHE C 303 2.23 16.12 -40.71
N PRO C 304 1.08 16.79 -40.55
CA PRO C 304 0.29 17.17 -41.71
C PRO C 304 1.03 18.17 -42.61
N ASN C 305 0.80 18.05 -43.91
CA ASN C 305 1.54 18.84 -44.89
C ASN C 305 0.79 20.16 -45.11
N ILE C 306 1.13 21.16 -44.29
CA ILE C 306 0.65 22.53 -44.48
C ILE C 306 1.87 23.44 -44.41
N THR C 307 1.95 24.39 -45.35
CA THR C 307 3.11 25.26 -45.46
C THR C 307 2.83 26.71 -45.13
N ASN C 308 1.57 27.08 -44.90
CA ASN C 308 1.25 28.45 -44.54
C ASN C 308 1.72 28.76 -43.12
N LEU C 309 2.35 29.92 -42.94
CA LEU C 309 2.69 30.39 -41.62
C LEU C 309 1.53 31.17 -41.04
N CYS C 310 1.39 31.11 -39.72
CA CYS C 310 0.27 31.76 -39.06
C CYS C 310 0.42 33.28 -39.12
N PRO C 311 -0.69 34.01 -39.27
CA PRO C 311 -0.60 35.47 -39.45
C PRO C 311 -0.21 36.20 -38.19
N PHE C 312 1.03 36.00 -37.74
CA PHE C 312 1.51 36.69 -36.54
C PHE C 312 1.73 38.17 -36.80
N SER C 313 2.03 38.56 -38.04
CA SER C 313 2.15 39.97 -38.37
C SER C 313 0.80 40.68 -38.32
N GLU C 314 -0.29 39.96 -38.58
CA GLU C 314 -1.60 40.59 -38.58
C GLU C 314 -2.08 40.90 -37.16
N VAL C 315 -1.77 40.03 -36.21
CA VAL C 315 -2.25 40.24 -34.84
C VAL C 315 -1.21 40.98 -33.99
N PHE C 316 0.06 40.61 -34.08
CA PHE C 316 1.08 41.22 -33.24
C PHE C 316 1.45 42.64 -33.71
N ASN C 317 1.39 42.90 -35.01
CA ASN C 317 1.74 44.21 -35.56
C ASN C 317 0.50 44.94 -36.09
N ALA C 318 -0.61 44.83 -35.39
CA ALA C 318 -1.79 45.62 -35.72
C ALA C 318 -1.55 47.09 -35.37
N THR C 319 -2.21 47.97 -36.12
CA THR C 319 -2.07 49.40 -35.86
C THR C 319 -2.68 49.78 -34.52
N THR C 320 -3.83 49.23 -34.19
CA THR C 320 -4.48 49.48 -32.90
C THR C 320 -4.89 48.14 -32.28
N PHE C 321 -4.81 48.08 -30.96
CA PHE C 321 -5.28 46.93 -30.21
C PHE C 321 -6.61 47.26 -29.52
N ALA C 322 -7.34 46.22 -29.17
CA ALA C 322 -8.57 46.40 -28.43
C ALA C 322 -8.29 46.79 -26.99
N SER C 323 -9.28 47.41 -26.34
CA SER C 323 -9.19 47.66 -24.92
C SER C 323 -9.40 46.35 -24.15
N VAL C 324 -9.00 46.36 -22.89
CA VAL C 324 -9.05 45.11 -22.11
C VAL C 324 -10.50 44.75 -21.76
N TYR C 325 -11.38 45.74 -21.59
CA TYR C 325 -12.78 45.42 -21.32
C TYR C 325 -13.50 44.94 -22.56
N ALA C 326 -12.99 45.28 -23.75
CA ALA C 326 -13.57 44.86 -25.02
C ALA C 326 -12.55 44.05 -25.81
N TRP C 327 -11.91 43.09 -25.16
CA TRP C 327 -10.82 42.34 -25.76
C TRP C 327 -11.29 41.54 -26.97
N ASN C 328 -10.43 41.46 -27.98
CA ASN C 328 -10.76 40.86 -29.26
C ASN C 328 -10.26 39.43 -29.31
N ARG C 329 -11.13 38.51 -29.71
CA ARG C 329 -10.79 37.09 -29.85
C ARG C 329 -10.74 36.74 -31.33
N LYS C 330 -9.66 36.10 -31.75
CA LYS C 330 -9.44 35.74 -33.15
C LYS C 330 -9.09 34.26 -33.23
N ARG C 331 -9.68 33.55 -34.19
CA ARG C 331 -9.43 32.13 -34.36
C ARG C 331 -8.29 31.93 -35.36
N ILE C 332 -7.32 31.11 -34.96
CA ILE C 332 -6.17 30.77 -35.80
C ILE C 332 -6.33 29.33 -36.27
N SER C 333 -6.23 29.13 -37.59
CA SER C 333 -6.47 27.81 -38.15
C SER C 333 -5.69 27.64 -39.45
N ASN C 334 -5.38 26.38 -39.76
CA ASN C 334 -4.74 25.95 -41.01
C ASN C 334 -3.42 26.66 -41.29
N CYS C 335 -2.48 26.58 -40.35
CA CYS C 335 -1.21 27.29 -40.48
C CYS C 335 -0.17 26.65 -39.57
N VAL C 336 1.07 27.08 -39.76
CA VAL C 336 2.21 26.60 -38.98
C VAL C 336 2.62 27.70 -38.00
N ALA C 337 2.67 27.37 -36.72
CA ALA C 337 2.97 28.34 -35.67
C ALA C 337 4.47 28.32 -35.42
N ASP C 338 5.19 29.23 -36.08
CA ASP C 338 6.63 29.39 -35.90
C ASP C 338 6.85 30.67 -35.11
N TYR C 339 7.19 30.52 -33.83
CA TYR C 339 7.43 31.68 -32.97
C TYR C 339 8.81 32.27 -33.14
N SER C 340 9.73 31.56 -33.81
CA SER C 340 11.06 32.11 -34.08
C SER C 340 11.04 33.16 -35.18
N VAL C 341 9.95 33.27 -35.94
CA VAL C 341 9.82 34.31 -36.94
C VAL C 341 9.78 35.68 -36.28
N LEU C 342 9.11 35.78 -35.13
CA LEU C 342 8.90 37.05 -34.44
C LEU C 342 10.13 37.53 -33.67
N TYR C 343 11.23 36.77 -33.66
CA TYR C 343 12.38 37.13 -32.84
C TYR C 343 13.06 38.40 -33.34
N ASN C 344 13.17 38.58 -34.65
CA ASN C 344 13.89 39.73 -35.18
C ASN C 344 13.09 41.02 -35.09
N SER C 345 11.79 40.94 -34.81
CA SER C 345 10.93 42.12 -34.77
C SER C 345 10.34 42.39 -33.40
N THR C 346 9.77 41.38 -32.75
CA THR C 346 9.09 41.54 -31.47
C THR C 346 9.93 40.93 -30.36
N SER C 347 10.18 41.72 -29.32
CA SER C 347 10.91 41.26 -28.14
C SER C 347 9.91 41.05 -27.01
N PHE C 348 9.65 39.78 -26.67
CA PHE C 348 8.63 39.45 -25.69
C PHE C 348 9.18 39.62 -24.29
N SER C 349 8.53 40.47 -23.50
CA SER C 349 8.87 40.60 -22.08
C SER C 349 8.16 39.56 -21.22
N THR C 350 7.22 38.81 -21.78
CA THR C 350 6.51 37.78 -21.04
C THR C 350 6.15 36.65 -21.99
N PHE C 351 6.64 35.45 -21.70
CA PHE C 351 6.31 34.24 -22.46
C PHE C 351 6.10 33.13 -21.43
N GLN C 352 4.86 33.01 -20.96
CA GLN C 352 4.51 32.02 -19.95
C GLN C 352 3.42 31.13 -20.49
N CYS C 353 3.65 29.82 -20.47
CA CYS C 353 2.72 28.84 -20.99
C CYS C 353 2.14 28.01 -19.87
N TYR C 354 0.87 27.65 -20.01
CA TYR C 354 0.15 26.87 -19.01
C TYR C 354 -0.42 25.61 -19.66
N GLY C 355 -0.25 24.48 -18.99
CA GLY C 355 -0.73 23.22 -19.53
C GLY C 355 0.26 22.54 -20.45
N VAL C 356 1.07 23.35 -21.14
CA VAL C 356 2.11 22.85 -22.03
C VAL C 356 3.40 23.59 -21.69
N SER C 357 4.51 23.02 -22.14
CA SER C 357 5.81 23.66 -21.99
C SER C 357 6.13 24.46 -23.25
N SER C 358 6.75 25.63 -23.05
CA SER C 358 7.07 26.49 -24.18
C SER C 358 8.15 25.90 -25.07
N THR C 359 9.03 25.07 -24.51
CA THR C 359 10.05 24.40 -25.31
C THR C 359 9.47 23.28 -26.15
N LYS C 360 8.28 22.79 -25.81
CA LYS C 360 7.63 21.71 -26.53
C LYS C 360 6.64 22.22 -27.58
N LEU C 361 6.55 23.53 -27.80
CA LEU C 361 5.57 24.07 -28.72
C LEU C 361 5.89 23.76 -30.17
N ASN C 362 7.17 23.53 -30.48
CA ASN C 362 7.57 23.26 -31.85
C ASN C 362 7.30 21.84 -32.30
N ASP C 363 6.94 20.94 -31.36
CA ASP C 363 6.68 19.55 -31.69
C ASP C 363 5.22 19.16 -31.49
N LEU C 364 4.32 20.14 -31.37
CA LEU C 364 2.93 19.88 -31.04
C LEU C 364 2.02 20.41 -32.13
N CYS C 365 1.00 19.63 -32.47
CA CYS C 365 -0.11 20.10 -33.29
C CYS C 365 -1.30 20.39 -32.40
N PHE C 366 -2.01 21.47 -32.69
CA PHE C 366 -3.18 21.88 -31.92
C PHE C 366 -4.43 21.76 -32.80
N THR C 367 -5.50 21.26 -32.18
CA THR C 367 -6.77 21.12 -32.88
C THR C 367 -7.55 22.42 -32.94
N ASN C 368 -7.37 23.31 -31.96
CA ASN C 368 -8.06 24.59 -31.92
C ASN C 368 -7.16 25.61 -31.25
N VAL C 369 -7.02 26.77 -31.89
CA VAL C 369 -6.21 27.88 -31.38
C VAL C 369 -7.02 29.16 -31.45
N TYR C 370 -7.16 29.84 -30.32
CA TYR C 370 -7.73 31.18 -30.25
C TYR C 370 -6.64 32.17 -29.85
N ALA C 371 -6.85 33.44 -30.19
CA ALA C 371 -5.91 34.50 -29.86
C ALA C 371 -6.68 35.69 -29.32
N ASP C 372 -6.41 36.06 -28.07
CA ASP C 372 -7.06 37.19 -27.41
C ASP C 372 -6.06 38.32 -27.29
N SER C 373 -6.41 39.50 -27.78
CA SER C 373 -5.52 40.64 -27.83
C SER C 373 -6.13 41.84 -27.12
N PHE C 374 -5.34 42.50 -26.28
CA PHE C 374 -5.78 43.71 -25.60
C PHE C 374 -4.54 44.47 -25.15
N VAL C 375 -4.77 45.63 -24.53
CA VAL C 375 -3.70 46.48 -24.01
C VAL C 375 -3.99 46.77 -22.54
N VAL C 376 -3.01 46.52 -21.68
CA VAL C 376 -3.11 46.83 -20.26
C VAL C 376 -1.89 47.68 -19.88
N ARG C 377 -1.91 48.14 -18.63
CA ARG C 377 -0.75 48.84 -18.09
C ARG C 377 0.39 47.85 -17.84
N GLY C 378 1.60 48.39 -17.70
CA GLY C 378 2.77 47.53 -17.51
C GLY C 378 2.75 46.75 -16.22
N ASP C 379 2.20 47.33 -15.16
CA ASP C 379 2.11 46.65 -13.87
C ASP C 379 0.94 45.68 -13.79
N GLU C 380 0.05 45.66 -14.78
CA GLU C 380 -1.11 44.78 -14.79
C GLU C 380 -0.89 43.52 -15.62
N VAL C 381 0.31 43.32 -16.16
CA VAL C 381 0.60 42.13 -16.95
C VAL C 381 0.59 40.89 -16.05
N ARG C 382 0.98 41.04 -14.78
CA ARG C 382 0.96 39.93 -13.84
C ARG C 382 -0.45 39.39 -13.57
N GLN C 383 -1.48 40.21 -13.80
CA GLN C 383 -2.85 39.77 -13.60
C GLN C 383 -3.35 38.86 -14.71
N ILE C 384 -2.63 38.77 -15.83
CA ILE C 384 -3.03 37.89 -16.93
C ILE C 384 -2.38 36.54 -16.64
N ALA C 385 -3.03 35.78 -15.76
CA ALA C 385 -2.58 34.48 -15.28
C ALA C 385 -3.74 33.84 -14.52
N PRO C 386 -3.82 32.50 -14.46
CA PRO C 386 -4.88 31.87 -13.67
C PRO C 386 -4.74 32.16 -12.18
N GLY C 387 -5.88 32.34 -11.53
CA GLY C 387 -5.91 32.59 -10.10
C GLY C 387 -5.30 33.90 -9.65
N GLN C 388 -5.58 34.98 -10.36
CA GLN C 388 -5.06 36.30 -10.02
C GLN C 388 -6.18 37.20 -9.52
N THR C 389 -5.79 38.21 -8.74
CA THR C 389 -6.72 39.17 -8.17
C THR C 389 -6.26 40.57 -8.52
N GLY C 390 -7.18 41.36 -9.06
CA GLY C 390 -6.89 42.73 -9.45
C GLY C 390 -8.05 43.27 -10.24
N VAL C 391 -7.89 44.51 -10.72
CA VAL C 391 -8.95 45.16 -11.47
C VAL C 391 -9.16 44.44 -12.82
N ILE C 392 -8.07 44.08 -13.49
CA ILE C 392 -8.15 43.43 -14.79
C ILE C 392 -8.72 42.02 -14.66
N ALA C 393 -8.27 41.26 -13.66
CA ALA C 393 -8.72 39.89 -13.50
C ALA C 393 -10.18 39.83 -13.04
N ASP C 394 -10.57 40.74 -12.14
CA ASP C 394 -11.94 40.71 -11.64
C ASP C 394 -12.94 41.25 -12.65
N TYR C 395 -12.62 42.35 -13.33
CA TYR C 395 -13.63 43.10 -14.06
C TYR C 395 -13.39 43.20 -15.57
N ASN C 396 -12.21 42.83 -16.06
CA ASN C 396 -11.91 43.03 -17.47
C ASN C 396 -11.65 41.72 -18.21
N TYR C 397 -10.74 40.88 -17.74
CA TYR C 397 -10.36 39.68 -18.46
C TYR C 397 -9.88 38.65 -17.46
N LYS C 398 -10.59 37.53 -17.35
CA LYS C 398 -10.25 36.46 -16.43
C LYS C 398 -9.94 35.19 -17.21
N LEU C 399 -8.83 34.56 -16.87
CA LEU C 399 -8.43 33.25 -17.37
C LEU C 399 -9.00 32.14 -16.50
N PRO C 400 -9.33 30.99 -17.08
CA PRO C 400 -9.78 29.86 -16.26
C PRO C 400 -8.65 29.28 -15.44
N ASP C 401 -9.03 28.57 -14.37
CA ASP C 401 -8.05 27.92 -13.51
C ASP C 401 -7.33 26.80 -14.25
N ASP C 402 -8.05 26.02 -15.03
CA ASP C 402 -7.46 24.97 -15.86
C ASP C 402 -7.11 25.49 -17.26
N PHE C 403 -6.40 26.62 -17.29
CA PHE C 403 -6.07 27.25 -18.56
C PHE C 403 -4.96 26.47 -19.28
N THR C 404 -5.20 26.20 -20.56
CA THR C 404 -4.21 25.56 -21.42
C THR C 404 -3.86 26.53 -22.54
N GLY C 405 -2.62 27.00 -22.56
CA GLY C 405 -2.19 27.95 -23.56
C GLY C 405 -1.00 28.74 -23.06
N CYS C 406 -0.72 29.84 -23.78
CA CYS C 406 0.43 30.68 -23.49
C CYS C 406 0.00 32.13 -23.45
N VAL C 407 0.61 32.91 -22.55
CA VAL C 407 0.37 34.34 -22.44
C VAL C 407 1.60 35.06 -22.96
N LEU C 408 1.42 35.91 -23.96
CA LEU C 408 2.50 36.64 -24.61
C LEU C 408 2.27 38.12 -24.43
N ALA C 409 3.30 38.83 -23.92
CA ALA C 409 3.22 40.26 -23.74
C ALA C 409 4.54 40.90 -24.15
N TRP C 410 4.46 42.14 -24.61
CA TRP C 410 5.65 42.89 -24.97
C TRP C 410 5.36 44.38 -24.83
N ASN C 411 6.39 45.14 -24.48
CA ASN C 411 6.24 46.57 -24.31
C ASN C 411 6.06 47.25 -25.66
N SER C 412 5.02 48.08 -25.77
CA SER C 412 4.71 48.79 -27.00
C SER C 412 4.52 50.28 -26.67
N ARG C 413 5.63 51.02 -26.60
CA ARG C 413 5.58 52.46 -26.41
C ARG C 413 5.80 53.23 -27.70
N ASN C 414 6.34 52.57 -28.73
CA ASN C 414 6.49 53.19 -30.04
C ASN C 414 5.20 53.16 -30.86
N GLN C 415 4.19 52.43 -30.40
CA GLN C 415 2.92 52.32 -31.11
C GLN C 415 1.75 52.88 -30.32
N ASP C 416 1.63 52.51 -29.04
CA ASP C 416 0.48 52.88 -28.23
C ASP C 416 0.78 54.00 -27.23
N ALA C 417 1.91 54.69 -27.38
CA ALA C 417 2.25 55.80 -26.50
C ALA C 417 2.74 56.97 -27.35
N SER C 418 2.45 58.18 -26.87
CA SER C 418 2.83 59.39 -27.57
C SER C 418 3.31 60.42 -26.55
N THR C 419 3.96 61.48 -27.06
CA THR C 419 4.44 62.54 -26.18
C THR C 419 3.29 63.30 -25.53
N SER C 420 2.24 63.60 -26.29
CA SER C 420 1.07 64.25 -25.71
C SER C 420 0.25 63.28 -24.87
N GLY C 421 0.30 62.00 -25.18
CA GLY C 421 -0.41 60.99 -24.43
C GLY C 421 -1.48 60.32 -25.27
N ASN C 422 -1.57 59.00 -25.14
CA ASN C 422 -2.58 58.21 -25.82
C ASN C 422 -3.74 57.95 -24.86
N PHE C 423 -4.96 58.20 -25.33
CA PHE C 423 -6.15 58.10 -24.49
C PHE C 423 -7.23 57.27 -25.17
N ASN C 424 -6.84 56.36 -26.06
CA ASN C 424 -7.77 55.53 -26.81
C ASN C 424 -8.01 54.17 -26.18
N TYR C 425 -7.49 53.94 -24.97
CA TYR C 425 -7.60 52.65 -24.30
C TYR C 425 -8.36 52.81 -22.99
N TYR C 426 -9.20 51.83 -22.68
CA TYR C 426 -10.09 51.89 -21.53
C TYR C 426 -10.00 50.60 -20.74
N TYR C 427 -10.38 50.68 -19.46
CA TYR C 427 -10.50 49.51 -18.61
C TYR C 427 -11.67 49.72 -17.67
N ARG C 428 -12.37 48.63 -17.36
CA ARG C 428 -13.51 48.70 -16.45
C ARG C 428 -13.02 48.74 -15.01
N ILE C 429 -13.55 49.68 -14.24
CA ILE C 429 -13.13 49.86 -12.85
C ILE C 429 -14.07 49.17 -11.86
N TRP C 430 -15.30 48.87 -12.24
CA TRP C 430 -16.26 48.29 -11.31
C TRP C 430 -17.27 47.46 -12.06
N ARG C 431 -17.67 46.35 -11.45
CA ARG C 431 -18.81 45.54 -11.89
C ARG C 431 -19.59 45.10 -10.66
N SER C 432 -20.84 44.72 -10.89
CA SER C 432 -21.65 44.21 -9.79
C SER C 432 -21.18 42.84 -9.33
N GLU C 433 -20.58 42.06 -10.22
CA GLU C 433 -20.04 40.76 -9.88
C GLU C 433 -18.73 40.56 -10.62
N LYS C 434 -17.90 39.67 -10.10
CA LYS C 434 -16.64 39.34 -10.77
C LYS C 434 -16.91 38.57 -12.05
N LEU C 435 -16.05 38.80 -13.04
CA LEU C 435 -16.20 38.15 -14.34
C LEU C 435 -15.91 36.66 -14.24
N ARG C 436 -16.68 35.88 -14.97
CA ARG C 436 -16.38 34.47 -15.18
C ARG C 436 -15.25 34.34 -16.20
N PRO C 437 -14.55 33.19 -16.24
CA PRO C 437 -13.46 33.03 -17.21
C PRO C 437 -13.91 33.17 -18.65
N PHE C 438 -13.10 33.89 -19.43
CA PHE C 438 -13.33 34.16 -20.85
C PHE C 438 -14.67 34.85 -21.12
N GLU C 439 -15.14 35.64 -20.16
CA GLU C 439 -16.36 36.41 -20.32
C GLU C 439 -16.02 37.86 -20.62
N ARG C 440 -16.80 38.48 -21.50
CA ARG C 440 -16.55 39.83 -21.96
C ARG C 440 -17.78 40.69 -21.71
N ASP C 441 -17.57 41.86 -21.11
CA ASP C 441 -18.64 42.80 -20.81
C ASP C 441 -18.28 44.15 -21.43
N ILE C 442 -18.99 44.52 -22.49
CA ILE C 442 -18.74 45.77 -23.21
C ILE C 442 -19.87 46.77 -23.02
N ALA C 443 -20.82 46.48 -22.15
CA ALA C 443 -21.94 47.39 -21.92
C ALA C 443 -21.48 48.65 -21.21
N HIS C 444 -22.09 49.77 -21.56
CA HIS C 444 -21.78 51.06 -20.95
C HIS C 444 -22.81 51.37 -19.88
N TYR C 445 -22.34 51.56 -18.65
CA TYR C 445 -23.21 51.90 -17.54
C TYR C 445 -22.43 52.65 -16.49
N ASP C 446 -23.16 53.30 -15.59
CA ASP C 446 -22.59 54.06 -14.49
C ASP C 446 -22.88 53.37 -13.17
N TYR C 447 -22.07 53.69 -12.17
CA TYR C 447 -22.22 53.11 -10.84
C TYR C 447 -22.10 54.20 -9.79
N GLN C 448 -22.69 53.93 -8.62
CA GLN C 448 -22.79 54.91 -7.56
C GLN C 448 -21.53 54.91 -6.71
N VAL C 449 -20.87 56.06 -6.63
CA VAL C 449 -19.73 56.25 -5.74
C VAL C 449 -20.16 57.21 -4.64
N GLY C 450 -20.64 56.68 -3.53
CA GLY C 450 -21.22 57.52 -2.51
C GLY C 450 -22.63 57.93 -2.89
N THR C 451 -22.79 59.20 -3.30
CA THR C 451 -24.06 59.68 -3.82
C THR C 451 -24.01 60.08 -5.29
N GLN C 452 -22.81 60.25 -5.85
CA GLN C 452 -22.66 60.60 -7.25
C GLN C 452 -22.62 59.34 -8.11
N PHE C 453 -22.86 59.52 -9.41
CA PHE C 453 -22.79 58.44 -10.38
C PHE C 453 -21.62 58.70 -11.32
N LYS C 454 -20.71 57.74 -11.40
CA LYS C 454 -19.53 57.84 -12.26
C LYS C 454 -19.51 56.67 -13.23
N SER C 455 -18.86 56.89 -14.37
CA SER C 455 -18.76 55.85 -15.39
C SER C 455 -17.86 54.72 -14.91
N SER C 456 -18.25 53.49 -15.24
CA SER C 456 -17.47 52.32 -14.86
C SER C 456 -16.26 52.10 -15.76
N LEU C 457 -16.13 52.86 -16.84
CA LEU C 457 -14.98 52.77 -17.73
C LEU C 457 -14.01 53.89 -17.41
N LYS C 458 -12.76 53.54 -17.14
CA LYS C 458 -11.71 54.50 -16.85
C LYS C 458 -10.69 54.50 -17.98
N ASN C 459 -10.04 55.64 -18.18
CA ASN C 459 -9.20 55.87 -19.35
C ASN C 459 -7.73 55.71 -19.00
N TYR C 460 -7.01 54.99 -19.86
CA TYR C 460 -5.56 54.87 -19.74
C TYR C 460 -4.88 56.11 -20.31
N GLY C 461 -3.95 56.68 -19.55
CA GLY C 461 -3.12 57.75 -20.07
C GLY C 461 -1.71 57.27 -20.34
N PHE C 462 -1.39 57.05 -21.61
CA PHE C 462 -0.13 56.42 -22.01
C PHE C 462 0.81 57.50 -22.55
N TYR C 463 1.54 58.14 -21.65
CA TYR C 463 2.55 59.11 -22.05
C TYR C 463 3.85 58.39 -22.43
N SER C 464 4.56 58.95 -23.41
CA SER C 464 5.80 58.34 -23.86
C SER C 464 6.93 58.50 -22.85
N SER C 465 6.84 59.47 -21.96
CA SER C 465 7.86 59.71 -20.93
C SER C 465 7.26 59.25 -19.59
N ALA C 466 7.42 57.95 -19.30
CA ALA C 466 6.90 57.37 -18.08
C ALA C 466 7.68 56.10 -17.79
N GLY C 467 7.48 55.58 -16.58
CA GLY C 467 8.12 54.33 -16.21
C GLY C 467 7.49 53.13 -16.90
N ASP C 468 8.19 52.00 -16.81
CA ASP C 468 7.72 50.78 -17.45
C ASP C 468 6.49 50.19 -16.77
N SER C 469 6.23 50.56 -15.52
CA SER C 469 5.00 50.14 -14.86
C SER C 469 3.77 50.88 -15.36
N HIS C 470 3.96 52.02 -16.03
CA HIS C 470 2.86 52.76 -16.64
C HIS C 470 2.92 52.76 -18.16
N GLN C 471 3.94 52.13 -18.75
CA GLN C 471 4.02 52.02 -20.19
C GLN C 471 2.95 51.06 -20.70
N PRO C 472 2.38 51.31 -21.88
CA PRO C 472 1.39 50.38 -22.42
C PRO C 472 2.03 49.08 -22.87
N TYR C 473 1.34 47.98 -22.60
CA TYR C 473 1.80 46.64 -22.96
C TYR C 473 0.72 45.95 -23.79
N ARG C 474 1.13 45.33 -24.89
CA ARG C 474 0.22 44.57 -25.74
C ARG C 474 0.29 43.11 -25.33
N VAL C 475 -0.85 42.54 -24.96
CA VAL C 475 -0.94 41.17 -24.46
C VAL C 475 -1.68 40.32 -25.48
N VAL C 476 -1.08 39.20 -25.87
CA VAL C 476 -1.72 38.21 -26.74
C VAL C 476 -1.81 36.91 -25.96
N VAL C 477 -3.03 36.43 -25.75
CA VAL C 477 -3.29 35.20 -25.02
C VAL C 477 -3.72 34.14 -26.00
N LEU C 478 -2.96 33.06 -26.08
CA LEU C 478 -3.27 31.93 -26.95
C LEU C 478 -3.91 30.82 -26.12
N SER C 479 -4.96 30.22 -26.67
CA SER C 479 -5.67 29.11 -26.03
C SER C 479 -5.57 27.89 -26.92
N PHE C 480 -5.16 26.76 -26.35
CA PHE C 480 -4.93 25.54 -27.11
C PHE C 480 -5.95 24.47 -26.73
N GLU C 481 -6.09 23.49 -27.62
CA GLU C 481 -6.90 22.31 -27.39
C GLU C 481 -6.20 21.11 -28.00
N LEU C 482 -6.15 20.02 -27.25
CA LEU C 482 -5.49 18.78 -27.68
C LEU C 482 -6.52 17.66 -27.60
N LEU C 483 -7.26 17.46 -28.69
CA LEU C 483 -8.33 16.49 -28.75
C LEU C 483 -8.06 15.48 -29.86
N ASN C 484 -8.98 14.53 -30.01
CA ASN C 484 -8.93 13.56 -31.10
C ASN C 484 -9.63 14.13 -32.34
N ALA C 485 -9.02 15.18 -32.88
CA ALA C 485 -9.53 15.95 -33.99
C ALA C 485 -8.40 16.21 -34.97
N PRO C 486 -8.71 16.50 -36.23
CA PRO C 486 -7.65 16.85 -37.19
C PRO C 486 -6.89 18.10 -36.78
N ALA C 487 -5.59 18.10 -37.07
CA ALA C 487 -4.73 19.20 -36.68
C ALA C 487 -4.96 20.41 -37.58
N THR C 488 -5.18 21.56 -36.94
CA THR C 488 -5.31 22.83 -37.66
C THR C 488 -4.03 23.66 -37.58
N VAL C 489 -3.52 23.89 -36.38
CA VAL C 489 -2.30 24.65 -36.16
C VAL C 489 -1.25 23.70 -35.58
N CYS C 490 -0.07 23.67 -36.20
CA CYS C 490 0.99 22.79 -35.74
C CYS C 490 2.33 23.50 -35.84
N GLY C 491 3.36 22.82 -35.33
CA GLY C 491 4.69 23.38 -35.26
C GLY C 491 5.51 23.18 -36.52
N PRO C 492 6.69 23.80 -36.57
CA PRO C 492 7.54 23.69 -37.76
C PRO C 492 8.48 22.50 -37.73
N LYS C 493 7.95 21.30 -37.56
CA LYS C 493 8.78 20.11 -37.48
C LYS C 493 8.68 19.32 -38.79
N GLN C 494 9.84 18.97 -39.34
CA GLN C 494 9.89 18.27 -40.61
C GLN C 494 9.54 16.80 -40.45
N SER C 495 8.82 16.26 -41.42
CA SER C 495 8.35 14.89 -41.36
C SER C 495 9.43 13.91 -41.81
N THR C 496 9.15 12.62 -41.61
CA THR C 496 10.07 11.55 -41.95
C THR C 496 9.28 10.43 -42.62
N GLU C 497 9.95 9.67 -43.48
CA GLU C 497 9.30 8.55 -44.16
C GLU C 497 8.90 7.46 -43.16
N LEU C 498 7.83 6.75 -43.49
CA LEU C 498 7.29 5.72 -42.61
C LEU C 498 8.22 4.51 -42.57
N ILE C 499 8.44 3.99 -41.37
CA ILE C 499 9.14 2.73 -41.15
C ILE C 499 8.19 1.78 -40.46
N LYS C 500 7.94 0.63 -41.07
CA LYS C 500 6.97 -0.33 -40.58
C LYS C 500 7.64 -1.66 -40.26
N ASN C 501 6.96 -2.45 -39.42
CA ASN C 501 7.43 -3.75 -38.94
C ASN C 501 8.78 -3.63 -38.23
N LYS C 502 8.96 -2.53 -37.49
CA LYS C 502 10.18 -2.31 -36.73
C LYS C 502 9.81 -1.55 -35.46
N CYS C 503 10.61 -1.77 -34.41
CA CYS C 503 10.43 -1.05 -33.15
C CYS C 503 11.08 0.32 -33.28
N VAL C 504 10.24 1.36 -33.42
CA VAL C 504 10.71 2.72 -33.64
C VAL C 504 9.95 3.68 -32.75
N ASN C 505 10.56 4.85 -32.52
CA ASN C 505 9.83 5.97 -31.96
C ASN C 505 9.03 6.66 -33.06
N PHE C 506 7.84 7.12 -32.71
CA PHE C 506 6.98 7.77 -33.69
C PHE C 506 6.41 9.06 -33.13
N ASN C 507 5.98 9.94 -34.03
CA ASN C 507 5.40 11.22 -33.66
C ASN C 507 4.34 11.55 -34.70
N PHE C 508 3.08 11.33 -34.34
CA PHE C 508 1.94 11.59 -35.22
C PHE C 508 1.11 12.72 -34.61
N ASN C 509 1.11 13.88 -35.27
CA ASN C 509 0.32 15.05 -34.87
C ASN C 509 0.64 15.50 -33.45
N GLY C 510 1.90 15.37 -33.05
CA GLY C 510 2.30 15.70 -31.70
C GLY C 510 2.08 14.61 -30.68
N LEU C 511 1.50 13.48 -31.08
CA LEU C 511 1.30 12.35 -30.18
C LEU C 511 2.49 11.41 -30.35
N THR C 512 3.40 11.43 -29.39
CA THR C 512 4.62 10.64 -29.45
C THR C 512 4.37 9.23 -28.92
N GLY C 513 5.38 8.39 -29.01
CA GLY C 513 5.27 7.04 -28.53
C GLY C 513 6.38 6.17 -29.08
N THR C 514 6.34 4.90 -28.69
CA THR C 514 7.30 3.91 -29.13
C THR C 514 6.58 2.59 -29.37
N GLY C 515 6.80 1.99 -30.52
CA GLY C 515 6.15 0.72 -30.82
C GLY C 515 6.50 0.24 -32.21
N VAL C 516 5.70 -0.70 -32.70
CA VAL C 516 5.87 -1.28 -34.02
C VAL C 516 4.69 -0.88 -34.88
N LEU C 517 4.96 -0.33 -36.06
CA LEU C 517 3.94 0.13 -36.98
C LEU C 517 3.64 -0.95 -38.02
N THR C 518 2.36 -1.25 -38.20
CA THR C 518 1.92 -2.24 -39.17
C THR C 518 0.68 -1.73 -39.87
N ASP C 519 0.43 -2.24 -41.07
CA ASP C 519 -0.76 -1.87 -41.82
C ASP C 519 -2.02 -2.37 -41.13
N SER C 520 -3.04 -1.53 -41.09
CA SER C 520 -4.25 -1.79 -40.32
C SER C 520 -5.46 -1.93 -41.21
N ASN C 521 -6.32 -2.88 -40.87
CA ASN C 521 -7.62 -3.04 -41.49
C ASN C 521 -8.73 -2.34 -40.70
N LYS C 522 -8.36 -1.60 -39.66
CA LYS C 522 -9.34 -0.92 -38.82
C LYS C 522 -10.05 0.19 -39.59
N LYS C 523 -11.36 0.24 -39.44
CA LYS C 523 -12.17 1.32 -39.99
C LYS C 523 -12.58 2.23 -38.84
N PHE C 524 -12.25 3.51 -38.96
CA PHE C 524 -12.29 4.43 -37.84
C PHE C 524 -13.03 5.70 -38.25
N GLN C 525 -13.71 6.32 -37.28
CA GLN C 525 -14.62 7.43 -37.55
C GLN C 525 -13.86 8.66 -38.02
N SER C 526 -14.45 9.37 -39.00
CA SER C 526 -13.81 10.51 -39.62
C SER C 526 -13.69 11.69 -38.66
N PHE C 527 -12.80 12.63 -39.01
CA PHE C 527 -12.45 13.80 -38.19
C PHE C 527 -11.94 13.40 -36.82
N GLN C 528 -11.35 12.21 -36.71
CA GLN C 528 -10.70 11.71 -35.51
C GLN C 528 -9.47 10.92 -35.95
N GLN C 529 -8.46 10.89 -35.08
CA GLN C 529 -7.11 10.49 -35.50
C GLN C 529 -6.65 9.14 -34.93
N PHE C 530 -6.65 8.97 -33.61
CA PHE C 530 -6.00 7.82 -33.00
C PHE C 530 -7.01 6.94 -32.28
N GLY C 531 -6.72 5.65 -32.24
CA GLY C 531 -7.53 4.68 -31.52
C GLY C 531 -6.91 4.36 -30.17
N ARG C 532 -7.77 4.16 -29.18
CA ARG C 532 -7.35 3.90 -27.81
C ARG C 532 -7.76 2.49 -27.39
N ASP C 533 -7.54 2.19 -26.11
CA ASP C 533 -7.88 0.91 -25.51
C ASP C 533 -8.66 1.15 -24.22
N VAL C 534 -9.02 0.05 -23.55
CA VAL C 534 -9.63 0.17 -22.23
C VAL C 534 -8.60 0.57 -21.18
N SER C 535 -7.32 0.36 -21.47
CA SER C 535 -6.22 0.78 -20.60
C SER C 535 -5.56 2.07 -21.07
N ASP C 536 -6.23 2.79 -21.98
CA ASP C 536 -5.74 4.04 -22.57
C ASP C 536 -4.39 3.85 -23.25
N PHE C 537 -4.25 2.74 -23.99
CA PHE C 537 -3.07 2.47 -24.79
C PHE C 537 -3.39 2.71 -26.26
N THR C 538 -2.58 3.54 -26.90
CA THR C 538 -2.79 3.90 -28.31
C THR C 538 -2.37 2.73 -29.18
N ASP C 539 -3.34 2.01 -29.73
CA ASP C 539 -3.07 0.85 -30.57
C ASP C 539 -3.13 1.17 -32.06
N SER C 540 -3.83 2.23 -32.46
CA SER C 540 -3.96 2.59 -33.86
C SER C 540 -3.86 4.11 -33.99
N VAL C 541 -3.43 4.55 -35.17
CA VAL C 541 -3.27 5.97 -35.45
C VAL C 541 -3.43 6.20 -36.95
N LYS C 542 -4.13 7.28 -37.31
CA LYS C 542 -4.29 7.65 -38.71
C LYS C 542 -3.08 8.47 -39.17
N ASP C 543 -2.51 8.07 -40.30
CA ASP C 543 -1.37 8.81 -40.85
C ASP C 543 -1.84 10.15 -41.39
N PRO C 544 -1.10 11.23 -41.12
CA PRO C 544 -1.53 12.56 -41.59
C PRO C 544 -1.35 12.76 -43.09
N LYS C 545 -0.43 12.04 -43.73
CA LYS C 545 -0.13 12.25 -45.14
C LYS C 545 -0.77 11.22 -46.05
N THR C 546 -0.66 9.94 -45.72
CA THR C 546 -1.25 8.89 -46.54
C THR C 546 -2.69 8.58 -46.18
N LEU C 547 -3.19 9.15 -45.08
CA LEU C 547 -4.59 9.02 -44.64
C LEU C 547 -4.99 7.56 -44.40
N GLU C 548 -4.05 6.77 -43.88
CA GLU C 548 -4.30 5.37 -43.60
C GLU C 548 -4.05 5.07 -42.12
N VAL C 549 -4.84 4.17 -41.57
CA VAL C 549 -4.68 3.75 -40.19
C VAL C 549 -3.56 2.72 -40.11
N LEU C 550 -2.75 2.81 -39.04
CA LEU C 550 -1.66 1.89 -38.80
C LEU C 550 -1.74 1.37 -37.37
N ASP C 551 -1.48 0.08 -37.18
CA ASP C 551 -1.46 -0.47 -35.84
C ASP C 551 -0.20 -0.04 -35.10
N ILE C 552 -0.32 0.07 -33.78
CA ILE C 552 0.82 0.27 -32.90
C ILE C 552 0.88 -0.94 -31.97
N THR C 553 1.92 -1.75 -32.15
CA THR C 553 2.16 -2.91 -31.31
C THR C 553 3.37 -2.66 -30.44
N PRO C 554 3.27 -2.86 -29.12
CA PRO C 554 4.42 -2.63 -28.24
C PRO C 554 5.56 -3.59 -28.56
N CYS C 555 6.78 -3.10 -28.39
CA CYS C 555 7.96 -3.89 -28.70
C CYS C 555 8.15 -4.99 -27.65
N SER C 556 8.25 -6.23 -28.13
CA SER C 556 8.42 -7.43 -27.31
C SER C 556 7.29 -7.55 -26.28
N TYR C 557 6.07 -7.71 -26.79
CA TYR C 557 4.92 -7.86 -25.91
C TYR C 557 4.72 -9.30 -25.44
N GLY C 558 5.34 -10.27 -26.12
CA GLY C 558 5.21 -11.65 -25.69
C GLY C 558 6.14 -11.99 -24.55
N GLY C 559 5.80 -13.06 -23.84
CA GLY C 559 6.63 -13.53 -22.74
C GLY C 559 7.79 -14.35 -23.23
N VAL C 560 8.96 -14.12 -22.62
CA VAL C 560 10.19 -14.83 -22.96
C VAL C 560 10.78 -15.38 -21.68
N SER C 561 11.00 -16.69 -21.64
CA SER C 561 11.60 -17.37 -20.50
C SER C 561 12.91 -18.01 -20.92
N VAL C 562 13.90 -17.97 -20.02
CA VAL C 562 15.23 -18.51 -20.30
C VAL C 562 15.49 -19.65 -19.33
N ILE C 563 15.88 -20.80 -19.88
CA ILE C 563 16.13 -22.00 -19.09
C ILE C 563 17.65 -22.17 -18.96
N THR C 564 18.13 -22.22 -17.73
CA THR C 564 19.55 -22.29 -17.47
C THR C 564 19.88 -23.51 -16.63
N PRO C 565 20.84 -24.34 -17.04
CA PRO C 565 21.37 -25.36 -16.12
C PRO C 565 22.12 -24.77 -14.95
N GLY C 566 22.57 -23.52 -15.04
CA GLY C 566 23.15 -22.83 -13.92
C GLY C 566 24.56 -22.34 -14.15
N THR C 567 24.87 -21.15 -13.64
CA THR C 567 26.25 -20.71 -13.52
C THR C 567 26.97 -21.64 -12.53
N ASN C 568 28.25 -21.93 -12.85
CA ASN C 568 29.10 -22.98 -12.26
C ASN C 568 28.68 -24.36 -12.71
N ALA C 569 27.79 -24.46 -13.70
CA ALA C 569 27.50 -25.71 -14.38
C ALA C 569 27.67 -25.61 -15.89
N SER C 570 27.24 -24.51 -16.49
CA SER C 570 27.33 -24.30 -17.93
C SER C 570 27.04 -22.83 -18.23
N THR C 571 27.24 -22.46 -19.50
CA THR C 571 26.85 -21.16 -20.01
C THR C 571 25.78 -21.24 -21.08
N GLN C 572 25.43 -22.43 -21.56
CA GLN C 572 24.37 -22.58 -22.54
C GLN C 572 23.01 -22.32 -21.89
N VAL C 573 22.09 -21.79 -22.69
CA VAL C 573 20.73 -21.51 -22.24
C VAL C 573 19.75 -21.99 -23.30
N ALA C 574 18.49 -22.15 -22.87
CA ALA C 574 17.39 -22.43 -23.77
C ALA C 574 16.31 -21.37 -23.55
N VAL C 575 15.71 -20.92 -24.65
CA VAL C 575 14.77 -19.80 -24.61
C VAL C 575 13.39 -20.31 -25.00
N LEU C 576 12.40 -19.97 -24.18
CA LEU C 576 11.01 -20.30 -24.44
C LEU C 576 10.25 -19.03 -24.77
N TYR C 577 9.74 -18.94 -25.99
CA TYR C 577 8.93 -17.81 -26.43
C TYR C 577 7.47 -18.20 -26.26
N GLN C 578 6.84 -17.64 -25.22
CA GLN C 578 5.52 -18.13 -24.79
C GLN C 578 4.43 -17.72 -25.78
N ASP C 579 3.60 -18.71 -26.15
CA ASP C 579 2.38 -18.52 -26.95
C ASP C 579 2.68 -17.91 -28.32
N VAL C 580 3.79 -18.34 -28.95
CA VAL C 580 4.07 -18.01 -30.34
C VAL C 580 4.38 -19.30 -31.07
N ASN C 581 4.23 -19.25 -32.40
CA ASN C 581 4.65 -20.37 -33.23
C ASN C 581 6.14 -20.26 -33.53
N CYS C 582 6.72 -21.39 -33.92
CA CYS C 582 8.17 -21.44 -34.13
C CYS C 582 8.58 -20.69 -35.39
N THR C 583 7.70 -20.61 -36.39
CA THR C 583 7.99 -19.85 -37.60
C THR C 583 7.86 -18.35 -37.40
N ASP C 584 7.11 -17.92 -36.39
CA ASP C 584 6.89 -16.51 -36.12
C ASP C 584 7.85 -15.94 -35.09
N VAL C 585 8.84 -16.72 -34.66
CA VAL C 585 9.78 -16.24 -33.64
C VAL C 585 10.62 -15.05 -34.11
N PRO C 586 11.23 -15.04 -35.31
CA PRO C 586 11.97 -13.83 -35.72
C PRO C 586 11.09 -12.60 -35.88
N THR C 587 9.83 -12.76 -36.26
CA THR C 587 8.94 -11.61 -36.38
C THR C 587 8.47 -11.12 -35.01
N ALA C 588 8.28 -12.03 -34.06
CA ALA C 588 7.74 -11.63 -32.76
C ALA C 588 8.77 -10.90 -31.92
N ILE C 589 10.04 -11.31 -32.00
CA ILE C 589 11.09 -10.70 -31.17
C ILE C 589 11.91 -9.68 -31.94
N HIS C 590 11.62 -9.46 -33.22
CA HIS C 590 12.33 -8.53 -34.10
C HIS C 590 13.83 -8.87 -34.16
N ALA C 591 14.12 -10.05 -34.70
CA ALA C 591 15.47 -10.60 -34.69
C ALA C 591 16.44 -9.80 -35.56
N GLU C 592 15.93 -9.02 -36.52
CA GLU C 592 16.82 -8.21 -37.35
C GLU C 592 17.39 -7.02 -36.60
N GLN C 593 16.76 -6.60 -35.51
CA GLN C 593 17.23 -5.47 -34.71
C GLN C 593 18.07 -5.91 -33.52
N LEU C 594 18.22 -7.20 -33.29
CA LEU C 594 18.94 -7.70 -32.12
C LEU C 594 20.41 -7.93 -32.45
N THR C 595 21.17 -8.25 -31.41
CA THR C 595 22.57 -8.64 -31.58
C THR C 595 22.64 -10.02 -32.25
N PRO C 596 23.76 -10.33 -32.90
CA PRO C 596 23.94 -11.68 -33.46
C PRO C 596 23.88 -12.79 -32.41
N SER C 597 24.31 -12.50 -31.18
CA SER C 597 24.18 -13.48 -30.11
C SER C 597 22.71 -13.75 -29.79
N TRP C 598 21.87 -12.70 -29.81
CA TRP C 598 20.44 -12.90 -29.66
C TRP C 598 19.82 -13.48 -30.91
N ARG C 599 20.39 -13.19 -32.08
CA ARG C 599 19.87 -13.74 -33.32
C ARG C 599 20.19 -15.22 -33.48
N VAL C 600 21.16 -15.72 -32.70
CA VAL C 600 21.44 -17.15 -32.70
C VAL C 600 20.24 -17.94 -32.18
N TYR C 601 19.60 -17.43 -31.12
CA TYR C 601 18.46 -18.12 -30.51
C TYR C 601 17.13 -17.82 -31.19
N SER C 602 17.13 -17.01 -32.24
CA SER C 602 15.88 -16.74 -32.96
C SER C 602 15.48 -17.90 -33.86
N THR C 603 16.44 -18.70 -34.31
CA THR C 603 16.14 -19.82 -35.19
C THR C 603 17.20 -20.88 -35.01
N GLY C 604 16.90 -22.09 -35.48
CA GLY C 604 17.84 -23.18 -35.37
C GLY C 604 17.18 -24.50 -35.70
N THR C 605 17.97 -25.56 -35.52
CA THR C 605 17.44 -26.91 -35.73
C THR C 605 16.76 -27.45 -34.49
N ASN C 606 17.05 -26.91 -33.31
CA ASN C 606 16.46 -27.38 -32.06
C ASN C 606 15.26 -26.51 -31.68
N MET C 607 14.25 -26.53 -32.56
CA MET C 607 13.00 -25.83 -32.32
C MET C 607 11.84 -26.80 -32.47
N PHE C 608 10.90 -26.72 -31.54
CA PHE C 608 9.67 -27.51 -31.59
C PHE C 608 8.63 -26.86 -30.69
N GLN C 609 7.37 -26.96 -31.11
CA GLN C 609 6.27 -26.41 -30.34
C GLN C 609 6.01 -27.29 -29.12
N THR C 610 5.88 -26.65 -27.95
CA THR C 610 5.74 -27.37 -26.70
C THR C 610 4.40 -27.14 -26.03
N GLN C 611 3.44 -26.50 -26.72
CA GLN C 611 2.08 -26.15 -26.29
C GLN C 611 2.11 -25.01 -25.26
N ALA C 612 3.29 -24.64 -24.79
CA ALA C 612 3.51 -23.44 -24.00
C ALA C 612 4.23 -22.37 -24.80
N GLY C 613 4.51 -22.61 -26.07
CA GLY C 613 5.24 -21.73 -26.95
C GLY C 613 6.29 -22.50 -27.72
N CYS C 614 7.25 -21.78 -28.28
CA CYS C 614 8.34 -22.36 -29.04
C CYS C 614 9.60 -22.37 -28.19
N LEU C 615 10.22 -23.54 -28.07
CA LEU C 615 11.45 -23.70 -27.31
C LEU C 615 12.62 -23.83 -28.27
N ILE C 616 13.60 -22.94 -28.14
CA ILE C 616 14.77 -22.92 -29.00
C ILE C 616 16.00 -23.05 -28.12
N GLY C 617 16.89 -23.98 -28.46
CA GLY C 617 18.10 -24.22 -27.71
C GLY C 617 18.15 -25.57 -27.01
N ALA C 618 17.08 -26.34 -27.04
CA ALA C 618 17.04 -27.66 -26.42
C ALA C 618 16.49 -28.67 -27.42
N GLU C 619 17.10 -29.85 -27.46
CA GLU C 619 16.68 -30.90 -28.37
C GLU C 619 15.63 -31.78 -27.70
N HIS C 620 14.63 -32.19 -28.49
CA HIS C 620 13.51 -32.98 -27.99
C HIS C 620 13.90 -34.45 -28.00
N VAL C 621 14.13 -35.02 -26.83
CA VAL C 621 14.42 -36.44 -26.71
C VAL C 621 13.12 -37.20 -26.48
N ASN C 622 13.13 -38.48 -26.84
CA ASN C 622 11.95 -39.32 -26.74
C ASN C 622 11.84 -40.05 -25.41
N ASN C 623 12.83 -39.92 -24.54
CA ASN C 623 12.78 -40.58 -23.25
C ASN C 623 11.88 -39.80 -22.29
N SER C 624 11.57 -40.44 -21.16
CA SER C 624 10.76 -39.84 -20.10
C SER C 624 11.53 -39.94 -18.80
N TYR C 625 11.76 -38.79 -18.16
CA TYR C 625 12.46 -38.71 -16.89
C TYR C 625 11.60 -37.97 -15.88
N ASP C 626 12.07 -37.92 -14.64
CA ASP C 626 11.47 -37.03 -13.66
C ASP C 626 11.80 -35.58 -14.01
N CYS C 627 10.96 -34.67 -13.53
CA CYS C 627 11.13 -33.27 -13.88
C CYS C 627 12.34 -32.67 -13.16
N ASP C 628 13.13 -31.92 -13.90
CA ASP C 628 14.25 -31.17 -13.35
C ASP C 628 14.04 -29.66 -13.45
N ILE C 629 13.74 -29.16 -14.63
CA ILE C 629 13.37 -27.76 -14.84
C ILE C 629 11.98 -27.75 -15.50
N PRO C 630 10.94 -27.32 -14.79
CA PRO C 630 9.59 -27.37 -15.37
C PRO C 630 9.35 -26.32 -16.44
N ILE C 631 9.29 -26.75 -17.71
CA ILE C 631 8.94 -25.82 -18.77
C ILE C 631 7.45 -25.47 -18.70
N GLY C 632 6.60 -26.47 -18.48
CA GLY C 632 5.17 -26.27 -18.49
C GLY C 632 4.49 -27.13 -19.53
N ALA C 633 3.19 -27.40 -19.33
CA ALA C 633 2.37 -28.22 -20.22
C ALA C 633 2.98 -29.61 -20.44
N GLY C 634 3.49 -30.20 -19.37
CA GLY C 634 4.01 -31.55 -19.42
C GLY C 634 5.44 -31.68 -19.89
N ILE C 635 6.13 -30.58 -20.17
CA ILE C 635 7.48 -30.59 -20.69
C ILE C 635 8.44 -30.18 -19.58
N CYS C 636 9.53 -30.91 -19.43
CA CYS C 636 10.59 -30.57 -18.49
C CYS C 636 11.92 -30.59 -19.23
N ALA C 637 12.94 -29.97 -18.61
CA ALA C 637 14.26 -29.89 -19.21
C ALA C 637 15.31 -30.21 -18.16
N THR C 638 16.45 -30.70 -18.64
CA THR C 638 17.57 -31.03 -17.78
C THR C 638 18.87 -30.93 -18.58
N TYR C 639 19.98 -30.89 -17.85
CA TYR C 639 21.30 -30.87 -18.47
C TYR C 639 21.77 -32.31 -18.74
N HIS C 640 22.58 -32.45 -19.80
CA HIS C 640 23.01 -33.74 -20.37
C HIS C 640 21.73 -34.50 -20.74
N THR C 641 21.54 -35.73 -20.27
CA THR C 641 20.33 -36.47 -20.60
C THR C 641 19.81 -37.22 -19.37
N ASN C 651 29.12 -35.25 -24.68
CA ASN C 651 29.03 -33.83 -24.32
C ASN C 651 27.69 -33.52 -23.66
N LYS C 652 27.70 -32.53 -22.75
CA LYS C 652 26.50 -32.15 -22.02
C LYS C 652 25.74 -31.08 -22.80
N ARG C 653 24.42 -31.21 -22.84
CA ARG C 653 23.56 -30.27 -23.54
C ARG C 653 22.18 -30.30 -22.92
N ILE C 654 21.40 -29.25 -23.20
CA ILE C 654 20.05 -29.14 -22.66
C ILE C 654 19.10 -29.95 -23.53
N VAL C 655 18.35 -30.86 -22.90
CA VAL C 655 17.36 -31.66 -23.61
C VAL C 655 15.99 -31.35 -23.01
N ALA C 656 14.96 -31.55 -23.83
CA ALA C 656 13.58 -31.35 -23.42
C ALA C 656 12.80 -32.63 -23.64
N TYR C 657 11.95 -32.98 -22.67
CA TYR C 657 11.26 -34.25 -22.70
C TYR C 657 9.89 -34.09 -22.06
N VAL C 658 9.02 -35.05 -22.34
CA VAL C 658 7.75 -35.16 -21.62
C VAL C 658 8.03 -35.81 -20.27
N MET C 659 7.53 -35.19 -19.20
CA MET C 659 7.73 -35.71 -17.86
C MET C 659 7.04 -37.05 -17.68
N SER C 660 7.59 -37.87 -16.79
CA SER C 660 7.06 -39.20 -16.52
C SER C 660 6.20 -39.14 -15.27
N LEU C 661 4.97 -39.67 -15.37
CA LEU C 661 4.08 -39.70 -14.23
C LEU C 661 4.50 -40.72 -13.18
N GLY C 662 5.25 -41.72 -13.57
CA GLY C 662 5.70 -42.74 -12.63
C GLY C 662 5.95 -44.05 -13.35
N ALA C 663 6.27 -45.06 -12.56
CA ALA C 663 6.56 -46.37 -13.11
C ALA C 663 5.28 -47.05 -13.56
N GLU C 664 5.30 -47.60 -14.78
CA GLU C 664 4.14 -48.30 -15.30
C GLU C 664 4.00 -49.64 -14.60
N ASN C 665 2.79 -49.92 -14.10
CA ASN C 665 2.53 -51.13 -13.32
C ASN C 665 1.20 -51.72 -13.74
N SER C 666 1.04 -53.01 -13.47
CA SER C 666 -0.20 -53.71 -13.78
C SER C 666 -0.51 -54.69 -12.65
N VAL C 667 -1.78 -54.74 -12.27
CA VAL C 667 -2.28 -55.67 -11.26
C VAL C 667 -3.19 -56.66 -11.97
N ALA C 668 -2.86 -57.94 -11.86
CA ALA C 668 -3.64 -59.00 -12.49
C ALA C 668 -4.86 -59.28 -11.62
N TYR C 669 -5.99 -58.66 -11.97
CA TYR C 669 -7.22 -58.86 -11.21
C TYR C 669 -7.83 -60.21 -11.54
N SER C 670 -8.16 -60.97 -10.51
CA SER C 670 -8.91 -62.21 -10.64
C SER C 670 -9.97 -62.26 -9.56
N ASN C 671 -11.05 -62.99 -9.85
CA ASN C 671 -12.18 -63.05 -8.94
C ASN C 671 -12.04 -64.15 -7.89
N ASN C 672 -10.93 -64.90 -7.89
CA ASN C 672 -10.75 -65.96 -6.92
C ASN C 672 -9.33 -66.04 -6.37
N THR C 673 -8.45 -65.10 -6.71
CA THR C 673 -7.07 -65.11 -6.23
C THR C 673 -6.82 -63.89 -5.36
N ILE C 674 -6.03 -64.08 -4.30
CA ILE C 674 -5.65 -63.01 -3.40
C ILE C 674 -4.14 -63.09 -3.20
N ALA C 675 -3.55 -61.96 -2.82
CA ALA C 675 -2.12 -61.87 -2.52
C ALA C 675 -1.96 -61.56 -1.04
N ILE C 676 -1.24 -62.44 -0.33
CA ILE C 676 -1.02 -62.31 1.10
C ILE C 676 0.47 -62.09 1.32
N PRO C 677 0.88 -61.04 2.02
CA PRO C 677 2.31 -60.85 2.31
C PRO C 677 2.84 -61.92 3.25
N THR C 678 4.11 -62.27 3.06
CA THR C 678 4.78 -63.26 3.90
C THR C 678 5.91 -62.67 4.72
N ASN C 679 6.34 -61.44 4.45
CA ASN C 679 7.38 -60.78 5.20
C ASN C 679 6.96 -59.32 5.43
N PHE C 680 7.85 -58.56 6.05
CA PHE C 680 7.57 -57.15 6.30
C PHE C 680 8.87 -56.38 6.42
N THR C 681 8.75 -55.06 6.34
CA THR C 681 9.88 -54.15 6.50
C THR C 681 9.50 -53.09 7.52
N ILE C 682 10.37 -52.88 8.50
CA ILE C 682 10.22 -51.80 9.47
C ILE C 682 10.91 -50.58 8.89
N SER C 683 10.11 -49.60 8.46
CA SER C 683 10.62 -48.42 7.77
C SER C 683 10.55 -47.21 8.69
N VAL C 684 11.63 -46.45 8.72
CA VAL C 684 11.68 -45.18 9.45
C VAL C 684 11.93 -44.07 8.44
N THR C 685 11.02 -43.11 8.39
CA THR C 685 11.10 -41.99 7.46
C THR C 685 11.01 -40.68 8.24
N THR C 686 11.53 -39.62 7.64
CA THR C 686 11.56 -38.30 8.26
C THR C 686 10.55 -37.38 7.61
N GLU C 687 9.90 -36.55 8.43
CA GLU C 687 9.04 -35.48 7.95
C GLU C 687 9.47 -34.19 8.61
N VAL C 688 9.81 -33.19 7.81
CA VAL C 688 10.32 -31.92 8.30
C VAL C 688 9.21 -30.89 8.21
N MET C 689 8.86 -30.28 9.35
CA MET C 689 7.81 -29.29 9.42
C MET C 689 8.35 -28.00 10.03
N PRO C 690 8.19 -26.86 9.35
CA PRO C 690 8.47 -25.58 10.02
C PRO C 690 7.49 -25.33 11.15
N VAL C 691 7.98 -24.70 12.22
CA VAL C 691 7.18 -24.41 13.41
C VAL C 691 7.12 -22.91 13.67
N SER C 692 8.28 -22.25 13.64
CA SER C 692 8.35 -20.82 13.92
C SER C 692 9.28 -20.17 12.91
N MET C 693 9.22 -18.84 12.85
CA MET C 693 10.15 -18.03 12.08
C MET C 693 10.76 -16.98 13.00
N THR C 694 11.68 -16.20 12.45
CA THR C 694 12.40 -15.23 13.27
C THR C 694 11.49 -14.07 13.68
N LYS C 695 11.52 -13.75 14.97
CA LYS C 695 10.76 -12.62 15.49
C LYS C 695 11.54 -11.33 15.24
N THR C 696 10.93 -10.41 14.49
CA THR C 696 11.59 -9.16 14.14
C THR C 696 10.79 -7.99 14.69
N SER C 697 11.50 -6.92 15.04
CA SER C 697 10.90 -5.68 15.50
C SER C 697 11.52 -4.53 14.73
N VAL C 698 10.71 -3.51 14.46
CA VAL C 698 11.11 -2.36 13.66
C VAL C 698 10.89 -1.09 14.47
N ASP C 699 11.92 -0.27 14.57
CA ASP C 699 11.78 1.11 15.06
C ASP C 699 11.49 1.99 13.86
N CYS C 700 10.31 2.59 13.82
CA CYS C 700 9.86 3.34 12.65
C CYS C 700 10.65 4.63 12.46
N THR C 701 10.92 5.34 13.55
CA THR C 701 11.63 6.62 13.44
C THR C 701 13.06 6.43 12.97
N MET C 702 13.72 5.34 13.39
CA MET C 702 15.07 5.08 12.94
C MET C 702 15.10 4.66 11.47
N TYR C 703 14.10 3.91 11.02
CA TYR C 703 14.08 3.46 9.64
C TYR C 703 13.73 4.60 8.69
N ILE C 704 12.60 5.26 8.95
CA ILE C 704 12.11 6.29 8.04
C ILE C 704 12.98 7.54 8.10
N CYS C 705 13.35 7.97 9.31
CA CYS C 705 13.96 9.27 9.50
C CYS C 705 15.38 9.24 10.05
N GLY C 706 15.81 8.14 10.66
CA GLY C 706 17.12 8.10 11.26
C GLY C 706 17.20 8.91 12.53
N ASP C 707 18.02 9.96 12.52
CA ASP C 707 18.21 10.81 13.70
C ASP C 707 17.80 12.25 13.47
N SER C 708 17.35 12.62 12.27
CA SER C 708 16.98 14.00 12.00
C SER C 708 15.64 14.33 12.66
N VAL C 709 15.59 15.46 13.36
CA VAL C 709 14.37 15.84 14.07
C VAL C 709 13.33 16.45 13.15
N GLU C 710 13.74 17.00 12.01
CA GLU C 710 12.77 17.55 11.06
C GLU C 710 11.88 16.45 10.48
N CYS C 711 12.50 15.32 10.10
CA CYS C 711 11.71 14.20 9.60
C CYS C 711 10.85 13.60 10.70
N SER C 712 11.33 13.58 11.94
CA SER C 712 10.50 13.08 13.04
C SER C 712 9.28 13.97 13.27
N THR C 713 9.46 15.29 13.21
CA THR C 713 8.34 16.21 13.36
C THR C 713 7.35 16.06 12.21
N LEU C 714 7.84 15.88 10.99
CA LEU C 714 6.92 15.69 9.86
C LEU C 714 6.27 14.30 9.88
N LEU C 715 6.94 13.31 10.47
CA LEU C 715 6.37 11.97 10.59
C LEU C 715 5.30 11.93 11.67
N LEU C 716 5.39 12.82 12.66
CA LEU C 716 4.35 12.95 13.67
C LEU C 716 3.01 13.36 13.08
N GLN C 717 3.00 13.97 11.89
CA GLN C 717 1.77 14.39 11.23
C GLN C 717 1.14 13.26 10.40
N TYR C 718 1.72 12.07 10.39
CA TYR C 718 1.15 10.94 9.66
C TYR C 718 0.31 10.03 10.53
N GLY C 719 0.11 10.39 11.80
CA GLY C 719 -0.79 9.64 12.66
C GLY C 719 -0.21 8.33 13.17
N SER C 720 -1.04 7.29 13.21
CA SER C 720 -0.69 6.00 13.78
C SER C 720 -0.43 4.95 12.72
N PHE C 721 0.23 5.31 11.62
CA PHE C 721 0.65 4.32 10.64
C PHE C 721 1.66 3.34 11.23
N CYS C 722 2.47 3.77 12.19
CA CYS C 722 3.58 2.96 12.66
C CYS C 722 3.28 2.21 13.95
N THR C 723 2.35 2.72 14.77
CA THR C 723 1.84 1.91 15.87
C THR C 723 1.15 0.65 15.36
N GLN C 724 0.47 0.77 14.21
CA GLN C 724 -0.15 -0.40 13.57
C GLN C 724 0.89 -1.43 13.16
N LEU C 725 1.99 -0.98 12.55
CA LEU C 725 3.05 -1.89 12.12
C LEU C 725 3.72 -2.55 13.32
N ASN C 726 3.97 -1.78 14.38
CA ASN C 726 4.56 -2.34 15.58
C ASN C 726 3.64 -3.35 16.24
N ARG C 727 2.33 -3.07 16.24
CA ARG C 727 1.36 -4.00 16.79
C ARG C 727 1.31 -5.30 16.00
N ALA C 728 1.33 -5.20 14.67
CA ALA C 728 1.31 -6.40 13.83
C ALA C 728 2.56 -7.24 14.04
N LEU C 729 3.73 -6.60 14.09
CA LEU C 729 4.97 -7.34 14.28
C LEU C 729 5.04 -7.95 15.67
N THR C 730 4.53 -7.25 16.68
CA THR C 730 4.49 -7.81 18.03
C THR C 730 3.55 -9.01 18.10
N GLY C 731 2.42 -8.95 17.40
CA GLY C 731 1.53 -10.10 17.33
C GLY C 731 2.17 -11.29 16.67
N ILE C 732 2.92 -11.05 15.58
CA ILE C 732 3.65 -12.13 14.92
C ILE C 732 4.70 -12.74 15.86
N ALA C 733 5.43 -11.88 16.58
CA ALA C 733 6.48 -12.36 17.47
C ALA C 733 5.90 -13.17 18.63
N VAL C 734 4.74 -12.77 19.15
CA VAL C 734 4.08 -13.54 20.19
C VAL C 734 3.56 -14.87 19.63
N GLU C 735 3.03 -14.84 18.41
CA GLU C 735 2.50 -16.04 17.78
C GLU C 735 3.58 -17.08 17.50
N GLN C 736 4.81 -16.65 17.23
CA GLN C 736 5.91 -17.60 17.02
C GLN C 736 6.17 -18.44 18.27
N ASP C 737 6.27 -17.76 19.44
CA ASP C 737 6.46 -18.48 20.69
C ASP C 737 5.24 -19.32 21.04
N LYS C 738 4.05 -18.84 20.70
CA LYS C 738 2.84 -19.64 20.90
C LYS C 738 2.87 -20.92 20.06
N ASN C 739 3.36 -20.82 18.82
CA ASN C 739 3.50 -21.99 17.96
C ASN C 739 4.49 -22.99 18.54
N THR C 740 5.64 -22.51 19.02
CA THR C 740 6.63 -23.40 19.61
C THR C 740 6.09 -24.08 20.86
N GLN C 741 5.37 -23.33 21.70
CA GLN C 741 4.79 -23.89 22.91
C GLN C 741 3.70 -24.92 22.58
N GLU C 742 2.89 -24.65 21.55
CA GLU C 742 1.85 -25.60 21.18
C GLU C 742 2.42 -26.87 20.57
N VAL C 743 3.56 -26.78 19.88
CA VAL C 743 4.14 -27.97 19.29
C VAL C 743 4.88 -28.80 20.34
N PHE C 744 5.78 -28.19 21.09
CA PHE C 744 6.71 -28.97 21.91
C PHE C 744 6.30 -29.16 23.36
N ALA C 745 5.45 -28.30 23.90
CA ALA C 745 5.11 -28.35 25.33
C ALA C 745 3.73 -28.95 25.57
N GLN C 746 3.38 -30.01 24.83
CA GLN C 746 2.08 -30.64 25.00
C GLN C 746 1.96 -31.35 26.35
N VAL C 747 3.04 -32.01 26.79
CA VAL C 747 3.08 -32.70 28.07
C VAL C 747 3.96 -31.90 29.02
N LYS C 748 3.47 -31.69 30.24
CA LYS C 748 4.18 -30.90 31.24
C LYS C 748 4.89 -31.77 32.27
N GLN C 749 5.03 -33.07 32.02
CA GLN C 749 5.79 -33.96 32.88
C GLN C 749 7.10 -34.28 32.19
N ILE C 750 8.19 -33.73 32.73
CA ILE C 750 9.51 -33.95 32.15
C ILE C 750 10.06 -35.28 32.63
N TYR C 751 9.82 -36.33 31.85
CA TYR C 751 10.30 -37.66 32.23
C TYR C 751 11.81 -37.76 32.03
N LYS C 752 12.47 -38.36 33.01
CA LYS C 752 13.92 -38.48 32.97
C LYS C 752 14.35 -39.48 31.89
N THR C 753 15.49 -39.18 31.27
CA THR C 753 16.05 -40.08 30.27
C THR C 753 16.55 -41.35 30.95
N PRO C 754 16.13 -42.53 30.49
CA PRO C 754 16.58 -43.77 31.13
C PRO C 754 18.07 -44.00 30.95
N ASP C 755 18.67 -44.66 31.94
CA ASP C 755 20.10 -44.93 31.90
C ASP C 755 20.43 -45.95 30.81
N ILE C 756 19.57 -46.95 30.63
CA ILE C 756 19.75 -47.95 29.59
C ILE C 756 18.89 -47.53 28.39
N LYS C 757 19.54 -47.32 27.25
CA LYS C 757 18.85 -46.89 26.04
C LYS C 757 18.39 -48.06 25.18
N ASP C 758 18.60 -49.29 25.63
CA ASP C 758 18.16 -50.47 24.92
C ASP C 758 16.90 -51.01 25.59
N PHE C 759 15.83 -51.17 24.81
CA PHE C 759 14.52 -51.58 25.31
C PHE C 759 14.07 -52.82 24.56
N GLY C 760 14.44 -53.99 25.05
CA GLY C 760 14.10 -55.24 24.40
C GLY C 760 14.75 -55.43 23.06
N GLY C 761 15.99 -54.98 22.90
CA GLY C 761 16.69 -55.04 21.63
C GLY C 761 16.54 -53.80 20.78
N PHE C 762 15.62 -52.92 21.12
CA PHE C 762 15.42 -51.68 20.36
C PHE C 762 16.35 -50.61 20.90
N ASN C 763 17.15 -50.04 20.01
CA ASN C 763 18.24 -49.14 20.39
C ASN C 763 17.78 -47.69 20.21
N PHE C 764 17.71 -46.96 21.32
CA PHE C 764 17.26 -45.56 21.32
C PHE C 764 18.41 -44.59 21.60
N SER C 765 19.66 -45.03 21.44
CA SER C 765 20.79 -44.19 21.82
C SER C 765 20.96 -42.99 20.90
N GLN C 766 20.57 -43.13 19.63
CA GLN C 766 20.78 -42.07 18.65
C GLN C 766 19.68 -41.01 18.66
N ILE C 767 18.54 -41.29 19.28
CA ILE C 767 17.46 -40.32 19.39
C ILE C 767 17.30 -39.77 20.80
N LEU C 768 18.05 -40.29 21.76
CA LEU C 768 18.08 -39.81 23.12
C LEU C 768 19.41 -39.13 23.41
N PRO C 769 19.45 -38.17 24.35
CA PRO C 769 20.72 -37.50 24.65
C PRO C 769 21.75 -38.44 25.24
N ASP C 770 23.02 -38.20 24.90
CA ASP C 770 24.11 -39.01 25.38
C ASP C 770 24.66 -38.41 26.67
N PRO C 771 24.65 -39.15 27.79
CA PRO C 771 25.20 -38.59 29.04
C PRO C 771 26.69 -38.36 29.01
N SER C 772 27.43 -38.99 28.09
CA SER C 772 28.87 -38.82 28.01
C SER C 772 29.29 -37.69 27.08
N LYS C 773 28.34 -36.96 26.51
CA LYS C 773 28.64 -35.85 25.61
C LYS C 773 28.27 -34.52 26.26
N PRO C 774 29.02 -33.45 25.97
CA PRO C 774 28.68 -32.15 26.58
C PRO C 774 27.38 -31.56 26.06
N SER C 775 26.97 -31.91 24.84
CA SER C 775 25.71 -31.41 24.31
C SER C 775 24.55 -32.19 24.89
N LYS C 776 23.47 -31.48 25.18
CA LYS C 776 22.26 -32.09 25.74
C LYS C 776 21.32 -32.61 24.66
N ARG C 777 21.66 -32.44 23.39
CA ARG C 777 20.86 -32.94 22.30
C ARG C 777 21.27 -34.37 21.94
N SER C 778 20.45 -35.00 21.10
CA SER C 778 20.77 -36.34 20.61
C SER C 778 21.70 -36.25 19.41
N PHE C 779 22.14 -37.41 18.93
CA PHE C 779 23.00 -37.46 17.75
C PHE C 779 22.26 -36.99 16.50
N ILE C 780 21.00 -37.40 16.35
CA ILE C 780 20.19 -36.96 15.23
C ILE C 780 19.94 -35.46 15.30
N GLU C 781 19.66 -34.94 16.50
CA GLU C 781 19.44 -33.51 16.66
C GLU C 781 20.71 -32.71 16.39
N ASP C 782 21.87 -33.24 16.80
CA ASP C 782 23.13 -32.59 16.49
C ASP C 782 23.41 -32.59 14.99
N LEU C 783 23.02 -33.67 14.30
CA LEU C 783 23.14 -33.69 12.84
C LEU C 783 22.20 -32.68 12.20
N LEU C 784 20.98 -32.55 12.73
CA LEU C 784 20.00 -31.64 12.14
C LEU C 784 20.38 -30.18 12.35
N PHE C 785 20.95 -29.86 13.51
CA PHE C 785 21.31 -28.47 13.80
C PHE C 785 22.50 -27.99 12.99
N ASN C 786 23.30 -28.91 12.46
CA ASN C 786 24.40 -28.54 11.57
C ASN C 786 23.99 -28.51 10.11
N LYS C 787 22.77 -28.94 9.78
CA LYS C 787 22.33 -28.94 8.40
C LYS C 787 21.78 -27.58 7.98
N VAL C 788 21.06 -26.91 8.87
CA VAL C 788 20.59 -25.55 8.59
C VAL C 788 21.76 -24.60 8.80
N THR C 789 22.09 -23.83 7.77
CA THR C 789 23.27 -22.98 7.81
C THR C 789 23.13 -21.86 8.83
N LEU C 790 21.93 -21.26 8.90
CA LEU C 790 21.62 -20.11 9.76
C LEU C 790 22.60 -18.96 9.46
N ALA C 791 22.57 -18.54 8.20
CA ALA C 791 23.44 -17.43 7.78
C ALA C 791 22.96 -16.10 8.35
N ASP C 792 21.66 -15.96 8.57
CA ASP C 792 21.11 -14.78 9.21
C ASP C 792 21.36 -14.90 10.72
N ALA C 793 22.56 -14.49 11.14
CA ALA C 793 22.97 -14.59 12.56
C ALA C 793 22.98 -13.21 13.22
N GLY C 794 21.89 -12.87 13.92
CA GLY C 794 21.74 -11.56 14.58
C GLY C 794 22.40 -11.54 15.96
N PHE C 795 21.88 -12.34 16.90
CA PHE C 795 22.38 -12.35 18.30
C PHE C 795 23.78 -12.92 18.30
N VAL C 796 24.56 -12.50 17.32
CA VAL C 796 26.01 -12.59 17.41
C VAL C 796 26.67 -11.22 17.28
N LYS C 797 26.01 -10.26 16.65
CA LYS C 797 26.52 -8.89 16.52
C LYS C 797 26.05 -8.12 17.75
N GLN C 798 26.84 -8.17 18.81
CA GLN C 798 26.55 -7.41 20.02
C GLN C 798 27.03 -5.97 19.84
N TYR C 799 26.94 -5.17 20.90
CA TYR C 799 27.48 -3.82 20.87
C TYR C 799 29.00 -3.89 20.82
N GLY C 800 29.59 -3.11 19.91
CA GLY C 800 31.02 -3.13 19.70
C GLY C 800 31.47 -3.95 18.51
N ASP C 801 30.60 -4.81 17.96
CA ASP C 801 30.94 -5.53 16.74
C ASP C 801 30.61 -4.72 15.48
N CYS C 802 29.56 -3.90 15.53
CA CYS C 802 29.23 -3.03 14.41
C CYS C 802 30.03 -1.74 14.40
N LEU C 803 30.76 -1.44 15.47
CA LEU C 803 31.59 -0.24 15.58
C LEU C 803 33.04 -0.66 15.67
N GLY C 804 33.91 0.13 15.03
CA GLY C 804 35.32 -0.16 15.03
C GLY C 804 35.75 -1.26 14.10
N ASP C 805 34.90 -1.69 13.18
CA ASP C 805 35.26 -2.71 12.22
C ASP C 805 36.26 -2.17 11.21
N ILE C 806 37.16 -3.05 10.75
CA ILE C 806 38.17 -2.67 9.75
C ILE C 806 37.49 -2.84 8.40
N GLN C 807 36.72 -1.81 8.00
CA GLN C 807 35.81 -1.81 6.87
C GLN C 807 34.89 -3.03 6.90
N ALA C 808 34.58 -3.59 5.72
CA ALA C 808 33.81 -4.83 5.56
C ALA C 808 32.44 -4.72 6.24
N ARG C 809 31.64 -3.80 5.70
CA ARG C 809 30.32 -3.52 6.27
C ARG C 809 29.40 -4.72 6.10
N ASP C 810 28.72 -5.10 7.19
CA ASP C 810 27.84 -6.26 7.20
C ASP C 810 26.39 -5.84 6.99
N LEU C 811 25.59 -6.79 6.49
CA LEU C 811 24.18 -6.53 6.29
C LEU C 811 23.43 -6.50 7.61
N ILE C 812 23.87 -7.29 8.60
CA ILE C 812 23.23 -7.27 9.91
C ILE C 812 23.48 -5.94 10.63
N CYS C 813 24.68 -5.37 10.45
CA CYS C 813 24.97 -4.06 11.01
C CYS C 813 24.13 -2.98 10.35
N ALA C 814 23.88 -3.11 9.04
CA ALA C 814 22.98 -2.19 8.36
C ALA C 814 21.54 -2.35 8.83
N GLN C 815 21.13 -3.57 9.15
CA GLN C 815 19.81 -3.80 9.74
C GLN C 815 19.70 -3.14 11.11
N LYS C 816 20.74 -3.28 11.94
CA LYS C 816 20.70 -2.72 13.28
C LYS C 816 20.78 -1.20 13.27
N PHE C 817 21.51 -0.63 12.31
CA PHE C 817 21.66 0.82 12.24
C PHE C 817 20.38 1.50 11.74
N ASN C 818 19.47 0.75 11.12
CA ASN C 818 18.25 1.32 10.55
C ASN C 818 17.01 0.88 11.31
N GLY C 819 17.15 0.52 12.58
CA GLY C 819 16.00 0.23 13.41
C GLY C 819 15.39 -1.15 13.25
N LEU C 820 16.07 -2.07 12.58
CA LEU C 820 15.55 -3.43 12.39
C LEU C 820 16.31 -4.37 13.31
N THR C 821 15.60 -5.00 14.23
CA THR C 821 16.20 -5.91 15.21
C THR C 821 15.45 -7.24 15.18
N VAL C 822 16.13 -8.28 15.66
CA VAL C 822 15.57 -9.62 15.72
C VAL C 822 15.54 -10.05 17.18
N LEU C 823 14.35 -10.37 17.68
CA LEU C 823 14.19 -10.79 19.07
C LEU C 823 14.46 -12.29 19.20
N PRO C 824 15.10 -12.71 20.30
CA PRO C 824 15.36 -14.14 20.47
C PRO C 824 14.09 -14.88 20.82
N PRO C 825 14.02 -16.18 20.49
CA PRO C 825 12.85 -16.97 20.91
C PRO C 825 12.83 -17.19 22.41
N LEU C 826 11.62 -17.38 22.93
CA LEU C 826 11.46 -17.59 24.37
C LEU C 826 12.06 -18.93 24.81
N LEU C 827 11.81 -19.99 24.05
CA LEU C 827 12.37 -21.30 24.35
C LEU C 827 13.70 -21.46 23.62
N THR C 828 14.76 -21.73 24.38
CA THR C 828 16.05 -22.00 23.76
C THR C 828 16.05 -23.40 23.13
N ASP C 829 17.09 -23.67 22.35
CA ASP C 829 17.20 -24.97 21.70
C ASP C 829 17.43 -26.09 22.72
N GLU C 830 18.08 -25.78 23.84
CA GLU C 830 18.30 -26.76 24.89
C GLU C 830 16.99 -27.21 25.52
N MET C 831 16.07 -26.28 25.75
CA MET C 831 14.79 -26.64 26.36
C MET C 831 13.88 -27.38 25.38
N ILE C 832 13.94 -27.03 24.09
CA ILE C 832 13.21 -27.79 23.09
C ILE C 832 13.75 -29.21 22.98
N ALA C 833 15.09 -29.35 23.07
CA ALA C 833 15.70 -30.67 23.10
C ALA C 833 15.30 -31.44 24.35
N ALA C 834 15.16 -30.74 25.48
CA ALA C 834 14.70 -31.38 26.70
C ALA C 834 13.27 -31.86 26.59
N TYR C 835 12.40 -31.06 25.96
CA TYR C 835 11.02 -31.49 25.70
C TYR C 835 10.98 -32.71 24.80
N THR C 836 11.80 -32.72 23.75
CA THR C 836 11.87 -33.86 22.84
C THR C 836 12.37 -35.12 23.56
N ALA C 837 13.39 -34.97 24.40
CA ALA C 837 13.91 -36.10 25.16
C ALA C 837 12.88 -36.62 26.16
N ALA C 838 12.13 -35.72 26.80
CA ALA C 838 11.07 -36.14 27.71
C ALA C 838 9.98 -36.90 26.98
N LEU C 839 9.60 -36.43 25.78
CA LEU C 839 8.59 -37.12 24.98
C LEU C 839 9.07 -38.51 24.58
N ILE C 840 10.33 -38.64 24.16
CA ILE C 840 10.86 -39.93 23.72
C ILE C 840 10.99 -40.87 24.91
N SER C 841 11.43 -40.37 26.07
CA SER C 841 11.53 -41.21 27.26
C SER C 841 10.15 -41.68 27.72
N GLY C 842 9.15 -40.79 27.67
CA GLY C 842 7.80 -41.20 28.02
C GLY C 842 7.23 -42.23 27.07
N THR C 843 7.52 -42.08 25.76
CA THR C 843 7.07 -43.08 24.80
C THR C 843 7.77 -44.41 25.01
N ALA C 844 9.06 -44.38 25.37
CA ALA C 844 9.80 -45.61 25.55
C ALA C 844 9.38 -46.35 26.82
N THR C 845 9.07 -45.61 27.89
CA THR C 845 8.80 -46.26 29.16
C THR C 845 7.30 -46.52 29.39
N ALA C 846 6.42 -45.65 28.91
CA ALA C 846 4.99 -45.79 29.16
C ALA C 846 4.16 -45.93 27.90
N GLY C 847 4.71 -45.65 26.72
CA GLY C 847 3.96 -45.86 25.49
C GLY C 847 2.97 -44.75 25.25
N TRP C 848 1.72 -45.15 25.00
CA TRP C 848 0.63 -44.23 24.66
C TRP C 848 -0.13 -43.74 25.88
N THR C 849 0.20 -44.23 27.08
CA THR C 849 -0.64 -43.97 28.25
C THR C 849 -0.43 -42.58 28.83
N PHE C 850 0.79 -42.03 28.75
CA PHE C 850 1.05 -40.74 29.37
C PHE C 850 0.45 -39.57 28.61
N GLY C 851 0.02 -39.78 27.36
CA GLY C 851 -0.66 -38.73 26.63
C GLY C 851 -2.10 -38.52 27.04
N ALA C 852 -2.69 -39.48 27.75
CA ALA C 852 -4.07 -39.37 28.23
C ALA C 852 -4.11 -38.99 29.70
N GLY C 853 -3.45 -39.76 30.56
CA GLY C 853 -3.41 -39.46 31.98
C GLY C 853 -2.03 -39.66 32.58
N ALA C 854 -1.96 -40.41 33.68
CA ALA C 854 -0.68 -40.71 34.28
C ALA C 854 0.08 -41.75 33.45
N ALA C 855 1.40 -41.71 33.55
CA ALA C 855 2.25 -42.62 32.80
C ALA C 855 2.19 -44.01 33.43
N LEU C 856 1.67 -44.98 32.67
CA LEU C 856 1.60 -46.37 33.11
C LEU C 856 2.74 -47.14 32.45
N GLN C 857 3.63 -47.70 33.26
CA GLN C 857 4.78 -48.41 32.74
C GLN C 857 4.37 -49.71 32.06
N ILE C 858 5.14 -50.10 31.06
CA ILE C 858 4.90 -51.31 30.29
C ILE C 858 6.24 -51.73 29.67
N PRO C 859 6.55 -53.02 29.59
CA PRO C 859 7.72 -53.45 28.81
C PRO C 859 7.55 -53.09 27.35
N PHE C 860 8.67 -52.74 26.70
CA PHE C 860 8.61 -52.21 25.35
C PHE C 860 8.19 -53.25 24.34
N ALA C 861 8.52 -54.53 24.59
CA ALA C 861 8.07 -55.60 23.70
C ALA C 861 6.55 -55.73 23.71
N MET C 862 5.93 -55.61 24.89
CA MET C 862 4.48 -55.68 24.97
C MET C 862 3.82 -54.45 24.34
N GLN C 863 4.47 -53.28 24.44
CA GLN C 863 3.96 -52.10 23.78
C GLN C 863 4.02 -52.26 22.26
N MET C 864 5.12 -52.82 21.74
CA MET C 864 5.21 -53.11 20.32
C MET C 864 4.20 -54.17 19.89
N ALA C 865 3.91 -55.14 20.76
CA ALA C 865 2.87 -56.11 20.47
C ALA C 865 1.50 -55.45 20.37
N TYR C 866 1.21 -54.51 21.27
CA TYR C 866 -0.04 -53.77 21.20
C TYR C 866 -0.13 -52.94 19.93
N ARG C 867 0.97 -52.33 19.52
CA ARG C 867 0.97 -51.53 18.29
C ARG C 867 0.81 -52.43 17.06
N PHE C 868 1.40 -53.62 17.08
CA PHE C 868 1.19 -54.59 16.02
C PHE C 868 -0.27 -55.03 15.96
N ASN C 869 -0.89 -55.23 17.13
CA ASN C 869 -2.32 -55.51 17.15
C ASN C 869 -3.13 -54.34 16.64
N GLY C 870 -2.64 -53.12 16.86
CA GLY C 870 -3.32 -51.95 16.34
C GLY C 870 -3.29 -51.87 14.82
N ILE C 871 -2.16 -52.24 14.21
CA ILE C 871 -2.09 -52.19 12.75
C ILE C 871 -2.75 -53.40 12.09
N GLY C 872 -3.19 -54.39 12.86
CA GLY C 872 -3.91 -55.52 12.32
C GLY C 872 -3.14 -56.84 12.27
N VAL C 873 -1.99 -56.93 12.92
CA VAL C 873 -1.18 -58.15 12.95
C VAL C 873 -1.21 -58.71 14.36
N THR C 874 -1.39 -60.01 14.47
CA THR C 874 -1.42 -60.65 15.79
C THR C 874 -0.05 -60.56 16.45
N GLN C 875 -0.06 -60.52 17.78
CA GLN C 875 1.14 -60.23 18.55
C GLN C 875 2.18 -61.34 18.51
N ASN C 876 1.77 -62.56 18.12
CA ASN C 876 2.73 -63.65 18.00
C ASN C 876 3.75 -63.37 16.91
N VAL C 877 3.36 -62.62 15.87
CA VAL C 877 4.30 -62.23 14.83
C VAL C 877 5.38 -61.31 15.39
N LEU C 878 4.99 -60.38 16.27
CA LEU C 878 5.96 -59.53 16.93
C LEU C 878 6.86 -60.32 17.87
N TYR C 879 6.28 -61.24 18.65
CA TYR C 879 7.06 -61.93 19.66
C TYR C 879 8.01 -62.96 19.06
N GLU C 880 7.59 -63.63 18.00
CA GLU C 880 8.44 -64.64 17.37
C GLU C 880 9.53 -64.03 16.50
N ASN C 881 9.42 -62.76 16.13
CA ASN C 881 10.39 -62.09 15.29
C ASN C 881 10.90 -60.82 15.95
N GLN C 882 11.03 -60.85 17.28
CA GLN C 882 11.41 -59.65 18.03
C GLN C 882 12.83 -59.21 17.69
N LYS C 883 13.76 -60.15 17.58
CA LYS C 883 15.14 -59.81 17.26
C LYS C 883 15.25 -59.25 15.84
N LEU C 884 14.54 -59.85 14.88
CA LEU C 884 14.56 -59.36 13.51
C LEU C 884 13.94 -57.97 13.41
N ILE C 885 12.83 -57.74 14.12
CA ILE C 885 12.17 -56.43 14.09
C ILE C 885 13.07 -55.37 14.72
N ALA C 886 13.73 -55.71 15.85
CA ALA C 886 14.65 -54.76 16.48
C ALA C 886 15.84 -54.46 15.58
N ASN C 887 16.36 -55.48 14.89
CA ASN C 887 17.47 -55.26 13.96
C ASN C 887 17.06 -54.38 12.80
N GLN C 888 15.86 -54.59 12.26
CA GLN C 888 15.37 -53.75 11.17
C GLN C 888 15.18 -52.31 11.65
N PHE C 889 14.68 -52.12 12.86
CA PHE C 889 14.51 -50.77 13.41
C PHE C 889 15.84 -50.06 13.58
N ASN C 890 16.85 -50.77 14.11
CA ASN C 890 18.17 -50.17 14.30
C ASN C 890 18.83 -49.87 12.96
N SER C 891 18.66 -50.75 11.97
CA SER C 891 19.20 -50.49 10.64
C SER C 891 18.52 -49.29 9.99
N ALA C 892 17.21 -49.13 10.21
CA ALA C 892 16.51 -47.97 9.67
C ALA C 892 16.96 -46.68 10.34
N ILE C 893 17.24 -46.73 11.64
CA ILE C 893 17.77 -45.56 12.34
C ILE C 893 19.15 -45.20 11.80
N GLY C 894 19.99 -46.22 11.56
CA GLY C 894 21.29 -45.97 10.95
C GLY C 894 21.18 -45.41 9.54
N LYS C 895 20.18 -45.86 8.78
CA LYS C 895 19.95 -45.31 7.45
C LYS C 895 19.50 -43.86 7.52
N ILE C 896 18.70 -43.52 8.53
CA ILE C 896 18.33 -42.12 8.76
C ILE C 896 19.58 -41.29 9.07
N GLN C 897 20.50 -41.85 9.86
CA GLN C 897 21.77 -41.17 10.16
C GLN C 897 22.57 -40.91 8.88
N GLU C 898 22.72 -41.93 8.04
CA GLU C 898 23.46 -41.77 6.79
C GLU C 898 22.78 -40.81 5.83
N SER C 899 21.45 -40.78 5.82
CA SER C 899 20.74 -39.82 4.98
C SER C 899 20.93 -38.40 5.49
N LEU C 900 20.97 -38.21 6.80
CA LEU C 900 21.17 -36.88 7.37
C LEU C 900 22.63 -36.44 7.39
N THR C 901 23.58 -37.36 7.18
CA THR C 901 24.99 -36.99 7.22
C THR C 901 25.56 -36.69 5.83
N SER C 902 25.09 -37.37 4.79
CA SER C 902 25.64 -37.23 3.45
C SER C 902 24.73 -36.45 2.51
N THR C 903 23.44 -36.79 2.45
CA THR C 903 22.54 -36.17 1.50
C THR C 903 22.21 -34.75 1.94
N ALA C 904 22.54 -33.77 1.11
CA ALA C 904 22.24 -32.38 1.39
C ALA C 904 20.80 -32.06 1.02
N SER C 905 20.39 -30.84 1.39
CA SER C 905 19.05 -30.30 1.13
C SER C 905 17.94 -31.15 1.74
N ALA C 906 18.24 -31.84 2.84
CA ALA C 906 17.21 -32.61 3.53
C ALA C 906 16.28 -31.68 4.31
N LEU C 907 16.83 -30.66 4.96
CA LEU C 907 16.03 -29.67 5.69
C LEU C 907 15.75 -28.46 4.80
N GLY C 908 15.05 -28.74 3.70
CA GLY C 908 14.77 -27.69 2.72
C GLY C 908 13.82 -26.62 3.23
N LYS C 909 12.79 -27.02 3.97
CA LYS C 909 11.74 -26.08 4.35
C LYS C 909 12.24 -25.07 5.39
N LEU C 910 13.00 -25.54 6.38
CA LEU C 910 13.56 -24.64 7.38
C LEU C 910 14.57 -23.68 6.75
N GLN C 911 15.37 -24.18 5.82
CA GLN C 911 16.32 -23.32 5.11
C GLN C 911 15.59 -22.28 4.27
N ASP C 912 14.48 -22.67 3.64
CA ASP C 912 13.67 -21.71 2.89
C ASP C 912 13.07 -20.64 3.80
N VAL C 913 12.63 -21.03 5.00
CA VAL C 913 12.09 -20.06 5.95
C VAL C 913 13.16 -19.05 6.37
N VAL C 914 14.36 -19.56 6.70
CA VAL C 914 15.46 -18.69 7.12
C VAL C 914 15.88 -17.77 5.97
N ASN C 915 15.98 -18.31 4.76
CA ASN C 915 16.38 -17.51 3.60
C ASN C 915 15.34 -16.45 3.27
N GLN C 916 14.06 -16.80 3.38
CA GLN C 916 13.00 -15.83 3.11
C GLN C 916 13.02 -14.67 4.10
N ASN C 917 13.20 -14.99 5.40
CA ASN C 917 13.26 -13.92 6.40
C ASN C 917 14.48 -13.02 6.19
N ALA C 918 15.64 -13.63 5.93
CA ALA C 918 16.86 -12.84 5.70
C ALA C 918 16.75 -11.99 4.44
N GLN C 919 16.16 -12.54 3.38
CA GLN C 919 16.00 -11.82 2.13
C GLN C 919 15.03 -10.66 2.30
N ALA C 920 13.94 -10.87 3.06
CA ALA C 920 13.00 -9.78 3.32
C ALA C 920 13.65 -8.65 4.11
N LEU C 921 14.45 -8.99 5.13
CA LEU C 921 15.13 -7.95 5.90
C LEU C 921 16.16 -7.21 5.05
N ASN C 922 16.91 -7.93 4.21
CA ASN C 922 17.91 -7.30 3.36
C ASN C 922 17.25 -6.41 2.30
N THR C 923 16.11 -6.83 1.77
CA THR C 923 15.36 -5.98 0.84
C THR C 923 14.86 -4.72 1.52
N LEU C 924 14.36 -4.86 2.76
CA LEU C 924 13.91 -3.69 3.51
C LEU C 924 15.06 -2.71 3.78
N VAL C 925 16.26 -3.23 4.02
CA VAL C 925 17.42 -2.37 4.19
C VAL C 925 17.78 -1.69 2.88
N LYS C 926 17.81 -2.46 1.78
CA LYS C 926 18.25 -1.92 0.49
C LYS C 926 17.25 -0.93 -0.11
N GLN C 927 15.99 -0.95 0.34
CA GLN C 927 15.03 0.01 -0.18
C GLN C 927 15.23 1.42 0.37
N LEU C 928 16.13 1.61 1.34
CA LEU C 928 16.39 2.95 1.87
C LEU C 928 17.19 3.83 0.92
N SER C 929 17.72 3.27 -0.16
CA SER C 929 18.50 4.03 -1.13
C SER C 929 17.68 4.47 -2.33
N SER C 930 16.35 4.41 -2.23
CA SER C 930 15.47 4.83 -3.32
C SER C 930 15.01 6.26 -3.09
N ASN C 931 14.95 7.04 -4.19
CA ASN C 931 14.56 8.44 -4.09
C ASN C 931 13.06 8.61 -3.91
N PHE C 932 12.25 7.69 -4.46
CA PHE C 932 10.79 7.77 -4.45
C PHE C 932 10.28 9.07 -5.06
N GLY C 933 10.96 9.55 -6.09
CA GLY C 933 10.60 10.79 -6.75
C GLY C 933 11.19 12.04 -6.12
N ALA C 934 12.03 11.91 -5.11
CA ALA C 934 12.69 13.07 -4.51
C ALA C 934 14.05 13.31 -5.17
N ILE C 935 14.67 14.43 -4.79
CA ILE C 935 15.95 14.80 -5.39
C ILE C 935 17.09 13.91 -4.89
N SER C 936 16.95 13.30 -3.73
CA SER C 936 18.01 12.44 -3.20
C SER C 936 17.38 11.43 -2.24
N SER C 937 18.06 10.29 -2.09
CA SER C 937 17.67 9.30 -1.11
C SER C 937 18.23 9.59 0.27
N VAL C 938 19.15 10.55 0.38
CA VAL C 938 19.72 10.92 1.66
C VAL C 938 18.93 12.08 2.24
N LEU C 939 18.45 11.92 3.48
CA LEU C 939 17.71 12.97 4.16
C LEU C 939 18.58 14.18 4.46
N ASN C 940 19.86 13.93 4.79
CA ASN C 940 20.75 15.01 5.20
C ASN C 940 21.06 15.95 4.03
N ASP C 941 21.19 15.40 2.82
CA ASP C 941 21.42 16.25 1.65
C ASP C 941 20.23 17.16 1.38
N ILE C 942 19.01 16.62 1.49
CA ILE C 942 17.80 17.40 1.30
C ILE C 942 17.69 18.49 2.35
N ILE C 943 17.99 18.15 3.61
CA ILE C 943 17.88 19.13 4.68
C ILE C 943 18.93 20.23 4.54
N SER C 944 20.17 19.84 4.22
CA SER C 944 21.27 20.80 4.16
C SER C 944 21.29 21.62 2.88
N ARG C 945 20.62 21.17 1.81
CA ARG C 945 20.64 21.92 0.56
C ARG C 945 19.44 22.82 0.36
N LEU C 946 18.31 22.55 1.03
CA LEU C 946 17.08 23.29 0.82
C LEU C 946 16.60 23.87 2.13
N ASP C 947 15.80 24.93 2.03
CA ASP C 947 15.15 25.50 3.20
C ASP C 947 13.94 24.63 3.58
N LYS C 948 13.22 25.05 4.63
CA LYS C 948 12.18 24.22 5.24
C LYS C 948 11.04 23.94 4.27
N VAL C 949 10.59 24.95 3.53
CA VAL C 949 9.43 24.80 2.66
C VAL C 949 9.74 23.88 1.49
N GLU C 950 10.90 24.07 0.86
CA GLU C 950 11.26 23.23 -0.28
C GLU C 950 11.63 21.82 0.16
N ALA C 951 12.26 21.68 1.33
CA ALA C 951 12.64 20.35 1.80
C ALA C 951 11.45 19.56 2.32
N GLU C 952 10.36 20.23 2.70
CA GLU C 952 9.20 19.50 3.22
C GLU C 952 8.59 18.58 2.16
N VAL C 953 8.58 19.01 0.90
CA VAL C 953 8.02 18.19 -0.18
C VAL C 953 8.86 16.92 -0.38
N GLN C 954 10.18 17.07 -0.44
CA GLN C 954 11.06 15.93 -0.67
C GLN C 954 11.06 14.99 0.53
N ILE C 955 11.03 15.53 1.76
CA ILE C 955 10.98 14.69 2.94
C ILE C 955 9.64 13.95 3.02
N ASP C 956 8.55 14.61 2.58
CA ASP C 956 7.26 13.92 2.53
C ASP C 956 7.26 12.79 1.51
N ARG C 957 7.90 13.01 0.36
CA ARG C 957 8.03 11.94 -0.64
C ARG C 957 8.81 10.75 -0.09
N LEU C 958 9.95 11.03 0.58
CA LEU C 958 10.74 9.96 1.17
C LEU C 958 9.99 9.24 2.28
N ILE C 959 9.23 9.98 3.10
CA ILE C 959 8.44 9.39 4.16
C ILE C 959 7.37 8.47 3.58
N THR C 960 6.69 8.91 2.52
CA THR C 960 5.67 8.09 1.87
C THR C 960 6.28 6.81 1.30
N GLY C 961 7.44 6.93 0.64
CA GLY C 961 8.08 5.74 0.08
C GLY C 961 8.53 4.75 1.14
N ARG C 962 9.13 5.25 2.23
CA ARG C 962 9.60 4.36 3.28
C ARG C 962 8.45 3.74 4.07
N LEU C 963 7.37 4.49 4.25
CA LEU C 963 6.18 3.92 4.89
C LEU C 963 5.55 2.85 4.01
N GLN C 964 5.55 3.05 2.70
CA GLN C 964 5.08 2.01 1.79
C GLN C 964 5.95 0.76 1.87
N SER C 965 7.27 0.94 1.96
CA SER C 965 8.18 -0.20 2.09
C SER C 965 7.92 -0.96 3.39
N LEU C 966 7.74 -0.24 4.50
CA LEU C 966 7.47 -0.88 5.78
C LEU C 966 6.14 -1.61 5.78
N GLN C 967 5.11 -1.00 5.19
CA GLN C 967 3.80 -1.64 5.12
C GLN C 967 3.84 -2.89 4.27
N THR C 968 4.59 -2.86 3.15
CA THR C 968 4.75 -4.03 2.31
C THR C 968 5.45 -5.16 3.07
N TYR C 969 6.52 -4.83 3.81
CA TYR C 969 7.23 -5.84 4.58
C TYR C 969 6.35 -6.45 5.65
N VAL C 970 5.56 -5.62 6.32
CA VAL C 970 4.67 -6.12 7.38
C VAL C 970 3.57 -7.01 6.80
N THR C 971 3.06 -6.66 5.62
CA THR C 971 2.03 -7.49 4.99
C THR C 971 2.58 -8.86 4.58
N GLN C 972 3.77 -8.88 3.95
CA GLN C 972 4.37 -10.16 3.58
C GLN C 972 4.71 -10.98 4.82
N GLN C 973 5.15 -10.33 5.90
CA GLN C 973 5.46 -11.03 7.14
C GLN C 973 4.19 -11.61 7.76
N LEU C 974 3.08 -10.91 7.68
CA LEU C 974 1.81 -11.43 8.21
C LEU C 974 1.35 -12.66 7.43
N ILE C 975 1.47 -12.62 6.09
CA ILE C 975 1.08 -13.77 5.29
C ILE C 975 1.98 -14.97 5.58
N ARG C 976 3.29 -14.74 5.68
CA ARG C 976 4.22 -15.82 6.00
C ARG C 976 3.98 -16.35 7.41
N ALA C 977 3.59 -15.48 8.34
CA ALA C 977 3.27 -15.93 9.70
C ALA C 977 2.02 -16.79 9.72
N ALA C 978 1.03 -16.45 8.88
CA ALA C 978 -0.16 -17.29 8.76
C ALA C 978 0.19 -18.68 8.22
N GLU C 979 1.06 -18.74 7.20
CA GLU C 979 1.48 -20.02 6.66
C GLU C 979 2.27 -20.84 7.70
N ILE C 980 3.15 -20.17 8.45
CA ILE C 980 3.93 -20.82 9.48
C ILE C 980 3.02 -21.32 10.61
N ARG C 981 1.97 -20.56 10.92
CA ARG C 981 1.01 -20.98 11.94
C ARG C 981 0.24 -22.21 11.50
N ALA C 982 -0.13 -22.27 10.22
CA ALA C 982 -0.80 -23.48 9.71
C ALA C 982 0.13 -24.69 9.79
N SER C 983 1.40 -24.51 9.42
CA SER C 983 2.37 -25.60 9.52
C SER C 983 2.58 -26.05 10.96
N ALA C 984 2.62 -25.09 11.90
CA ALA C 984 2.80 -25.43 13.30
C ALA C 984 1.57 -26.11 13.89
N ASN C 985 0.37 -25.73 13.44
CA ASN C 985 -0.84 -26.43 13.86
C ASN C 985 -0.82 -27.87 13.38
N LEU C 986 -0.39 -28.10 12.13
CA LEU C 986 -0.28 -29.46 11.63
C LEU C 986 0.79 -30.26 12.40
N ALA C 987 1.89 -29.60 12.76
CA ALA C 987 2.93 -30.26 13.54
C ALA C 987 2.44 -30.63 14.94
N ALA C 988 1.67 -29.74 15.57
CA ALA C 988 1.11 -30.06 16.88
C ALA C 988 0.08 -31.18 16.81
N THR C 989 -0.71 -31.21 15.74
CA THR C 989 -1.64 -32.32 15.53
C THR C 989 -0.91 -33.63 15.35
N LYS C 990 0.20 -33.61 14.59
CA LYS C 990 0.99 -34.83 14.40
C LYS C 990 1.66 -35.26 15.69
N MET C 991 2.10 -34.30 16.51
CA MET C 991 2.68 -34.63 17.81
C MET C 991 1.64 -35.28 18.72
N SER C 992 0.40 -34.78 18.68
CA SER C 992 -0.65 -35.37 19.51
C SER C 992 -1.06 -36.75 19.01
N GLU C 993 -1.20 -36.92 17.70
CA GLU C 993 -1.80 -38.13 17.15
C GLU C 993 -0.81 -39.21 16.73
N CYS C 994 0.49 -38.94 16.76
CA CYS C 994 1.44 -39.93 16.28
C CYS C 994 2.56 -40.20 17.28
N VAL C 995 2.93 -39.19 18.06
CA VAL C 995 3.91 -39.38 19.12
C VAL C 995 3.24 -39.85 20.40
N LEU C 996 2.10 -39.26 20.75
CA LEU C 996 1.36 -39.62 21.95
C LEU C 996 0.34 -40.71 21.70
N GLY C 997 0.27 -41.24 20.49
CA GLY C 997 -0.69 -42.30 20.20
C GLY C 997 -0.36 -42.95 18.87
N GLN C 998 -1.22 -43.89 18.48
CA GLN C 998 -1.09 -44.62 17.24
C GLN C 998 -2.22 -44.20 16.30
N SER C 999 -1.86 -43.79 15.10
CA SER C 999 -2.80 -43.19 14.16
C SER C 999 -3.29 -44.22 13.16
N LYS C 1000 -4.60 -44.30 12.98
CA LYS C 1000 -5.20 -45.13 11.96
C LYS C 1000 -5.43 -44.39 10.64
N ARG C 1001 -5.14 -43.09 10.61
CA ARG C 1001 -5.31 -42.32 9.39
C ARG C 1001 -4.25 -42.69 8.37
N VAL C 1002 -4.68 -42.92 7.12
CA VAL C 1002 -3.78 -43.38 6.09
C VAL C 1002 -2.88 -42.23 5.63
N ASP C 1003 -1.57 -42.49 5.59
CA ASP C 1003 -0.54 -41.58 5.10
C ASP C 1003 -0.44 -40.29 5.93
N PHE C 1004 -1.03 -40.27 7.12
CA PHE C 1004 -0.91 -39.10 7.98
C PHE C 1004 0.45 -39.00 8.62
N CYS C 1005 1.07 -40.14 8.93
CA CYS C 1005 2.36 -40.16 9.60
C CYS C 1005 3.29 -41.19 8.94
N GLY C 1006 3.41 -41.10 7.63
CA GLY C 1006 4.33 -41.93 6.88
C GLY C 1006 3.61 -42.97 6.06
N LYS C 1007 4.30 -43.45 5.03
CA LYS C 1007 3.75 -44.49 4.17
C LYS C 1007 3.79 -45.83 4.88
N GLY C 1008 2.67 -46.55 4.84
CA GLY C 1008 2.54 -47.81 5.54
C GLY C 1008 1.73 -47.65 6.81
N TYR C 1009 1.56 -48.78 7.51
CA TYR C 1009 0.80 -48.80 8.75
C TYR C 1009 1.65 -48.22 9.87
N HIS C 1010 1.14 -47.17 10.51
CA HIS C 1010 1.93 -46.44 11.50
C HIS C 1010 2.07 -47.24 12.78
N LEU C 1011 3.30 -47.36 13.27
CA LEU C 1011 3.58 -47.98 14.56
C LEU C 1011 3.82 -46.95 15.65
N MET C 1012 4.83 -46.10 15.47
CA MET C 1012 5.15 -45.07 16.45
C MET C 1012 5.93 -43.97 15.75
N SER C 1013 6.02 -42.82 16.42
CA SER C 1013 6.76 -41.68 15.89
C SER C 1013 7.62 -41.09 17.00
N PHE C 1014 8.76 -40.53 16.60
CA PHE C 1014 9.69 -39.89 17.53
C PHE C 1014 9.98 -38.49 17.03
N PRO C 1015 9.71 -37.45 17.81
CA PRO C 1015 10.06 -36.09 17.38
C PRO C 1015 11.55 -35.82 17.55
N GLN C 1016 12.04 -34.90 16.73
CA GLN C 1016 13.41 -34.44 16.84
C GLN C 1016 13.44 -32.92 16.69
N ALA C 1017 14.15 -32.25 17.58
CA ALA C 1017 14.24 -30.80 17.52
C ALA C 1017 15.09 -30.36 16.33
N ALA C 1018 14.62 -29.34 15.64
CA ALA C 1018 15.26 -28.80 14.46
C ALA C 1018 15.29 -27.28 14.57
N PRO C 1019 16.19 -26.61 13.86
CA PRO C 1019 16.16 -25.14 13.84
C PRO C 1019 14.89 -24.62 13.20
N HIS C 1020 14.09 -23.91 14.02
CA HIS C 1020 12.80 -23.33 13.62
C HIS C 1020 11.82 -24.39 13.12
N GLY C 1021 11.89 -25.60 13.65
CA GLY C 1021 11.01 -26.64 13.18
C GLY C 1021 11.17 -27.91 13.98
N VAL C 1022 10.49 -28.96 13.50
CA VAL C 1022 10.51 -30.27 14.14
C VAL C 1022 10.65 -31.32 13.04
N VAL C 1023 11.39 -32.39 13.34
CA VAL C 1023 11.54 -33.52 12.44
C VAL C 1023 10.95 -34.75 13.12
N PHE C 1024 9.97 -35.36 12.46
CA PHE C 1024 9.31 -36.56 12.99
C PHE C 1024 9.91 -37.80 12.35
N LEU C 1025 10.32 -38.75 13.17
CA LEU C 1025 10.83 -40.04 12.69
C LEU C 1025 9.67 -41.03 12.78
N HIS C 1026 9.07 -41.33 11.64
CA HIS C 1026 7.87 -42.16 11.58
C HIS C 1026 8.26 -43.62 11.38
N VAL C 1027 8.00 -44.45 12.38
CA VAL C 1027 8.23 -45.89 12.28
C VAL C 1027 6.97 -46.54 11.75
N THR C 1028 7.06 -47.18 10.58
CA THR C 1028 5.90 -47.75 9.92
C THR C 1028 6.14 -49.21 9.59
N TYR C 1029 5.04 -49.92 9.37
CA TYR C 1029 5.05 -51.33 9.01
C TYR C 1029 4.72 -51.44 7.53
N ILE C 1030 5.64 -51.98 6.75
CA ILE C 1030 5.43 -52.16 5.31
C ILE C 1030 5.46 -53.65 4.98
N PRO C 1031 4.31 -54.26 4.69
CA PRO C 1031 4.31 -55.68 4.31
C PRO C 1031 4.97 -55.89 2.96
N SER C 1032 5.61 -57.04 2.82
CA SER C 1032 6.38 -57.34 1.62
C SER C 1032 6.36 -58.83 1.35
N GLN C 1033 6.88 -59.21 0.17
CA GLN C 1033 7.01 -60.60 -0.29
C GLN C 1033 5.64 -61.29 -0.32
N GLU C 1034 4.77 -60.76 -1.17
CA GLU C 1034 3.43 -61.33 -1.31
C GLU C 1034 3.49 -62.66 -2.08
N ARG C 1035 2.50 -63.49 -1.83
CA ARG C 1035 2.38 -64.80 -2.48
C ARG C 1035 0.95 -64.99 -2.98
N ASN C 1036 0.82 -65.52 -4.19
CA ASN C 1036 -0.50 -65.78 -4.74
C ASN C 1036 -1.17 -66.94 -4.02
N PHE C 1037 -2.46 -66.77 -3.71
CA PHE C 1037 -3.27 -67.82 -3.12
C PHE C 1037 -4.64 -67.80 -3.78
N THR C 1038 -5.27 -68.98 -3.84
CA THR C 1038 -6.64 -69.09 -4.28
C THR C 1038 -7.56 -68.86 -3.08
N THR C 1039 -8.49 -67.92 -3.21
CA THR C 1039 -9.32 -67.51 -2.09
C THR C 1039 -10.79 -67.75 -2.40
N ALA C 1040 -11.58 -67.83 -1.33
CA ALA C 1040 -13.02 -68.00 -1.42
C ALA C 1040 -13.69 -67.07 -0.41
N PRO C 1041 -14.83 -66.48 -0.76
CA PRO C 1041 -15.54 -65.64 0.22
C PRO C 1041 -16.04 -66.40 1.43
N ALA C 1042 -16.43 -67.66 1.28
CA ALA C 1042 -16.98 -68.43 2.38
C ALA C 1042 -16.80 -69.91 2.08
N ILE C 1043 -17.01 -70.74 3.11
CA ILE C 1043 -16.87 -72.18 3.01
C ILE C 1043 -18.23 -72.81 3.29
N CYS C 1044 -18.71 -73.62 2.34
CA CYS C 1044 -19.96 -74.35 2.52
C CYS C 1044 -19.66 -75.71 3.13
N HIS C 1045 -20.11 -75.92 4.36
CA HIS C 1045 -19.89 -77.16 5.08
C HIS C 1045 -21.20 -77.62 5.69
N GLU C 1046 -21.64 -78.83 5.31
CA GLU C 1046 -22.88 -79.44 5.80
C GLU C 1046 -24.10 -78.56 5.53
N GLY C 1047 -24.11 -77.92 4.36
CA GLY C 1047 -25.21 -77.05 3.99
C GLY C 1047 -25.22 -75.71 4.68
N LYS C 1048 -24.16 -75.36 5.40
CA LYS C 1048 -24.07 -74.09 6.10
C LYS C 1048 -22.89 -73.28 5.58
N ALA C 1049 -23.06 -71.96 5.52
CA ALA C 1049 -22.02 -71.06 5.04
C ALA C 1049 -21.22 -70.55 6.22
N HIS C 1050 -19.90 -70.74 6.16
CA HIS C 1050 -18.99 -70.29 7.20
C HIS C 1050 -18.18 -69.11 6.68
N PHE C 1051 -18.21 -68.01 7.41
CA PHE C 1051 -17.50 -66.80 7.05
C PHE C 1051 -16.38 -66.53 8.05
N PRO C 1052 -15.21 -66.09 7.60
CA PRO C 1052 -14.09 -65.90 8.53
C PRO C 1052 -14.32 -64.70 9.45
N ARG C 1053 -13.87 -64.86 10.69
CA ARG C 1053 -14.05 -63.78 11.67
C ARG C 1053 -13.10 -62.63 11.40
N GLU C 1054 -11.78 -62.89 11.50
CA GLU C 1054 -10.74 -61.90 11.23
C GLU C 1054 -9.74 -62.56 10.29
N GLY C 1055 -9.93 -62.37 9.00
CA GLY C 1055 -9.00 -62.88 8.02
C GLY C 1055 -9.72 -63.34 6.76
N VAL C 1056 -9.00 -64.10 5.94
CA VAL C 1056 -9.50 -64.58 4.66
C VAL C 1056 -9.23 -66.08 4.57
N PHE C 1057 -10.01 -66.73 3.72
CA PHE C 1057 -9.82 -68.15 3.41
C PHE C 1057 -8.83 -68.26 2.26
N VAL C 1058 -7.77 -69.03 2.45
CA VAL C 1058 -6.75 -69.23 1.43
C VAL C 1058 -6.56 -70.72 1.19
N SER C 1059 -6.10 -71.04 -0.01
CA SER C 1059 -5.81 -72.43 -0.40
C SER C 1059 -4.43 -72.49 -1.02
N ASN C 1060 -3.62 -73.43 -0.56
CA ASN C 1060 -2.29 -73.64 -1.10
C ASN C 1060 -2.28 -74.57 -2.30
N GLY C 1061 -3.45 -75.03 -2.75
CA GLY C 1061 -3.54 -75.91 -3.89
C GLY C 1061 -4.40 -77.12 -3.61
N THR C 1062 -4.29 -77.67 -2.40
CA THR C 1062 -5.06 -78.84 -2.01
C THR C 1062 -5.88 -78.62 -0.76
N HIS C 1063 -5.37 -77.89 0.22
CA HIS C 1063 -6.04 -77.69 1.50
C HIS C 1063 -6.40 -76.23 1.69
N TRP C 1064 -7.50 -75.99 2.39
CA TRP C 1064 -8.00 -74.65 2.65
C TRP C 1064 -7.65 -74.24 4.08
N PHE C 1065 -7.10 -73.04 4.23
CA PHE C 1065 -6.71 -72.51 5.53
C PHE C 1065 -7.34 -71.14 5.73
N ILE C 1066 -7.13 -70.58 6.92
CA ILE C 1066 -7.54 -69.23 7.25
C ILE C 1066 -6.33 -68.49 7.79
N THR C 1067 -6.13 -67.25 7.35
CA THR C 1067 -4.97 -66.47 7.74
C THR C 1067 -5.34 -65.01 7.82
N GLN C 1068 -4.53 -64.24 8.55
CA GLN C 1068 -4.72 -62.81 8.63
C GLN C 1068 -4.33 -62.15 7.29
N ARG C 1069 -4.85 -60.94 7.09
CA ARG C 1069 -4.73 -60.29 5.78
C ARG C 1069 -3.31 -59.80 5.51
N ASN C 1070 -2.65 -59.24 6.51
CA ASN C 1070 -1.36 -58.59 6.31
C ASN C 1070 -0.17 -59.49 6.59
N PHE C 1071 -0.39 -60.75 6.96
CA PHE C 1071 0.70 -61.67 7.22
C PHE C 1071 0.19 -63.09 7.00
N TYR C 1072 0.98 -63.90 6.30
CA TYR C 1072 0.57 -65.27 5.98
C TYR C 1072 0.86 -66.16 7.18
N GLU C 1073 -0.17 -66.48 7.94
CA GLU C 1073 -0.10 -67.42 9.06
C GLU C 1073 -1.25 -68.39 8.89
N PRO C 1074 -1.09 -69.45 8.09
CA PRO C 1074 -2.21 -70.35 7.80
C PRO C 1074 -2.63 -71.15 9.04
N GLN C 1075 -3.94 -71.22 9.25
CA GLN C 1075 -4.52 -71.92 10.39
C GLN C 1075 -5.57 -72.89 9.90
N ILE C 1076 -5.83 -73.92 10.72
CA ILE C 1076 -6.87 -74.89 10.40
C ILE C 1076 -8.23 -74.23 10.57
N ILE C 1077 -9.08 -74.38 9.56
CA ILE C 1077 -10.41 -73.79 9.57
C ILE C 1077 -11.27 -74.54 10.58
N THR C 1078 -11.51 -73.93 11.74
CA THR C 1078 -12.30 -74.52 12.80
C THR C 1078 -13.56 -73.68 13.03
N THR C 1079 -14.40 -74.13 13.97
CA THR C 1079 -15.61 -73.41 14.32
C THR C 1079 -15.33 -72.16 15.14
N ASP C 1080 -14.16 -72.07 15.78
CA ASP C 1080 -13.79 -70.88 16.52
C ASP C 1080 -13.18 -69.80 15.63
N ASN C 1081 -12.75 -70.15 14.42
CA ASN C 1081 -12.22 -69.18 13.48
C ASN C 1081 -13.30 -68.55 12.61
N THR C 1082 -14.40 -69.27 12.38
CA THR C 1082 -15.46 -68.82 11.50
C THR C 1082 -16.76 -68.67 12.26
N PHE C 1083 -17.76 -68.09 11.58
CA PHE C 1083 -19.11 -68.02 12.11
C PHE C 1083 -20.09 -68.40 11.01
N VAL C 1084 -21.26 -68.90 11.43
CA VAL C 1084 -22.27 -69.42 10.52
C VAL C 1084 -23.38 -68.38 10.37
N SER C 1085 -23.79 -68.13 9.13
CA SER C 1085 -24.87 -67.20 8.86
C SER C 1085 -26.09 -67.88 8.26
N GLY C 1086 -25.93 -68.60 7.15
CA GLY C 1086 -27.06 -69.24 6.50
C GLY C 1086 -26.66 -70.45 5.67
N THR C 1087 -27.34 -70.66 4.56
CA THR C 1087 -27.08 -71.79 3.67
C THR C 1087 -26.13 -71.36 2.56
N CYS C 1088 -25.44 -72.35 2.00
CA CYS C 1088 -24.43 -72.09 0.96
C CYS C 1088 -25.07 -72.16 -0.44
N ASP C 1089 -25.98 -71.23 -0.68
CA ASP C 1089 -26.60 -71.08 -1.99
C ASP C 1089 -26.70 -69.65 -2.49
N VAL C 1090 -26.60 -68.64 -1.62
CA VAL C 1090 -26.78 -67.25 -2.02
C VAL C 1090 -25.41 -66.59 -2.18
N VAL C 1091 -24.39 -67.20 -1.57
CA VAL C 1091 -23.04 -66.64 -1.62
C VAL C 1091 -22.41 -66.99 -2.97
N ILE C 1092 -21.99 -65.96 -3.70
CA ILE C 1092 -21.38 -66.16 -5.01
C ILE C 1092 -19.92 -66.56 -4.83
N GLY C 1093 -19.54 -67.68 -5.42
CA GLY C 1093 -18.17 -68.15 -5.33
C GLY C 1093 -17.84 -68.98 -4.11
N ILE C 1094 -18.84 -69.56 -3.45
CA ILE C 1094 -18.57 -70.37 -2.26
C ILE C 1094 -17.87 -71.67 -2.66
N VAL C 1095 -17.13 -72.24 -1.72
CA VAL C 1095 -16.30 -73.41 -1.97
C VAL C 1095 -16.61 -74.45 -0.90
N ASN C 1096 -16.92 -75.67 -1.33
CA ASN C 1096 -17.21 -76.75 -0.40
C ASN C 1096 -15.92 -77.24 0.27
N ASN C 1097 -15.94 -77.31 1.59
CA ASN C 1097 -14.81 -77.82 2.36
C ASN C 1097 -15.34 -78.27 3.72
N THR C 1098 -14.43 -78.71 4.58
CA THR C 1098 -14.76 -79.21 5.91
C THR C 1098 -14.31 -78.22 6.96
N VAL C 1099 -15.11 -78.06 8.00
CA VAL C 1099 -14.81 -77.18 9.13
C VAL C 1099 -14.57 -78.05 10.35
N TYR C 1100 -13.39 -77.92 10.94
CA TYR C 1100 -13.03 -78.75 12.09
C TYR C 1100 -13.82 -78.33 13.33
N ASP C 1101 -14.13 -79.32 14.16
CA ASP C 1101 -14.86 -79.09 15.40
C ASP C 1101 -14.11 -79.74 16.55
N PRO C 1102 -13.56 -78.96 17.49
CA PRO C 1102 -12.85 -79.53 18.65
C PRO C 1102 -13.80 -80.18 19.64
C1 NAG D . -25.14 37.64 -15.35
C2 NAG D . -24.33 38.17 -14.16
C3 NAG D . -25.21 38.35 -12.92
C4 NAG D . -26.50 39.11 -13.22
C5 NAG D . -27.19 38.46 -14.44
C6 NAG D . -28.45 39.17 -14.88
C7 NAG D . -21.93 37.52 -14.11
C8 NAG D . -21.60 38.83 -14.80
N2 NAG D . -23.23 37.29 -13.85
O3 NAG D . -24.41 39.00 -11.97
O4 NAG D . -27.34 39.01 -12.08
O5 NAG D . -26.29 38.44 -15.52
O6 NAG D . -28.13 40.46 -15.32
O7 NAG D . -21.04 36.73 -13.81
C1 NAG D . -27.35 40.23 -11.33
C2 NAG D . -28.73 40.38 -10.66
C3 NAG D . -28.73 41.56 -9.69
C4 NAG D . -27.55 41.51 -8.71
C5 NAG D . -26.26 41.36 -9.52
C6 NAG D . -25.00 41.20 -8.68
C7 NAG D . -30.68 39.61 -11.95
C8 NAG D . -31.66 40.01 -13.02
N2 NAG D . -29.75 40.55 -11.65
O3 NAG D . -29.96 41.57 -9.02
O4 NAG D . -27.61 42.70 -7.97
O5 NAG D . -26.35 40.20 -10.33
O6 NAG D . -24.74 42.37 -7.96
O7 NAG D . -30.74 38.52 -11.39
C1 BMA D . -27.73 42.43 -6.55
C2 BMA D . -27.18 43.66 -5.83
C3 BMA D . -27.21 43.44 -4.30
C4 BMA D . -28.36 42.53 -3.78
C5 BMA D . -29.47 42.24 -4.80
C6 BMA D . -30.68 43.17 -4.67
O2 BMA D . -27.91 44.79 -6.24
O3 BMA D . -27.19 44.72 -3.71
O4 BMA D . -27.72 41.32 -3.40
O5 BMA D . -29.07 42.20 -6.16
O6 BMA D . -30.55 44.16 -5.66
C1 MAN D . -25.85 44.98 -3.24
C2 MAN D . -25.92 45.84 -1.98
C3 MAN D . -26.42 47.24 -2.32
C4 MAN D . -25.63 47.88 -3.45
C5 MAN D . -25.60 46.92 -4.65
C6 MAN D . -24.70 47.41 -5.76
O2 MAN D . -24.64 45.87 -1.43
O3 MAN D . -26.34 48.02 -1.14
O4 MAN D . -26.26 49.09 -3.78
O5 MAN D . -25.10 45.66 -4.23
O6 MAN D . -24.32 46.33 -6.57
C1 NAG E . -12.83 55.46 -5.07
C2 NAG E . -13.36 56.89 -5.04
C3 NAG E . -13.69 57.26 -3.59
C4 NAG E . -14.65 56.25 -2.97
C5 NAG E . -14.04 54.84 -3.14
C6 NAG E . -14.92 53.72 -2.60
C7 NAG E . -12.54 58.44 -6.81
C8 NAG E . -13.78 58.13 -7.61
N2 NAG E . -12.42 57.82 -5.62
O3 NAG E . -14.23 58.57 -3.61
O4 NAG E . -14.80 56.58 -1.61
O5 NAG E . -13.79 54.59 -4.51
O6 NAG E . -16.15 53.70 -3.28
O7 NAG E . -11.69 59.21 -7.23
C1 NAG E . -16.12 57.09 -1.38
C2 NAG E . -16.43 56.98 0.13
C3 NAG E . -17.77 57.63 0.45
C4 NAG E . -17.86 59.04 -0.12
C5 NAG E . -17.51 59.01 -1.61
C6 NAG E . -17.53 60.37 -2.28
C7 NAG E . -15.35 54.98 1.07
C8 NAG E . -15.57 53.54 1.43
N2 NAG E . -16.41 55.61 0.54
O3 NAG E . -17.93 57.61 1.84
O4 NAG E . -19.16 59.51 0.11
O5 NAG E . -16.23 58.44 -1.77
O6 NAG E . -17.08 60.25 -3.60
O7 NAG E . -14.26 55.52 1.23
C1 NAG F . -22.31 -49.58 -17.24
C2 NAG F . -22.85 -50.79 -18.03
C3 NAG F . -22.93 -50.41 -19.50
C4 NAG F . -23.62 -49.08 -19.76
C5 NAG F . -23.08 -48.00 -18.81
C6 NAG F . -23.82 -46.68 -18.84
C7 NAG F . -22.40 -53.17 -17.57
C8 NAG F . -21.31 -54.21 -17.51
N2 NAG F . -21.99 -51.94 -17.90
O3 NAG F . -23.58 -51.46 -20.17
O4 NAG F . -23.32 -48.76 -21.09
O5 NAG F . -23.15 -48.49 -17.48
O6 NAG F . -25.15 -46.87 -18.41
O7 NAG F . -23.57 -53.46 -17.34
C1 NAG F . -24.53 -48.63 -21.87
C2 NAG F . -24.13 -48.09 -23.25
C3 NAG F . -25.37 -48.00 -24.14
C4 NAG F . -26.13 -49.32 -24.17
C5 NAG F . -26.41 -49.78 -22.73
C6 NAG F . -27.11 -51.12 -22.64
C7 NAG F . -22.15 -46.63 -23.09
C8 NAG F . -21.70 -45.19 -22.94
N2 NAG F . -23.49 -46.81 -23.11
O3 NAG F . -24.95 -47.60 -25.42
O4 NAG F . -27.32 -49.11 -24.89
O5 NAG F . -25.18 -49.87 -22.04
O6 NAG F . -26.32 -52.11 -23.25
O7 NAG F . -21.35 -47.55 -23.17
C1 NAG G . 20.35 38.49 19.78
C2 NAG G . 21.14 38.27 18.48
C3 NAG G . 22.51 37.64 18.75
C4 NAG G . 23.27 38.37 19.85
C5 NAG G . 22.35 38.53 21.07
C6 NAG G . 22.97 39.28 22.22
C7 NAG G . 19.75 37.82 16.44
C8 NAG G . 19.82 39.29 16.12
N2 NAG G . 20.39 37.43 17.56
O3 NAG G . 23.20 37.64 17.53
O4 NAG G . 24.39 37.59 20.20
O5 NAG G . 21.16 39.19 20.69
O6 NAG G . 23.24 40.60 21.81
O7 NAG G . 19.15 37.06 15.71
C1 NAG G . 25.61 38.15 19.66
C2 NAG G . 26.77 37.79 20.60
C3 NAG G . 28.11 38.18 19.98
C4 NAG G . 28.26 37.68 18.55
C5 NAG G . 27.03 38.11 17.75
C6 NAG G . 27.00 37.64 16.30
C7 NAG G . 26.24 37.80 23.01
C8 NAG G . 26.12 38.68 24.23
N2 NAG G . 26.59 38.44 21.87
O3 NAG G . 29.13 37.70 20.82
O4 NAG G . 29.47 38.22 18.06
O5 NAG G . 25.86 37.63 18.37
O6 NAG G . 27.10 36.23 16.27
O7 NAG G . 26.03 36.60 23.06
C1 BMA G . 30.37 37.19 17.62
C2 BMA G . 31.32 37.83 16.61
C3 BMA G . 32.31 36.78 16.06
C4 BMA G . 32.64 35.60 17.00
C5 BMA G . 32.26 35.82 18.48
C6 BMA G . 33.41 36.40 19.30
O2 BMA G . 31.95 38.90 17.25
O3 BMA G . 33.45 37.50 15.65
O4 BMA G . 31.95 34.49 16.48
O5 BMA G . 31.10 36.62 18.69
O6 BMA G . 32.91 37.50 20.03
C1 MAN G . 33.50 37.50 14.20
C2 MAN G . 34.96 37.69 13.77
C3 MAN G . 35.43 39.11 14.09
C4 MAN G . 34.49 40.16 13.52
C5 MAN G . 33.06 39.87 14.00
C6 MAN G . 32.05 40.78 13.35
O2 MAN G . 35.01 37.43 12.39
O3 MAN G . 36.74 39.25 13.58
O4 MAN G . 34.94 41.42 13.97
O5 MAN G . 32.70 38.53 13.67
O6 MAN G . 30.75 40.31 13.65
C1 NAG H . 31.91 47.34 0.82
C2 NAG H . 32.98 48.43 0.96
C3 NAG H . 34.35 47.84 0.63
C4 NAG H . 34.63 46.59 1.46
C5 NAG H . 33.45 45.61 1.35
C6 NAG H . 33.58 44.36 2.20
C7 NAG H . 32.23 50.77 0.50
C8 NAG H . 32.03 50.97 1.99
N2 NAG H . 32.68 49.55 0.11
O3 NAG H . 35.30 48.85 0.84
O4 NAG H . 35.82 46.03 0.96
O5 NAG H . 32.24 46.28 1.70
O6 NAG H . 33.73 44.72 3.55
O7 NAG H . 32.00 51.67 -0.28
C1 NAG H . 36.87 46.13 1.95
C2 NAG H . 38.03 45.23 1.49
C3 NAG H . 39.21 45.38 2.44
C4 NAG H . 39.59 46.86 2.61
C5 NAG H . 38.34 47.65 3.02
C6 NAG H . 38.60 49.14 3.17
C7 NAG H . 37.17 43.26 0.29
C8 NAG H . 36.78 41.82 0.46
N2 NAG H . 37.60 43.86 1.42
O3 NAG H . 40.28 44.62 1.93
O4 NAG H . 40.61 46.92 3.59
O5 NAG H . 37.33 47.46 2.05
O6 NAG H . 39.05 49.67 1.95
O7 NAG H . 37.10 43.82 -0.78
C1 NAG I . -29.45 -30.83 37.78
C2 NAG I . -30.45 -31.35 38.82
C3 NAG I . -31.28 -30.17 39.32
C4 NAG I . -30.44 -28.97 39.75
C5 NAG I . -29.36 -28.67 38.71
C6 NAG I . -28.34 -27.63 39.13
C7 NAG I . -31.62 -33.54 38.81
C8 NAG I . -32.60 -34.38 38.03
N2 NAG I . -31.35 -32.33 38.27
O3 NAG I . -32.08 -30.64 40.38
O4 NAG I . -31.35 -27.90 39.85
O5 NAG I . -28.66 -29.85 38.40
O6 NAG I . -27.59 -28.12 40.22
O7 NAG I . -31.12 -33.94 39.85
C1 NAG I . -31.39 -27.38 41.19
C2 NAG I . -32.31 -26.15 41.17
C3 NAG I . -32.44 -25.59 42.58
C4 NAG I . -32.84 -26.68 43.58
C5 NAG I . -31.88 -27.87 43.45
C6 NAG I . -32.22 -29.04 44.36
C7 NAG I . -32.27 -25.01 38.99
C8 NAG I . -31.61 -23.91 38.21
N2 NAG I . -31.83 -25.17 40.25
O3 NAG I . -33.37 -24.54 42.55
O4 NAG I . -32.79 -26.11 44.87
O5 NAG I . -31.88 -28.32 42.11
O6 NAG I . -33.52 -29.48 44.06
O7 NAG I . -33.14 -25.71 38.50
C1 NAG J . 26.16 20.44 -34.36
C2 NAG J . 24.79 21.10 -34.57
C3 NAG J . 24.04 20.44 -35.72
C4 NAG J . 24.88 20.35 -36.99
C5 NAG J . 26.23 19.71 -36.64
C6 NAG J . 27.20 19.63 -37.80
C7 NAG J . 23.71 22.09 -32.58
C8 NAG J . 22.86 21.79 -31.37
N2 NAG J . 24.00 21.03 -33.36
O3 NAG J . 22.86 21.19 -35.91
O4 NAG J . 24.19 19.55 -37.92
O5 NAG J . 26.85 20.44 -35.59
O6 NAG J . 27.52 20.93 -38.23
O7 NAG J . 24.09 23.22 -32.83
C1 NAG J . 23.59 20.35 -38.95
C2 NAG J . 23.58 19.56 -40.27
C3 NAG J . 22.78 20.29 -41.33
C4 NAG J . 21.40 20.71 -40.84
C5 NAG J . 21.57 21.49 -39.52
C6 NAG J . 20.27 21.92 -38.86
C7 NAG J . 25.51 18.12 -40.78
C8 NAG J . 26.92 18.11 -41.29
N2 NAG J . 24.92 19.32 -40.72
O3 NAG J . 22.69 19.46 -42.46
O4 NAG J . 20.83 21.49 -41.86
O5 NAG J . 22.26 20.68 -38.59
O6 NAG J . 19.46 20.80 -38.63
O7 NAG J . 24.95 17.08 -40.44
C1 BMA J . 19.57 20.94 -42.29
C2 BMA J . 18.83 22.07 -43.01
C3 BMA J . 17.43 21.58 -43.48
C4 BMA J . 17.34 20.07 -43.84
C5 BMA J . 18.69 19.34 -43.99
C6 BMA J . 19.18 19.23 -45.43
O2 BMA J . 19.63 22.53 -44.06
O3 BMA J . 17.03 22.45 -44.51
O4 BMA J . 16.58 19.49 -42.82
O5 BMA J . 19.75 19.84 -43.17
O6 BMA J . 19.67 20.49 -45.83
C1 MAN J . 15.97 23.28 -44.01
C2 MAN J . 15.12 23.75 -45.21
C3 MAN J . 15.91 24.74 -46.08
C4 MAN J . 16.47 25.88 -45.24
C5 MAN J . 17.28 25.32 -44.07
C6 MAN J . 17.73 26.40 -43.11
O2 MAN J . 13.96 24.34 -44.67
O3 MAN J . 15.05 25.19 -47.08
O4 MAN J . 17.28 26.66 -46.10
O5 MAN J . 16.48 24.41 -43.33
O6 MAN J . 18.26 25.80 -41.95
C1 NAG K . 12.33 39.09 -39.83
C2 NAG K . 12.59 39.93 -41.08
C3 NAG K . 11.44 39.72 -42.08
C4 NAG K . 11.21 38.24 -42.36
C5 NAG K . 11.06 37.49 -41.03
C6 NAG K . 10.89 35.99 -41.16
C7 NAG K . 13.89 42.04 -40.78
C8 NAG K . 15.13 41.29 -41.19
N2 NAG K . 12.74 41.32 -40.75
O3 NAG K . 11.76 40.45 -43.23
O4 NAG K . 10.04 38.15 -43.14
O5 NAG K . 12.19 37.74 -40.21
O6 NAG K . 12.02 35.44 -41.80
O7 NAG K . 13.94 43.22 -40.47
C1 NAG K . 10.37 37.72 -44.48
C2 NAG K . 9.09 37.20 -45.13
C3 NAG K . 9.35 36.82 -46.58
C4 NAG K . 10.02 37.98 -47.33
C5 NAG K . 11.27 38.43 -46.56
C6 NAG K . 11.99 39.60 -47.20
C7 NAG K . 7.62 36.16 -43.45
C8 NAG K . 7.22 34.85 -42.83
N2 NAG K . 8.56 36.07 -44.40
O3 NAG K . 8.13 36.46 -47.17
O4 NAG K . 10.34 37.51 -48.63
O5 NAG K . 10.89 38.78 -45.24
O6 NAG K . 13.04 40.02 -46.36
O7 NAG K . 7.11 37.21 -43.11
C1 NAG L . 23.10 -48.42 19.76
C2 NAG L . 24.04 -49.43 20.45
C3 NAG L . 25.39 -48.78 20.72
C4 NAG L . 25.97 -48.07 19.50
C5 NAG L . 24.91 -47.16 18.88
C6 NAG L . 25.30 -46.48 17.58
C7 NAG L . 23.32 -51.19 22.06
C8 NAG L . 23.81 -52.25 21.10
N2 NAG L . 23.46 -49.91 21.68
O3 NAG L . 26.26 -49.78 21.20
O4 NAG L . 27.07 -47.33 19.99
O5 NAG L . 23.75 -47.92 18.62
O6 NAG L . 25.55 -47.47 16.60
O7 NAG L . 22.81 -51.52 23.13
C1 NAG L . 28.28 -47.69 19.28
C2 NAG L . 29.37 -46.68 19.68
C3 NAG L . 30.68 -47.03 19.00
C4 NAG L . 31.05 -48.49 19.24
C5 NAG L . 29.86 -49.39 18.88
C6 NAG L . 30.10 -50.87 19.13
C7 NAG L . 28.43 -44.47 20.24
C8 NAG L . 28.07 -43.12 19.67
N2 NAG L . 28.95 -45.34 19.36
O3 NAG L . 31.67 -46.15 19.46
O4 NAG L . 32.18 -48.78 18.45
O5 NAG L . 28.73 -48.99 19.61
O6 NAG L . 30.40 -51.06 20.50
O7 NAG L . 28.26 -44.72 21.42
C1 NAG M . -44.02 18.63 -13.30
C2 NAG M . -45.02 19.51 -12.50
C3 NAG M . -45.69 18.74 -11.37
C4 NAG M . -46.34 17.49 -11.94
C5 NAG M . -45.26 16.68 -12.67
C6 NAG M . -45.78 15.36 -13.20
C7 NAG M . -44.76 21.95 -12.44
C8 NAG M . -43.97 23.09 -11.85
N2 NAG M . -44.39 20.72 -12.04
O3 NAG M . -46.65 19.61 -10.79
O4 NAG M . -46.90 16.78 -10.86
O5 NAG M . -44.70 17.47 -13.74
O6 NAG M . -46.35 14.61 -12.14
O7 NAG M . -45.67 22.14 -13.22
C1 NAG N . -26.00 41.36 14.87
C2 NAG N . -27.23 40.44 14.89
C3 NAG N . -27.81 40.41 16.31
C4 NAG N . -26.74 40.02 17.32
C5 NAG N . -25.50 40.90 17.14
C6 NAG N . -24.33 40.52 18.04
C7 NAG N . -28.93 41.96 13.79
C8 NAG N . -29.88 41.98 12.61
N2 NAG N . -28.22 40.81 13.90
O3 NAG N . -28.89 39.52 16.32
O4 NAG N . -27.30 40.18 18.60
O5 NAG N . -25.06 40.83 15.79
O6 NAG N . -23.24 41.35 17.77
O7 NAG N . -28.84 42.93 14.52
C1 NAG O . -37.05 3.43 17.76
C2 NAG O . -37.63 4.30 18.89
C3 NAG O . -37.08 3.81 20.23
C4 NAG O . -37.32 2.31 20.41
C5 NAG O . -36.79 1.55 19.18
C6 NAG O . -37.05 0.07 19.22
C7 NAG O . -38.28 6.63 18.42
C8 NAG O . -37.75 8.03 18.23
N2 NAG O . -37.34 5.69 18.68
O3 NAG O . -37.68 4.56 21.25
O4 NAG O . -36.66 1.92 21.60
O5 NAG O . -37.38 2.08 18.01
O6 NAG O . -36.68 -0.52 17.99
O7 NAG O . -39.47 6.38 18.34
C1 NAG P . -49.02 -13.59 11.24
C2 NAG P . -50.14 -12.70 10.68
C3 NAG P . -50.48 -11.60 11.68
C4 NAG P . -50.79 -12.20 13.07
C5 NAG P . -49.63 -13.11 13.49
C6 NAG P . -49.87 -13.81 14.81
C7 NAG P . -50.25 -12.54 8.22
C8 NAG P . -49.70 -11.80 7.02
N2 NAG P . -49.76 -12.14 9.41
O3 NAG P . -51.57 -10.88 11.17
O4 NAG P . -50.94 -11.12 13.95
O5 NAG P . -49.43 -14.10 12.50
O6 NAG P . -48.82 -14.72 15.06
O7 NAG P . -51.09 -13.42 8.11
C1 NAG Q . -38.12 -46.55 32.68
C2 NAG Q . -37.90 -47.13 34.07
C3 NAG Q . -39.24 -47.38 34.76
C4 NAG Q . -40.13 -46.14 34.72
C5 NAG Q . -40.24 -45.65 33.27
C6 NAG Q . -41.07 -44.40 33.10
C7 NAG Q . -35.81 -48.42 34.26
C8 NAG Q . -35.22 -49.80 34.11
N2 NAG Q . -37.13 -48.34 34.00
O3 NAG Q . -38.99 -47.79 36.08
O4 NAG Q . -41.39 -46.50 35.24
O5 NAG Q . -38.94 -45.40 32.77
O6 NAG Q . -41.09 -44.02 31.74
O7 NAG Q . -35.13 -47.47 34.60
C1 NAG R . -41.50 -46.31 17.67
C2 NAG R . -42.08 -45.89 16.30
C3 NAG R . -42.46 -44.41 16.32
C4 NAG R . -43.33 -44.06 17.53
C5 NAG R . -42.59 -44.51 18.80
C6 NAG R . -43.35 -44.23 20.07
C7 NAG R . -41.37 -47.02 14.24
C8 NAG R . -40.25 -47.13 13.23
N2 NAG R . -41.15 -46.15 15.25
O3 NAG R . -43.10 -44.12 15.11
O4 NAG R . -43.55 -42.67 17.51
O5 NAG R . -42.35 -45.90 18.71
O6 NAG R . -44.55 -44.98 20.09
O7 NAG R . -42.40 -47.66 14.11
C1 NAG S . -40.68 -63.67 17.96
C2 NAG S . -42.13 -63.99 17.58
C3 NAG S . -42.43 -65.46 17.81
C4 NAG S . -41.39 -66.36 17.13
C5 NAG S . -39.99 -65.92 17.57
C6 NAG S . -38.87 -66.71 16.93
C7 NAG S . -43.75 -62.15 17.79
C8 NAG S . -44.65 -61.42 18.76
N2 NAG S . -43.04 -63.17 18.32
O3 NAG S . -43.73 -65.73 17.35
O4 NAG S . -41.66 -67.68 17.49
O5 NAG S . -39.82 -64.54 17.26
O6 NAG S . -38.96 -66.59 15.52
O7 NAG S . -43.68 -61.82 16.62
C1 NAG T . -20.71 50.88 -28.40
C2 NAG T . -19.24 51.30 -28.55
C3 NAG T . -19.07 52.78 -28.21
C4 NAG T . -20.04 53.62 -29.01
C5 NAG T . -21.46 53.10 -28.82
C6 NAG T . -22.47 53.87 -29.63
C7 NAG T . -17.71 49.42 -28.23
C8 NAG T . -16.91 48.66 -27.22
N2 NAG T . -18.41 50.46 -27.74
O3 NAG T . -17.74 53.14 -28.50
O4 NAG T . -19.89 54.95 -28.58
O5 NAG T . -21.52 51.73 -29.20
O6 NAG T . -22.32 53.49 -30.98
O7 NAG T . -17.71 49.12 -29.41
C1 NAG U . -21.12 -1.21 -36.15
C2 NAG U . -22.47 -1.91 -36.06
C3 NAG U . -22.62 -2.92 -37.20
C4 NAG U . -22.32 -2.27 -38.55
C5 NAG U . -20.94 -1.60 -38.50
C6 NAG U . -20.55 -0.89 -39.78
C7 NAG U . -23.59 -2.27 -33.90
C8 NAG U . -23.57 -3.12 -32.64
N2 NAG U . -22.64 -2.58 -34.79
O3 NAG U . -23.93 -3.43 -37.15
O4 NAG U . -22.37 -3.28 -39.53
O5 NAG U . -20.95 -0.66 -37.44
O6 NAG U . -21.53 0.06 -40.11
O7 NAG U . -24.41 -1.39 -34.05
CHA BLA V . -29.45 18.91 -41.52
NA BLA V . -28.78 20.27 -39.61
C1A BLA V . -28.59 19.22 -40.48
C2A BLA V . -27.39 18.56 -40.09
C3A BLA V . -26.89 19.21 -38.99
C4A BLA V . -27.76 20.30 -38.69
CMA BLA V . -25.64 18.87 -38.25
CAA BLA V . -26.82 17.34 -40.77
CBA BLA V . -25.88 17.70 -41.91
CGA BLA V . -25.57 16.54 -42.84
O1A BLA V . -24.81 16.73 -43.80
O2A BLA V . -26.12 15.44 -42.60
CHB BLA V . -27.69 21.25 -37.69
NB BLA V . -29.18 22.89 -38.72
C1B BLA V . -28.48 22.35 -37.66
C2B BLA V . -28.72 23.14 -36.50
C3B BLA V . -29.60 24.18 -36.85
C4B BLA V . -29.91 23.98 -38.28
CMB BLA V . -28.15 22.92 -35.13
OB BLA V . -30.67 24.62 -38.99
CAB BLA V . -30.07 25.20 -36.03
CBB BLA V . -30.75 26.24 -36.41
NC BLA V . -32.05 21.43 -38.37
C1C BLA V . -32.35 21.89 -37.10
C2C BLA V . -33.25 23.04 -37.26
C3C BLA V . -33.60 23.06 -38.62
C4C BLA V . -32.96 21.98 -39.28
CMC BLA V . -33.72 23.99 -36.21
OC BLA V . -31.94 21.42 -36.08
CAC BLA V . -34.46 23.98 -39.21
CBC BLA V . -34.29 25.27 -39.24
CHD BLA V . -33.17 21.58 -40.55
ND BLA V . -31.50 19.84 -40.62
C1D BLA V . -32.46 20.61 -41.20
C2D BLA V . -32.59 20.23 -42.59
C3D BLA V . -31.44 19.57 -42.91
C4D BLA V . -30.74 19.39 -41.66
CMD BLA V . -33.75 20.51 -43.50
CAD BLA V . -30.94 19.14 -44.26
CBD BLA V . -30.03 20.17 -44.91
CGD BLA V . -29.05 19.58 -45.91
O1D BLA V . -29.52 18.99 -46.91
O2D BLA V . -27.83 19.73 -45.71
C1 NAG W . -23.44 39.77 -40.35
C2 NAG W . -24.18 41.11 -40.38
C3 NAG W . -25.09 41.19 -41.61
C4 NAG W . -24.35 40.84 -42.89
C5 NAG W . -23.69 39.46 -42.71
C6 NAG W . -22.90 39.00 -43.91
C7 NAG W . -24.81 42.25 -38.26
C8 NAG W . -23.66 43.21 -38.46
N2 NAG W . -24.98 41.31 -39.20
O3 NAG W . -25.64 42.48 -41.67
O4 NAG W . -25.28 40.84 -43.94
O5 NAG W . -22.83 39.53 -41.60
O6 NAG W . -21.85 39.90 -44.15
O7 NAG W . -25.54 42.35 -37.29
C1 NAG X . -4.39 60.05 0.12
C2 NAG X . -4.91 61.18 -0.79
C3 NAG X . -5.08 62.48 0.00
C4 NAG X . -5.92 62.25 1.26
C5 NAG X . -5.37 61.04 2.03
C6 NAG X . -6.16 60.68 3.26
C7 NAG X . -2.82 61.76 -2.09
C8 NAG X . -2.33 61.85 -3.51
N2 NAG X . -4.11 61.37 -1.99
O3 NAG X . -5.66 63.43 -0.85
O4 NAG X . -5.85 63.43 2.03
O5 NAG X . -5.35 59.93 1.15
O6 NAG X . -6.03 61.70 4.23
O7 NAG X . -2.08 62.02 -1.16
C1 NAG Y . -32.60 51.30 -26.90
C2 NAG Y . -32.88 52.27 -28.06
C3 NAG Y . -33.88 53.36 -27.64
C4 NAG Y . -35.12 52.76 -26.98
C5 NAG Y . -34.68 51.82 -25.85
C6 NAG Y . -35.82 51.16 -25.11
C7 NAG Y . -30.99 52.54 -29.67
C8 NAG Y . -31.62 51.48 -30.56
N2 NAG Y . -31.66 52.84 -28.53
O3 NAG Y . -34.20 54.10 -28.78
O4 NAG Y . -35.89 53.83 -26.50
O5 NAG Y . -33.83 50.81 -26.39
O6 NAG Y . -35.31 50.34 -24.10
O7 NAG Y . -29.94 53.08 -30.00
C1 NAG Z . -43.94 43.45 -36.07
C2 NAG Z . -42.70 44.32 -35.79
C3 NAG Z . -41.97 44.65 -37.08
C4 NAG Z . -41.75 43.41 -37.96
C5 NAG Z . -43.07 42.66 -38.11
C6 NAG Z . -43.00 41.40 -38.93
C7 NAG Z . -42.29 46.17 -34.20
C8 NAG Z . -42.90 47.41 -33.59
N2 NAG Z . -43.07 45.51 -35.08
O3 NAG Z . -40.75 45.28 -36.77
O4 NAG Z . -41.24 43.85 -39.20
O5 NAG Z . -43.53 42.32 -36.81
O6 NAG Z . -43.52 40.32 -38.19
O7 NAG Z . -41.16 45.81 -33.91
C1 NAG AA . -34.49 -52.45 0.85
C2 NAG AA . -35.47 -53.63 0.74
C3 NAG AA . -35.52 -54.12 -0.71
C4 NAG AA . -35.82 -52.97 -1.67
C5 NAG AA . -34.81 -51.84 -1.43
C6 NAG AA . -35.05 -50.62 -2.29
C7 NAG AA . -35.81 -55.09 2.68
C8 NAG AA . -35.23 -56.24 3.47
N2 NAG AA . -35.09 -54.70 1.62
O3 NAG AA . -36.48 -55.13 -0.79
O4 NAG AA . -35.74 -53.48 -2.97
O5 NAG AA . -34.88 -51.44 -0.07
O6 NAG AA . -36.33 -50.11 -2.04
O7 NAG AA . -36.87 -54.57 3.00
C1 NAG BA . 19.69 20.04 40.26
C2 NAG BA . 20.99 19.57 40.93
C3 NAG BA . 21.34 18.17 40.43
C4 NAG BA . 20.16 17.21 40.56
C5 NAG BA . 18.91 17.84 39.93
C6 NAG BA . 17.65 17.00 40.05
C7 NAG BA . 22.47 21.45 41.52
C8 NAG BA . 23.61 22.31 41.03
N2 NAG BA . 22.05 20.49 40.66
O3 NAG BA . 22.46 17.72 41.15
O4 NAG BA . 20.51 16.01 39.93
O5 NAG BA . 18.68 19.10 40.54
O6 NAG BA . 17.73 15.89 39.20
O7 NAG BA . 21.98 21.62 42.63
C1 NAG CA . 44.51 23.79 8.45
C2 NAG CA . 44.50 22.97 9.75
C3 NAG CA . 45.72 22.05 9.76
C4 NAG CA . 45.77 21.19 8.50
C5 NAG CA . 45.65 22.09 7.26
C6 NAG CA . 45.56 21.31 5.96
C7 NAG CA . 45.28 24.73 11.39
C8 NAG CA . 44.85 25.39 12.68
N2 NAG CA . 44.42 23.80 10.95
O3 NAG CA . 45.66 21.27 10.92
O4 NAG CA . 47.00 20.51 8.51
O5 NAG CA . 44.49 22.90 7.37
O6 NAG CA . 45.29 22.19 4.89
O7 NAG CA . 46.32 25.06 10.86
C1 NAG DA . 30.77 -9.06 25.92
C2 NAG DA . 32.31 -9.04 25.83
C3 NAG DA . 32.76 -10.21 24.95
C4 NAG DA . 32.19 -11.53 25.46
C5 NAG DA . 30.67 -11.41 25.61
C6 NAG DA . 30.00 -12.64 26.18
C7 NAG DA . 33.51 -6.91 26.02
C8 NAG DA . 33.89 -5.65 25.28
N2 NAG DA . 32.77 -7.79 25.31
O3 NAG DA . 34.16 -10.21 24.94
O4 NAG DA . 32.54 -12.53 24.52
O5 NAG DA . 30.36 -10.30 26.45
O6 NAG DA . 28.64 -12.37 26.44
O7 NAG DA . 33.86 -7.10 27.18
C1 NAG EA . 22.07 -19.47 42.96
C2 NAG EA . 22.62 -18.46 43.99
C3 NAG EA . 24.09 -18.18 43.67
C4 NAG EA . 24.89 -19.47 43.57
C5 NAG EA . 24.21 -20.43 42.58
C6 NAG EA . 24.89 -21.77 42.45
C7 NAG EA . 20.99 -16.90 44.96
C8 NAG EA . 20.28 -15.58 44.75
N2 NAG EA . 21.84 -17.25 43.99
O3 NAG EA . 24.59 -17.33 44.68
O4 NAG EA . 26.19 -19.13 43.14
O5 NAG EA . 22.86 -20.63 43.00
O6 NAG EA . 24.11 -22.61 41.64
O7 NAG EA . 20.79 -17.57 45.96
C1 NAG FA . 14.87 -58.29 32.69
C2 NAG FA . 15.49 -59.57 32.09
C3 NAG FA . 16.42 -60.22 33.09
C4 NAG FA . 17.44 -59.22 33.64
C5 NAG FA . 16.70 -57.99 34.18
C6 NAG FA . 17.61 -56.91 34.72
C7 NAG FA . 14.01 -60.64 30.44
C8 NAG FA . 12.91 -61.65 30.26
N2 NAG FA . 14.44 -60.47 31.69
O3 NAG FA . 17.05 -61.31 32.46
O4 NAG FA . 18.18 -59.87 34.65
O5 NAG FA . 15.91 -57.44 33.14
O6 NAG FA . 16.84 -55.80 35.14
O7 NAG FA . 14.48 -60.03 29.48
C1 NAG GA . 5.66 -49.42 41.29
C2 NAG GA . 5.17 -48.31 42.22
C3 NAG GA . 6.15 -47.12 42.22
C4 NAG GA . 7.58 -47.58 42.47
C5 NAG GA . 7.93 -48.67 41.43
C6 NAG GA . 9.33 -49.22 41.56
C7 NAG GA . 2.76 -47.98 42.63
C8 NAG GA . 1.49 -47.44 42.01
N2 NAG GA . 3.85 -47.86 41.85
O3 NAG GA . 5.72 -46.20 43.18
O4 NAG GA . 8.41 -46.46 42.35
O5 NAG GA . 7.01 -49.73 41.57
O6 NAG GA . 9.47 -49.87 42.81
O7 NAG GA . 2.77 -48.48 43.74
C1 NAG HA . -3.85 -63.62 44.39
C2 NAG HA . -3.69 -63.69 45.91
C3 NAG HA . -4.19 -65.03 46.44
C4 NAG HA . -5.61 -65.32 45.94
C5 NAG HA . -5.64 -65.20 44.42
C6 NAG HA . -7.01 -65.44 43.81
C7 NAG HA . -1.86 -62.35 46.88
C8 NAG HA . -0.39 -62.35 47.20
N2 NAG HA . -2.32 -63.47 46.29
O3 NAG HA . -4.12 -65.00 47.84
O4 NAG HA . -5.94 -66.63 46.37
O5 NAG HA . -5.19 -63.91 44.04
O6 NAG HA . -7.93 -64.51 44.35
O7 NAG HA . -2.58 -61.40 47.15
C1 NAG IA . 15.70 56.62 17.87
C2 NAG IA . 15.25 57.10 16.49
C3 NAG IA . 16.28 58.07 15.91
C4 NAG IA . 16.60 59.19 16.90
C5 NAG IA . 16.99 58.57 18.26
C6 NAG IA . 17.30 59.59 19.33
C7 NAG IA . 13.82 55.60 15.16
C8 NAG IA . 13.83 54.40 14.24
N2 NAG IA . 15.03 55.98 15.60
O3 NAG IA . 15.77 58.57 14.70
O4 NAG IA . 17.64 59.95 16.35
O5 NAG IA . 15.94 57.73 18.70
O6 NAG IA . 16.18 60.42 19.53
O7 NAG IA . 12.78 56.15 15.46
C1 NAG JA . -17.45 19.42 32.75
C2 NAG JA . -17.19 18.76 34.11
C3 NAG JA . -18.49 18.62 34.89
C4 NAG JA . -19.25 19.93 34.97
C5 NAG JA . -19.43 20.49 33.55
C6 NAG JA . -20.15 21.82 33.51
C7 NAG JA . -15.35 17.15 34.40
C8 NAG JA . -14.91 15.73 34.11
N2 NAG JA . -16.56 17.47 33.94
O3 NAG JA . -18.17 18.12 36.17
O4 NAG JA . -20.48 19.69 35.60
O5 NAG JA . -18.16 20.63 32.94
O6 NAG JA . -19.46 22.75 34.31
O7 NAG JA . -14.62 17.92 35.00
CHA BLA KA . -6.72 38.67 37.71
NA BLA KA . -4.83 38.46 36.18
C1A BLA KA . -6.17 38.38 36.47
C2A BLA KA . -6.83 37.95 35.28
C3A BLA KA . -5.88 37.79 34.31
C4A BLA KA . -4.61 38.10 34.87
CMA BLA KA . -6.11 37.36 32.89
CAA BLA KA . -8.32 37.74 35.14
CBA BLA KA . -8.75 36.31 35.44
CGA BLA KA . -10.23 36.07 35.20
O1A BLA KA . -10.56 35.21 34.36
O2A BLA KA . -11.05 36.75 35.86
CHB BLA KA . -3.37 38.11 34.30
NB BLA KA . -2.61 40.10 35.47
C1B BLA KA . -2.42 39.02 34.64
C2B BLA KA . -1.08 39.03 34.16
C3B BLA KA . -0.39 40.07 34.84
C4B BLA KA . -1.41 40.72 35.71
CMB BLA KA . -0.48 38.12 33.14
OB BLA KA . -1.23 41.64 36.49
CAB BLA KA . 0.95 40.41 34.71
CBB BLA KA . 1.53 41.43 35.27
NC BLA KA . -2.00 38.58 38.24
C1C BLA KA . -0.73 38.14 37.92
C2C BLA KA . 0.20 39.11 38.48
C3C BLA KA . -0.56 39.94 39.32
C4C BLA KA . -1.91 39.50 39.28
CMC BLA KA . 1.68 39.23 38.24
OC BLA KA . -0.47 37.14 37.31
CAC BLA KA . -0.07 40.99 40.08
CBC BLA KA . 0.40 42.12 39.59
CHD BLA KA . -2.91 39.92 40.09
ND BLA KA . -4.71 38.67 39.08
C1D BLA KA . -4.23 39.61 39.93
C2D BLA KA . -5.34 40.24 40.61
C3D BLA KA . -6.43 40.05 39.80
C4D BLA KA . -5.99 39.08 38.82
CMD BLA KA . -5.31 40.97 41.92
CAD BLA KA . -7.77 40.69 39.87
CBD BLA KA . -8.79 39.90 40.71
CGD BLA KA . -10.03 39.51 39.94
O1D BLA KA . -9.90 38.76 38.95
O2D BLA KA . -11.14 39.94 40.33
C1 NAG LA . 2.42 54.98 26.91
C2 NAG LA . 3.47 56.00 27.36
C3 NAG LA . 3.00 56.71 28.63
C4 NAG LA . 1.59 57.27 28.49
C5 NAG LA . 0.66 56.12 28.05
C6 NAG LA . -0.77 56.54 27.86
C7 NAG LA . 5.89 55.64 26.94
C8 NAG LA . 5.84 56.72 25.88
N2 NAG LA . 4.74 55.37 27.57
O3 NAG LA . 3.94 57.72 28.91
O4 NAG LA . 1.22 57.80 29.74
O5 NAG LA . 1.15 55.60 26.84
O6 NAG LA . -0.86 57.51 26.84
O7 NAG LA . 6.93 55.05 27.19
C1 NAG MA . 34.46 49.10 -9.93
C2 NAG MA . 34.65 49.63 -8.50
C3 NAG MA . 34.57 51.15 -8.53
C4 NAG MA . 35.58 51.73 -9.51
C5 NAG MA . 35.40 51.06 -10.89
C6 NAG MA . 36.43 51.49 -11.91
C7 NAG MA . 33.99 48.10 -6.70
C8 NAG MA . 32.82 47.63 -5.85
N2 NAG MA . 33.69 49.06 -7.61
O3 NAG MA . 34.80 51.62 -7.22
O4 NAG MA . 35.38 53.12 -9.57
O5 NAG MA . 35.46 49.65 -10.75
O6 NAG MA . 37.72 51.22 -11.43
O7 NAG MA . 35.11 47.63 -6.56
C1 NAG NA . 22.49 56.10 27.77
C2 NAG NA . 22.21 57.51 28.29
C3 NAG NA . 23.52 58.16 28.79
C4 NAG NA . 24.26 57.24 29.76
C5 NAG NA . 24.42 55.86 29.12
C6 NAG NA . 25.11 54.85 30.00
C7 NAG NA . 20.27 58.54 27.18
C8 NAG NA . 19.84 59.42 26.03
N2 NAG NA . 21.59 58.32 27.28
O3 NAG NA . 23.20 59.39 29.38
O4 NAG NA . 25.49 57.83 30.04
O5 NAG NA . 23.14 55.36 28.77
O6 NAG NA . 24.38 54.68 31.20
O7 NAG NA . 19.45 58.05 27.95
C1 NAG OA . 16.82 54.52 43.16
C2 NAG OA . 16.90 54.88 41.66
C3 NAG OA . 15.86 55.95 41.31
C4 NAG OA . 14.47 55.57 41.83
C5 NAG OA . 14.57 55.28 43.33
C6 NAG OA . 13.27 54.88 43.98
C7 NAG OA . 19.23 54.54 40.92
C8 NAG OA . 20.53 55.24 40.61
N2 NAG OA . 18.21 55.33 41.31
O3 NAG OA . 15.87 56.11 39.92
O4 NAG OA . 13.62 56.66 41.57
O5 NAG OA . 15.49 54.21 43.52
O6 NAG OA . 13.00 53.53 43.73
O7 NAG OA . 19.13 53.32 40.85
C1 NAG PA . -12.81 -44.29 42.64
C2 NAG PA . -13.09 -45.21 43.84
C3 NAG PA . -14.37 -44.78 44.54
C4 NAG PA . -14.33 -43.30 44.90
C5 NAG PA . -14.02 -42.49 43.63
C6 NAG PA . -13.90 -40.99 43.88
C7 NAG PA . -12.29 -47.54 43.75
C8 NAG PA . -12.58 -48.91 43.19
N2 NAG PA . -13.17 -46.59 43.41
O3 NAG PA . -14.54 -45.59 45.68
O4 NAG PA . -15.59 -42.96 45.44
O5 NAG PA . -12.79 -42.95 43.09
O6 NAG PA . -12.89 -40.75 44.81
O7 NAG PA . -11.31 -47.34 44.47
C1 NAG QA . 31.17 -6.13 -37.86
C2 NAG QA . 30.83 -6.11 -39.35
C3 NAG QA . 29.40 -6.64 -39.57
C4 NAG QA . 29.21 -8.00 -38.92
C5 NAG QA . 29.68 -7.94 -37.46
C6 NAG QA . 29.63 -9.26 -36.73
C7 NAG QA . 31.80 -4.55 -40.98
C8 NAG QA . 31.84 -3.11 -41.43
N2 NAG QA . 30.99 -4.80 -39.93
O3 NAG QA . 29.17 -6.69 -40.96
O4 NAG QA . 27.84 -8.33 -39.01
O5 NAG QA . 31.02 -7.48 -37.47
O6 NAG QA . 28.29 -9.66 -36.54
O7 NAG QA . 32.47 -5.41 -41.52
C1 NAG RA . -0.48 15.97 -48.53
C2 NAG RA . 0.00 14.55 -48.85
C3 NAG RA . -1.01 13.87 -49.77
C4 NAG RA . -2.41 13.92 -49.18
C5 NAG RA . -2.77 15.35 -48.76
C6 NAG RA . -4.09 15.46 -48.04
C7 NAG RA . 1.82 15.10 -50.53
C8 NAG RA . 3.30 14.86 -50.76
N2 NAG RA . 1.35 14.54 -49.39
O3 NAG RA . -0.57 12.56 -50.01
O4 NAG RA . -3.30 13.42 -50.16
O5 NAG RA . -1.75 15.86 -47.90
O6 NAG RA . -4.28 16.78 -47.60
O7 NAG RA . 1.16 15.74 -51.33
C1 NAG SA . 0.28 -21.34 -35.31
C2 NAG SA . -0.44 -21.21 -36.66
C3 NAG SA . -1.90 -21.63 -36.48
C4 NAG SA . -2.02 -23.01 -35.85
C5 NAG SA . -1.18 -23.05 -34.56
C6 NAG SA . -1.15 -24.42 -33.89
C7 NAG SA . 0.37 -19.58 -38.30
C8 NAG SA . 0.35 -18.12 -38.68
N2 NAG SA . -0.33 -19.89 -37.20
O3 NAG SA . -2.52 -21.57 -37.74
O4 NAG SA . -3.38 -23.25 -35.59
O5 NAG SA . 0.15 -22.67 -34.85
O6 NAG SA . -0.23 -24.40 -32.83
O7 NAG SA . 0.97 -20.40 -38.96
C1 NAG TA . 10.72 -40.10 -31.45
C2 NAG TA . 11.75 -39.86 -32.56
C3 NAG TA . 11.04 -39.39 -33.82
C4 NAG TA . 9.91 -40.34 -34.20
C5 NAG TA . 8.99 -40.57 -33.00
C6 NAG TA . 7.87 -41.54 -33.26
C7 NAG TA . 14.01 -39.22 -31.82
C8 NAG TA . 14.88 -38.07 -31.40
N2 NAG TA . 12.75 -38.91 -32.13
O3 NAG TA . 12.00 -39.27 -34.83
O4 NAG TA . 9.22 -39.76 -35.29
O5 NAG TA . 9.75 -41.03 -31.91
O6 NAG TA . 7.15 -41.78 -32.07
O7 NAG TA . 14.46 -40.37 -31.87
C1 NAG UA . -14.54 -65.77 -12.33
C2 NAG UA . -15.92 -66.43 -12.35
C3 NAG UA . -15.96 -67.52 -13.43
C4 NAG UA . -15.47 -66.98 -14.77
C5 NAG UA . -14.10 -66.32 -14.58
C6 NAG UA . -13.53 -65.73 -15.85
C7 NAG UA . -17.06 -66.38 -10.16
C8 NAG UA . -17.24 -67.14 -8.87
N2 NAG UA . -16.24 -66.97 -11.05
O3 NAG UA . -17.28 -68.01 -13.49
O4 NAG UA . -15.41 -68.08 -15.66
O5 NAG UA . -14.21 -65.30 -13.62
O6 NAG UA . -12.29 -65.11 -15.58
O7 NAG UA . -17.62 -65.32 -10.37
C1 NAG VA . 0.43 -63.99 -9.25
C2 NAG VA . 1.92 -63.64 -9.42
C3 NAG VA . 2.11 -62.63 -10.56
C4 NAG VA . 1.41 -63.10 -11.83
C5 NAG VA . -0.07 -63.38 -11.50
C6 NAG VA . -0.87 -63.86 -12.69
C7 NAG VA . 3.45 -63.71 -7.49
C8 NAG VA . 3.87 -62.97 -6.24
N2 NAG VA . 2.47 -63.13 -8.20
O3 NAG VA . 3.49 -62.45 -10.75
O4 NAG VA . 1.55 -62.08 -12.80
O5 NAG VA . -0.13 -64.36 -10.49
O6 NAG VA . -0.37 -65.09 -13.14
O7 NAG VA . 3.98 -64.76 -7.81
C1 NAG WA . -0.87 -77.66 1.37
C2 NAG WA . 0.10 -78.62 0.67
C3 NAG WA . -0.04 -80.03 1.24
C4 NAG WA . 0.08 -80.02 2.76
C5 NAG WA . -0.93 -79.01 3.34
C6 NAG WA . -0.87 -78.91 4.85
C7 NAG WA . 0.72 -78.05 -1.65
C8 NAG WA . 0.30 -78.17 -3.08
N2 NAG WA . -0.12 -78.61 -0.75
O3 NAG WA . 0.94 -80.82 0.64
O4 NAG WA . -0.17 -81.33 3.20
O5 NAG WA . -0.68 -77.75 2.77
O6 NAG WA . 0.42 -78.52 5.25
O7 NAG WA . 1.75 -77.47 -1.33
C1 NAG XA . 36.54 36.33 -34.01
C2 NAG XA . 36.04 37.49 -33.15
C3 NAG XA . 35.71 38.68 -34.05
C4 NAG XA . 36.90 39.03 -34.95
C5 NAG XA . 37.35 37.77 -35.71
C6 NAG XA . 38.55 37.96 -36.60
C7 NAG XA . 34.96 36.78 -31.05
C8 NAG XA . 33.65 36.38 -30.42
N2 NAG XA . 34.91 37.08 -32.36
O3 NAG XA . 35.36 39.76 -33.22
O4 NAG XA . 36.48 40.05 -35.83
O5 NAG XA . 37.65 36.74 -34.78
O6 NAG XA . 39.69 38.25 -35.82
O7 NAG XA . 36.00 36.82 -30.40
C1 NAG YA . 41.66 -4.16 -0.97
C2 NAG YA . 42.15 -5.50 -1.56
C3 NAG YA . 43.20 -6.12 -0.64
C4 NAG YA . 44.30 -5.12 -0.30
C5 NAG YA . 43.66 -3.85 0.27
C6 NAG YA . 44.67 -2.77 0.63
C7 NAG YA . 40.66 -6.88 -2.96
C8 NAG YA . 39.49 -7.84 -2.92
N2 NAG YA . 41.06 -6.41 -1.76
O3 NAG YA . 43.71 -7.26 -1.29
O4 NAG YA . 45.15 -5.74 0.64
O5 NAG YA . 42.75 -3.33 -0.68
O6 NAG YA . 45.45 -2.47 -0.50
O7 NAG YA . 41.18 -6.56 -4.02
CHA BLA ZA . 50.91 8.88 -16.72
NA BLA ZA . 48.90 9.85 -17.70
C1A BLA ZA . 49.60 9.31 -16.65
C2A BLA ZA . 48.73 9.29 -15.53
C3A BLA ZA . 47.52 9.81 -15.93
C4A BLA ZA . 47.62 10.16 -17.31
CMA BLA ZA . 46.30 9.98 -15.08
CAA BLA ZA . 49.08 8.78 -14.16
CBA BLA ZA . 49.72 9.83 -13.27
CGA BLA ZA . 50.42 9.26 -12.06
O1A BLA ZA . 50.98 10.05 -11.26
O2A BLA ZA . 50.43 8.02 -11.91
CHB BLA ZA . 46.70 10.72 -18.16
NB BLA ZA . 48.29 11.48 -19.84
C1B BLA ZA . 47.02 11.17 -19.39
C2B BLA ZA . 46.09 11.41 -20.44
C3B BLA ZA . 46.82 11.89 -21.56
C4B BLA ZA . 48.24 11.90 -21.14
CMB BLA ZA . 44.61 11.23 -20.40
OB BLA ZA . 49.21 12.22 -21.82
CAB BLA ZA . 46.31 12.27 -22.80
CBB BLA ZA . 46.95 12.92 -23.73
NC BLA ZA . 49.50 8.23 -21.48
C1C BLA ZA . 48.41 8.63 -22.25
C2C BLA ZA . 48.93 9.27 -23.44
C3C BLA ZA . 50.30 9.52 -23.18
C4C BLA ZA . 50.64 8.89 -21.96
CMC BLA ZA . 48.20 9.62 -24.70
OC BLA ZA . 47.26 8.45 -21.95
CAC BLA ZA . 51.15 10.28 -23.97
CBC BLA ZA . 51.42 10.09 -25.24
CHD BLA ZA . 51.84 8.90 -21.34
ND BLA ZA . 51.02 8.52 -19.11
C1D BLA ZA . 52.03 8.65 -20.03
C2D BLA ZA . 53.31 8.47 -19.34
C3D BLA ZA . 53.06 8.65 -18.02
C4D BLA ZA . 51.61 8.68 -17.90
CMD BLA ZA . 54.62 8.17 -19.99
CAD BLA ZA . 54.03 8.83 -16.88
CBD BLA ZA . 54.33 10.30 -16.60
CGD BLA ZA . 54.76 10.58 -15.18
O1D BLA ZA . 54.06 11.37 -14.50
O2D BLA ZA . 55.79 10.02 -14.73
C1 NAG AB . 48.14 28.78 -24.75
C2 NAG AB . 48.54 29.41 -26.09
C3 NAG AB . 50.04 29.22 -26.33
C4 NAG AB . 50.86 29.67 -25.13
C5 NAG AB . 50.34 28.97 -23.87
C6 NAG AB . 51.05 29.36 -22.60
C7 NAG AB . 46.89 29.45 -27.97
C8 NAG AB . 46.63 30.90 -27.67
N2 NAG AB . 47.79 28.82 -27.18
O3 NAG AB . 50.38 29.91 -27.50
O4 NAG AB . 52.20 29.36 -25.39
O5 NAG AB . 48.97 29.27 -23.73
O6 NAG AB . 50.87 30.74 -22.37
O7 NAG AB . 46.29 28.87 -28.86
C1 NAG BB . 4.23 47.02 -38.54
C2 NAG BB . 5.72 46.81 -38.86
C3 NAG BB . 6.34 48.09 -39.41
C4 NAG BB . 5.51 48.70 -40.54
C5 NAG BB . 4.06 48.86 -40.06
C6 NAG BB . 3.13 49.43 -41.10
C7 NAG BB . 7.09 45.22 -37.56
C8 NAG BB . 7.77 45.03 -36.23
N2 NAG BB . 6.45 46.40 -37.69
O3 NAG BB . 7.65 47.79 -39.83
O4 NAG BB . 6.09 49.93 -40.88
O5 NAG BB . 3.59 47.59 -39.66
O6 NAG BB . 3.13 48.61 -42.24
O7 NAG BB . 7.12 44.36 -38.43
C1 NAG CB . 40.42 29.93 -43.47
C2 NAG CB . 41.60 30.85 -43.79
C3 NAG CB . 41.70 31.09 -45.30
C4 NAG CB . 41.65 29.79 -46.08
C5 NAG CB . 40.41 28.98 -45.64
C6 NAG CB . 40.27 27.65 -46.34
C7 NAG CB . 42.21 32.47 -41.99
C8 NAG CB . 43.24 31.49 -41.48
N2 NAG CB . 41.49 32.09 -43.07
O3 NAG CB . 42.88 31.81 -45.54
O4 NAG CB . 41.60 30.12 -47.45
O5 NAG CB . 40.50 28.75 -44.25
O6 NAG CB . 39.12 26.98 -45.86
O7 NAG CB . 42.04 33.55 -41.43
C1 NAG DB . 53.90 19.44 -44.79
C2 NAG DB . 52.54 20.07 -44.46
C3 NAG DB . 52.71 20.93 -43.20
C4 NAG DB . 53.27 20.09 -42.05
C5 NAG DB . 54.56 19.37 -42.50
C6 NAG DB . 55.13 18.42 -41.46
C7 NAG DB . 50.97 20.51 -46.30
C8 NAG DB . 50.63 21.47 -47.41
N2 NAG DB . 52.04 20.86 -45.55
O3 NAG DB . 51.45 21.47 -42.88
O4 NAG DB . 53.52 20.98 -40.98
O5 NAG DB . 54.33 18.64 -43.69
O6 NAG DB . 54.23 17.36 -41.27
O7 NAG DB . 50.32 19.49 -46.11
C1 NAG EB . 12.26 -61.42 5.69
C2 NAG EB . 12.71 -62.89 5.70
C3 NAG EB . 13.99 -63.05 6.52
C4 NAG EB . 15.06 -62.07 6.05
C5 NAG EB . 14.48 -60.65 6.04
C6 NAG EB . 15.45 -59.59 5.55
C7 NAG EB . 11.00 -64.65 5.49
C8 NAG EB . 9.95 -65.43 6.25
N2 NAG EB . 11.67 -63.74 6.23
O3 NAG EB . 14.41 -64.38 6.41
O4 NAG EB . 16.16 -62.19 6.92
O5 NAG EB . 13.33 -60.63 5.23
O6 NAG EB . 14.79 -58.35 5.47
O7 NAG EB . 11.21 -64.85 4.31
#